data_8K7V
#
_entry.id   8K7V
#
_cell.length_a   1.00
_cell.length_b   1.00
_cell.length_c   1.00
_cell.angle_alpha   90.00
_cell.angle_beta   90.00
_cell.angle_gamma   90.00
#
_symmetry.space_group_name_H-M   'P 1'
#
loop_
_entity.id
_entity.type
_entity.pdbx_description
1 polymer Alpha-galactosidase
2 non-polymer 8-azido-1-((1S,2S,3S,4S,5R,6S)-2,3,4-trihydroxy-5-(hydroxymethyl)-7-azabicyclo[4.1.0]heptan-7-yl)octan-1-one
#
_entity_poly.entity_id   1
_entity_poly.type   'polypeptide(L)'
_entity_poly.pdbx_seq_one_letter_code
;MAVIFHEKTKEFHIFNREVSYLMRIMENGQLENLYYGKVIRDKEDFGYLHEEAMRSQMSVCIPEPGILSMQYTRQEYPVY
GTGDYRSPALTVLQENGSRLVDFSYVSHEIYKGKKGIPPLPSTYAESEDEAETLEVTLHDQVTDTDLVLTYTIYEDYPVI
TRNARFEQKGEQKIVLERAMSASVEFLDMDYELVQLSGAWSRERYVKNRKLEMGIQSVHSLNGTCGGAEHNPFIALKRPQ
TTENQGEVYGFSLVYSGNFLAQAEVSTFDMTRVMLGINPEDFSWELNQGESFQTPEVVMVYSDRGLNKMSQAYHRLYRTR
LMRVTWRDKARPILLNNWEATYFDFNEEKILKIAEKAKEAGVELFVLDDGWFGARNDDYRGLGDWYVNLEKLPDGIAGLS
RKVEALGLKFGLWVELEMVNKDSDLYRAHPDWLIGAPDRFESHARHQHVLDFSRKEVVDYIYKMIAKVLRESSISYIKWD
MNRYMTEPYSRGADASQQGKVMHKYILGVYDLYTRLTTEFPEILFESCASGGARFDPAMLYFAPQTWTSDDTDASERTKI
QYGTSYVYPVVSMGSHVSAVPNHQMHRMTPIETRANVAYFGTFGYELDLNLLSEAELESVKKQIAFMKEYRELIQVDGDF
YRLLSPFEGNETAWMVVAQDKSRAVAAFYQRMNKVNASWIRFKLQGLDAGTLYEVSCDMAPSASYDESLAKIYGIQTEEN
MVKTYRAYGDELMQVGIPIDREDLNKKGGDFASLLYTLKKVTD
;
_entity_poly.pdbx_strand_id   A,B,C,D
#
loop_
_chem_comp.id
_chem_comp.type
_chem_comp.name
_chem_comp.formula
VQX non-polymer 8-azido-1-((1S,2S,3S,4S,5R,6S)-2,3,4-trihydroxy-5-(hydroxymethyl)-7-azabicyclo[4.1.0]heptan-7-yl)octan-1-one 'C15 H26 N4 O5'
#
# COMPACT_ATOMS: atom_id res chain seq x y z
N ALA A 2 21.02 -17.09 34.02
CA ALA A 2 20.50 -18.05 34.97
C ALA A 2 19.80 -19.19 34.25
N VAL A 3 19.88 -20.40 34.82
CA VAL A 3 19.18 -21.57 34.30
C VAL A 3 18.54 -22.29 35.47
N ILE A 4 17.27 -22.66 35.32
CA ILE A 4 16.52 -23.38 36.34
C ILE A 4 15.85 -24.57 35.67
N PHE A 5 15.60 -25.62 36.45
CA PHE A 5 15.07 -26.88 35.93
C PHE A 5 13.60 -27.09 36.23
N HIS A 6 13.14 -26.87 37.46
CA HIS A 6 11.77 -27.21 37.86
C HIS A 6 11.51 -28.70 37.64
N GLU A 7 12.22 -29.51 38.41
CA GLU A 7 12.25 -30.96 38.19
C GLU A 7 10.86 -31.59 38.31
N LYS A 8 9.99 -31.02 39.13
CA LYS A 8 8.65 -31.59 39.29
C LYS A 8 7.79 -31.39 38.06
N THR A 9 8.13 -30.42 37.21
CA THR A 9 7.35 -30.11 36.02
C THR A 9 8.13 -30.35 34.72
N LYS A 10 9.45 -30.57 34.81
CA LYS A 10 10.29 -30.88 33.65
C LYS A 10 10.29 -29.72 32.65
N GLU A 11 10.82 -28.59 33.08
CA GLU A 11 10.89 -27.39 32.26
C GLU A 11 12.33 -26.87 32.21
N PHE A 12 12.51 -25.75 31.52
CA PHE A 12 13.80 -25.08 31.41
C PHE A 12 13.53 -23.61 31.18
N HIS A 13 14.06 -22.75 32.05
CA HIS A 13 13.94 -21.30 31.93
C HIS A 13 15.34 -20.70 31.85
N ILE A 14 15.63 -20.02 30.74
CA ILE A 14 16.90 -19.35 30.52
C ILE A 14 16.63 -17.86 30.42
N PHE A 15 17.29 -17.07 31.26
CA PHE A 15 17.03 -15.64 31.24
C PHE A 15 18.23 -14.85 31.75
N ASN A 16 18.21 -13.56 31.43
CA ASN A 16 19.11 -12.57 31.99
C ASN A 16 18.27 -11.34 32.25
N ARG A 17 18.92 -10.18 32.42
CA ARG A 17 18.17 -8.97 32.72
C ARG A 17 17.29 -8.49 31.57
N GLU A 18 17.35 -9.12 30.39
CA GLU A 18 16.66 -8.55 29.23
C GLU A 18 15.76 -9.52 28.48
N VAL A 19 16.06 -10.83 28.48
CA VAL A 19 15.31 -11.78 27.67
C VAL A 19 14.96 -13.01 28.48
N SER A 20 13.97 -13.76 27.98
CA SER A 20 13.56 -15.04 28.54
C SER A 20 13.30 -16.05 27.43
N TYR A 21 13.58 -17.31 27.75
CA TYR A 21 13.43 -18.44 26.85
C TYR A 21 12.94 -19.62 27.67
N LEU A 22 11.77 -20.17 27.31
CA LEU A 22 11.14 -21.26 28.05
C LEU A 22 11.03 -22.49 27.16
N MET A 23 11.18 -23.67 27.77
CA MET A 23 10.91 -24.91 27.06
C MET A 23 10.54 -25.99 28.08
N ARG A 24 10.01 -27.10 27.57
CA ARG A 24 9.64 -28.21 28.44
C ARG A 24 9.71 -29.51 27.66
N ILE A 25 9.74 -30.62 28.40
CA ILE A 25 9.83 -31.95 27.82
C ILE A 25 8.42 -32.51 27.65
N MET A 26 8.07 -32.87 26.42
CA MET A 26 6.79 -33.51 26.16
C MET A 26 6.74 -34.90 26.79
N GLU A 27 5.61 -35.57 26.63
CA GLU A 27 5.44 -36.92 27.15
C GLU A 27 5.93 -37.99 26.19
N ASN A 28 6.45 -37.61 25.01
CA ASN A 28 7.11 -38.54 24.10
C ASN A 28 8.60 -38.23 23.97
N GLY A 29 9.19 -37.63 25.00
CA GLY A 29 10.62 -37.35 25.00
C GLY A 29 11.07 -36.32 23.99
N GLN A 30 10.34 -35.22 23.84
CA GLN A 30 10.71 -34.15 22.93
C GLN A 30 10.76 -32.83 23.68
N LEU A 31 11.60 -31.93 23.21
CA LEU A 31 11.68 -30.57 23.74
C LEU A 31 10.83 -29.65 22.87
N GLU A 32 10.01 -28.83 23.50
CA GLU A 32 9.11 -27.96 22.76
C GLU A 32 9.07 -26.56 23.38
N ASN A 33 9.04 -25.55 22.52
CA ASN A 33 9.12 -24.16 22.94
C ASN A 33 7.80 -23.68 23.55
N LEU A 34 7.92 -22.81 24.54
CA LEU A 34 6.77 -22.18 25.19
C LEU A 34 6.73 -20.67 25.03
N TYR A 35 7.88 -20.00 25.14
CA TYR A 35 7.94 -18.55 25.07
C TYR A 35 9.36 -18.13 24.76
N TYR A 36 9.50 -17.10 23.93
CA TYR A 36 10.80 -16.49 23.66
C TYR A 36 10.58 -14.99 23.49
N GLY A 37 11.10 -14.20 24.42
CA GLY A 37 10.89 -12.77 24.30
C GLY A 37 11.49 -11.96 25.43
N LYS A 38 10.80 -10.91 25.85
CA LYS A 38 11.29 -10.08 26.95
C LYS A 38 11.19 -10.85 28.26
N VAL A 39 11.95 -10.38 29.26
CA VAL A 39 12.11 -11.12 30.51
C VAL A 39 10.80 -11.14 31.28
N ILE A 40 10.50 -12.29 31.89
CA ILE A 40 9.35 -12.46 32.77
C ILE A 40 9.82 -13.17 34.03
N ARG A 41 9.06 -12.96 35.10
CA ARG A 41 9.33 -13.68 36.35
C ARG A 41 8.86 -15.12 36.23
N ASP A 42 9.60 -16.02 36.88
CA ASP A 42 9.30 -17.44 36.81
C ASP A 42 8.48 -17.89 38.01
N LYS A 43 7.61 -18.87 37.77
CA LYS A 43 6.85 -19.53 38.81
C LYS A 43 6.95 -21.03 38.60
N GLU A 44 6.42 -21.79 39.56
CA GLU A 44 6.65 -23.22 39.60
C GLU A 44 6.04 -23.93 38.39
N ASP A 45 4.84 -23.54 37.98
CA ASP A 45 4.11 -24.23 36.93
C ASP A 45 3.78 -23.27 35.79
N PHE A 46 4.05 -23.71 34.56
CA PHE A 46 3.72 -22.97 33.36
C PHE A 46 2.94 -23.85 32.37
N GLY A 47 2.21 -24.83 32.89
CA GLY A 47 1.64 -25.85 32.02
C GLY A 47 0.49 -25.37 31.16
N TYR A 48 -0.20 -24.31 31.58
CA TYR A 48 -1.36 -23.84 30.83
C TYR A 48 -1.00 -23.24 29.48
N LEU A 49 0.28 -22.96 29.24
CA LEU A 49 0.68 -22.38 27.96
C LEU A 49 0.66 -23.39 26.82
N HIS A 50 0.52 -24.67 27.13
CA HIS A 50 0.42 -25.72 26.12
C HIS A 50 -1.02 -26.23 26.08
N GLU A 51 -1.59 -26.23 24.86
CA GLU A 51 -3.02 -26.59 24.68
C GLU A 51 -3.22 -27.66 23.60
N GLU A 52 -4.20 -28.56 23.78
CA GLU A 52 -4.46 -29.68 22.83
C GLU A 52 -5.91 -29.64 22.29
N ALA A 53 -6.11 -29.91 21.00
CA ALA A 53 -7.47 -29.90 20.40
C ALA A 53 -7.75 -31.19 19.64
N MET A 54 -8.90 -31.30 18.98
CA MET A 54 -9.18 -32.49 18.18
C MET A 54 -9.52 -32.04 16.76
N ARG A 55 -8.50 -31.89 15.93
CA ARG A 55 -8.68 -31.49 14.54
C ARG A 55 -8.90 -32.72 13.66
N SER A 56 -9.19 -32.47 12.40
CA SER A 56 -9.39 -33.53 11.43
C SER A 56 -8.14 -33.75 10.59
N GLN A 57 -7.96 -34.99 10.13
CA GLN A 57 -6.73 -35.42 9.45
C GLN A 57 -5.50 -35.18 10.32
N MET A 58 -5.63 -35.46 11.61
CA MET A 58 -4.54 -35.31 12.56
C MET A 58 -4.14 -36.69 13.06
N SER A 59 -2.85 -37.02 12.90
CA SER A 59 -2.32 -38.32 13.30
C SER A 59 -1.47 -38.15 14.56
N VAL A 60 -1.78 -38.91 15.59
CA VAL A 60 -1.14 -38.77 16.89
C VAL A 60 0.04 -39.73 16.98
N CYS A 61 1.08 -39.31 17.70
CA CYS A 61 2.32 -40.06 17.81
C CYS A 61 2.44 -40.80 19.14
N ILE A 62 1.39 -40.81 19.95
CA ILE A 62 1.40 -41.51 21.23
C ILE A 62 0.29 -42.55 21.19
N PRO A 63 0.20 -43.48 22.15
CA PRO A 63 -0.88 -44.48 22.13
C PRO A 63 -2.29 -43.89 22.05
N GLU A 64 -3.26 -44.77 21.79
CA GLU A 64 -4.61 -44.35 21.42
C GLU A 64 -5.27 -43.40 22.42
N PRO A 65 -5.26 -43.65 23.74
CA PRO A 65 -6.01 -42.76 24.64
C PRO A 65 -5.62 -41.29 24.56
N GLY A 66 -4.33 -40.99 24.37
CA GLY A 66 -3.88 -39.62 24.34
C GLY A 66 -4.02 -38.96 22.98
N ILE A 67 -3.93 -37.64 22.97
CA ILE A 67 -4.00 -36.82 21.77
C ILE A 67 -2.83 -35.85 21.76
N LEU A 68 -1.96 -35.97 20.76
CA LEU A 68 -0.82 -35.08 20.61
C LEU A 68 -0.26 -35.25 19.20
N SER A 69 -0.14 -34.14 18.47
CA SER A 69 0.33 -34.17 17.10
C SER A 69 1.47 -33.18 16.92
N MET A 70 2.37 -33.50 16.01
CA MET A 70 3.53 -32.65 15.73
C MET A 70 3.23 -31.57 14.71
N GLN A 71 2.10 -31.65 14.01
CA GLN A 71 1.73 -30.64 13.05
C GLN A 71 1.20 -29.37 13.70
N TYR A 72 0.74 -29.46 14.94
CA TYR A 72 0.14 -28.33 15.64
C TYR A 72 0.88 -28.04 16.94
N THR A 73 2.21 -28.06 16.89
CA THR A 73 3.02 -27.83 18.08
C THR A 73 4.27 -27.05 17.70
N ARG A 74 4.84 -26.38 18.69
CA ARG A 74 6.09 -25.63 18.52
C ARG A 74 7.22 -26.46 19.12
N GLN A 75 8.03 -27.06 18.28
CA GLN A 75 9.06 -27.98 18.71
C GLN A 75 10.44 -27.51 18.23
N GLU A 76 11.45 -27.79 19.04
CA GLU A 76 12.82 -27.50 18.69
C GLU A 76 13.42 -28.67 17.93
N TYR A 77 14.07 -28.36 16.81
CA TYR A 77 14.76 -29.32 15.97
C TYR A 77 13.80 -30.39 15.44
N PRO A 78 12.92 -30.05 14.51
CA PRO A 78 11.89 -30.98 14.05
C PRO A 78 12.47 -32.09 13.18
N VAL A 79 11.57 -32.97 12.71
CA VAL A 79 11.95 -34.08 11.84
C VAL A 79 10.70 -34.51 11.08
N TYR A 80 10.90 -35.12 9.91
CA TYR A 80 9.81 -35.51 9.02
C TYR A 80 9.58 -37.01 9.07
N GLY A 81 8.33 -37.39 8.82
CA GLY A 81 7.96 -38.79 8.68
C GLY A 81 7.20 -39.41 9.84
N THR A 82 6.77 -38.62 10.81
CA THR A 82 6.09 -39.17 11.98
C THR A 82 4.88 -38.34 12.38
N GLY A 83 4.24 -37.67 11.43
CA GLY A 83 3.05 -36.89 11.71
C GLY A 83 3.22 -35.38 11.54
N ASP A 84 4.41 -34.91 11.17
CA ASP A 84 4.65 -33.49 10.92
C ASP A 84 4.93 -33.32 9.44
N TYR A 85 4.07 -32.56 8.75
CA TYR A 85 4.20 -32.43 7.28
C TYR A 85 4.79 -31.06 6.92
N ARG A 86 5.72 -30.57 7.74
CA ARG A 86 6.42 -29.29 7.44
C ARG A 86 7.87 -29.60 7.10
N SER A 87 8.53 -28.72 6.34
CA SER A 87 9.96 -28.93 5.97
C SER A 87 10.76 -29.31 7.22
N PRO A 88 11.49 -30.45 7.23
CA PRO A 88 12.21 -30.90 8.42
C PRO A 88 13.56 -30.21 8.60
N ALA A 89 14.28 -30.59 9.65
CA ALA A 89 15.62 -30.09 9.91
C ALA A 89 16.66 -31.18 10.04
N LEU A 90 16.27 -32.46 9.97
CA LEU A 90 17.19 -33.57 10.07
C LEU A 90 16.79 -34.65 9.07
N THR A 91 17.80 -35.35 8.54
CA THR A 91 17.54 -36.43 7.59
C THR A 91 18.69 -37.42 7.67
N VAL A 92 18.40 -38.64 8.12
CA VAL A 92 19.39 -39.68 8.32
C VAL A 92 18.99 -40.89 7.49
N LEU A 93 19.95 -41.44 6.75
CA LEU A 93 19.77 -42.61 5.92
C LEU A 93 20.54 -43.78 6.52
N GLN A 94 19.89 -44.95 6.56
CA GLN A 94 20.40 -46.15 7.20
C GLN A 94 20.62 -47.24 6.18
N GLU A 95 21.10 -48.39 6.64
CA GLU A 95 21.51 -49.47 5.73
C GLU A 95 20.32 -50.22 5.16
N ASN A 96 19.21 -50.31 5.88
CA ASN A 96 18.02 -50.95 5.35
C ASN A 96 17.29 -50.09 4.33
N GLY A 97 17.66 -48.81 4.20
CA GLY A 97 17.06 -47.93 3.24
C GLY A 97 16.02 -46.97 3.79
N SER A 98 15.70 -47.05 5.07
CA SER A 98 14.68 -46.20 5.66
C SER A 98 15.27 -44.87 6.13
N ARG A 99 14.45 -43.82 6.06
CA ARG A 99 14.80 -42.52 6.63
C ARG A 99 13.77 -42.23 7.71
N LEU A 100 14.03 -42.77 8.91
CA LEU A 100 13.11 -42.62 10.03
C LEU A 100 13.92 -42.65 11.31
N VAL A 101 13.87 -41.58 12.09
CA VAL A 101 14.64 -41.45 13.31
C VAL A 101 13.74 -41.00 14.44
N ASP A 102 14.23 -41.20 15.67
CA ASP A 102 13.47 -40.83 16.87
C ASP A 102 14.44 -40.62 18.01
N PHE A 103 14.53 -39.38 18.50
CA PHE A 103 15.43 -39.01 19.58
C PHE A 103 14.63 -38.64 20.81
N SER A 104 14.99 -39.21 21.96
CA SER A 104 14.27 -39.01 23.20
C SER A 104 15.22 -38.52 24.29
N TYR A 105 14.67 -37.77 25.25
CA TYR A 105 15.47 -37.14 26.28
C TYR A 105 16.12 -38.17 27.19
N VAL A 106 17.38 -37.92 27.55
CA VAL A 106 18.13 -38.80 28.44
C VAL A 106 18.62 -38.03 29.66
N SER A 107 19.40 -36.98 29.43
CA SER A 107 20.02 -36.25 30.54
C SER A 107 20.32 -34.82 30.12
N HIS A 108 20.66 -34.00 31.11
CA HIS A 108 20.97 -32.60 30.91
C HIS A 108 22.09 -32.18 31.86
N GLU A 109 22.75 -31.07 31.52
CA GLU A 109 23.89 -30.59 32.29
C GLU A 109 23.97 -29.08 32.18
N ILE A 110 24.33 -28.43 33.30
CA ILE A 110 24.38 -26.97 33.39
C ILE A 110 25.75 -26.58 33.92
N TYR A 111 26.39 -25.59 33.29
CA TYR A 111 27.67 -25.11 33.78
C TYR A 111 27.87 -23.66 33.39
N LYS A 112 28.96 -23.09 33.91
CA LYS A 112 29.28 -21.68 33.71
C LYS A 112 30.47 -21.56 32.76
N GLY A 113 30.33 -20.73 31.74
CA GLY A 113 31.38 -20.54 30.76
C GLY A 113 30.96 -20.90 29.35
N LYS A 114 31.94 -21.14 28.48
CA LYS A 114 31.66 -21.48 27.09
C LYS A 114 32.74 -22.44 26.59
N LYS A 115 32.43 -23.11 25.48
CA LYS A 115 33.35 -24.04 24.85
C LYS A 115 33.78 -23.49 23.48
N GLY A 116 34.55 -24.29 22.75
CA GLY A 116 35.20 -23.76 21.56
C GLY A 116 34.79 -24.35 20.23
N ILE A 117 34.02 -25.44 20.25
CA ILE A 117 33.66 -26.24 19.06
C ILE A 117 34.88 -26.29 18.13
N PRO A 118 35.91 -27.06 18.49
CA PRO A 118 37.28 -26.79 18.00
C PRO A 118 37.39 -26.71 16.48
N PRO A 119 36.71 -27.55 15.70
CA PRO A 119 36.91 -27.46 14.24
C PRO A 119 36.48 -26.13 13.63
N LEU A 120 35.59 -25.38 14.27
CA LEU A 120 35.01 -24.18 13.69
C LEU A 120 35.16 -23.00 14.64
N PRO A 121 35.19 -21.78 14.11
CA PRO A 121 35.25 -20.59 14.96
C PRO A 121 33.92 -20.33 15.66
N SER A 122 33.99 -19.55 16.74
CA SER A 122 32.80 -19.13 17.47
C SER A 122 33.18 -17.97 18.39
N THR A 123 32.20 -17.48 19.13
CA THR A 123 32.46 -16.48 20.15
C THR A 123 32.95 -17.15 21.43
N TYR A 124 33.73 -16.41 22.21
CA TYR A 124 34.31 -16.92 23.43
C TYR A 124 33.91 -16.04 24.62
N ALA A 125 34.24 -16.52 25.82
CA ALA A 125 34.01 -15.80 27.06
C ALA A 125 35.32 -15.65 27.80
N GLU A 126 35.61 -14.45 28.27
CA GLU A 126 36.87 -14.17 28.94
C GLU A 126 36.83 -14.49 30.43
N SER A 127 35.65 -14.65 31.01
CA SER A 127 35.51 -14.92 32.43
C SER A 127 34.46 -16.00 32.64
N GLU A 128 34.42 -16.54 33.86
CA GLU A 128 33.41 -17.53 34.22
C GLU A 128 32.08 -16.89 34.60
N ASP A 129 32.06 -15.58 34.83
CA ASP A 129 30.83 -14.87 35.20
C ASP A 129 30.16 -14.21 34.01
N GLU A 130 30.64 -14.45 32.79
CA GLU A 130 30.11 -13.79 31.61
C GLU A 130 28.96 -14.55 30.97
N ALA A 131 29.07 -15.88 30.88
CA ALA A 131 28.11 -16.68 30.14
C ALA A 131 27.71 -17.89 30.95
N GLU A 132 26.60 -18.52 30.53
CA GLU A 132 26.19 -19.78 31.11
C GLU A 132 25.71 -20.71 30.00
N THR A 133 25.92 -22.02 30.19
CA THR A 133 25.70 -23.00 29.14
C THR A 133 24.88 -24.17 29.66
N LEU A 134 23.97 -24.65 28.81
CA LEU A 134 23.11 -25.80 29.08
C LEU A 134 23.24 -26.79 27.92
N GLU A 135 23.44 -28.05 28.25
CA GLU A 135 23.59 -29.13 27.27
C GLU A 135 22.55 -30.20 27.53
N VAL A 136 21.85 -30.62 26.48
CA VAL A 136 20.81 -31.64 26.57
C VAL A 136 21.19 -32.79 25.66
N THR A 137 21.14 -34.01 26.19
CA THR A 137 21.51 -35.22 25.45
C THR A 137 20.27 -36.03 25.11
N LEU A 138 20.14 -36.41 23.84
CA LEU A 138 19.03 -37.23 23.37
C LEU A 138 19.60 -38.45 22.65
N HIS A 139 18.87 -39.56 22.73
CA HIS A 139 19.34 -40.84 22.21
C HIS A 139 18.37 -41.43 21.21
N ASP A 140 18.91 -42.03 20.15
CA ASP A 140 18.15 -42.81 19.18
C ASP A 140 18.57 -44.27 19.34
N GLN A 141 17.63 -45.09 19.80
CA GLN A 141 17.92 -46.46 20.21
C GLN A 141 18.02 -47.43 19.05
N VAL A 142 17.26 -47.20 17.98
CA VAL A 142 17.25 -48.15 16.87
C VAL A 142 18.59 -48.15 16.14
N THR A 143 19.12 -46.96 15.84
CA THR A 143 20.41 -46.82 15.20
C THR A 143 21.54 -46.60 16.18
N ASP A 144 21.23 -46.44 17.47
CA ASP A 144 22.24 -46.32 18.52
C ASP A 144 23.12 -45.09 18.34
N THR A 145 22.48 -43.92 18.19
CA THR A 145 23.22 -42.67 18.04
C THR A 145 22.75 -41.68 19.08
N ASP A 146 23.46 -40.57 19.22
CA ASP A 146 23.04 -39.56 20.18
C ASP A 146 23.27 -38.17 19.61
N LEU A 147 22.46 -37.23 20.11
CA LEU A 147 22.44 -35.85 19.65
C LEU A 147 22.51 -34.93 20.86
N VAL A 148 23.42 -33.96 20.82
CA VAL A 148 23.60 -33.01 21.90
C VAL A 148 23.20 -31.64 21.41
N LEU A 149 22.30 -30.98 22.15
CA LEU A 149 21.87 -29.62 21.86
C LEU A 149 22.48 -28.70 22.91
N THR A 150 23.13 -27.62 22.44
CA THR A 150 23.83 -26.70 23.33
C THR A 150 23.26 -25.30 23.19
N TYR A 151 22.85 -24.73 24.33
CA TYR A 151 22.37 -23.35 24.43
C TYR A 151 23.32 -22.56 25.33
N THR A 152 23.62 -21.34 24.95
CA THR A 152 24.44 -20.45 25.76
C THR A 152 23.78 -19.08 25.86
N ILE A 153 23.80 -18.51 27.07
CA ILE A 153 23.24 -17.20 27.35
C ILE A 153 24.37 -16.28 27.80
N TYR A 154 24.44 -15.09 27.19
CA TYR A 154 25.35 -14.05 27.66
C TYR A 154 24.65 -13.07 28.59
N GLU A 155 25.30 -12.76 29.70
CA GLU A 155 24.87 -11.65 30.53
C GLU A 155 25.33 -10.34 29.90
N ASP A 156 24.73 -9.24 30.37
CA ASP A 156 25.09 -7.89 29.95
C ASP A 156 24.72 -7.62 28.49
N TYR A 157 24.23 -8.63 27.79
CA TYR A 157 23.68 -8.49 26.45
C TYR A 157 22.47 -9.41 26.32
N PRO A 158 21.54 -9.08 25.44
CA PRO A 158 20.46 -10.03 25.13
C PRO A 158 20.84 -10.99 24.00
N VAL A 159 21.83 -11.85 24.26
CA VAL A 159 22.46 -12.67 23.23
C VAL A 159 22.33 -14.14 23.61
N ILE A 160 21.80 -14.95 22.68
CA ILE A 160 21.68 -16.40 22.86
C ILE A 160 22.35 -17.08 21.68
N THR A 161 23.12 -18.13 21.96
CA THR A 161 23.78 -18.89 20.90
C THR A 161 23.40 -20.37 20.99
N ARG A 162 23.22 -20.99 19.83
CA ARG A 162 22.80 -22.38 19.77
C ARG A 162 23.66 -23.17 18.79
N ASN A 163 23.86 -24.45 19.12
CA ASN A 163 24.49 -25.39 18.18
C ASN A 163 24.08 -26.82 18.53
N ALA A 164 24.44 -27.75 17.64
CA ALA A 164 24.07 -29.16 17.75
C ALA A 164 25.22 -30.05 17.31
N ARG A 165 25.37 -31.19 17.98
CA ARG A 165 26.45 -32.14 17.69
C ARG A 165 25.89 -33.56 17.62
N PHE A 166 26.44 -34.37 16.72
CA PHE A 166 25.99 -35.75 16.50
C PHE A 166 27.12 -36.72 16.82
N GLU A 167 26.81 -37.77 17.58
CA GLU A 167 27.74 -38.84 17.90
C GLU A 167 27.15 -40.18 17.49
N GLN A 168 27.98 -41.03 16.90
CA GLN A 168 27.58 -42.38 16.51
C GLN A 168 28.31 -43.41 17.37
N LYS A 169 27.55 -44.33 17.96
CA LYS A 169 28.09 -45.27 18.92
C LYS A 169 27.98 -46.73 18.52
N GLY A 170 27.13 -47.08 17.54
CA GLY A 170 26.93 -48.46 17.17
C GLY A 170 27.84 -48.91 16.03
N GLU A 171 27.80 -50.22 15.77
CA GLU A 171 28.60 -50.78 14.69
C GLU A 171 28.05 -50.43 13.32
N GLN A 172 26.82 -49.96 13.24
CA GLN A 172 26.24 -49.52 11.97
C GLN A 172 26.81 -48.18 11.57
N LYS A 173 26.72 -47.89 10.28
CA LYS A 173 27.10 -46.59 9.73
C LYS A 173 25.86 -45.87 9.22
N ILE A 174 25.79 -44.57 9.47
CA ILE A 174 24.64 -43.78 9.05
C ILE A 174 25.11 -42.69 8.10
N VAL A 175 24.16 -42.07 7.41
CA VAL A 175 24.44 -40.97 6.50
C VAL A 175 23.56 -39.79 6.88
N LEU A 176 24.17 -38.61 7.01
CA LEU A 176 23.45 -37.38 7.25
C LEU A 176 23.31 -36.65 5.91
N GLU A 177 22.07 -36.34 5.52
CA GLU A 177 21.81 -35.63 4.29
C GLU A 177 21.30 -34.22 4.50
N ARG A 178 21.04 -33.83 5.75
CA ARG A 178 20.60 -32.49 6.08
C ARG A 178 20.75 -32.27 7.58
N ALA A 179 21.40 -31.17 7.97
CA ALA A 179 21.63 -30.90 9.39
C ALA A 179 21.63 -29.39 9.60
N MET A 180 20.47 -28.85 9.98
CA MET A 180 20.39 -27.45 10.34
C MET A 180 20.96 -27.23 11.74
N SER A 181 21.21 -25.96 12.07
CA SER A 181 21.80 -25.61 13.35
C SER A 181 20.79 -25.08 14.35
N ALA A 182 19.71 -24.45 13.90
CA ALA A 182 18.74 -23.85 14.79
C ALA A 182 17.36 -23.90 14.17
N SER A 183 16.34 -23.74 15.01
CA SER A 183 14.95 -23.71 14.56
C SER A 183 14.11 -23.01 15.61
N VAL A 184 13.42 -21.95 15.22
CA VAL A 184 12.64 -21.13 16.16
C VAL A 184 11.22 -20.99 15.60
N GLU A 185 10.23 -21.16 16.47
CA GLU A 185 8.83 -21.19 16.07
C GLU A 185 8.01 -20.15 16.83
N PHE A 186 7.09 -19.50 16.12
CA PHE A 186 6.20 -18.50 16.67
C PHE A 186 4.75 -18.85 16.33
N LEU A 187 3.84 -18.32 17.14
CA LEU A 187 2.41 -18.64 17.04
C LEU A 187 1.62 -17.69 16.15
N ASP A 188 2.28 -16.76 15.46
CA ASP A 188 1.57 -15.81 14.62
C ASP A 188 2.40 -15.48 13.38
N MET A 189 1.85 -14.62 12.53
CA MET A 189 2.48 -14.30 11.25
C MET A 189 2.38 -12.81 10.92
N ASP A 190 2.29 -11.96 11.93
CA ASP A 190 2.24 -10.51 11.73
C ASP A 190 3.66 -9.95 11.81
N TYR A 191 4.47 -10.33 10.83
CA TYR A 191 5.88 -9.96 10.83
C TYR A 191 6.27 -9.52 9.43
N GLU A 192 7.56 -9.24 9.26
CA GLU A 192 8.17 -8.90 8.00
C GLU A 192 9.60 -9.40 8.03
N LEU A 193 10.07 -9.89 6.88
CA LEU A 193 11.41 -10.46 6.73
C LEU A 193 12.33 -9.41 6.14
N VAL A 194 13.45 -9.14 6.82
CA VAL A 194 14.43 -8.17 6.41
C VAL A 194 15.70 -8.91 6.01
N GLN A 195 16.22 -8.60 4.81
CA GLN A 195 17.37 -9.29 4.24
C GLN A 195 18.25 -8.29 3.52
N LEU A 196 19.45 -8.74 3.14
CA LEU A 196 20.45 -7.91 2.47
C LEU A 196 20.87 -8.58 1.17
N SER A 197 20.57 -7.96 0.04
CA SER A 197 20.81 -8.57 -1.27
C SER A 197 21.50 -7.59 -2.21
N GLY A 198 22.32 -8.13 -3.10
CA GLY A 198 23.02 -7.29 -4.06
C GLY A 198 23.80 -8.12 -5.05
N ALA A 199 24.79 -7.47 -5.67
CA ALA A 199 25.66 -8.12 -6.64
C ALA A 199 27.04 -7.47 -6.56
N TRP A 200 27.87 -7.72 -7.56
CA TRP A 200 29.19 -7.10 -7.62
C TRP A 200 29.05 -5.61 -7.88
N SER A 201 29.85 -4.82 -7.15
CA SER A 201 29.85 -3.36 -7.15
C SER A 201 28.55 -2.76 -6.61
N ARG A 202 27.61 -3.57 -6.15
CA ARG A 202 26.42 -3.09 -5.46
C ARG A 202 26.00 -4.17 -4.47
N GLU A 203 26.49 -4.06 -3.24
CA GLU A 203 26.36 -5.11 -2.25
C GLU A 203 25.45 -4.69 -1.11
N ARG A 204 24.69 -5.66 -0.60
CA ARG A 204 23.98 -5.56 0.67
C ARG A 204 23.03 -4.37 0.70
N TYR A 205 22.09 -4.38 -0.24
CA TYR A 205 20.96 -3.46 -0.20
C TYR A 205 19.85 -4.06 0.66
N VAL A 206 19.23 -3.22 1.47
CA VAL A 206 18.25 -3.69 2.45
C VAL A 206 16.91 -3.89 1.77
N LYS A 207 16.31 -5.06 1.95
CA LYS A 207 15.03 -5.38 1.33
C LYS A 207 14.08 -5.98 2.36
N ASN A 208 12.81 -5.62 2.22
CA ASN A 208 11.74 -6.02 3.15
C ASN A 208 10.67 -6.80 2.40
N ARG A 209 10.20 -7.88 3.01
CA ARG A 209 9.13 -8.68 2.45
C ARG A 209 8.08 -8.95 3.54
N LYS A 210 6.84 -9.15 3.11
CA LYS A 210 5.74 -9.42 4.02
C LYS A 210 5.42 -10.91 4.01
N LEU A 211 5.32 -11.50 5.20
CA LEU A 211 5.18 -12.95 5.31
C LEU A 211 3.82 -13.41 4.82
N GLU A 212 3.82 -14.55 4.13
CA GLU A 212 2.61 -15.16 3.58
C GLU A 212 2.75 -16.68 3.66
N MET A 213 1.62 -17.36 3.66
CA MET A 213 1.61 -18.82 3.78
C MET A 213 2.43 -19.45 2.66
N GLY A 214 3.31 -20.39 3.03
CA GLY A 214 4.28 -20.95 2.11
C GLY A 214 5.69 -20.87 2.67
N ILE A 215 6.65 -20.72 1.77
CA ILE A 215 8.06 -20.71 2.12
C ILE A 215 8.73 -19.50 1.49
N GLN A 216 9.54 -18.78 2.27
CA GLN A 216 10.41 -17.73 1.76
C GLN A 216 11.82 -17.99 2.27
N SER A 217 12.80 -17.97 1.37
CA SER A 217 14.14 -18.37 1.78
C SER A 217 15.19 -17.66 0.95
N VAL A 218 16.41 -17.63 1.50
CA VAL A 218 17.61 -17.21 0.78
C VAL A 218 18.64 -18.32 0.93
N HIS A 219 19.57 -18.40 -0.03
CA HIS A 219 20.50 -19.51 -0.07
C HIS A 219 21.76 -19.10 -0.80
N SER A 220 22.77 -19.96 -0.72
CA SER A 220 24.01 -19.75 -1.48
C SER A 220 24.55 -21.09 -1.93
N LEU A 221 24.86 -21.20 -3.22
CA LEU A 221 25.42 -22.41 -3.80
C LEU A 221 26.77 -22.13 -4.46
N ASN A 222 27.49 -21.11 -3.97
CA ASN A 222 28.71 -20.66 -4.62
C ASN A 222 29.92 -21.51 -4.27
N GLY A 223 29.83 -22.37 -3.27
CA GLY A 223 30.90 -23.31 -2.99
C GLY A 223 32.07 -22.75 -2.21
N THR A 224 32.80 -21.82 -2.82
CA THR A 224 34.05 -21.32 -2.26
C THR A 224 33.85 -20.09 -1.38
N CYS A 225 32.63 -19.55 -1.30
CA CYS A 225 32.37 -18.36 -0.49
C CYS A 225 30.87 -18.25 -0.30
N GLY A 226 30.47 -17.28 0.54
CA GLY A 226 29.05 -17.01 0.72
C GLY A 226 28.42 -16.29 -0.45
N GLY A 227 29.21 -15.52 -1.18
CA GLY A 227 28.70 -14.85 -2.37
C GLY A 227 28.24 -13.44 -2.08
N ALA A 228 28.29 -12.61 -3.12
CA ALA A 228 27.84 -11.23 -3.03
C ALA A 228 26.34 -11.09 -3.28
N GLU A 229 25.64 -12.20 -3.54
CA GLU A 229 24.21 -12.14 -3.82
C GLU A 229 23.40 -12.00 -2.54
N HIS A 230 23.52 -12.96 -1.63
CA HIS A 230 22.81 -12.93 -0.36
C HIS A 230 23.79 -13.04 0.79
N ASN A 231 23.44 -12.46 1.92
CA ASN A 231 24.25 -12.47 3.12
C ASN A 231 23.58 -13.30 4.22
N PRO A 232 24.33 -14.08 4.99
CA PRO A 232 23.73 -14.95 6.02
C PRO A 232 23.26 -14.18 7.24
N PHE A 233 22.25 -13.34 7.05
CA PHE A 233 21.64 -12.58 8.15
C PHE A 233 20.15 -12.43 7.86
N ILE A 234 19.33 -12.62 8.90
CA ILE A 234 17.88 -12.57 8.76
C ILE A 234 17.30 -11.74 9.89
N ALA A 235 16.31 -10.90 9.59
CA ALA A 235 15.61 -10.18 10.65
C ALA A 235 14.11 -10.37 10.49
N LEU A 236 13.43 -10.46 11.64
CA LEU A 236 11.97 -10.50 11.69
C LEU A 236 11.49 -9.32 12.49
N LYS A 237 10.71 -8.43 11.87
CA LYS A 237 10.27 -7.23 12.56
C LYS A 237 8.79 -6.98 12.31
N ARG A 238 8.13 -6.34 13.27
CA ARG A 238 6.75 -5.95 13.10
C ARG A 238 6.64 -4.88 12.01
N PRO A 239 5.48 -4.75 11.37
CA PRO A 239 5.34 -3.77 10.28
C PRO A 239 5.40 -2.32 10.73
N GLN A 240 5.42 -2.04 12.03
CA GLN A 240 5.43 -0.69 12.56
C GLN A 240 6.71 -0.39 13.34
N THR A 241 7.82 -1.01 12.95
CA THR A 241 9.09 -0.86 13.64
C THR A 241 9.95 0.17 12.92
N THR A 242 10.46 1.13 13.67
CA THR A 242 11.25 2.25 13.17
C THR A 242 12.69 2.06 13.67
N GLU A 243 13.60 2.94 13.23
CA GLU A 243 14.98 2.87 13.68
C GLU A 243 15.13 3.08 15.18
N ASN A 244 14.13 3.67 15.85
CA ASN A 244 14.25 3.97 17.27
C ASN A 244 13.03 3.54 18.08
N GLN A 245 12.17 2.67 17.52
CA GLN A 245 11.05 2.14 18.27
C GLN A 245 10.52 0.92 17.53
N GLY A 246 10.04 -0.07 18.30
CA GLY A 246 9.49 -1.27 17.71
C GLY A 246 9.83 -2.55 18.45
N GLU A 247 10.00 -3.64 17.69
CA GLU A 247 10.36 -4.93 18.26
C GLU A 247 10.88 -5.81 17.12
N VAL A 248 12.10 -6.32 17.27
CA VAL A 248 12.74 -7.03 16.17
C VAL A 248 13.59 -8.18 16.73
N TYR A 249 13.61 -9.28 15.97
CA TYR A 249 14.49 -10.42 16.22
C TYR A 249 15.52 -10.50 15.11
N GLY A 250 16.74 -10.87 15.46
CA GLY A 250 17.80 -11.02 14.48
C GLY A 250 18.56 -12.31 14.65
N PHE A 251 18.82 -12.99 13.52
CA PHE A 251 19.53 -14.25 13.48
C PHE A 251 20.72 -14.14 12.55
N SER A 252 21.89 -14.56 13.03
CA SER A 252 23.11 -14.60 12.22
C SER A 252 23.79 -15.96 12.36
N LEU A 253 24.45 -16.38 11.30
CA LEU A 253 25.11 -17.67 11.21
C LEU A 253 26.62 -17.47 11.07
N VAL A 254 27.39 -18.18 11.88
CA VAL A 254 28.86 -18.05 11.84
C VAL A 254 29.38 -19.11 10.87
N TYR A 255 29.40 -18.77 9.58
CA TYR A 255 29.85 -19.72 8.55
C TYR A 255 30.08 -18.98 7.24
N SER A 256 31.06 -19.45 6.47
CA SER A 256 31.41 -18.82 5.19
C SER A 256 31.40 -19.81 4.04
N GLY A 257 30.38 -20.63 3.93
CA GLY A 257 30.22 -21.55 2.83
C GLY A 257 28.82 -21.47 2.25
N ASN A 258 28.34 -22.62 1.78
CA ASN A 258 26.95 -22.73 1.35
C ASN A 258 26.04 -22.65 2.57
N PHE A 259 24.96 -21.88 2.44
CA PHE A 259 24.04 -21.71 3.54
C PHE A 259 22.61 -21.63 3.01
N LEU A 260 21.67 -21.92 3.90
CA LEU A 260 20.24 -21.80 3.64
C LEU A 260 19.56 -21.18 4.85
N ALA A 261 18.76 -20.14 4.61
CA ALA A 261 17.96 -19.50 5.64
C ALA A 261 16.51 -19.49 5.15
N GLN A 262 15.61 -20.07 5.94
CA GLN A 262 14.26 -20.37 5.49
C GLN A 262 13.24 -19.96 6.54
N ALA A 263 12.11 -19.43 6.08
CA ALA A 263 10.98 -19.08 6.93
C ALA A 263 9.72 -19.64 6.29
N GLU A 264 9.04 -20.53 7.00
CA GLU A 264 7.84 -21.18 6.50
C GLU A 264 6.64 -20.84 7.37
N VAL A 265 5.56 -20.42 6.73
CA VAL A 265 4.31 -20.08 7.39
C VAL A 265 3.26 -21.11 6.98
N SER A 266 2.64 -21.75 7.97
CA SER A 266 1.62 -22.75 7.71
C SER A 266 0.25 -22.09 7.56
N THR A 267 -0.78 -22.91 7.43
CA THR A 267 -2.14 -22.43 7.25
C THR A 267 -2.89 -22.25 8.55
N PHE A 268 -2.23 -22.43 9.69
CA PHE A 268 -2.79 -22.11 11.00
C PHE A 268 -2.05 -20.96 11.67
N ASP A 269 -1.42 -20.10 10.88
CA ASP A 269 -0.72 -18.90 11.37
C ASP A 269 0.37 -19.26 12.38
N MET A 270 1.32 -20.07 11.92
CA MET A 270 2.48 -20.45 12.71
C MET A 270 3.72 -20.29 11.86
N THR A 271 4.76 -19.70 12.43
CA THR A 271 5.98 -19.37 11.69
C THR A 271 7.14 -20.21 12.19
N ARG A 272 7.95 -20.71 11.26
CA ARG A 272 9.13 -21.49 11.60
C ARG A 272 10.33 -20.95 10.83
N VAL A 273 11.41 -20.66 11.54
CA VAL A 273 12.62 -20.10 10.96
C VAL A 273 13.77 -21.07 11.22
N MET A 274 14.53 -21.38 10.17
CA MET A 274 15.69 -22.26 10.25
C MET A 274 16.86 -21.66 9.50
N LEU A 275 18.07 -21.94 9.99
CA LEU A 275 19.32 -21.50 9.38
C LEU A 275 20.32 -22.64 9.45
N GLY A 276 21.09 -22.85 8.38
CA GLY A 276 22.10 -23.87 8.44
C GLY A 276 22.84 -24.03 7.14
N ILE A 277 23.59 -25.14 7.05
CA ILE A 277 24.33 -25.47 5.83
C ILE A 277 23.35 -25.90 4.74
N ASN A 278 23.73 -25.65 3.50
CA ASN A 278 22.88 -26.05 2.38
C ASN A 278 22.89 -27.56 2.21
N PRO A 279 21.73 -28.20 2.15
CA PRO A 279 21.69 -29.66 1.96
C PRO A 279 21.76 -30.07 0.50
N GLU A 280 22.17 -29.16 -0.38
CA GLU A 280 22.14 -29.43 -1.82
C GLU A 280 23.05 -30.60 -2.18
N ASP A 281 24.30 -30.56 -1.77
CA ASP A 281 25.26 -31.61 -2.05
C ASP A 281 25.96 -32.06 -0.78
N PHE A 282 25.20 -32.26 0.28
CA PHE A 282 25.73 -32.63 1.58
C PHE A 282 25.39 -34.09 1.87
N SER A 283 26.41 -34.88 2.19
CA SER A 283 26.20 -36.28 2.56
C SER A 283 27.39 -36.70 3.41
N TRP A 284 27.21 -36.73 4.73
CA TRP A 284 28.28 -37.04 5.66
C TRP A 284 28.07 -38.43 6.24
N GLU A 285 29.05 -39.30 6.07
CA GLU A 285 28.97 -40.68 6.54
C GLU A 285 29.61 -40.80 7.91
N LEU A 286 28.86 -41.36 8.86
CA LEU A 286 29.34 -41.56 10.22
C LEU A 286 29.49 -43.04 10.51
N ASN A 287 30.67 -43.44 10.98
CA ASN A 287 31.02 -44.79 11.39
C ASN A 287 31.15 -44.84 12.91
N GLN A 288 31.57 -46.00 13.41
CA GLN A 288 31.77 -46.19 14.84
C GLN A 288 32.76 -45.16 15.39
N GLY A 289 32.35 -44.49 16.47
CA GLY A 289 33.21 -43.52 17.12
C GLY A 289 33.59 -42.32 16.27
N GLU A 290 32.60 -41.73 15.60
CA GLU A 290 32.81 -40.53 14.80
C GLU A 290 31.73 -39.50 15.11
N SER A 291 32.07 -38.24 14.91
CA SER A 291 31.23 -37.13 15.36
C SER A 291 31.10 -36.08 14.27
N PHE A 292 30.05 -35.28 14.38
CA PHE A 292 29.83 -34.16 13.45
C PHE A 292 29.32 -32.95 14.21
N GLN A 293 29.86 -31.77 13.87
CA GLN A 293 29.54 -30.52 14.54
C GLN A 293 29.08 -29.50 13.52
N THR A 294 27.93 -28.85 13.79
CA THR A 294 27.33 -27.86 12.91
C THR A 294 27.78 -26.46 13.30
N PRO A 295 27.69 -25.49 12.38
CA PRO A 295 28.03 -24.10 12.74
C PRO A 295 27.14 -23.52 13.83
N GLU A 296 27.47 -22.31 14.27
CA GLU A 296 26.81 -21.68 15.41
C GLU A 296 25.84 -20.61 14.95
N VAL A 297 24.72 -20.49 15.68
CA VAL A 297 23.71 -19.49 15.37
C VAL A 297 23.59 -18.54 16.56
N VAL A 298 23.66 -17.23 16.27
CA VAL A 298 23.57 -16.19 17.28
C VAL A 298 22.29 -15.41 17.04
N MET A 299 21.45 -15.30 18.08
CA MET A 299 20.18 -14.60 18.01
C MET A 299 20.12 -13.51 19.06
N VAL A 300 19.55 -12.37 18.65
CA VAL A 300 19.44 -11.18 19.48
C VAL A 300 18.04 -10.60 19.33
N TYR A 301 17.42 -10.24 20.46
CA TYR A 301 16.09 -9.65 20.50
C TYR A 301 16.19 -8.24 21.02
N SER A 302 15.51 -7.29 20.36
CA SER A 302 15.41 -5.94 20.87
C SER A 302 13.96 -5.46 20.79
N ASP A 303 13.59 -4.58 21.71
CA ASP A 303 12.26 -4.01 21.75
C ASP A 303 12.28 -2.48 21.66
N ARG A 304 13.35 -1.91 21.12
CA ARG A 304 13.49 -0.47 20.99
C ARG A 304 14.09 -0.10 19.65
N GLY A 305 13.66 -0.76 18.58
CA GLY A 305 14.09 -0.41 17.24
C GLY A 305 15.21 -1.30 16.74
N LEU A 306 15.75 -0.90 15.59
CA LEU A 306 16.84 -1.62 14.95
C LEU A 306 18.22 -1.16 15.41
N ASN A 307 18.32 0.09 15.87
CA ASN A 307 19.60 0.60 16.32
C ASN A 307 20.15 -0.18 17.51
N LYS A 308 19.26 -0.54 18.44
CA LYS A 308 19.69 -1.29 19.62
C LYS A 308 20.22 -2.67 19.24
N MET A 309 19.54 -3.36 18.32
CA MET A 309 20.01 -4.67 17.87
C MET A 309 21.35 -4.56 17.14
N SER A 310 21.49 -3.56 16.28
CA SER A 310 22.75 -3.35 15.60
C SER A 310 23.87 -3.07 16.58
N GLN A 311 23.58 -2.32 17.64
CA GLN A 311 24.61 -2.01 18.63
C GLN A 311 25.00 -3.25 19.43
N ALA A 312 24.04 -4.12 19.73
CA ALA A 312 24.37 -5.39 20.37
C ALA A 312 25.34 -6.19 19.51
N TYR A 313 25.04 -6.34 18.22
CA TYR A 313 25.98 -7.00 17.31
C TYR A 313 27.33 -6.32 17.28
N HIS A 314 27.37 -4.99 17.20
CA HIS A 314 28.64 -4.28 17.10
C HIS A 314 29.52 -4.57 18.30
N ARG A 315 28.96 -4.39 19.51
CA ARG A 315 29.73 -4.61 20.72
C ARG A 315 30.18 -6.06 20.85
N LEU A 316 29.27 -7.00 20.60
CA LEU A 316 29.61 -8.41 20.76
C LEU A 316 30.71 -8.83 19.81
N TYR A 317 30.63 -8.42 18.54
CA TYR A 317 31.65 -8.82 17.58
C TYR A 317 32.96 -8.10 17.78
N ARG A 318 32.94 -6.88 18.30
CA ARG A 318 34.20 -6.20 18.57
C ARG A 318 34.92 -6.78 19.79
N THR A 319 34.18 -7.20 20.81
CA THR A 319 34.84 -7.58 22.06
C THR A 319 34.99 -9.07 22.28
N ARG A 320 34.08 -9.91 21.77
CA ARG A 320 34.12 -11.33 22.09
C ARG A 320 34.33 -12.23 20.87
N LEU A 321 34.75 -11.67 19.74
CA LEU A 321 35.04 -12.48 18.57
C LEU A 321 36.44 -12.26 18.01
N MET A 322 36.93 -11.02 18.02
CA MET A 322 38.27 -10.75 17.50
C MET A 322 39.33 -11.11 18.53
N ARG A 323 40.55 -11.33 18.04
CA ARG A 323 41.65 -11.71 18.91
C ARG A 323 42.07 -10.53 19.78
N VAL A 324 42.63 -10.85 20.94
CA VAL A 324 43.02 -9.83 21.91
C VAL A 324 44.17 -8.95 21.44
N THR A 325 44.80 -9.29 20.31
CA THR A 325 45.90 -8.47 19.81
C THR A 325 45.41 -7.13 19.29
N TRP A 326 44.24 -7.12 18.63
CA TRP A 326 43.72 -5.92 17.98
C TRP A 326 42.37 -5.50 18.55
N ARG A 327 42.02 -5.95 19.75
CA ARG A 327 40.71 -5.63 20.30
C ARG A 327 40.56 -4.16 20.65
N ASP A 328 41.64 -3.53 21.11
CA ASP A 328 41.61 -2.15 21.58
C ASP A 328 42.71 -1.34 20.90
N LYS A 329 42.79 -1.46 19.59
CA LYS A 329 43.83 -0.81 18.80
C LYS A 329 43.20 -0.09 17.61
N ALA A 330 43.88 0.95 17.15
CA ALA A 330 43.42 1.75 16.01
C ALA A 330 44.21 1.40 14.76
N ARG A 331 43.51 1.24 13.66
CA ARG A 331 44.13 0.83 12.41
C ARG A 331 44.98 1.95 11.84
N PRO A 332 46.03 1.61 11.08
CA PRO A 332 46.88 2.65 10.49
C PRO A 332 46.25 3.25 9.23
N ILE A 333 46.88 4.30 8.75
CA ILE A 333 46.51 4.96 7.51
C ILE A 333 47.48 4.50 6.43
N LEU A 334 46.96 4.03 5.30
CA LEU A 334 47.85 3.43 4.27
C LEU A 334 47.62 3.99 2.87
N LEU A 335 48.34 3.47 1.88
CA LEU A 335 48.21 3.89 0.46
C LEU A 335 48.44 2.67 -0.44
N ASN A 336 47.59 2.46 -1.45
CA ASN A 336 47.69 1.29 -2.36
C ASN A 336 48.03 1.79 -3.76
N ASN A 337 48.58 0.93 -4.63
CA ASN A 337 49.01 1.38 -5.98
C ASN A 337 48.13 0.75 -7.08
N TRP A 338 47.06 0.03 -6.73
CA TRP A 338 46.22 -0.66 -7.74
C TRP A 338 45.68 0.32 -8.77
N GLU A 339 44.88 1.29 -8.33
CA GLU A 339 44.28 2.30 -9.26
C GLU A 339 45.40 3.09 -9.93
N ALA A 340 46.39 3.55 -9.16
CA ALA A 340 47.49 4.37 -9.72
C ALA A 340 48.28 3.54 -10.74
N THR A 341 48.63 2.30 -10.38
CA THR A 341 49.39 1.41 -11.29
C THR A 341 48.90 -0.03 -11.14
N TYR A 342 48.03 -0.48 -12.04
CA TYR A 342 47.44 -1.85 -11.93
C TYR A 342 48.52 -2.91 -12.23
N PHE A 343 49.25 -2.77 -13.35
CA PHE A 343 50.23 -3.82 -13.73
C PHE A 343 51.58 -3.21 -14.12
N ASP A 344 51.58 -2.10 -14.87
CA ASP A 344 52.87 -1.54 -15.37
C ASP A 344 53.55 -0.71 -14.26
N PHE A 345 54.56 -1.28 -13.60
CA PHE A 345 55.25 -0.57 -12.50
C PHE A 345 56.70 -1.06 -12.38
N ASN A 346 57.46 -0.51 -11.43
CA ASN A 346 58.87 -0.94 -11.21
C ASN A 346 59.33 -0.32 -9.89
N GLU A 347 60.51 -0.68 -9.36
CA GLU A 347 60.91 -0.16 -8.03
C GLU A 347 60.95 1.36 -8.15
N GLU A 348 61.61 1.88 -9.19
CA GLU A 348 61.79 3.35 -9.35
C GLU A 348 60.47 4.13 -9.36
N LYS A 349 59.49 3.69 -10.15
CA LYS A 349 58.16 4.34 -10.16
C LYS A 349 57.48 4.18 -8.80
N ILE A 350 57.99 3.29 -7.95
CA ILE A 350 57.37 3.05 -6.60
C ILE A 350 58.09 3.90 -5.54
N LEU A 351 59.40 4.12 -5.71
CA LEU A 351 60.16 4.93 -4.76
C LEU A 351 59.85 6.42 -4.89
N LYS A 352 59.05 6.82 -5.88
CA LYS A 352 58.55 8.18 -5.99
C LYS A 352 57.14 8.34 -5.45
N ILE A 353 56.34 7.27 -5.43
CA ILE A 353 55.03 7.32 -4.82
C ILE A 353 55.13 7.22 -3.30
N ALA A 354 55.95 6.31 -2.78
CA ALA A 354 56.17 6.20 -1.34
C ALA A 354 56.93 7.39 -0.79
N GLU A 355 57.70 8.09 -1.63
CA GLU A 355 58.41 9.29 -1.18
C GLU A 355 57.44 10.45 -0.95
N LYS A 356 56.52 10.66 -1.88
CA LYS A 356 55.56 11.76 -1.72
C LYS A 356 54.58 11.48 -0.59
N ALA A 357 54.20 10.23 -0.38
CA ALA A 357 53.26 9.89 0.68
C ALA A 357 53.96 9.69 2.02
N LYS A 358 54.80 10.66 2.39
CA LYS A 358 55.40 10.69 3.72
C LYS A 358 55.23 12.08 4.31
N GLU A 359 55.24 13.10 3.46
CA GLU A 359 54.96 14.46 3.91
C GLU A 359 53.51 14.62 4.31
N ALA A 360 52.59 13.96 3.60
CA ALA A 360 51.18 14.05 3.94
C ALA A 360 50.90 13.44 5.32
N GLY A 361 51.48 12.27 5.59
CA GLY A 361 51.29 11.63 6.88
C GLY A 361 50.94 10.16 6.79
N VAL A 362 51.10 9.56 5.60
CA VAL A 362 50.77 8.12 5.42
C VAL A 362 51.75 7.28 6.25
N GLU A 363 51.34 6.08 6.70
CA GLU A 363 52.22 5.29 7.60
C GLU A 363 52.32 3.84 7.12
N LEU A 364 51.69 3.50 6.00
CA LEU A 364 51.80 2.12 5.45
C LEU A 364 51.74 2.15 3.92
N PHE A 365 52.61 1.39 3.25
CA PHE A 365 52.57 1.30 1.77
C PHE A 365 52.33 -0.15 1.37
N VAL A 366 51.27 -0.42 0.59
CA VAL A 366 50.93 -1.81 0.22
C VAL A 366 51.11 -2.02 -1.28
N LEU A 367 51.97 -2.96 -1.69
CA LEU A 367 52.12 -3.32 -3.13
C LEU A 367 50.91 -4.16 -3.55
N ASP A 368 50.77 -4.46 -4.83
CA ASP A 368 49.57 -5.19 -5.32
C ASP A 368 50.01 -6.19 -6.40
N ASP A 369 49.09 -6.74 -7.19
CA ASP A 369 49.43 -7.79 -8.19
C ASP A 369 50.51 -7.32 -9.16
N GLY A 370 51.45 -8.19 -9.52
CA GLY A 370 52.47 -7.85 -10.52
C GLY A 370 53.89 -8.03 -10.03
N TRP A 371 54.09 -8.70 -8.90
CA TRP A 371 55.45 -8.81 -8.30
C TRP A 371 55.97 -10.25 -8.26
N PHE A 372 55.27 -11.22 -8.85
CA PHE A 372 55.67 -12.63 -8.70
C PHE A 372 55.76 -13.37 -10.04
N GLY A 373 56.47 -14.49 -10.07
CA GLY A 373 56.67 -15.26 -11.30
C GLY A 373 56.87 -14.34 -12.49
N ALA A 374 55.97 -14.40 -13.47
CA ALA A 374 56.04 -13.45 -14.59
C ALA A 374 54.65 -12.86 -14.84
N ARG A 375 54.03 -12.29 -13.81
CA ARG A 375 52.66 -11.74 -13.93
C ARG A 375 52.71 -10.33 -14.51
N ASN A 376 52.60 -10.19 -15.83
CA ASN A 376 52.56 -8.87 -16.47
C ASN A 376 51.12 -8.63 -16.93
N ASP A 377 50.33 -9.71 -17.01
CA ASP A 377 48.91 -9.61 -17.42
C ASP A 377 48.09 -10.55 -16.54
N ASP A 378 46.80 -10.70 -16.82
CA ASP A 378 45.91 -11.53 -15.96
C ASP A 378 45.86 -12.97 -16.45
N TYR A 379 46.88 -13.41 -17.18
CA TYR A 379 46.84 -14.79 -17.76
C TYR A 379 48.16 -15.54 -17.51
N ARG A 380 48.93 -15.22 -16.46
CA ARG A 380 50.24 -15.91 -16.32
C ARG A 380 50.97 -15.62 -15.02
N GLY A 381 51.59 -16.63 -14.41
CA GLY A 381 52.45 -16.42 -13.27
C GLY A 381 51.86 -16.75 -11.92
N LEU A 382 50.55 -16.91 -11.80
CA LEU A 382 49.94 -17.18 -10.51
C LEU A 382 50.32 -18.59 -10.05
N GLY A 383 50.62 -18.71 -8.76
CA GLY A 383 51.13 -19.96 -8.21
C GLY A 383 52.63 -20.02 -8.09
N ASP A 384 53.34 -19.09 -8.72
CA ASP A 384 54.81 -18.99 -8.60
C ASP A 384 55.09 -17.86 -7.62
N TRP A 385 55.25 -18.21 -6.35
CA TRP A 385 55.38 -17.21 -5.29
C TRP A 385 56.85 -16.97 -4.97
N TYR A 386 57.54 -16.40 -5.95
CA TYR A 386 58.91 -15.95 -5.78
C TYR A 386 59.09 -14.63 -6.51
N VAL A 387 60.19 -13.94 -6.19
CA VAL A 387 60.38 -12.56 -6.62
C VAL A 387 60.76 -12.52 -8.09
N ASN A 388 60.07 -11.67 -8.85
CA ASN A 388 60.46 -11.39 -10.23
C ASN A 388 61.64 -10.43 -10.22
N LEU A 389 62.73 -10.82 -10.88
CA LEU A 389 63.96 -10.03 -10.85
C LEU A 389 64.08 -9.08 -12.03
N GLU A 390 63.12 -9.07 -12.95
CA GLU A 390 63.12 -8.12 -14.05
C GLU A 390 62.34 -6.85 -13.74
N LYS A 391 61.72 -6.78 -12.57
CA LYS A 391 61.02 -5.58 -12.11
C LYS A 391 61.55 -5.08 -10.77
N LEU A 392 62.00 -5.98 -9.90
CA LEU A 392 62.55 -5.61 -8.61
C LEU A 392 63.93 -6.24 -8.43
N PRO A 393 64.98 -5.67 -9.05
CA PRO A 393 66.31 -6.31 -8.99
C PRO A 393 66.81 -6.57 -7.59
N ASP A 394 66.56 -5.67 -6.64
CA ASP A 394 66.96 -5.89 -5.26
C ASP A 394 66.12 -6.95 -4.56
N GLY A 395 65.04 -7.40 -5.19
CA GLY A 395 64.14 -8.34 -4.56
C GLY A 395 63.13 -7.64 -3.67
N ILE A 396 62.36 -8.47 -2.94
CA ILE A 396 61.43 -7.96 -1.95
C ILE A 396 62.14 -7.48 -0.69
N ALA A 397 63.22 -8.15 -0.27
CA ALA A 397 63.97 -7.72 0.89
C ALA A 397 64.56 -6.33 0.73
N GLY A 398 65.19 -6.04 -0.41
CA GLY A 398 65.72 -4.71 -0.66
C GLY A 398 64.67 -3.63 -0.73
N LEU A 399 63.54 -3.90 -1.40
CA LEU A 399 62.46 -2.93 -1.45
C LEU A 399 61.87 -2.66 -0.07
N SER A 400 61.68 -3.71 0.73
CA SER A 400 61.18 -3.52 2.08
C SER A 400 62.16 -2.73 2.94
N ARG A 401 63.46 -3.01 2.80
CA ARG A 401 64.47 -2.25 3.54
C ARG A 401 64.44 -0.78 3.15
N LYS A 402 64.35 -0.49 1.85
CA LYS A 402 64.30 0.90 1.40
C LYS A 402 63.06 1.60 1.92
N VAL A 403 61.90 0.93 1.83
CA VAL A 403 60.66 1.56 2.28
C VAL A 403 60.72 1.85 3.78
N GLU A 404 61.22 0.89 4.56
CA GLU A 404 61.35 1.13 6.01
C GLU A 404 62.37 2.24 6.28
N ALA A 405 63.39 2.36 5.43
CA ALA A 405 64.34 3.46 5.58
C ALA A 405 63.68 4.82 5.34
N LEU A 406 62.76 4.89 4.38
CA LEU A 406 62.02 6.13 4.16
C LEU A 406 61.17 6.53 5.36
N GLY A 407 60.92 5.61 6.29
CA GLY A 407 60.11 5.89 7.45
C GLY A 407 58.71 5.30 7.43
N LEU A 408 58.41 4.44 6.47
CA LEU A 408 57.10 3.83 6.31
C LEU A 408 57.15 2.37 6.75
N LYS A 409 56.03 1.68 6.55
CA LYS A 409 55.94 0.23 6.73
C LYS A 409 55.67 -0.41 5.37
N PHE A 410 55.63 -1.74 5.35
CA PHE A 410 55.52 -2.48 4.12
C PHE A 410 54.37 -3.47 4.18
N GLY A 411 53.82 -3.79 3.01
CA GLY A 411 52.75 -4.76 2.89
C GLY A 411 52.74 -5.39 1.52
N LEU A 412 52.16 -6.54 1.39
CA LEU A 412 52.18 -7.34 0.16
C LEU A 412 50.77 -7.78 -0.20
N TRP A 413 50.67 -8.45 -1.35
CA TRP A 413 49.44 -9.03 -1.88
C TRP A 413 49.67 -10.52 -2.10
N VAL A 414 48.67 -11.33 -1.78
CA VAL A 414 48.76 -12.78 -2.00
C VAL A 414 47.37 -13.33 -2.28
N GLU A 415 47.33 -14.36 -3.14
CA GLU A 415 46.11 -15.12 -3.44
C GLU A 415 46.49 -16.60 -3.40
N LEU A 416 46.41 -17.19 -2.20
CA LEU A 416 46.93 -18.55 -1.99
C LEU A 416 45.84 -19.60 -2.15
N GLU A 417 45.08 -19.56 -3.20
CA GLU A 417 44.03 -20.54 -3.44
C GLU A 417 43.87 -20.98 -4.89
N MET A 418 44.49 -20.30 -5.87
CA MET A 418 44.17 -20.51 -7.27
C MET A 418 45.46 -20.61 -8.08
N VAL A 419 45.31 -21.08 -9.33
CA VAL A 419 46.45 -21.31 -10.20
C VAL A 419 46.05 -21.01 -11.64
N ASN A 420 47.02 -20.55 -12.43
CA ASN A 420 46.85 -20.42 -13.87
C ASN A 420 47.41 -21.63 -14.60
N LYS A 421 47.10 -21.70 -15.90
CA LYS A 421 47.48 -22.86 -16.69
C LYS A 421 48.96 -22.83 -17.05
N ASP A 422 49.53 -21.64 -17.25
CA ASP A 422 50.89 -21.49 -17.73
C ASP A 422 51.93 -21.52 -16.61
N SER A 423 51.51 -21.61 -15.36
CA SER A 423 52.45 -21.57 -14.25
C SER A 423 53.26 -22.86 -14.17
N ASP A 424 54.27 -22.85 -13.29
CA ASP A 424 55.08 -24.04 -13.08
C ASP A 424 54.34 -25.10 -12.27
N LEU A 425 53.42 -24.67 -11.40
CA LEU A 425 52.69 -25.61 -10.57
C LEU A 425 51.83 -26.53 -11.41
N TYR A 426 51.28 -26.03 -12.53
CA TYR A 426 50.46 -26.87 -13.39
C TYR A 426 51.32 -27.82 -14.23
N ARG A 427 52.51 -27.39 -14.64
CA ARG A 427 53.37 -28.28 -15.42
C ARG A 427 54.01 -29.36 -14.56
N ALA A 428 54.33 -29.06 -13.30
CA ALA A 428 54.99 -30.04 -12.44
C ALA A 428 54.09 -31.24 -12.18
N HIS A 429 52.86 -30.99 -11.73
CA HIS A 429 51.90 -32.04 -11.42
C HIS A 429 50.48 -31.50 -11.44
N PRO A 430 49.76 -31.64 -12.55
CA PRO A 430 48.45 -31.00 -12.69
C PRO A 430 47.30 -31.79 -12.10
N ASP A 431 47.58 -32.79 -11.25
CA ASP A 431 46.54 -33.59 -10.65
C ASP A 431 46.09 -33.07 -9.29
N TRP A 432 46.48 -31.85 -8.93
CA TRP A 432 46.03 -31.23 -7.69
C TRP A 432 44.84 -30.31 -7.88
N LEU A 433 44.30 -30.21 -9.09
CA LEU A 433 43.17 -29.35 -9.35
C LEU A 433 41.87 -30.03 -8.95
N ILE A 434 40.83 -29.21 -8.82
CA ILE A 434 39.49 -29.70 -8.44
C ILE A 434 38.68 -29.87 -9.72
N GLY A 435 38.12 -31.06 -9.91
CA GLY A 435 37.38 -31.35 -11.12
C GLY A 435 37.11 -32.83 -11.23
N ALA A 436 36.47 -33.20 -12.33
CA ALA A 436 36.07 -34.58 -12.58
C ALA A 436 36.70 -35.10 -13.87
N PRO A 437 36.95 -36.41 -13.96
CA PRO A 437 37.54 -36.96 -15.19
C PRO A 437 36.55 -36.90 -16.35
N ASP A 438 37.11 -36.71 -17.54
CA ASP A 438 36.38 -36.66 -18.81
C ASP A 438 35.40 -35.48 -18.88
N ARG A 439 35.45 -34.57 -17.93
CA ARG A 439 34.58 -33.41 -17.90
C ARG A 439 35.36 -32.16 -18.28
N PHE A 440 34.70 -31.25 -18.99
CA PHE A 440 35.30 -29.99 -19.34
C PHE A 440 35.61 -29.19 -18.07
N GLU A 441 36.69 -28.40 -18.13
CA GLU A 441 37.13 -27.59 -17.01
C GLU A 441 36.82 -26.12 -17.33
N SER A 442 35.79 -25.59 -16.67
CA SER A 442 35.40 -24.17 -16.90
C SER A 442 36.50 -23.22 -16.39
N HIS A 443 36.57 -22.01 -16.95
CA HIS A 443 37.58 -21.02 -16.51
C HIS A 443 36.88 -19.68 -16.24
N ALA A 444 37.14 -19.09 -15.06
CA ALA A 444 36.53 -17.78 -14.72
C ALA A 444 37.40 -16.66 -15.28
N ARG A 445 38.55 -16.39 -14.63
CA ARG A 445 39.43 -15.33 -15.10
C ARG A 445 40.77 -15.91 -15.52
N HIS A 446 40.75 -17.00 -16.27
CA HIS A 446 41.94 -17.73 -16.69
C HIS A 446 42.60 -18.48 -15.55
N GLN A 447 41.85 -18.81 -14.50
CA GLN A 447 42.42 -19.45 -13.33
C GLN A 447 41.48 -20.52 -12.81
N HIS A 448 42.04 -21.48 -12.07
CA HIS A 448 41.26 -22.65 -11.60
C HIS A 448 41.49 -22.82 -10.11
N VAL A 449 40.61 -23.53 -9.40
CA VAL A 449 40.78 -23.60 -7.91
C VAL A 449 41.75 -24.72 -7.53
N LEU A 450 42.44 -24.53 -6.41
CA LEU A 450 43.39 -25.52 -5.92
C LEU A 450 42.73 -26.34 -4.82
N ASP A 451 42.72 -27.66 -4.98
CA ASP A 451 41.92 -28.53 -4.14
C ASP A 451 42.48 -28.66 -2.73
N PHE A 452 42.01 -27.83 -1.80
CA PHE A 452 42.44 -27.90 -0.41
C PHE A 452 41.75 -28.99 0.38
N SER A 453 40.92 -29.83 -0.24
CA SER A 453 40.35 -30.96 0.47
C SER A 453 41.39 -31.98 0.89
N ARG A 454 42.61 -31.90 0.35
CA ARG A 454 43.71 -32.77 0.69
C ARG A 454 44.80 -31.98 1.41
N LYS A 455 45.49 -32.65 2.34
CA LYS A 455 46.42 -31.96 3.22
C LYS A 455 47.78 -31.72 2.57
N GLU A 456 48.20 -32.56 1.61
CA GLU A 456 49.53 -32.42 1.03
C GLU A 456 49.68 -31.10 0.28
N VAL A 457 48.64 -30.71 -0.47
CA VAL A 457 48.71 -29.48 -1.31
C VAL A 457 48.87 -28.26 -0.39
N VAL A 458 47.96 -28.07 0.56
CA VAL A 458 48.00 -26.87 1.43
C VAL A 458 49.38 -26.77 2.10
N ASP A 459 49.91 -27.90 2.57
CA ASP A 459 51.25 -27.90 3.21
C ASP A 459 52.25 -27.22 2.26
N TYR A 460 52.46 -27.81 1.08
CA TYR A 460 53.37 -27.20 0.08
C TYR A 460 53.13 -25.68 0.03
N ILE A 461 51.89 -25.28 -0.22
CA ILE A 461 51.55 -23.83 -0.31
C ILE A 461 52.23 -23.08 0.83
N TYR A 462 51.92 -23.44 2.08
CA TYR A 462 52.48 -22.71 3.25
C TYR A 462 53.98 -22.48 3.08
N LYS A 463 54.75 -23.56 2.96
CA LYS A 463 56.24 -23.40 2.88
C LYS A 463 56.60 -22.38 1.81
N MET A 464 56.09 -22.53 0.60
CA MET A 464 56.48 -21.63 -0.52
C MET A 464 56.30 -20.16 -0.14
N ILE A 465 55.46 -19.85 0.86
CA ILE A 465 55.20 -18.41 1.16
C ILE A 465 55.79 -18.05 2.53
N ALA A 466 55.78 -19.00 3.48
CA ALA A 466 56.32 -18.75 4.83
C ALA A 466 57.70 -18.08 4.72
N LYS A 467 58.52 -18.54 3.77
CA LYS A 467 59.89 -17.98 3.58
C LYS A 467 59.79 -16.48 3.26
N VAL A 468 58.97 -16.13 2.26
CA VAL A 468 58.85 -14.72 1.87
C VAL A 468 58.66 -13.84 3.09
N LEU A 469 57.87 -14.31 4.05
CA LEU A 469 57.68 -13.53 5.28
C LEU A 469 58.93 -13.54 6.15
N ARG A 470 59.65 -14.65 6.18
CA ARG A 470 60.80 -14.76 7.07
C ARG A 470 61.99 -13.93 6.59
N GLU A 471 62.32 -13.98 5.31
CA GLU A 471 63.48 -13.22 4.82
C GLU A 471 63.24 -11.73 4.93
N SER A 472 62.09 -11.25 4.46
CA SER A 472 61.81 -9.82 4.44
C SER A 472 61.19 -9.39 5.76
N SER A 473 60.77 -8.13 5.84
CA SER A 473 60.13 -7.56 7.03
C SER A 473 58.76 -7.01 6.61
N ILE A 474 57.75 -7.87 6.65
CA ILE A 474 56.40 -7.52 6.22
C ILE A 474 55.55 -7.28 7.45
N SER A 475 54.54 -6.42 7.30
CA SER A 475 53.65 -6.08 8.40
C SER A 475 52.18 -6.05 8.01
N TYR A 476 51.90 -6.38 6.77
CA TYR A 476 50.53 -6.30 6.29
C TYR A 476 50.40 -7.17 5.05
N ILE A 477 49.39 -8.05 5.00
CA ILE A 477 49.14 -8.91 3.81
C ILE A 477 47.66 -8.80 3.39
N LYS A 478 47.38 -8.80 2.09
CA LYS A 478 45.99 -8.74 1.57
C LYS A 478 45.71 -10.02 0.78
N TRP A 479 44.75 -10.84 1.21
CA TRP A 479 44.44 -12.12 0.55
C TRP A 479 43.23 -11.99 -0.39
N ASP A 480 43.44 -11.88 -1.72
CA ASP A 480 42.36 -11.71 -2.72
C ASP A 480 41.86 -13.10 -3.15
N MET A 481 40.60 -13.19 -3.60
CA MET A 481 40.06 -14.47 -4.13
C MET A 481 38.90 -14.12 -5.08
N ASN A 482 39.13 -14.23 -6.39
CA ASN A 482 38.09 -13.82 -7.38
C ASN A 482 37.70 -15.00 -8.28
N ARG A 483 37.08 -16.05 -7.72
CA ARG A 483 36.59 -17.16 -8.57
C ARG A 483 35.67 -18.07 -7.75
N TYR A 484 34.59 -18.56 -8.36
CA TYR A 484 33.67 -19.49 -7.65
C TYR A 484 34.13 -20.93 -7.90
N MET A 485 33.55 -21.89 -7.17
CA MET A 485 33.96 -23.28 -7.32
C MET A 485 33.03 -24.00 -8.29
N THR A 486 33.63 -24.72 -9.23
CA THR A 486 32.89 -25.49 -10.23
C THR A 486 33.29 -26.96 -10.14
N GLU A 487 32.35 -27.84 -10.54
CA GLU A 487 32.47 -29.29 -10.59
C GLU A 487 33.17 -29.86 -9.35
N PRO A 488 32.50 -29.86 -8.20
CA PRO A 488 33.17 -30.30 -6.96
C PRO A 488 33.42 -31.80 -6.90
N TYR A 489 34.51 -32.24 -7.53
CA TYR A 489 34.95 -33.62 -7.47
C TYR A 489 36.42 -33.65 -7.08
N SER A 490 36.83 -34.72 -6.40
CA SER A 490 38.19 -34.85 -5.89
C SER A 490 38.82 -36.15 -6.36
N ARG A 491 40.09 -36.06 -6.76
CA ARG A 491 40.80 -37.26 -7.21
C ARG A 491 41.16 -38.17 -6.04
N GLY A 492 41.55 -37.59 -4.92
CA GLY A 492 41.92 -38.38 -3.75
C GLY A 492 40.78 -38.64 -2.79
N ALA A 493 39.81 -39.46 -3.21
CA ALA A 493 38.68 -39.80 -2.37
C ALA A 493 37.98 -41.02 -2.95
N ASP A 494 37.39 -41.83 -2.06
CA ASP A 494 36.61 -42.97 -2.48
C ASP A 494 35.23 -42.53 -2.96
N ALA A 495 34.51 -43.45 -3.59
CA ALA A 495 33.18 -43.15 -4.12
C ALA A 495 32.19 -42.76 -3.02
N SER A 496 32.47 -43.12 -1.77
CA SER A 496 31.64 -42.74 -0.64
C SER A 496 32.20 -41.55 0.12
N GLN A 497 33.06 -40.75 -0.52
CA GLN A 497 33.64 -39.58 0.11
C GLN A 497 33.30 -38.28 -0.58
N GLN A 498 32.66 -38.31 -1.74
CA GLN A 498 32.15 -37.09 -2.34
C GLN A 498 30.95 -36.58 -1.55
N GLY A 499 30.76 -35.27 -1.59
CA GLY A 499 29.80 -34.61 -0.74
C GLY A 499 30.41 -33.97 0.50
N LYS A 500 31.62 -34.39 0.86
CA LYS A 500 32.38 -33.74 1.92
C LYS A 500 33.33 -32.68 1.40
N VAL A 501 33.51 -32.58 0.08
CA VAL A 501 34.54 -31.70 -0.46
C VAL A 501 34.19 -30.24 -0.24
N MET A 502 32.92 -29.88 -0.38
CA MET A 502 32.52 -28.48 -0.24
C MET A 502 32.59 -27.99 1.21
N HIS A 503 32.68 -28.91 2.18
CA HIS A 503 32.93 -28.57 3.58
C HIS A 503 34.40 -28.73 3.94
N LYS A 504 35.06 -29.75 3.41
CA LYS A 504 36.47 -29.96 3.67
C LYS A 504 37.32 -28.83 3.10
N TYR A 505 36.86 -28.19 2.03
CA TYR A 505 37.58 -27.05 1.49
C TYR A 505 37.60 -25.89 2.48
N ILE A 506 36.45 -25.57 3.06
CA ILE A 506 36.37 -24.51 4.06
C ILE A 506 37.19 -24.87 5.29
N LEU A 507 37.14 -26.14 5.69
CA LEU A 507 37.96 -26.56 6.84
C LEU A 507 39.44 -26.39 6.55
N GLY A 508 39.87 -26.71 5.32
CA GLY A 508 41.27 -26.56 4.96
C GLY A 508 41.72 -25.10 4.94
N VAL A 509 40.87 -24.22 4.42
CA VAL A 509 41.24 -22.80 4.41
C VAL A 509 41.28 -22.25 5.83
N TYR A 510 40.39 -22.72 6.70
CA TYR A 510 40.48 -22.35 8.12
C TYR A 510 41.80 -22.83 8.72
N ASP A 511 42.23 -24.04 8.38
CA ASP A 511 43.49 -24.56 8.89
C ASP A 511 44.68 -23.72 8.42
N LEU A 512 44.67 -23.33 7.14
CA LEU A 512 45.76 -22.49 6.63
C LEU A 512 45.80 -21.15 7.34
N TYR A 513 44.63 -20.52 7.54
CA TYR A 513 44.58 -19.28 8.31
C TYR A 513 45.14 -19.48 9.71
N THR A 514 44.76 -20.58 10.37
CA THR A 514 45.23 -20.83 11.73
C THR A 514 46.75 -20.98 11.77
N ARG A 515 47.32 -21.72 10.81
CA ARG A 515 48.77 -21.88 10.78
C ARG A 515 49.46 -20.52 10.61
N LEU A 516 49.05 -19.75 9.61
CA LEU A 516 49.71 -18.48 9.33
C LEU A 516 49.57 -17.51 10.50
N THR A 517 48.40 -17.47 11.13
CA THR A 517 48.20 -16.55 12.24
C THR A 517 48.98 -16.99 13.48
N THR A 518 49.07 -18.30 13.68
CA THR A 518 49.83 -18.84 14.83
C THR A 518 51.31 -18.46 14.69
N GLU A 519 51.90 -18.71 13.51
CA GLU A 519 53.34 -18.43 13.30
C GLU A 519 53.62 -16.93 13.40
N PHE A 520 52.84 -16.11 12.68
CA PHE A 520 53.09 -14.65 12.65
C PHE A 520 51.94 -13.91 13.34
N PRO A 521 51.97 -13.75 14.68
CA PRO A 521 50.92 -13.03 15.40
C PRO A 521 51.19 -11.53 15.41
N GLU A 522 52.07 -11.06 14.52
CA GLU A 522 52.42 -9.64 14.46
C GLU A 522 51.98 -8.99 13.14
N ILE A 523 51.16 -9.67 12.34
CA ILE A 523 50.79 -9.20 11.01
C ILE A 523 49.28 -8.97 10.97
N LEU A 524 48.89 -7.80 10.49
CA LEU A 524 47.49 -7.54 10.20
C LEU A 524 47.10 -8.18 8.88
N PHE A 525 45.93 -8.80 8.84
CA PHE A 525 45.47 -9.51 7.67
C PHE A 525 44.27 -8.80 7.04
N GLU A 526 44.21 -8.78 5.73
CA GLU A 526 43.12 -8.14 4.99
C GLU A 526 42.50 -9.18 4.09
N SER A 527 41.22 -9.46 4.34
CA SER A 527 40.48 -10.47 3.54
C SER A 527 39.84 -9.76 2.35
N CYS A 528 39.71 -10.46 1.23
CA CYS A 528 39.17 -9.84 0.01
C CYS A 528 38.62 -10.93 -0.90
N ALA A 529 37.34 -10.88 -1.21
CA ALA A 529 36.77 -11.84 -2.19
C ALA A 529 36.30 -11.02 -3.37
N SER A 530 37.24 -10.38 -4.08
CA SER A 530 36.85 -9.47 -5.19
C SER A 530 36.11 -8.26 -4.61
N GLY A 531 36.20 -8.01 -3.30
CA GLY A 531 35.49 -6.83 -2.82
C GLY A 531 34.17 -7.11 -2.14
N GLY A 532 34.13 -7.98 -1.13
CA GLY A 532 32.87 -8.11 -0.38
C GLY A 532 32.03 -9.34 -0.67
N ALA A 533 32.59 -10.40 -1.25
CA ALA A 533 31.83 -11.65 -1.43
C ALA A 533 32.03 -12.60 -0.24
N ARG A 534 32.92 -12.27 0.68
CA ARG A 534 33.14 -13.11 1.88
C ARG A 534 33.23 -12.21 3.12
N PHE A 535 32.13 -11.50 3.44
CA PHE A 535 32.10 -10.60 4.62
C PHE A 535 31.59 -11.37 5.83
N ASP A 536 31.47 -12.70 5.71
CA ASP A 536 30.93 -13.53 6.82
C ASP A 536 31.77 -13.33 8.08
N PRO A 537 31.16 -13.34 9.29
CA PRO A 537 31.88 -13.08 10.54
C PRO A 537 32.97 -14.14 10.80
N ALA A 538 32.73 -15.39 10.37
CA ALA A 538 33.75 -16.45 10.53
C ALA A 538 35.10 -15.94 10.04
N MET A 539 35.09 -14.93 9.16
CA MET A 539 36.35 -14.37 8.62
C MET A 539 36.80 -13.28 9.58
N LEU A 540 35.87 -12.47 10.09
CA LEU A 540 36.18 -11.46 11.10
C LEU A 540 36.85 -12.08 12.32
N TYR A 541 36.59 -13.35 12.58
CA TYR A 541 37.30 -14.06 13.64
C TYR A 541 38.74 -14.32 13.27
N PHE A 542 39.03 -14.48 11.97
CA PHE A 542 40.39 -14.75 11.51
C PHE A 542 41.13 -13.50 11.02
N ALA A 543 40.44 -12.61 10.29
CA ALA A 543 41.04 -11.38 9.80
C ALA A 543 40.26 -10.19 10.35
N PRO A 544 40.89 -9.28 11.10
CA PRO A 544 40.12 -8.22 11.78
C PRO A 544 39.35 -7.30 10.85
N GLN A 545 39.85 -7.02 9.64
CA GLN A 545 39.18 -6.10 8.74
C GLN A 545 39.19 -6.66 7.33
N THR A 546 38.23 -6.18 6.53
CA THR A 546 38.04 -6.64 5.17
C THR A 546 37.85 -5.45 4.23
N TRP A 547 37.94 -5.73 2.94
CA TRP A 547 37.65 -4.74 1.91
C TRP A 547 36.15 -4.77 1.62
N THR A 548 35.47 -3.65 1.86
CA THR A 548 34.01 -3.64 1.81
C THR A 548 33.49 -3.86 0.40
N SER A 549 34.08 -3.13 -0.58
CA SER A 549 33.56 -3.17 -1.96
C SER A 549 34.57 -2.56 -2.94
N ASP A 550 34.56 -2.99 -4.20
CA ASP A 550 35.47 -2.43 -5.23
C ASP A 550 34.78 -1.27 -5.95
N ASP A 551 34.01 -0.45 -5.22
CA ASP A 551 33.28 0.70 -5.85
C ASP A 551 34.07 1.99 -5.62
N THR A 552 34.36 2.34 -4.37
CA THR A 552 35.14 3.57 -4.05
C THR A 552 34.44 4.81 -4.64
N ASP A 553 33.11 4.85 -4.60
CA ASP A 553 32.37 6.05 -5.07
C ASP A 553 31.57 6.62 -3.90
N ALA A 554 31.81 7.89 -3.52
CA ALA A 554 31.14 8.40 -2.31
C ALA A 554 29.63 8.29 -2.49
N SER A 555 29.15 8.35 -3.73
CA SER A 555 27.69 8.29 -4.01
C SER A 555 27.16 6.88 -3.76
N GLU A 556 27.91 5.85 -4.19
CA GLU A 556 27.48 4.44 -4.02
C GLU A 556 27.98 3.81 -2.71
N ARG A 557 29.00 4.36 -2.04
CA ARG A 557 29.54 3.74 -0.84
C ARG A 557 28.67 4.04 0.38
N THR A 558 28.00 5.19 0.41
CA THR A 558 27.02 5.43 1.46
C THR A 558 25.88 4.43 1.38
N LYS A 559 25.41 4.16 0.16
CA LYS A 559 24.35 3.18 -0.06
C LYS A 559 24.76 1.80 0.43
N ILE A 560 26.02 1.41 0.16
CA ILE A 560 26.50 0.08 0.56
C ILE A 560 26.75 0.01 2.07
N GLN A 561 27.35 1.05 2.64
CA GLN A 561 27.72 1.01 4.06
C GLN A 561 26.50 1.12 4.96
N TYR A 562 25.44 1.82 4.52
CA TYR A 562 24.22 1.85 5.30
C TYR A 562 23.64 0.44 5.47
N GLY A 563 23.63 -0.34 4.39
CA GLY A 563 23.18 -1.71 4.49
C GLY A 563 24.14 -2.59 5.29
N THR A 564 25.44 -2.40 5.09
CA THR A 564 26.41 -3.23 5.79
C THR A 564 26.36 -3.05 7.30
N SER A 565 26.11 -1.82 7.75
CA SER A 565 26.19 -1.52 9.17
C SER A 565 25.05 -2.11 9.99
N TYR A 566 24.14 -2.88 9.40
CA TYR A 566 23.08 -3.51 10.19
C TYR A 566 23.64 -4.50 11.20
N VAL A 567 24.68 -5.25 10.80
CA VAL A 567 25.22 -6.31 11.66
C VAL A 567 26.73 -6.22 11.85
N TYR A 568 27.48 -5.57 10.98
CA TYR A 568 28.94 -5.59 11.06
C TYR A 568 29.51 -4.27 11.54
N PRO A 569 30.49 -4.31 12.46
CA PRO A 569 31.00 -3.06 13.05
C PRO A 569 31.73 -2.18 12.04
N VAL A 570 31.84 -0.90 12.41
CA VAL A 570 32.46 0.09 11.54
C VAL A 570 33.94 -0.19 11.34
N VAL A 571 34.62 -0.71 12.37
CA VAL A 571 36.05 -1.01 12.27
C VAL A 571 36.32 -2.00 11.15
N SER A 572 35.42 -2.97 10.95
CA SER A 572 35.63 -4.01 9.95
C SER A 572 35.66 -3.43 8.54
N MET A 573 34.79 -2.47 8.26
CA MET A 573 34.67 -1.94 6.90
C MET A 573 35.92 -1.18 6.50
N GLY A 574 36.37 -1.40 5.27
CA GLY A 574 37.54 -0.75 4.72
C GLY A 574 37.15 0.21 3.61
N SER A 575 37.71 1.42 3.67
CA SER A 575 37.35 2.49 2.74
C SER A 575 38.60 3.20 2.27
N HIS A 576 38.50 3.81 1.08
CA HIS A 576 39.63 4.50 0.47
C HIS A 576 39.12 5.72 -0.29
N VAL A 577 39.99 6.72 -0.47
CA VAL A 577 39.66 7.91 -1.31
C VAL A 577 40.36 7.68 -2.64
N SER A 578 39.74 8.03 -3.77
CA SER A 578 40.34 7.70 -5.09
C SER A 578 40.19 8.84 -6.08
N ALA A 579 40.65 8.65 -7.32
CA ALA A 579 40.63 9.73 -8.34
C ALA A 579 39.19 10.15 -8.66
N VAL A 580 39.02 11.25 -9.40
CA VAL A 580 37.64 11.79 -9.60
C VAL A 580 36.98 11.22 -10.87
N PRO A 581 37.65 11.08 -12.03
CA PRO A 581 37.04 10.43 -13.18
C PRO A 581 36.89 8.95 -12.76
N ASN A 582 35.73 8.58 -12.20
CA ASN A 582 35.57 7.21 -11.65
C ASN A 582 35.81 6.16 -12.74
N HIS A 583 36.20 4.94 -12.33
CA HIS A 583 36.44 3.84 -13.29
C HIS A 583 35.20 2.95 -13.37
N GLN A 584 34.50 2.75 -12.25
CA GLN A 584 33.32 1.85 -12.24
C GLN A 584 32.08 2.62 -12.73
N MET A 585 31.93 3.88 -12.34
CA MET A 585 30.73 4.66 -12.71
C MET A 585 31.13 5.89 -13.55
N HIS A 586 32.41 6.28 -13.48
CA HIS A 586 32.90 7.43 -14.28
C HIS A 586 32.19 8.72 -13.85
N ARG A 587 31.80 8.81 -12.58
CA ARG A 587 31.15 10.04 -12.07
C ARG A 587 32.20 10.92 -11.36
N MET A 588 31.95 12.23 -11.27
CA MET A 588 32.94 13.14 -10.65
C MET A 588 32.30 13.76 -9.39
N THR A 589 33.05 13.85 -8.30
CA THR A 589 32.48 14.33 -7.02
C THR A 589 33.44 15.34 -6.40
N PRO A 590 33.02 16.16 -5.41
CA PRO A 590 33.94 17.07 -4.73
C PRO A 590 34.91 16.24 -3.88
N ILE A 591 36.14 16.73 -3.67
CA ILE A 591 37.18 15.98 -2.90
C ILE A 591 36.80 15.93 -1.42
N GLU A 592 35.94 16.83 -0.96
CA GLU A 592 35.60 16.91 0.48
C GLU A 592 34.49 15.91 0.76
N THR A 593 33.72 15.53 -0.27
CA THR A 593 32.69 14.51 -0.08
C THR A 593 33.31 13.13 0.06
N ARG A 594 34.31 12.82 -0.77
CA ARG A 594 35.00 11.54 -0.68
C ARG A 594 35.63 11.38 0.70
N ALA A 595 36.31 12.42 1.18
CA ALA A 595 36.91 12.37 2.51
C ALA A 595 35.85 12.17 3.59
N ASN A 596 34.72 12.87 3.47
CA ASN A 596 33.67 12.75 4.48
C ASN A 596 33.10 11.35 4.53
N VAL A 597 32.91 10.71 3.37
CA VAL A 597 32.40 9.35 3.37
C VAL A 597 33.44 8.37 3.91
N ALA A 598 34.72 8.61 3.61
CA ALA A 598 35.76 7.66 4.00
C ALA A 598 36.07 7.68 5.49
N TYR A 599 35.62 8.69 6.24
CA TYR A 599 35.99 8.80 7.65
C TYR A 599 35.41 7.65 8.47
N PHE A 600 34.17 7.24 8.17
CA PHE A 600 33.47 6.26 8.99
C PHE A 600 33.86 4.86 8.55
N GLY A 601 35.04 4.44 8.98
CA GLY A 601 35.59 3.14 8.64
C GLY A 601 37.07 3.09 8.91
N THR A 602 37.85 2.64 7.94
CA THR A 602 39.29 2.73 7.97
C THR A 602 39.74 3.66 6.85
N PHE A 603 40.52 4.69 7.20
CA PHE A 603 40.96 5.66 6.23
C PHE A 603 42.06 5.09 5.35
N GLY A 604 42.17 5.62 4.14
CA GLY A 604 43.20 5.17 3.21
C GLY A 604 43.09 5.93 1.90
N TYR A 605 44.10 5.72 1.06
CA TYR A 605 44.17 6.39 -0.23
C TYR A 605 44.54 5.40 -1.32
N GLU A 606 44.00 5.65 -2.52
CA GLU A 606 44.30 4.89 -3.73
C GLU A 606 44.65 5.86 -4.85
N LEU A 607 45.51 6.82 -4.54
CA LEU A 607 45.78 7.95 -5.40
C LEU A 607 47.26 8.00 -5.77
N ASP A 608 47.57 8.89 -6.71
CA ASP A 608 48.94 9.28 -7.03
C ASP A 608 49.11 10.69 -6.48
N LEU A 609 49.73 10.80 -5.31
CA LEU A 609 49.77 12.06 -4.58
C LEU A 609 50.64 13.11 -5.24
N ASN A 610 51.42 12.74 -6.26
CA ASN A 610 52.24 13.71 -6.98
C ASN A 610 51.53 14.31 -8.19
N LEU A 611 50.43 13.71 -8.65
CA LEU A 611 49.68 14.24 -9.78
C LEU A 611 48.66 15.28 -9.37
N LEU A 612 48.30 15.34 -8.09
CA LEU A 612 47.28 16.31 -7.59
C LEU A 612 47.86 17.73 -7.62
N SER A 613 47.00 18.75 -7.60
CA SER A 613 47.45 20.17 -7.65
C SER A 613 47.75 20.66 -6.23
N GLU A 614 48.53 21.74 -6.09
CA GLU A 614 48.97 22.21 -4.75
C GLU A 614 47.78 22.72 -3.91
N ALA A 615 46.68 23.08 -4.57
CA ALA A 615 45.47 23.54 -3.84
C ALA A 615 44.62 22.35 -3.37
N GLU A 616 45.06 21.12 -3.62
CA GLU A 616 44.33 19.95 -3.07
C GLU A 616 45.30 19.06 -2.30
N LEU A 617 46.60 19.24 -2.51
CA LEU A 617 47.58 18.47 -1.70
C LEU A 617 47.65 19.13 -0.32
N GLU A 618 46.84 20.16 -0.08
CA GLU A 618 46.78 20.81 1.26
C GLU A 618 45.46 20.42 1.92
N SER A 619 44.51 19.88 1.14
CA SER A 619 43.27 19.33 1.75
C SER A 619 43.58 17.93 2.26
N VAL A 620 44.46 17.21 1.56
CA VAL A 620 44.87 15.84 1.98
C VAL A 620 45.62 15.92 3.30
N LYS A 621 46.29 17.04 3.58
CA LYS A 621 47.11 17.17 4.81
C LYS A 621 46.19 17.39 6.01
N LYS A 622 45.08 18.11 5.84
CA LYS A 622 44.07 18.38 6.85
C LYS A 622 43.18 17.16 7.08
N GLN A 623 42.87 16.43 6.00
CA GLN A 623 42.08 15.21 6.13
C GLN A 623 42.80 14.20 7.01
N ILE A 624 44.09 14.00 6.77
CA ILE A 624 44.85 13.02 7.56
C ILE A 624 44.93 13.46 9.02
N ALA A 625 45.15 14.75 9.25
CA ALA A 625 45.21 15.25 10.63
C ALA A 625 43.89 15.03 11.36
N PHE A 626 42.77 15.34 10.70
CA PHE A 626 41.46 15.14 11.31
C PHE A 626 41.23 13.67 11.62
N MET A 627 41.56 12.79 10.67
CA MET A 627 41.30 11.37 10.86
C MET A 627 42.13 10.81 12.01
N LYS A 628 43.41 11.18 12.10
CA LYS A 628 44.21 10.65 13.19
C LYS A 628 43.93 11.37 14.51
N GLU A 629 43.20 12.49 14.48
CA GLU A 629 42.70 13.06 15.73
C GLU A 629 41.46 12.33 16.23
N TYR A 630 40.59 11.90 15.33
CA TYR A 630 39.27 11.39 15.73
C TYR A 630 39.09 9.89 15.59
N ARG A 631 40.10 9.15 15.12
CA ARG A 631 39.92 7.72 14.93
C ARG A 631 39.67 6.98 16.23
N GLU A 632 40.18 7.50 17.35
CA GLU A 632 39.96 6.82 18.64
C GLU A 632 38.49 6.80 19.00
N LEU A 633 37.79 7.92 18.83
CA LEU A 633 36.35 7.95 19.04
C LEU A 633 35.64 7.13 17.97
N ILE A 634 36.05 7.27 16.71
CA ILE A 634 35.26 6.70 15.62
C ILE A 634 35.30 5.18 15.65
N GLN A 635 36.45 4.58 15.94
CA GLN A 635 36.62 3.15 15.72
C GLN A 635 36.31 2.31 16.97
N VAL A 636 37.06 2.51 18.05
CA VAL A 636 37.10 1.51 19.11
C VAL A 636 36.11 1.81 20.23
N ASP A 637 35.80 3.08 20.47
CA ASP A 637 34.98 3.49 21.61
C ASP A 637 33.88 4.42 21.13
N GLY A 638 32.68 3.89 20.96
CA GLY A 638 31.57 4.70 20.50
C GLY A 638 30.40 3.83 20.09
N ASP A 639 29.28 4.51 19.82
CA ASP A 639 28.04 3.87 19.40
C ASP A 639 27.57 4.47 18.09
N PHE A 640 27.05 3.63 17.21
CA PHE A 640 26.65 4.04 15.87
C PHE A 640 25.14 4.17 15.79
N TYR A 641 24.66 5.33 15.33
CA TYR A 641 23.24 5.58 15.12
C TYR A 641 23.01 5.93 13.66
N ARG A 642 22.00 5.31 13.05
CA ARG A 642 21.56 5.66 11.72
C ARG A 642 20.34 6.56 11.82
N LEU A 643 20.36 7.67 11.10
CA LEU A 643 19.35 8.72 11.24
C LEU A 643 18.44 8.86 10.03
N LEU A 644 18.98 8.82 8.81
CA LEU A 644 18.15 8.93 7.61
C LEU A 644 18.51 7.82 6.63
N SER A 645 17.50 7.34 5.90
CA SER A 645 17.65 6.17 5.05
C SER A 645 17.84 6.59 3.61
N PRO A 646 18.91 6.15 2.93
CA PRO A 646 19.05 6.44 1.50
C PRO A 646 18.14 5.59 0.62
N PHE A 647 17.52 4.55 1.17
CA PHE A 647 16.62 3.71 0.42
C PHE A 647 15.22 4.30 0.30
N GLU A 648 14.88 5.28 1.13
CA GLU A 648 13.60 5.98 1.03
C GLU A 648 13.86 7.48 1.19
N GLY A 649 14.15 8.14 0.07
CA GLY A 649 14.37 9.57 0.06
C GLY A 649 15.62 9.93 -0.71
N ASN A 650 16.03 11.20 -0.58
CA ASN A 650 17.16 11.74 -1.31
C ASN A 650 18.37 12.04 -0.43
N GLU A 651 18.24 11.97 0.88
CA GLU A 651 19.30 12.32 1.81
C GLU A 651 19.68 11.14 2.68
N THR A 652 20.93 11.15 3.15
CA THR A 652 21.43 10.17 4.08
C THR A 652 22.06 10.90 5.26
N ALA A 653 22.01 10.28 6.44
CA ALA A 653 22.56 10.94 7.61
C ALA A 653 22.80 9.92 8.70
N TRP A 654 23.99 9.96 9.30
CA TRP A 654 24.28 9.17 10.50
C TRP A 654 25.20 9.94 11.44
N MET A 655 25.57 9.30 12.54
CA MET A 655 26.40 9.93 13.56
C MET A 655 26.99 8.86 14.47
N VAL A 656 28.05 9.22 15.18
CA VAL A 656 28.65 8.35 16.18
C VAL A 656 28.91 9.15 17.45
N VAL A 657 28.60 8.54 18.60
CA VAL A 657 28.59 9.19 19.90
C VAL A 657 29.44 8.37 20.87
N ALA A 658 30.19 9.05 21.73
CA ALA A 658 30.98 8.38 22.74
C ALA A 658 30.08 7.70 23.77
N GLN A 659 30.69 6.83 24.58
CA GLN A 659 29.91 6.03 25.52
C GLN A 659 29.45 6.85 26.71
N ASP A 660 30.20 7.88 27.10
CA ASP A 660 29.82 8.75 28.20
C ASP A 660 29.00 9.95 27.75
N LYS A 661 28.68 10.04 26.45
CA LYS A 661 27.88 11.13 25.89
C LYS A 661 28.52 12.48 26.17
N SER A 662 29.81 12.60 25.84
CA SER A 662 30.54 13.85 25.97
C SER A 662 31.18 14.30 24.67
N ARG A 663 31.05 13.54 23.59
CA ARG A 663 31.68 13.87 22.33
C ARG A 663 30.97 13.10 21.23
N ALA A 664 30.78 13.73 20.08
CA ALA A 664 30.05 13.08 18.99
C ALA A 664 30.37 13.79 17.68
N VAL A 665 30.23 13.05 16.59
CA VAL A 665 30.40 13.61 15.25
C VAL A 665 29.30 13.07 14.34
N ALA A 666 28.70 13.96 13.55
CA ALA A 666 27.55 13.63 12.72
C ALA A 666 27.80 14.06 11.28
N ALA A 667 27.24 13.29 10.35
CA ALA A 667 27.43 13.50 8.93
C ALA A 667 26.11 13.44 8.17
N PHE A 668 25.99 14.33 7.20
CA PHE A 668 24.77 14.52 6.41
C PHE A 668 25.14 14.63 4.94
N TYR A 669 24.64 13.71 4.11
CA TYR A 669 24.95 13.65 2.68
C TYR A 669 23.68 13.81 1.86
N GLN A 670 23.84 14.42 0.68
CA GLN A 670 22.74 14.66 -0.24
C GLN A 670 23.11 14.10 -1.61
N ARG A 671 22.09 13.67 -2.37
CA ARG A 671 22.31 12.99 -3.65
C ARG A 671 22.16 13.91 -4.85
N MET A 672 21.00 14.56 -5.00
CA MET A 672 20.72 15.39 -6.15
C MET A 672 20.32 16.79 -5.69
N ASN A 673 20.76 17.80 -6.45
CA ASN A 673 20.45 19.18 -6.11
C ASN A 673 18.98 19.47 -6.37
N LYS A 674 18.37 20.18 -5.43
CA LYS A 674 16.98 20.61 -5.55
C LYS A 674 16.93 22.13 -5.66
N VAL A 675 16.04 22.62 -6.52
CA VAL A 675 15.88 24.04 -6.77
C VAL A 675 14.58 24.52 -6.12
N ASN A 676 14.67 25.61 -5.36
CA ASN A 676 13.51 26.25 -4.73
C ASN A 676 12.72 25.26 -3.89
N ALA A 677 13.39 24.68 -2.91
CA ALA A 677 12.84 23.60 -2.11
C ALA A 677 12.50 24.08 -0.70
N SER A 678 12.09 23.15 0.15
CA SER A 678 11.59 23.43 1.48
C SER A 678 12.72 23.64 2.48
N TRP A 679 12.34 24.07 3.68
CA TRP A 679 13.28 24.12 4.79
C TRP A 679 13.61 22.70 5.24
N ILE A 680 14.87 22.48 5.59
CA ILE A 680 15.35 21.16 6.01
C ILE A 680 15.99 21.29 7.38
N ARG A 681 15.60 20.39 8.28
CA ARG A 681 16.14 20.30 9.64
C ARG A 681 16.99 19.04 9.76
N PHE A 682 17.56 18.83 10.95
CA PHE A 682 18.46 17.71 11.16
C PHE A 682 18.44 17.38 12.66
N LYS A 683 17.74 16.31 13.03
CA LYS A 683 17.61 15.90 14.42
C LYS A 683 18.57 14.76 14.72
N LEU A 684 19.16 14.79 15.91
CA LEU A 684 20.08 13.78 16.38
C LEU A 684 19.37 12.88 17.40
N GLN A 685 19.96 11.70 17.64
CA GLN A 685 19.27 10.69 18.42
C GLN A 685 19.93 10.38 19.75
N GLY A 686 21.20 10.01 19.77
CA GLY A 686 21.79 9.55 21.01
C GLY A 686 22.64 10.58 21.71
N LEU A 687 22.07 11.21 22.73
CA LEU A 687 22.76 12.26 23.49
C LEU A 687 22.22 12.22 24.92
N ASP A 688 22.48 13.28 25.67
CA ASP A 688 22.07 13.37 27.07
C ASP A 688 21.31 14.68 27.28
N ALA A 689 20.02 14.58 27.59
CA ALA A 689 19.25 15.77 27.93
C ALA A 689 19.73 16.33 29.27
N GLY A 690 19.90 17.64 29.32
CA GLY A 690 20.49 18.28 30.47
C GLY A 690 21.97 18.59 30.35
N THR A 691 22.56 18.40 29.18
CA THR A 691 23.96 18.73 28.90
C THR A 691 24.00 19.91 27.95
N LEU A 692 25.16 20.57 27.90
CA LEU A 692 25.27 21.87 27.23
C LEU A 692 26.32 21.82 26.12
N TYR A 693 26.18 20.83 25.24
CA TYR A 693 27.09 20.70 24.11
C TYR A 693 27.22 22.00 23.33
N GLU A 694 28.36 22.17 22.70
CA GLU A 694 28.57 23.20 21.69
C GLU A 694 28.78 22.52 20.35
N VAL A 695 28.27 23.14 19.28
CA VAL A 695 28.23 22.56 17.95
C VAL A 695 29.17 23.35 17.05
N SER A 696 30.01 22.64 16.30
CA SER A 696 30.96 23.27 15.39
C SER A 696 30.84 22.65 14.01
N CYS A 697 30.85 23.51 12.99
CA CYS A 697 30.77 23.10 11.60
C CYS A 697 31.67 23.99 10.76
N ASP A 698 32.01 23.51 9.56
CA ASP A 698 32.84 24.24 8.63
C ASP A 698 32.08 24.43 7.32
N MET A 699 31.96 25.69 6.88
CA MET A 699 31.22 26.01 5.67
C MET A 699 32.10 26.68 4.64
N ALA A 700 33.29 26.13 4.42
CA ALA A 700 34.24 26.74 3.49
C ALA A 700 33.78 26.53 2.05
N PRO A 701 33.58 27.60 1.28
CA PRO A 701 33.21 27.41 -0.14
C PRO A 701 34.38 26.92 -0.97
N SER A 702 34.24 25.69 -1.44
CA SER A 702 35.35 25.07 -2.22
C SER A 702 35.32 25.53 -3.68
N ALA A 703 36.24 24.99 -4.49
CA ALA A 703 36.33 25.40 -5.90
C ALA A 703 35.05 24.97 -6.61
N SER A 704 34.82 25.45 -7.84
CA SER A 704 33.55 25.15 -8.55
C SER A 704 32.42 25.96 -7.93
N TYR A 705 32.67 27.21 -7.55
CA TYR A 705 31.57 28.06 -7.05
C TYR A 705 31.66 29.43 -7.73
N ASP A 706 30.65 29.77 -8.53
CA ASP A 706 30.66 31.07 -9.26
C ASP A 706 29.94 32.09 -8.41
N GLU A 707 30.63 32.63 -7.40
CA GLU A 707 30.06 33.69 -6.55
C GLU A 707 29.71 34.92 -7.39
N SER A 708 30.10 34.91 -8.67
CA SER A 708 29.84 36.06 -9.57
C SER A 708 28.47 35.91 -10.23
N LEU A 709 27.84 34.75 -10.04
CA LEU A 709 26.52 34.47 -10.64
C LEU A 709 25.49 34.47 -9.52
N ALA A 710 25.91 34.08 -8.32
CA ALA A 710 25.00 34.05 -7.15
C ALA A 710 24.58 35.48 -6.82
N LYS A 711 25.35 36.47 -7.28
CA LYS A 711 24.99 37.90 -7.07
C LYS A 711 23.77 38.25 -7.93
N ILE A 712 23.80 37.92 -9.21
CA ILE A 712 22.68 38.27 -10.15
C ILE A 712 21.37 37.69 -9.59
N TYR A 713 21.34 36.40 -9.27
CA TYR A 713 20.08 35.76 -8.82
C TYR A 713 19.67 36.29 -7.45
N GLY A 714 20.42 37.25 -6.90
CA GLY A 714 20.05 37.89 -5.63
C GLY A 714 20.39 37.05 -4.41
N ILE A 715 20.99 35.88 -4.61
CA ILE A 715 21.31 34.97 -3.48
C ILE A 715 22.61 35.41 -2.80
N VAL A 722 30.93 32.75 11.86
CA VAL A 722 30.34 32.18 13.11
C VAL A 722 29.65 30.85 12.77
N LYS A 723 30.07 29.76 13.42
CA LYS A 723 29.35 28.47 13.23
C LYS A 723 29.24 27.76 14.58
N THR A 724 29.75 28.39 15.64
CA THR A 724 29.64 27.79 17.01
C THR A 724 28.39 28.31 17.72
N TYR A 725 27.50 27.41 18.13
CA TYR A 725 26.28 27.81 18.86
C TYR A 725 26.14 26.78 19.98
N ARG A 726 25.59 27.14 21.15
CA ARG A 726 25.58 26.14 22.24
C ARG A 726 24.16 25.77 22.63
N ALA A 727 23.80 24.48 22.57
CA ALA A 727 22.39 24.13 22.87
C ALA A 727 22.33 22.91 23.79
N TYR A 728 21.13 22.58 24.29
CA TYR A 728 20.98 21.40 25.11
C TYR A 728 20.66 20.18 24.25
N GLY A 729 20.81 19.00 24.83
CA GLY A 729 20.45 17.77 24.12
C GLY A 729 18.97 17.74 23.75
N ASP A 730 18.13 18.30 24.62
CA ASP A 730 16.71 18.46 24.34
C ASP A 730 16.47 19.09 22.97
N GLU A 731 17.00 20.30 22.77
CA GLU A 731 16.76 21.00 21.51
C GLU A 731 17.35 20.25 20.34
N LEU A 732 18.56 19.70 20.50
CA LEU A 732 19.18 18.97 19.40
C LEU A 732 18.42 17.72 19.04
N MET A 733 17.58 17.20 19.94
CA MET A 733 16.80 16.01 19.63
C MET A 733 15.42 16.36 19.07
N GLN A 734 14.63 17.14 19.82
CA GLN A 734 13.28 17.46 19.36
C GLN A 734 13.26 18.46 18.21
N VAL A 735 14.09 19.50 18.28
CA VAL A 735 14.04 20.56 17.28
C VAL A 735 14.98 20.24 16.13
N GLY A 736 16.27 20.17 16.40
CA GLY A 736 17.26 19.83 15.41
C GLY A 736 18.13 21.01 15.04
N ILE A 737 18.99 20.79 14.06
CA ILE A 737 19.95 21.77 13.55
C ILE A 737 19.43 22.29 12.22
N PRO A 738 19.16 23.59 12.08
CA PRO A 738 18.69 24.12 10.80
C PRO A 738 19.77 24.02 9.73
N ILE A 739 19.38 23.48 8.58
CA ILE A 739 20.26 23.36 7.42
C ILE A 739 19.78 24.35 6.36
N ASP A 740 20.72 25.11 5.80
CA ASP A 740 20.41 26.08 4.75
C ASP A 740 20.78 25.48 3.39
N ARG A 741 19.83 25.46 2.47
CA ARG A 741 20.06 24.88 1.16
C ARG A 741 21.01 25.71 0.31
N GLU A 742 21.26 26.97 0.68
CA GLU A 742 22.30 27.75 0.03
C GLU A 742 23.70 27.36 0.50
N ASP A 743 23.82 26.81 1.70
CA ASP A 743 25.13 26.42 2.21
C ASP A 743 25.68 25.21 1.46
N LEU A 744 24.87 24.18 1.28
CA LEU A 744 25.30 22.97 0.59
C LEU A 744 25.29 23.14 -0.93
N ASN A 745 25.07 24.35 -1.43
CA ASN A 745 25.29 24.67 -2.83
C ASN A 745 26.71 25.14 -3.11
N LYS A 746 27.39 25.67 -2.09
CA LYS A 746 28.80 26.01 -2.21
C LYS A 746 29.71 24.80 -2.03
N LYS A 747 29.17 23.70 -1.48
CA LYS A 747 29.93 22.47 -1.27
C LYS A 747 30.00 21.59 -2.51
N GLY A 748 29.56 22.11 -3.66
CA GLY A 748 29.56 21.33 -4.89
C GLY A 748 28.21 21.32 -5.55
N GLY A 749 27.14 21.28 -4.74
CA GLY A 749 25.80 21.29 -5.25
C GLY A 749 25.19 19.92 -5.47
N ASP A 750 25.78 19.14 -6.38
CA ASP A 750 25.15 17.88 -6.78
C ASP A 750 25.29 16.82 -5.70
N PHE A 751 26.53 16.42 -5.40
CA PHE A 751 26.82 15.53 -4.29
C PHE A 751 27.51 16.35 -3.21
N ALA A 752 26.85 16.52 -2.06
CA ALA A 752 27.33 17.42 -1.02
C ALA A 752 27.22 16.74 0.34
N SER A 753 28.05 17.21 1.27
CA SER A 753 28.14 16.62 2.59
C SER A 753 28.40 17.70 3.62
N LEU A 754 28.11 17.37 4.88
CA LEU A 754 28.40 18.25 6.01
C LEU A 754 28.71 17.41 7.24
N LEU A 755 29.75 17.82 7.98
CA LEU A 755 30.08 17.23 9.27
C LEU A 755 29.94 18.25 10.39
N TYR A 756 29.40 17.78 11.51
CA TYR A 756 29.22 18.57 12.71
C TYR A 756 29.91 17.86 13.86
N THR A 757 30.56 18.63 14.73
CA THR A 757 31.25 18.10 15.89
C THR A 757 30.67 18.71 17.15
N LEU A 758 30.34 17.86 18.12
CA LEU A 758 29.71 18.31 19.35
C LEU A 758 30.68 18.13 20.52
N LYS A 759 30.60 19.05 21.47
CA LYS A 759 31.52 19.05 22.61
C LYS A 759 30.74 19.29 23.89
N LYS A 760 31.32 18.83 25.01
CA LYS A 760 30.56 18.69 26.25
C LYS A 760 30.04 20.03 26.76
N VAL A 761 30.91 21.02 26.90
CA VAL A 761 30.51 22.28 27.53
C VAL A 761 30.39 23.41 26.51
N ALA B 2 3.94 27.51 32.76
CA ALA B 2 4.22 28.90 33.10
C ALA B 2 4.40 29.75 31.85
N VAL B 3 4.43 31.07 32.03
CA VAL B 3 4.57 32.00 30.92
C VAL B 3 5.78 32.90 31.20
N ILE B 4 6.69 32.98 30.24
CA ILE B 4 7.91 33.77 30.35
C ILE B 4 7.97 34.67 29.13
N PHE B 5 8.60 35.84 29.28
CA PHE B 5 8.59 36.86 28.24
C PHE B 5 9.90 36.99 27.48
N HIS B 6 11.05 37.10 28.16
CA HIS B 6 12.32 37.44 27.50
C HIS B 6 12.19 38.75 26.73
N GLU B 7 12.01 39.83 27.51
CA GLU B 7 11.69 41.13 26.94
C GLU B 7 12.74 41.58 25.93
N LYS B 8 14.00 41.16 26.08
CA LYS B 8 15.05 41.62 25.19
C LYS B 8 14.79 41.19 23.75
N THR B 9 14.36 39.95 23.54
CA THR B 9 14.15 39.40 22.21
C THR B 9 12.69 39.31 21.80
N LYS B 10 11.77 39.74 22.67
CA LYS B 10 10.33 39.76 22.38
C LYS B 10 9.81 38.37 22.01
N GLU B 11 9.86 37.48 22.99
CA GLU B 11 9.44 36.10 22.81
C GLU B 11 8.34 35.75 23.83
N PHE B 12 7.88 34.51 23.75
CA PHE B 12 6.85 33.99 24.65
C PHE B 12 7.02 32.48 24.74
N HIS B 13 7.12 31.98 25.96
CA HIS B 13 7.31 30.55 26.21
C HIS B 13 6.23 30.08 27.17
N ILE B 14 5.40 29.15 26.72
CA ILE B 14 4.35 28.56 27.53
C ILE B 14 4.65 27.08 27.67
N PHE B 15 4.85 26.61 28.91
CA PHE B 15 5.27 25.24 29.09
C PHE B 15 4.78 24.72 30.44
N ASN B 16 4.78 23.39 30.54
CA ASN B 16 4.54 22.67 31.79
C ASN B 16 5.52 21.50 31.80
N ARG B 17 5.27 20.52 32.66
CA ARG B 17 6.16 19.36 32.72
C ARG B 17 6.11 18.49 31.47
N GLU B 18 5.16 18.71 30.57
CA GLU B 18 4.95 17.80 29.44
C GLU B 18 4.99 18.46 28.07
N VAL B 19 4.46 19.67 27.93
CA VAL B 19 4.30 20.28 26.61
C VAL B 19 4.94 21.67 26.61
N SER B 20 5.36 22.11 25.42
CA SER B 20 6.01 23.39 25.24
C SER B 20 5.51 24.07 23.97
N TYR B 21 5.44 25.41 24.04
CA TYR B 21 4.90 26.25 22.98
C TYR B 21 5.68 27.55 22.95
N LEU B 22 6.31 27.86 21.81
CA LEU B 22 7.14 29.06 21.68
C LEU B 22 6.57 29.97 20.61
N MET B 23 6.72 31.27 20.80
CA MET B 23 6.30 32.24 19.79
C MET B 23 7.07 33.54 19.98
N ARG B 24 7.01 34.39 18.95
CA ARG B 24 7.74 35.65 18.97
C ARG B 24 6.93 36.72 18.26
N ILE B 25 7.44 37.94 18.30
CA ILE B 25 6.82 39.09 17.63
C ILE B 25 7.75 39.52 16.50
N MET B 26 7.24 39.45 15.27
CA MET B 26 8.02 39.78 14.09
C MET B 26 8.19 41.30 13.99
N GLU B 27 8.94 41.73 12.98
CA GLU B 27 9.28 43.14 12.84
C GLU B 27 8.13 43.99 12.31
N ASN B 28 7.05 43.37 11.82
CA ASN B 28 5.84 44.10 11.43
C ASN B 28 4.73 43.95 12.46
N GLY B 29 5.07 43.63 13.70
CA GLY B 29 4.11 43.53 14.78
C GLY B 29 3.13 42.38 14.67
N GLN B 30 3.58 41.22 14.20
CA GLN B 30 2.73 40.04 14.09
C GLN B 30 3.39 38.87 14.80
N LEU B 31 2.55 37.96 15.27
CA LEU B 31 3.03 36.79 16.00
C LEU B 31 3.43 35.68 15.03
N GLU B 32 4.53 34.99 15.35
CA GLU B 32 5.03 33.89 14.55
C GLU B 32 5.26 32.69 15.46
N ASN B 33 4.83 31.51 14.99
CA ASN B 33 5.08 30.28 15.73
C ASN B 33 6.51 29.79 15.48
N LEU B 34 7.14 29.31 16.54
CA LEU B 34 8.51 28.79 16.46
C LEU B 34 8.61 27.32 16.77
N TYR B 35 7.88 26.83 17.77
CA TYR B 35 7.96 25.43 18.14
C TYR B 35 6.72 25.04 18.94
N TYR B 36 6.23 23.82 18.73
CA TYR B 36 5.13 23.27 19.51
C TYR B 36 5.37 21.78 19.64
N GLY B 37 5.47 21.29 20.88
CA GLY B 37 5.67 19.86 21.07
C GLY B 37 6.08 19.47 22.47
N LYS B 38 7.00 18.51 22.59
CA LYS B 38 7.48 18.08 23.89
C LYS B 38 8.30 19.19 24.55
N VAL B 39 8.26 19.21 25.88
CA VAL B 39 8.88 20.29 26.64
C VAL B 39 10.38 20.32 26.39
N ILE B 40 10.94 21.53 26.35
CA ILE B 40 12.38 21.75 26.24
C ILE B 40 12.79 22.77 27.28
N ARG B 41 14.05 22.72 27.69
CA ARG B 41 14.59 23.75 28.55
C ARG B 41 14.72 25.06 27.78
N ASP B 42 14.60 26.17 28.50
CA ASP B 42 14.53 27.49 27.88
C ASP B 42 15.82 28.26 28.08
N LYS B 43 16.38 28.77 26.99
CA LYS B 43 17.45 29.74 27.00
C LYS B 43 16.92 31.07 26.49
N GLU B 44 17.74 32.11 26.62
CA GLU B 44 17.26 33.47 26.32
C GLU B 44 16.96 33.65 24.83
N ASP B 45 17.88 33.22 23.97
CA ASP B 45 17.78 33.52 22.54
C ASP B 45 17.29 32.28 21.78
N PHE B 46 16.29 32.49 20.92
CA PHE B 46 15.76 31.44 20.05
C PHE B 46 15.61 31.94 18.62
N GLY B 47 16.25 33.06 18.28
CA GLY B 47 16.02 33.71 17.00
C GLY B 47 16.62 33.04 15.80
N TYR B 48 17.54 32.09 15.98
CA TYR B 48 18.10 31.36 14.86
C TYR B 48 17.12 30.34 14.28
N LEU B 49 16.03 30.04 14.99
CA LEU B 49 15.03 29.13 14.45
C LEU B 49 14.27 29.74 13.28
N HIS B 50 14.09 31.06 13.29
CA HIS B 50 13.43 31.76 12.19
C HIS B 50 14.44 32.02 11.09
N GLU B 51 14.16 31.51 9.89
CA GLU B 51 15.08 31.64 8.76
C GLU B 51 14.32 32.08 7.53
N GLU B 52 15.04 32.75 6.63
CA GLU B 52 14.43 33.32 5.43
C GLU B 52 15.49 33.41 4.34
N ALA B 53 15.03 33.51 3.10
CA ALA B 53 15.91 33.56 1.93
C ALA B 53 15.20 34.32 0.82
N MET B 54 15.98 34.76 -0.16
CA MET B 54 15.47 35.53 -1.29
C MET B 54 15.01 34.56 -2.38
N ARG B 55 13.70 34.37 -2.48
CA ARG B 55 13.11 33.52 -3.49
C ARG B 55 12.67 34.37 -4.69
N SER B 56 12.02 33.72 -5.64
CA SER B 56 11.47 34.39 -6.82
C SER B 56 9.95 34.44 -6.71
N GLN B 57 9.37 35.46 -7.34
CA GLN B 57 7.92 35.68 -7.33
C GLN B 57 7.40 35.93 -5.91
N MET B 58 8.23 36.53 -5.06
CA MET B 58 7.91 36.76 -3.66
C MET B 58 7.80 38.26 -3.41
N SER B 59 6.73 38.67 -2.74
CA SER B 59 6.48 40.08 -2.42
C SER B 59 6.59 40.29 -0.92
N VAL B 60 7.41 41.27 -0.53
CA VAL B 60 7.72 41.53 0.86
C VAL B 60 6.79 42.61 1.41
N CYS B 61 6.71 42.69 2.73
CA CYS B 61 5.80 43.61 3.41
C CYS B 61 6.53 44.59 4.32
N ILE B 62 7.85 44.74 4.14
CA ILE B 62 8.63 45.68 4.93
C ILE B 62 9.39 46.58 3.96
N PRO B 63 9.86 47.76 4.43
CA PRO B 63 10.58 48.69 3.53
C PRO B 63 11.75 48.05 2.79
N GLU B 64 12.21 48.74 1.75
CA GLU B 64 13.07 48.12 0.74
C GLU B 64 14.36 47.53 1.30
N PRO B 65 15.08 48.14 2.27
CA PRO B 65 16.35 47.58 2.74
C PRO B 65 16.13 46.34 3.62
N GLY B 66 15.07 45.57 3.34
CA GLY B 66 14.80 44.35 4.12
C GLY B 66 13.87 43.40 3.38
N ILE B 67 14.03 42.09 3.61
CA ILE B 67 13.18 41.11 2.95
C ILE B 67 12.44 40.30 4.01
N LEU B 68 11.12 40.20 3.86
CA LEU B 68 10.28 39.39 4.74
C LEU B 68 8.94 39.12 4.08
N SER B 69 8.56 37.86 3.92
CA SER B 69 7.34 37.47 3.24
C SER B 69 6.49 36.60 4.14
N MET B 70 5.18 36.85 4.13
CA MET B 70 4.25 36.04 4.92
C MET B 70 3.86 34.75 4.23
N GLN B 71 4.29 34.54 2.98
CA GLN B 71 3.96 33.30 2.27
C GLN B 71 4.79 32.14 2.78
N TYR B 72 6.01 32.39 3.27
CA TYR B 72 6.92 31.34 3.71
C TYR B 72 7.18 31.40 5.22
N THR B 73 6.20 31.84 5.99
CA THR B 73 6.35 32.03 7.43
C THR B 73 5.21 31.32 8.15
N ARG B 74 5.52 30.81 9.35
CA ARG B 74 4.50 30.25 10.24
C ARG B 74 3.99 31.38 11.12
N GLN B 75 2.92 32.04 10.68
CA GLN B 75 2.28 33.04 11.51
C GLN B 75 0.99 32.51 12.10
N GLU B 76 0.60 33.08 13.22
CA GLU B 76 -0.63 32.70 13.91
C GLU B 76 -1.75 33.65 13.51
N TYR B 77 -2.91 33.08 13.20
CA TYR B 77 -4.12 33.81 12.87
C TYR B 77 -3.88 34.66 11.63
N PRO B 78 -3.76 34.04 10.45
CA PRO B 78 -3.34 34.79 9.25
C PRO B 78 -4.42 35.67 8.64
N VAL B 79 -4.11 36.23 7.46
CA VAL B 79 -5.04 37.09 6.74
C VAL B 79 -4.63 37.13 5.28
N TYR B 80 -5.59 37.35 4.40
CA TYR B 80 -5.36 37.39 2.96
C TYR B 80 -5.45 38.81 2.46
N GLY B 81 -4.51 39.21 1.60
CA GLY B 81 -4.57 40.51 0.95
C GLY B 81 -3.21 41.15 0.78
N THR B 82 -2.23 40.74 1.59
CA THR B 82 -0.88 41.31 1.53
C THR B 82 0.12 40.16 1.57
N GLY B 83 0.62 39.77 0.40
CA GLY B 83 1.73 38.84 0.33
C GLY B 83 1.36 37.37 0.44
N ASP B 84 0.43 37.05 1.32
CA ASP B 84 0.03 35.66 1.54
C ASP B 84 -0.98 35.23 0.49
N TYR B 85 -0.84 33.99 0.00
CA TYR B 85 -1.76 33.47 -1.04
C TYR B 85 -2.38 32.14 -0.58
N ARG B 86 -2.62 32.00 0.72
CA ARG B 86 -3.28 30.78 1.24
C ARG B 86 -4.70 31.13 1.70
N SER B 87 -5.46 30.14 2.18
CA SER B 87 -6.83 30.41 2.69
C SER B 87 -6.75 31.20 3.99
N PRO B 88 -7.33 32.42 4.07
CA PRO B 88 -7.20 33.27 5.26
C PRO B 88 -8.01 32.73 6.45
N ALA B 89 -7.79 33.38 7.59
CA ALA B 89 -8.57 33.12 8.80
C ALA B 89 -9.47 34.28 9.19
N LEU B 90 -9.36 35.43 8.53
CA LEU B 90 -10.14 36.61 8.88
C LEU B 90 -10.54 37.35 7.61
N THR B 91 -11.74 37.93 7.65
CA THR B 91 -12.25 38.73 6.54
C THR B 91 -13.17 39.80 7.08
N VAL B 92 -12.82 41.06 6.85
CA VAL B 92 -13.55 42.21 7.39
C VAL B 92 -13.92 43.12 6.22
N LEU B 93 -15.19 43.47 6.14
CA LEU B 93 -15.71 44.38 5.12
C LEU B 93 -16.01 45.72 5.76
N GLN B 94 -15.57 46.79 5.12
CA GLN B 94 -15.59 48.14 5.66
C GLN B 94 -16.49 49.04 4.80
N GLU B 95 -16.49 50.33 5.12
CA GLU B 95 -17.41 51.27 4.49
C GLU B 95 -17.05 51.54 3.03
N ASN B 96 -15.76 51.73 2.75
CA ASN B 96 -15.33 52.03 1.39
C ASN B 96 -15.44 50.82 0.45
N GLY B 97 -15.64 49.63 1.00
CA GLY B 97 -15.84 48.44 0.18
C GLY B 97 -14.65 47.51 0.04
N SER B 98 -13.60 47.71 0.83
CA SER B 98 -12.40 46.91 0.72
C SER B 98 -12.31 45.90 1.87
N ARG B 99 -11.55 44.83 1.62
CA ARG B 99 -11.30 43.79 2.63
C ARG B 99 -9.80 43.82 2.95
N LEU B 100 -9.40 44.69 3.88
CA LEU B 100 -7.99 44.81 4.25
C LEU B 100 -7.89 45.21 5.71
N VAL B 101 -6.98 44.55 6.44
CA VAL B 101 -6.70 44.84 7.84
C VAL B 101 -5.21 44.70 8.09
N ASP B 102 -4.74 45.33 9.17
CA ASP B 102 -3.33 45.26 9.55
C ASP B 102 -3.11 44.56 10.88
N PHE B 103 -3.72 45.05 11.97
CA PHE B 103 -3.77 44.37 13.26
C PHE B 103 -2.37 44.08 13.81
N SER B 104 -1.67 45.15 14.16
CA SER B 104 -0.35 45.04 14.75
C SER B 104 -0.43 44.99 16.29
N TYR B 105 0.68 44.62 16.90
CA TYR B 105 0.72 44.33 18.34
C TYR B 105 0.81 45.61 19.17
N VAL B 106 0.19 45.58 20.35
CA VAL B 106 0.20 46.72 21.26
C VAL B 106 0.74 46.32 22.64
N SER B 107 0.06 45.40 23.32
CA SER B 107 0.43 45.07 24.70
C SER B 107 -0.08 43.68 25.04
N HIS B 108 0.23 43.23 26.27
CA HIS B 108 -0.09 41.89 26.71
C HIS B 108 -0.29 41.88 28.22
N GLU B 109 -0.86 40.77 28.70
CA GLU B 109 -1.08 40.58 30.14
C GLU B 109 -0.96 39.09 30.46
N ILE B 110 -0.45 38.81 31.67
CA ILE B 110 -0.25 37.45 32.15
C ILE B 110 -0.89 37.36 33.53
N TYR B 111 -1.69 36.32 33.76
CA TYR B 111 -2.28 36.13 35.08
C TYR B 111 -2.57 34.65 35.31
N LYS B 112 -3.12 34.35 36.48
CA LYS B 112 -3.36 32.99 36.93
C LYS B 112 -4.87 32.73 37.00
N GLY B 113 -5.31 31.64 36.37
CA GLY B 113 -6.70 31.27 36.42
C GLY B 113 -7.34 31.15 35.06
N LYS B 114 -8.67 31.16 35.02
CA LYS B 114 -9.41 31.08 33.78
C LYS B 114 -10.65 31.96 33.89
N LYS B 115 -10.97 32.65 32.80
CA LYS B 115 -12.11 33.53 32.74
C LYS B 115 -13.34 32.76 32.28
N GLY B 116 -14.41 33.48 31.95
CA GLY B 116 -15.69 32.84 31.72
C GLY B 116 -16.19 32.79 30.30
N ILE B 117 -15.85 33.80 29.49
CA ILE B 117 -16.40 34.03 28.15
C ILE B 117 -17.91 33.77 28.19
N PRO B 118 -18.69 34.66 28.80
CA PRO B 118 -20.05 34.32 29.28
C PRO B 118 -20.95 33.70 28.22
N PRO B 119 -21.13 34.33 27.04
CA PRO B 119 -22.20 33.85 26.15
C PRO B 119 -22.03 32.41 25.69
N LEU B 120 -20.82 31.89 25.64
CA LEU B 120 -20.54 30.54 25.19
C LEU B 120 -19.96 29.70 26.33
N PRO B 121 -20.13 28.38 26.28
CA PRO B 121 -19.52 27.53 27.30
C PRO B 121 -18.03 27.33 27.06
N SER B 122 -17.33 26.93 28.13
CA SER B 122 -15.92 26.61 28.08
C SER B 122 -15.55 25.87 29.36
N THR B 123 -14.37 25.25 29.36
CA THR B 123 -13.88 24.58 30.54
C THR B 123 -13.51 25.59 31.62
N TYR B 124 -13.57 25.16 32.87
CA TYR B 124 -13.27 26.02 34.00
C TYR B 124 -12.13 25.43 34.81
N ALA B 125 -11.62 26.24 35.74
CA ALA B 125 -10.54 25.84 36.64
C ALA B 125 -11.03 25.98 38.07
N GLU B 126 -11.09 24.86 38.78
CA GLU B 126 -11.47 24.89 40.19
C GLU B 126 -10.38 25.56 41.01
N SER B 127 -10.78 26.51 41.85
CA SER B 127 -9.86 27.27 42.70
C SER B 127 -8.86 27.99 41.78
N GLU B 128 -7.57 27.91 42.03
CA GLU B 128 -6.57 28.64 41.26
C GLU B 128 -5.30 27.79 41.21
N ASP B 129 -4.17 28.43 40.92
CA ASP B 129 -2.82 27.87 40.76
C ASP B 129 -2.86 26.47 40.13
N GLU B 130 -3.71 26.30 39.11
CA GLU B 130 -3.73 25.09 38.32
C GLU B 130 -3.91 25.39 36.83
N ALA B 131 -3.93 26.66 36.45
CA ALA B 131 -3.99 27.06 35.05
C ALA B 131 -3.43 28.48 34.96
N GLU B 132 -2.80 28.79 33.83
CA GLU B 132 -2.23 30.12 33.63
C GLU B 132 -2.62 30.69 32.28
N THR B 133 -2.88 31.99 32.24
CA THR B 133 -3.49 32.64 31.08
C THR B 133 -2.63 33.79 30.58
N LEU B 134 -2.49 33.86 29.27
CA LEU B 134 -1.84 34.95 28.54
C LEU B 134 -2.84 35.58 27.60
N GLU B 135 -2.90 36.92 27.59
CA GLU B 135 -3.77 37.67 26.70
C GLU B 135 -2.94 38.68 25.93
N VAL B 136 -3.09 38.71 24.61
CA VAL B 136 -2.35 39.60 23.73
C VAL B 136 -3.34 40.49 23.00
N THR B 137 -3.12 41.79 23.04
CA THR B 137 -4.01 42.77 22.41
C THR B 137 -3.34 43.34 21.16
N LEU B 138 -4.08 43.36 20.05
CA LEU B 138 -3.61 43.90 18.79
C LEU B 138 -4.60 44.95 18.31
N HIS B 139 -4.08 45.98 17.63
CA HIS B 139 -4.89 47.12 17.22
C HIS B 139 -4.70 47.40 15.74
N ASP B 140 -5.78 47.79 15.08
CA ASP B 140 -5.76 48.26 13.70
C ASP B 140 -6.02 49.76 13.69
N GLN B 141 -5.18 50.51 12.97
CA GLN B 141 -5.23 51.96 13.01
C GLN B 141 -6.26 52.55 12.07
N VAL B 142 -6.41 51.97 10.87
CA VAL B 142 -7.34 52.54 9.89
C VAL B 142 -8.78 52.41 10.37
N THR B 143 -9.15 51.24 10.90
CA THR B 143 -10.53 50.98 11.29
C THR B 143 -10.80 51.19 12.77
N ASP B 144 -9.76 51.31 13.60
CA ASP B 144 -9.89 51.53 15.04
C ASP B 144 -10.68 50.41 15.71
N THR B 145 -10.43 49.17 15.28
CA THR B 145 -10.95 47.98 15.93
C THR B 145 -9.79 47.20 16.52
N ASP B 146 -10.05 46.45 17.58
CA ASP B 146 -8.98 45.71 18.24
C ASP B 146 -9.36 44.24 18.44
N LEU B 147 -8.33 43.41 18.53
CA LEU B 147 -8.45 41.97 18.62
C LEU B 147 -7.69 41.50 19.86
N VAL B 148 -8.24 40.50 20.55
CA VAL B 148 -7.61 39.94 21.73
C VAL B 148 -7.47 38.43 21.55
N LEU B 149 -6.26 37.92 21.73
CA LEU B 149 -5.98 36.50 21.64
C LEU B 149 -5.69 35.97 23.05
N THR B 150 -6.35 34.87 23.41
CA THR B 150 -6.19 34.29 24.74
C THR B 150 -5.69 32.86 24.64
N TYR B 151 -4.59 32.59 25.35
CA TYR B 151 -4.00 31.27 25.50
C TYR B 151 -4.08 30.87 26.96
N THR B 152 -4.43 29.60 27.23
CA THR B 152 -4.44 29.08 28.58
C THR B 152 -3.73 27.74 28.61
N ILE B 153 -2.83 27.57 29.58
CA ILE B 153 -2.09 26.34 29.80
C ILE B 153 -2.62 25.67 31.06
N TYR B 154 -2.85 24.36 30.99
CA TYR B 154 -3.26 23.59 32.15
C TYR B 154 -2.07 22.86 32.77
N GLU B 155 -2.04 22.83 34.10
CA GLU B 155 -1.11 21.99 34.82
C GLU B 155 -1.76 20.64 35.14
N ASP B 156 -0.92 19.63 35.30
CA ASP B 156 -1.29 18.23 35.50
C ASP B 156 -1.89 17.60 34.23
N TYR B 157 -2.07 18.38 33.16
CA TYR B 157 -2.52 17.87 31.88
C TYR B 157 -1.67 18.51 30.79
N PRO B 158 -1.49 17.83 29.66
CA PRO B 158 -0.89 18.48 28.48
C PRO B 158 -1.94 19.16 27.61
N VAL B 159 -2.60 20.17 28.17
CA VAL B 159 -3.79 20.77 27.58
C VAL B 159 -3.54 22.26 27.36
N ILE B 160 -3.77 22.73 26.13
CA ILE B 160 -3.71 24.15 25.80
C ILE B 160 -5.02 24.56 25.16
N THR B 161 -5.61 25.65 25.64
CA THR B 161 -6.87 26.15 25.11
C THR B 161 -6.69 27.54 24.53
N ARG B 162 -7.38 27.80 23.42
CA ARG B 162 -7.24 29.06 22.70
C ARG B 162 -8.59 29.65 22.35
N ASN B 163 -8.66 30.99 22.35
CA ASN B 163 -9.83 31.70 21.85
C ASN B 163 -9.45 33.11 21.41
N ALA B 164 -10.37 33.76 20.69
CA ALA B 164 -10.15 35.10 20.17
C ALA B 164 -11.40 35.94 20.34
N ARG B 165 -11.21 37.26 20.46
CA ARG B 165 -12.30 38.20 20.67
C ARG B 165 -12.08 39.46 19.84
N PHE B 166 -13.17 40.07 19.38
CA PHE B 166 -13.13 41.29 18.59
C PHE B 166 -13.92 42.40 19.29
N GLU B 167 -13.36 43.61 19.30
CA GLU B 167 -14.04 44.77 19.84
C GLU B 167 -13.91 45.95 18.89
N GLN B 168 -14.96 46.77 18.84
CA GLN B 168 -15.01 47.95 17.98
C GLN B 168 -15.03 49.21 18.84
N LYS B 169 -14.23 50.19 18.42
CA LYS B 169 -14.04 51.40 19.23
C LYS B 169 -14.33 52.68 18.44
N GLY B 170 -14.21 52.62 17.12
CA GLY B 170 -14.41 53.78 16.29
C GLY B 170 -15.88 54.02 15.98
N GLU B 171 -16.11 55.00 15.11
CA GLU B 171 -17.47 55.34 14.68
C GLU B 171 -17.91 54.59 13.44
N GLN B 172 -17.01 53.82 12.81
CA GLN B 172 -17.36 53.04 11.64
C GLN B 172 -18.08 51.76 12.05
N LYS B 173 -18.75 51.16 11.07
CA LYS B 173 -19.39 49.86 11.24
C LYS B 173 -18.67 48.85 10.35
N ILE B 174 -18.33 47.69 10.91
CA ILE B 174 -17.59 46.67 10.19
C ILE B 174 -18.45 45.43 10.08
N VAL B 175 -18.11 44.58 9.10
CA VAL B 175 -18.81 43.32 8.90
C VAL B 175 -17.79 42.19 8.91
N LEU B 176 -17.97 41.22 9.81
CA LEU B 176 -17.15 40.04 9.85
C LEU B 176 -17.75 38.99 8.92
N GLU B 177 -16.99 38.59 7.90
CA GLU B 177 -17.42 37.53 6.99
C GLU B 177 -16.78 36.19 7.29
N ARG B 178 -15.80 36.15 8.19
CA ARG B 178 -15.10 34.93 8.55
C ARG B 178 -14.35 35.18 9.86
N ALA B 179 -14.39 34.21 10.76
CA ALA B 179 -13.72 34.36 12.05
C ALA B 179 -13.41 32.98 12.60
N MET B 180 -12.15 32.59 12.58
CA MET B 180 -11.73 31.31 13.12
C MET B 180 -11.30 31.44 14.58
N SER B 181 -11.14 30.29 15.23
CA SER B 181 -10.77 30.25 16.64
C SER B 181 -9.30 29.90 16.85
N ALA B 182 -8.74 29.02 16.03
CA ALA B 182 -7.36 28.61 16.19
C ALA B 182 -6.72 28.43 14.82
N SER B 183 -5.39 28.42 14.81
CA SER B 183 -4.62 28.22 13.59
C SER B 183 -3.23 27.78 13.98
N VAL B 184 -2.85 26.56 13.62
CA VAL B 184 -1.55 26.00 13.99
C VAL B 184 -0.85 25.51 12.73
N GLU B 185 0.43 25.87 12.59
CA GLU B 185 1.14 25.57 11.35
C GLU B 185 2.46 24.86 11.66
N PHE B 186 2.81 23.89 10.83
CA PHE B 186 3.97 23.03 10.99
C PHE B 186 4.95 23.26 9.83
N LEU B 187 6.04 22.48 9.83
CA LEU B 187 7.10 22.64 8.84
C LEU B 187 7.22 21.48 7.86
N ASP B 188 6.60 20.33 8.13
CA ASP B 188 6.62 19.21 7.21
C ASP B 188 5.19 18.72 6.98
N MET B 189 5.05 17.76 6.07
CA MET B 189 3.74 17.23 5.70
C MET B 189 3.66 15.72 5.86
N ASP B 190 4.59 15.12 6.61
CA ASP B 190 4.60 13.67 6.83
C ASP B 190 3.69 13.35 8.01
N TYR B 191 2.39 13.31 7.72
CA TYR B 191 1.39 13.03 8.74
C TYR B 191 0.24 12.24 8.12
N GLU B 192 -0.72 11.88 8.96
CA GLU B 192 -1.97 11.28 8.54
C GLU B 192 -3.11 11.92 9.33
N LEU B 193 -4.21 12.15 8.64
CA LEU B 193 -5.38 12.82 9.21
C LEU B 193 -6.39 11.79 9.67
N VAL B 194 -6.84 11.92 10.92
CA VAL B 194 -7.79 11.00 11.53
C VAL B 194 -9.08 11.76 11.83
N GLN B 195 -10.20 11.20 11.35
CA GLN B 195 -11.51 11.83 11.49
C GLN B 195 -12.56 10.76 11.79
N LEU B 196 -13.73 11.22 12.23
CA LEU B 196 -14.85 10.34 12.54
C LEU B 196 -16.04 10.71 11.65
N SER B 197 -16.47 9.77 10.82
CA SER B 197 -17.55 10.00 9.86
C SER B 197 -18.56 8.86 9.92
N GLY B 198 -19.84 9.20 9.73
CA GLY B 198 -20.89 8.21 9.77
C GLY B 198 -22.24 8.69 9.23
N ALA B 199 -23.34 8.14 9.74
CA ALA B 199 -24.68 8.50 9.31
C ALA B 199 -25.66 8.07 10.39
N TRP B 200 -26.96 8.08 10.06
CA TRP B 200 -27.96 7.61 11.01
C TRP B 200 -27.81 6.11 11.25
N SER B 201 -27.89 5.72 12.52
CA SER B 201 -27.73 4.33 12.96
C SER B 201 -26.33 3.79 12.69
N ARG B 202 -25.44 4.62 12.17
CA ARG B 202 -24.02 4.26 12.07
C ARG B 202 -23.22 5.56 12.18
N GLU B 203 -22.83 5.90 13.40
CA GLU B 203 -22.16 7.17 13.68
C GLU B 203 -20.71 6.94 14.09
N ARG B 204 -19.84 7.87 13.67
CA ARG B 204 -18.48 7.98 14.19
C ARG B 204 -17.66 6.72 13.92
N TYR B 205 -17.47 6.43 12.64
CA TYR B 205 -16.52 5.43 12.18
C TYR B 205 -15.18 6.11 11.91
N VAL B 206 -14.09 5.42 12.25
CA VAL B 206 -12.76 6.01 12.19
C VAL B 206 -12.24 5.94 10.76
N LYS B 207 -11.73 7.06 10.25
CA LYS B 207 -11.20 7.12 8.89
C LYS B 207 -9.89 7.88 8.87
N ASN B 208 -8.93 7.33 8.11
CA ASN B 208 -7.58 7.86 8.00
C ASN B 208 -7.29 8.26 6.56
N ARG B 209 -6.66 9.42 6.39
CA ARG B 209 -6.24 9.90 5.08
C ARG B 209 -4.77 10.30 5.14
N LYS B 210 -4.11 10.25 3.99
CA LYS B 210 -2.72 10.67 3.87
C LYS B 210 -2.68 12.05 3.24
N LEU B 211 -1.89 12.95 3.84
CA LEU B 211 -1.86 14.33 3.38
C LEU B 211 -1.18 14.46 2.03
N GLU B 212 -1.67 15.42 1.24
CA GLU B 212 -1.13 15.71 -0.09
C GLU B 212 -1.36 17.19 -0.36
N MET B 213 -0.55 17.74 -1.26
CA MET B 213 -0.57 19.17 -1.53
C MET B 213 -1.95 19.62 -1.99
N GLY B 214 -2.59 20.45 -1.18
CA GLY B 214 -3.93 20.90 -1.47
C GLY B 214 -4.68 21.22 -0.17
N ILE B 215 -5.97 20.94 -0.18
CA ILE B 215 -6.85 21.18 0.97
C ILE B 215 -7.58 19.90 1.31
N GLN B 216 -7.70 19.61 2.61
CA GLN B 216 -8.54 18.51 3.10
C GLN B 216 -9.36 19.06 4.26
N SER B 217 -10.69 18.98 4.15
CA SER B 217 -11.54 19.61 5.14
C SER B 217 -12.77 18.76 5.42
N VAL B 218 -13.38 19.02 6.58
CA VAL B 218 -14.68 18.47 6.95
C VAL B 218 -15.50 19.58 7.58
N HIS B 219 -16.78 19.66 7.22
CA HIS B 219 -17.62 20.78 7.65
C HIS B 219 -18.99 20.26 8.06
N SER B 220 -19.81 21.20 8.52
CA SER B 220 -21.22 20.94 8.80
C SER B 220 -22.04 22.11 8.27
N LEU B 221 -23.21 21.79 7.70
CA LEU B 221 -24.11 22.81 7.19
C LEU B 221 -25.56 22.58 7.62
N ASN B 222 -25.79 21.68 8.59
CA ASN B 222 -27.14 21.30 8.96
C ASN B 222 -27.89 22.43 9.65
N GLY B 223 -27.19 23.35 10.30
CA GLY B 223 -27.83 24.51 10.89
C GLY B 223 -28.23 24.35 12.34
N THR B 224 -29.06 23.36 12.64
CA THR B 224 -29.60 23.18 13.98
C THR B 224 -28.75 22.26 14.86
N CYS B 225 -27.70 21.68 14.32
CA CYS B 225 -26.83 20.77 15.06
C CYS B 225 -25.60 20.50 14.21
N GLY B 226 -24.63 19.80 14.80
CA GLY B 226 -23.43 19.43 14.07
C GLY B 226 -23.66 18.32 13.07
N GLY B 227 -24.69 17.51 13.26
CA GLY B 227 -25.01 16.45 12.32
C GLY B 227 -24.30 15.15 12.64
N ALA B 228 -24.91 14.05 12.19
CA ALA B 228 -24.33 12.73 12.40
C ALA B 228 -23.24 12.41 11.40
N GLU B 229 -23.12 13.18 10.31
CA GLU B 229 -22.12 12.90 9.28
C GLU B 229 -20.71 13.01 9.83
N HIS B 230 -20.31 14.21 10.24
CA HIS B 230 -18.96 14.45 10.73
C HIS B 230 -19.02 15.01 12.16
N ASN B 231 -17.97 14.73 12.92
CA ASN B 231 -17.85 15.20 14.30
C ASN B 231 -16.74 16.22 14.42
N PRO B 232 -16.92 17.28 15.23
CA PRO B 232 -15.87 18.30 15.36
C PRO B 232 -14.65 17.84 16.14
N PHE B 233 -13.84 16.98 15.51
CA PHE B 233 -12.60 16.52 16.11
C PHE B 233 -11.64 16.14 15.00
N ILE B 234 -10.36 16.49 15.17
CA ILE B 234 -9.34 16.25 14.14
C ILE B 234 -8.08 15.73 14.82
N ALA B 235 -7.44 14.74 14.22
CA ALA B 235 -6.16 14.29 14.74
C ALA B 235 -5.11 14.25 13.63
N LEU B 236 -3.90 14.68 13.96
CA LEU B 236 -2.74 14.52 13.09
C LEU B 236 -1.77 13.55 13.76
N LYS B 237 -1.47 12.43 13.10
CA LYS B 237 -0.62 11.43 13.69
C LYS B 237 0.47 11.01 12.70
N ARG B 238 1.60 10.56 13.23
CA ARG B 238 2.64 10.04 12.38
C ARG B 238 2.20 8.73 11.74
N PRO B 239 2.70 8.41 10.54
CA PRO B 239 2.19 7.24 9.83
C PRO B 239 2.41 5.91 10.55
N GLN B 240 3.33 5.86 11.51
CA GLN B 240 3.70 4.62 12.18
C GLN B 240 3.25 4.61 13.64
N THR B 241 2.07 5.17 13.91
CA THR B 241 1.60 5.36 15.29
C THR B 241 0.52 4.34 15.62
N THR B 242 0.72 3.63 16.72
CA THR B 242 -0.18 2.60 17.22
C THR B 242 -0.87 3.13 18.49
N GLU B 243 -1.66 2.28 19.13
CA GLU B 243 -2.27 2.64 20.41
C GLU B 243 -1.24 2.78 21.53
N ASN B 244 0.00 2.35 21.32
CA ASN B 244 0.97 2.27 22.41
C ASN B 244 2.30 2.95 22.11
N GLN B 245 2.48 3.53 20.92
CA GLN B 245 3.74 4.21 20.63
C GLN B 245 3.54 5.17 19.46
N GLY B 246 4.26 6.29 19.51
CA GLY B 246 4.17 7.32 18.51
C GLY B 246 3.57 8.60 19.07
N GLU B 247 3.70 9.67 18.29
CA GLU B 247 3.26 10.99 18.70
C GLU B 247 2.07 11.44 17.86
N VAL B 248 1.19 12.24 18.47
CA VAL B 248 -0.06 12.63 17.84
C VAL B 248 -0.55 13.93 18.47
N TYR B 249 -1.16 14.78 17.64
CA TYR B 249 -1.79 16.02 18.05
C TYR B 249 -3.29 15.92 17.82
N GLY B 250 -4.09 16.27 18.84
CA GLY B 250 -5.52 16.27 18.71
C GLY B 250 -6.13 17.64 18.95
N PHE B 251 -7.04 18.06 18.06
CA PHE B 251 -7.74 19.34 18.16
C PHE B 251 -9.23 19.10 18.24
N SER B 252 -9.88 19.73 19.22
CA SER B 252 -11.34 19.69 19.32
C SER B 252 -11.88 21.09 19.56
N LEU B 253 -13.13 21.30 19.16
CA LEU B 253 -13.78 22.60 19.19
C LEU B 253 -15.04 22.51 20.03
N VAL B 254 -15.20 23.42 20.99
CA VAL B 254 -16.33 23.37 21.93
C VAL B 254 -17.44 24.23 21.32
N TYR B 255 -18.28 23.59 20.50
CA TYR B 255 -19.35 24.29 19.80
C TYR B 255 -20.29 23.27 19.17
N SER B 256 -21.60 23.50 19.30
CA SER B 256 -22.62 22.55 18.86
C SER B 256 -23.48 23.12 17.74
N GLY B 257 -22.84 23.75 16.75
CA GLY B 257 -23.52 24.25 15.57
C GLY B 257 -22.72 23.94 14.31
N ASN B 258 -22.84 24.81 13.32
CA ASN B 258 -22.05 24.68 12.11
C ASN B 258 -20.57 24.85 12.42
N PHE B 259 -19.74 24.07 11.74
CA PHE B 259 -18.30 24.12 11.99
C PHE B 259 -17.56 23.80 10.71
N LEU B 260 -16.29 24.20 10.68
CA LEU B 260 -15.38 23.88 9.59
C LEU B 260 -14.02 23.53 10.20
N ALA B 261 -13.41 22.44 9.71
CA ALA B 261 -12.09 22.02 10.14
C ALA B 261 -11.28 21.70 8.89
N GLN B 262 -10.16 22.38 8.73
CA GLN B 262 -9.42 22.40 7.48
C GLN B 262 -7.94 22.15 7.73
N ALA B 263 -7.30 21.47 6.77
CA ALA B 263 -5.86 21.25 6.79
C ALA B 263 -5.34 21.46 5.38
N GLU B 264 -4.47 22.44 5.21
CA GLU B 264 -3.93 22.81 3.91
C GLU B 264 -2.43 22.55 3.88
N VAL B 265 -1.98 21.94 2.79
CA VAL B 265 -0.56 21.65 2.57
C VAL B 265 -0.12 22.39 1.31
N SER B 266 0.91 23.20 1.44
CA SER B 266 1.42 23.99 0.32
C SER B 266 2.50 23.22 -0.43
N THR B 267 2.96 23.80 -1.54
CA THR B 267 3.95 23.17 -2.40
C THR B 267 5.36 23.25 -1.84
N PHE B 268 5.52 23.72 -0.60
CA PHE B 268 6.81 23.73 0.09
C PHE B 268 6.77 22.88 1.35
N ASP B 269 5.83 21.93 1.43
CA ASP B 269 5.74 20.96 2.52
C ASP B 269 5.43 21.64 3.86
N MET B 270 4.53 22.62 3.85
CA MET B 270 4.14 23.33 5.06
C MET B 270 2.65 23.13 5.30
N THR B 271 2.31 22.70 6.51
CA THR B 271 0.95 22.28 6.85
C THR B 271 0.31 23.29 7.82
N ARG B 272 -0.93 23.66 7.53
CA ARG B 272 -1.68 24.59 8.38
C ARG B 272 -3.04 24.00 8.70
N VAL B 273 -3.41 24.04 9.99
CA VAL B 273 -4.66 23.47 10.47
C VAL B 273 -5.49 24.59 11.10
N MET B 274 -6.76 24.68 10.71
CA MET B 274 -7.69 25.68 11.21
C MET B 274 -9.02 25.03 11.60
N LEU B 275 -9.66 25.58 12.62
CA LEU B 275 -11.00 25.17 13.03
C LEU B 275 -11.81 26.40 13.38
N GLY B 276 -13.13 26.32 13.19
CA GLY B 276 -13.98 27.42 13.63
C GLY B 276 -15.40 27.29 13.10
N ILE B 277 -16.12 28.40 13.16
CA ILE B 277 -17.49 28.46 12.64
C ILE B 277 -17.46 28.46 11.11
N ASN B 278 -18.47 27.85 10.51
CA ASN B 278 -18.56 27.79 9.06
C ASN B 278 -18.95 29.14 8.50
N PRO B 279 -18.18 29.73 7.59
CA PRO B 279 -18.52 31.05 7.05
C PRO B 279 -19.55 31.02 5.93
N GLU B 280 -20.29 29.92 5.81
CA GLU B 280 -21.19 29.74 4.67
C GLU B 280 -22.25 30.84 4.62
N ASP B 281 -22.96 31.07 5.72
CA ASP B 281 -23.95 32.13 5.80
C ASP B 281 -23.66 33.08 6.96
N PHE B 282 -22.41 33.17 7.38
CA PHE B 282 -22.03 33.98 8.53
C PHE B 282 -21.65 35.38 8.07
N SER B 283 -22.30 36.38 8.66
CA SER B 283 -21.98 37.78 8.38
C SER B 283 -22.46 38.60 9.57
N TRP B 284 -21.52 39.00 10.44
CA TRP B 284 -21.85 39.63 11.70
C TRP B 284 -21.48 41.11 11.65
N GLU B 285 -22.45 41.99 11.93
CA GLU B 285 -22.24 43.42 11.85
C GLU B 285 -21.91 43.99 13.23
N LEU B 286 -20.81 44.74 13.31
CA LEU B 286 -20.36 45.35 14.55
C LEU B 286 -20.39 46.87 14.42
N ASN B 287 -21.02 47.52 15.39
CA ASN B 287 -21.08 48.96 15.53
C ASN B 287 -20.19 49.40 16.71
N GLN B 288 -20.26 50.68 17.05
CA GLN B 288 -19.48 51.20 18.17
C GLN B 288 -19.94 50.55 19.48
N GLY B 289 -18.97 50.16 20.29
CA GLY B 289 -19.26 49.54 21.58
C GLY B 289 -19.89 48.17 21.49
N GLU B 290 -19.48 47.37 20.51
CA GLU B 290 -20.00 46.02 20.33
C GLU B 290 -18.84 45.06 20.14
N SER B 291 -19.03 43.81 20.59
CA SER B 291 -17.97 42.83 20.60
C SER B 291 -18.48 41.50 20.08
N PHE B 292 -17.54 40.68 19.62
CA PHE B 292 -17.83 39.32 19.16
C PHE B 292 -16.85 38.35 19.79
N GLN B 293 -17.34 37.15 20.11
CA GLN B 293 -16.56 36.13 20.79
C GLN B 293 -16.65 34.81 20.03
N THR B 294 -15.50 34.17 19.82
CA THR B 294 -15.40 32.89 19.12
C THR B 294 -15.36 31.73 20.09
N PRO B 295 -15.72 30.53 19.65
CA PRO B 295 -15.70 29.36 20.55
C PRO B 295 -14.27 28.94 20.89
N GLU B 296 -14.16 28.13 21.93
CA GLU B 296 -12.90 27.66 22.45
C GLU B 296 -12.38 26.44 21.68
N VAL B 297 -11.07 26.37 21.53
CA VAL B 297 -10.41 25.22 20.91
C VAL B 297 -9.46 24.60 21.93
N VAL B 298 -9.57 23.28 22.12
CA VAL B 298 -8.74 22.52 23.04
C VAL B 298 -7.80 21.64 22.24
N MET B 299 -6.50 21.73 22.55
CA MET B 299 -5.50 20.94 21.85
C MET B 299 -4.64 20.17 22.84
N VAL B 300 -4.37 18.92 22.47
CA VAL B 300 -3.70 17.94 23.32
C VAL B 300 -2.60 17.26 22.51
N TYR B 301 -1.41 17.14 23.09
CA TYR B 301 -0.27 16.47 22.44
C TYR B 301 0.14 15.26 23.26
N SER B 302 0.36 14.13 22.59
CA SER B 302 0.89 12.96 23.29
C SER B 302 1.97 12.30 22.45
N ASP B 303 2.86 11.57 23.12
CA ASP B 303 3.96 10.89 22.47
C ASP B 303 4.04 9.41 22.84
N ARG B 304 2.94 8.83 23.29
CA ARG B 304 2.90 7.43 23.68
C ARG B 304 1.63 6.77 23.13
N GLY B 305 1.32 7.05 21.88
CA GLY B 305 0.17 6.45 21.24
C GLY B 305 -1.09 7.29 21.37
N LEU B 306 -2.23 6.62 21.17
CA LEU B 306 -3.52 7.27 21.19
C LEU B 306 -4.27 7.09 22.51
N ASN B 307 -3.97 6.03 23.25
CA ASN B 307 -4.65 5.80 24.53
C ASN B 307 -4.37 6.92 25.50
N LYS B 308 -3.14 7.44 25.53
CA LYS B 308 -2.79 8.52 26.43
C LYS B 308 -3.56 9.79 26.11
N MET B 309 -3.66 10.14 24.82
CA MET B 309 -4.43 11.32 24.42
C MET B 309 -5.90 11.16 24.77
N SER B 310 -6.47 9.99 24.47
CA SER B 310 -7.88 9.76 24.80
C SER B 310 -8.12 9.84 26.30
N GLN B 311 -7.19 9.32 27.11
CA GLN B 311 -7.35 9.37 28.55
C GLN B 311 -7.27 10.80 29.07
N ALA B 312 -6.38 11.60 28.50
CA ALA B 312 -6.32 13.01 28.87
C ALA B 312 -7.63 13.71 28.59
N TYR B 313 -8.21 13.45 27.41
CA TYR B 313 -9.50 14.05 27.08
C TYR B 313 -10.60 13.58 28.04
N HIS B 314 -10.63 12.28 28.35
CA HIS B 314 -11.66 11.78 29.26
C HIS B 314 -11.57 12.45 30.62
N ARG B 315 -10.35 12.52 31.18
CA ARG B 315 -10.20 13.10 32.51
C ARG B 315 -10.56 14.57 32.51
N LEU B 316 -10.11 15.32 31.50
CA LEU B 316 -10.43 16.75 31.44
C LEU B 316 -11.93 16.98 31.32
N TYR B 317 -12.60 16.22 30.44
CA TYR B 317 -14.03 16.44 30.24
C TYR B 317 -14.85 16.00 31.44
N ARG B 318 -14.39 14.98 32.17
CA ARG B 318 -15.13 14.55 33.35
C ARG B 318 -14.96 15.53 34.50
N THR B 319 -13.75 16.04 34.72
CA THR B 319 -13.50 16.81 35.94
C THR B 319 -13.65 18.31 35.76
N ARG B 320 -13.41 18.86 34.57
CA ARG B 320 -13.39 20.30 34.38
C ARG B 320 -14.45 20.81 33.41
N LEU B 321 -15.38 19.97 32.98
CA LEU B 321 -16.46 20.43 32.11
C LEU B 321 -17.84 20.18 32.69
N MET B 322 -18.12 18.96 33.16
CA MET B 322 -19.44 18.66 33.68
C MET B 322 -19.71 19.38 35.00
N ARG B 323 -20.99 19.54 35.32
CA ARG B 323 -21.39 20.31 36.49
C ARG B 323 -20.95 19.62 37.77
N VAL B 324 -20.73 20.42 38.82
CA VAL B 324 -20.19 19.90 40.06
C VAL B 324 -21.13 18.94 40.76
N THR B 325 -22.44 19.09 40.56
CA THR B 325 -23.40 18.28 41.31
C THR B 325 -23.43 16.84 40.82
N TRP B 326 -23.32 16.62 39.50
CA TRP B 326 -23.28 15.28 38.92
C TRP B 326 -21.89 14.91 38.43
N ARG B 327 -20.85 15.45 39.05
CA ARG B 327 -19.49 15.25 38.54
C ARG B 327 -18.98 13.85 38.82
N ASP B 328 -19.20 13.34 40.03
CA ASP B 328 -18.61 12.06 40.44
C ASP B 328 -19.65 11.20 41.15
N LYS B 329 -20.83 11.09 40.56
CA LYS B 329 -21.87 10.18 41.04
C LYS B 329 -22.07 9.06 40.02
N ALA B 330 -22.84 8.06 40.42
CA ALA B 330 -23.15 6.91 39.58
C ALA B 330 -24.57 7.03 39.06
N ARG B 331 -24.71 6.92 37.73
CA ARG B 331 -26.02 7.05 37.12
C ARG B 331 -26.92 5.88 37.50
N PRO B 332 -28.23 6.11 37.60
CA PRO B 332 -29.14 5.04 38.02
C PRO B 332 -29.52 4.13 36.85
N ILE B 333 -30.25 3.08 37.18
CA ILE B 333 -30.69 2.08 36.22
C ILE B 333 -32.12 2.39 35.81
N LEU B 334 -32.35 2.53 34.50
CA LEU B 334 -33.62 3.01 33.98
C LEU B 334 -34.27 1.98 33.07
N LEU B 335 -35.58 2.11 32.90
CA LEU B 335 -36.37 1.29 31.99
C LEU B 335 -37.16 2.21 31.08
N ASN B 336 -37.01 2.04 29.77
CA ASN B 336 -37.71 2.84 28.78
C ASN B 336 -38.67 1.97 27.99
N ASN B 337 -39.78 2.59 27.57
CA ASN B 337 -40.87 1.84 26.88
C ASN B 337 -41.18 2.40 25.49
N TRP B 338 -40.18 2.73 24.68
CA TRP B 338 -40.46 3.16 23.29
C TRP B 338 -40.58 1.90 22.42
N GLU B 339 -39.65 0.95 22.61
CA GLU B 339 -39.65 -0.29 21.80
C GLU B 339 -40.47 -1.36 22.54
N ALA B 340 -41.36 -0.94 23.43
CA ALA B 340 -42.23 -1.90 24.14
C ALA B 340 -43.69 -1.59 23.84
N THR B 341 -43.99 -0.33 23.54
CA THR B 341 -45.36 0.08 23.26
C THR B 341 -45.49 1.04 22.07
N TYR B 342 -44.47 1.86 21.80
CA TYR B 342 -44.55 2.92 20.78
C TYR B 342 -45.69 3.85 21.18
N PHE B 343 -46.55 4.28 20.26
CA PHE B 343 -47.63 5.20 20.60
C PHE B 343 -48.84 4.50 21.21
N ASP B 344 -48.85 3.17 21.24
CA ASP B 344 -49.99 2.40 21.71
C ASP B 344 -49.75 1.96 23.15
N PHE B 345 -50.35 2.67 24.11
CA PHE B 345 -50.26 2.32 25.51
C PHE B 345 -51.38 3.04 26.25
N ASN B 346 -51.56 2.66 27.52
CA ASN B 346 -52.53 3.30 28.41
C ASN B 346 -51.90 3.39 29.79
N GLU B 347 -52.69 3.86 30.75
CA GLU B 347 -52.21 3.94 32.12
C GLU B 347 -52.05 2.56 32.72
N GLU B 348 -53.02 1.67 32.50
CA GLU B 348 -52.95 0.32 33.04
C GLU B 348 -51.88 -0.50 32.31
N LYS B 349 -51.50 -0.09 31.10
CA LYS B 349 -50.46 -0.81 30.36
C LYS B 349 -49.09 -0.60 30.99
N ILE B 350 -48.85 0.56 31.59
CA ILE B 350 -47.51 0.88 32.05
C ILE B 350 -47.33 0.58 33.54
N LEU B 351 -48.42 0.57 34.31
CA LEU B 351 -48.29 0.28 35.73
C LEU B 351 -48.12 -1.21 35.97
N LYS B 352 -48.33 -2.04 34.95
CA LYS B 352 -47.98 -3.46 35.06
C LYS B 352 -46.54 -3.69 34.62
N ILE B 353 -46.01 -2.81 33.77
CA ILE B 353 -44.59 -2.84 33.46
C ILE B 353 -43.77 -2.38 34.65
N ALA B 354 -44.18 -1.28 35.29
CA ALA B 354 -43.40 -0.71 36.39
C ALA B 354 -43.34 -1.65 37.59
N GLU B 355 -44.46 -2.32 37.90
CA GLU B 355 -44.46 -3.26 39.01
C GLU B 355 -43.51 -4.42 38.75
N LYS B 356 -43.46 -4.91 37.52
CA LYS B 356 -42.56 -6.01 37.18
C LYS B 356 -41.11 -5.58 37.28
N ALA B 357 -40.78 -4.40 36.75
CA ALA B 357 -39.41 -3.92 36.82
C ALA B 357 -39.14 -3.23 38.15
N LYS B 358 -39.50 -3.90 39.24
CA LYS B 358 -39.14 -3.48 40.58
C LYS B 358 -38.60 -4.70 41.31
N GLU B 359 -39.10 -5.87 40.92
CA GLU B 359 -38.55 -7.13 41.42
C GLU B 359 -37.18 -7.43 40.82
N ALA B 360 -36.96 -7.01 39.57
CA ALA B 360 -35.68 -7.26 38.93
C ALA B 360 -34.57 -6.44 39.59
N GLY B 361 -34.83 -5.17 39.86
CA GLY B 361 -33.81 -4.31 40.46
C GLY B 361 -33.68 -2.96 39.79
N VAL B 362 -34.62 -2.63 38.91
CA VAL B 362 -34.63 -1.33 38.26
C VAL B 362 -35.00 -0.26 39.29
N GLU B 363 -34.51 0.97 39.07
CA GLU B 363 -34.74 2.05 40.02
C GLU B 363 -35.17 3.35 39.36
N LEU B 364 -35.68 3.31 38.13
CA LEU B 364 -36.11 4.52 37.44
C LEU B 364 -36.92 4.14 36.21
N PHE B 365 -38.05 4.81 36.01
CA PHE B 365 -38.92 4.57 34.88
C PHE B 365 -39.10 5.85 34.08
N VAL B 366 -39.18 5.71 32.76
CA VAL B 366 -39.25 6.85 31.85
C VAL B 366 -40.40 6.65 30.87
N LEU B 367 -41.42 7.55 30.76
CA LEU B 367 -42.32 7.63 29.62
C LEU B 367 -41.60 8.28 28.45
N ASP B 368 -41.92 7.85 27.23
CA ASP B 368 -41.14 8.28 26.09
C ASP B 368 -41.90 9.04 25.01
N ASP B 369 -43.24 8.95 25.02
CA ASP B 369 -44.03 9.75 24.04
C ASP B 369 -45.53 9.46 24.21
N GLY B 370 -46.38 10.14 23.45
CA GLY B 370 -47.82 9.88 23.49
C GLY B 370 -48.49 10.44 24.73
N TRP B 371 -47.72 10.93 25.71
CA TRP B 371 -48.34 11.38 26.97
C TRP B 371 -49.14 12.66 26.74
N PHE B 372 -48.61 13.58 25.94
CA PHE B 372 -49.30 14.88 25.72
C PHE B 372 -50.56 14.67 24.86
N GLY B 373 -51.49 15.62 24.91
CA GLY B 373 -52.77 15.47 24.18
C GLY B 373 -52.61 15.42 22.68
N ALA B 374 -53.54 14.77 21.98
CA ALA B 374 -53.51 14.71 20.50
C ALA B 374 -52.18 14.15 20.00
N ARG B 375 -51.66 13.09 20.65
CA ARG B 375 -50.42 12.45 20.15
C ARG B 375 -50.69 10.96 19.90
N ASN B 376 -51.24 10.61 18.73
CA ASN B 376 -51.43 9.21 18.42
C ASN B 376 -50.61 8.73 17.23
N ASP B 377 -50.06 9.65 16.44
CA ASP B 377 -49.14 9.32 15.36
C ASP B 377 -48.12 10.45 15.30
N ASP B 378 -47.33 10.49 14.22
CA ASP B 378 -46.32 11.53 14.05
C ASP B 378 -46.80 12.65 13.14
N TYR B 379 -48.09 12.99 13.24
CA TYR B 379 -48.67 14.06 12.43
C TYR B 379 -49.17 15.24 13.24
N ARG B 380 -49.67 15.01 14.45
CA ARG B 380 -50.31 16.07 15.22
C ARG B 380 -49.91 16.00 16.68
N GLY B 381 -50.09 17.13 17.38
CA GLY B 381 -49.96 17.19 18.82
C GLY B 381 -48.71 17.87 19.32
N LEU B 382 -47.66 17.94 18.51
CA LEU B 382 -46.40 18.50 18.96
C LEU B 382 -46.52 20.00 19.19
N GLY B 383 -45.65 20.54 20.03
CA GLY B 383 -45.74 21.95 20.41
C GLY B 383 -46.98 22.29 21.18
N ASP B 384 -47.49 21.33 21.98
CA ASP B 384 -48.71 21.53 22.76
C ASP B 384 -48.53 20.69 24.03
N TRP B 385 -48.03 21.33 25.09
CA TRP B 385 -47.47 20.61 26.23
C TRP B 385 -48.42 20.65 27.42
N TYR B 386 -49.37 19.72 27.41
CA TYR B 386 -50.17 19.41 28.59
C TYR B 386 -50.68 17.99 28.45
N VAL B 387 -51.02 17.39 29.59
CA VAL B 387 -51.33 15.96 29.63
C VAL B 387 -52.59 15.67 28.81
N ASN B 388 -52.65 14.46 28.26
CA ASN B 388 -53.81 13.97 27.54
C ASN B 388 -54.71 13.21 28.51
N LEU B 389 -55.95 13.65 28.65
CA LEU B 389 -56.83 13.08 29.67
C LEU B 389 -57.33 11.70 29.26
N GLU B 390 -57.53 11.47 27.96
CA GLU B 390 -58.10 10.20 27.50
C GLU B 390 -57.17 9.03 27.80
N LYS B 391 -55.87 9.18 27.50
CA LYS B 391 -54.93 8.11 27.80
C LYS B 391 -54.67 8.02 29.30
N LEU B 392 -54.48 9.17 29.96
CA LEU B 392 -54.18 9.21 31.39
C LEU B 392 -55.32 9.93 32.10
N PRO B 393 -56.27 9.20 32.67
CA PRO B 393 -57.44 9.87 33.29
C PRO B 393 -57.09 10.78 34.46
N ASP B 394 -56.03 10.47 35.21
CA ASP B 394 -55.73 11.20 36.43
C ASP B 394 -54.68 12.30 36.21
N GLY B 395 -53.80 12.15 35.23
CA GLY B 395 -52.81 13.15 34.92
C GLY B 395 -51.41 12.69 35.25
N ILE B 396 -50.44 13.56 34.91
CA ILE B 396 -49.05 13.26 35.20
C ILE B 396 -48.79 13.23 36.70
N ALA B 397 -49.46 14.11 37.46
CA ALA B 397 -49.28 14.14 38.91
C ALA B 397 -49.68 12.81 39.55
N GLY B 398 -50.87 12.31 39.22
CA GLY B 398 -51.33 11.07 39.82
C GLY B 398 -50.50 9.87 39.41
N LEU B 399 -50.16 9.79 38.12
CA LEU B 399 -49.31 8.69 37.66
C LEU B 399 -47.94 8.73 38.32
N SER B 400 -47.38 9.93 38.48
CA SER B 400 -46.10 10.06 39.16
C SER B 400 -46.20 9.63 40.62
N ARG B 401 -47.30 10.00 41.29
CA ARG B 401 -47.51 9.55 42.66
C ARG B 401 -47.57 8.03 42.73
N LYS B 402 -48.30 7.40 41.82
CA LYS B 402 -48.42 5.94 41.83
C LYS B 402 -47.07 5.27 41.57
N VAL B 403 -46.32 5.78 40.58
CA VAL B 403 -45.03 5.18 40.27
C VAL B 403 -44.08 5.31 41.44
N GLU B 404 -44.05 6.49 42.08
CA GLU B 404 -43.17 6.68 43.23
C GLU B 404 -43.61 5.83 44.41
N ALA B 405 -44.92 5.61 44.57
CA ALA B 405 -45.40 4.71 45.62
C ALA B 405 -44.95 3.28 45.36
N LEU B 406 -44.91 2.86 44.09
CA LEU B 406 -44.39 1.55 43.76
C LEU B 406 -42.94 1.39 44.22
N GLY B 407 -42.17 2.47 44.22
CA GLY B 407 -40.79 2.42 44.68
C GLY B 407 -39.78 2.81 43.62
N LEU B 408 -40.24 3.47 42.57
CA LEU B 408 -39.39 3.88 41.46
C LEU B 408 -39.39 5.41 41.35
N LYS B 409 -38.55 5.91 40.45
CA LYS B 409 -38.50 7.33 40.12
C LYS B 409 -39.09 7.55 38.73
N PHE B 410 -39.45 8.80 38.45
CA PHE B 410 -40.21 9.12 37.26
C PHE B 410 -39.40 10.02 36.32
N GLY B 411 -39.67 9.88 35.04
CA GLY B 411 -39.01 10.69 34.02
C GLY B 411 -39.94 10.92 32.85
N LEU B 412 -39.82 11.98 32.10
CA LEU B 412 -40.66 12.39 30.98
C LEU B 412 -39.82 12.51 29.72
N TRP B 413 -40.51 12.75 28.60
CA TRP B 413 -39.88 13.00 27.31
C TRP B 413 -40.47 14.28 26.74
N VAL B 414 -39.60 15.18 26.28
CA VAL B 414 -40.04 16.45 25.71
C VAL B 414 -39.18 16.79 24.51
N GLU B 415 -39.74 17.60 23.61
CA GLU B 415 -39.05 18.11 22.42
C GLU B 415 -39.49 19.55 22.25
N LEU B 416 -38.76 20.47 22.86
CA LEU B 416 -39.18 21.88 22.93
C LEU B 416 -38.57 22.72 21.83
N GLU B 417 -38.58 22.25 20.56
CA GLU B 417 -38.11 23.06 19.44
C GLU B 417 -38.99 22.97 18.21
N MET B 418 -39.90 22.00 18.13
CA MET B 418 -40.68 21.73 16.94
C MET B 418 -42.15 22.03 17.18
N VAL B 419 -42.92 22.00 16.09
CA VAL B 419 -44.35 22.28 16.14
C VAL B 419 -44.98 21.61 14.92
N ASN B 420 -46.23 21.16 15.08
CA ASN B 420 -46.99 20.60 14.00
C ASN B 420 -48.09 21.58 13.57
N LYS B 421 -48.58 21.39 12.35
CA LYS B 421 -49.64 22.25 11.83
C LYS B 421 -50.94 22.08 12.61
N ASP B 422 -51.19 20.89 13.13
CA ASP B 422 -52.42 20.62 13.87
C ASP B 422 -52.35 21.04 15.33
N SER B 423 -51.24 21.62 15.77
CA SER B 423 -51.15 22.12 17.13
C SER B 423 -51.98 23.39 17.30
N ASP B 424 -52.27 23.70 18.57
CA ASP B 424 -52.94 24.97 18.86
C ASP B 424 -52.00 26.16 18.74
N LEU B 425 -50.69 25.94 18.90
CA LEU B 425 -49.72 27.02 18.78
C LEU B 425 -49.72 27.61 17.38
N TYR B 426 -49.76 26.76 16.35
CA TYR B 426 -49.77 27.25 14.99
C TYR B 426 -51.06 27.99 14.67
N ARG B 427 -52.20 27.49 15.17
CA ARG B 427 -53.47 28.14 14.87
C ARG B 427 -53.59 29.47 15.58
N ALA B 428 -53.08 29.57 16.80
CA ALA B 428 -53.19 30.82 17.55
C ALA B 428 -52.47 31.96 16.84
N HIS B 429 -51.21 31.73 16.49
CA HIS B 429 -50.40 32.70 15.75
C HIS B 429 -49.28 31.98 14.99
N PRO B 430 -49.33 32.02 13.66
CA PRO B 430 -48.40 31.21 12.85
C PRO B 430 -47.13 31.93 12.38
N ASP B 431 -46.85 33.14 12.85
CA ASP B 431 -45.71 33.90 12.39
C ASP B 431 -44.44 33.61 13.17
N TRP B 432 -44.48 32.67 14.11
CA TRP B 432 -43.33 32.32 14.93
C TRP B 432 -42.43 31.28 14.29
N LEU B 433 -42.75 30.83 13.09
CA LEU B 433 -41.94 29.84 12.41
C LEU B 433 -40.68 30.48 11.83
N ILE B 434 -39.71 29.63 11.50
CA ILE B 434 -38.50 30.05 10.81
C ILE B 434 -38.67 29.78 9.33
N GLY B 435 -38.39 30.76 8.51
CA GLY B 435 -38.58 30.64 7.08
C GLY B 435 -38.77 31.99 6.43
N ALA B 436 -38.82 31.97 5.10
CA ALA B 436 -38.94 33.17 4.31
C ALA B 436 -40.34 33.26 3.67
N PRO B 437 -40.82 34.46 3.38
CA PRO B 437 -42.12 34.59 2.72
C PRO B 437 -42.03 34.35 1.22
N ASP B 438 -43.15 33.88 0.67
CA ASP B 438 -43.25 33.52 -0.76
C ASP B 438 -42.30 32.39 -1.13
N ARG B 439 -41.96 31.56 -0.15
CA ARG B 439 -41.10 30.40 -0.36
C ARG B 439 -41.79 29.17 0.24
N PHE B 440 -41.41 28.00 -0.26
CA PHE B 440 -41.98 26.76 0.23
C PHE B 440 -41.54 26.49 1.67
N GLU B 441 -42.36 25.74 2.40
CA GLU B 441 -42.09 25.35 3.79
C GLU B 441 -41.74 23.87 3.80
N SER B 442 -40.45 23.56 3.71
CA SER B 442 -40.00 22.18 3.69
C SER B 442 -40.27 21.50 5.02
N HIS B 443 -40.77 20.27 4.96
CA HIS B 443 -41.05 19.47 6.14
C HIS B 443 -40.18 18.22 6.13
N ALA B 444 -39.90 17.69 7.32
CA ALA B 444 -39.07 16.51 7.48
C ALA B 444 -39.84 15.31 8.00
N ARG B 445 -40.54 15.46 9.12
CA ARG B 445 -41.41 14.42 9.67
C ARG B 445 -42.75 15.03 10.03
N HIS B 446 -43.32 15.79 9.08
CA HIS B 446 -44.56 16.53 9.28
C HIS B 446 -44.44 17.55 10.42
N GLN B 447 -43.20 18.00 10.65
CA GLN B 447 -42.91 18.96 11.76
C GLN B 447 -42.14 20.17 11.23
N HIS B 448 -42.23 21.30 11.93
CA HIS B 448 -41.55 22.54 11.49
C HIS B 448 -40.68 23.07 12.63
N VAL B 449 -39.63 23.83 12.32
CA VAL B 449 -38.72 24.37 13.31
C VAL B 449 -39.26 25.69 13.84
N LEU B 450 -39.03 25.95 15.11
CA LEU B 450 -39.55 27.12 15.81
C LEU B 450 -38.42 28.12 16.04
N ASP B 451 -38.71 29.40 15.82
CA ASP B 451 -37.68 30.43 15.75
C ASP B 451 -37.25 30.83 17.16
N PHE B 452 -36.05 30.41 17.57
CA PHE B 452 -35.45 30.85 18.83
C PHE B 452 -34.50 32.02 18.65
N SER B 453 -34.46 32.61 17.46
CA SER B 453 -33.70 33.85 17.29
C SER B 453 -34.34 35.02 18.02
N ARG B 454 -35.60 34.88 18.43
CA ARG B 454 -36.33 35.91 19.14
C ARG B 454 -36.58 35.47 20.58
N LYS B 455 -36.69 36.45 21.49
CA LYS B 455 -36.81 36.17 22.90
C LYS B 455 -38.25 35.83 23.33
N GLU B 456 -39.25 36.35 22.63
CA GLU B 456 -40.63 36.10 23.02
C GLU B 456 -40.99 34.63 22.89
N VAL B 457 -40.49 33.97 21.84
CA VAL B 457 -40.77 32.55 21.64
C VAL B 457 -40.17 31.73 22.78
N VAL B 458 -38.92 32.02 23.17
CA VAL B 458 -38.28 31.29 24.24
C VAL B 458 -38.99 31.54 25.56
N ASP B 459 -39.40 32.79 25.81
CA ASP B 459 -40.11 33.10 27.05
C ASP B 459 -41.46 32.37 27.10
N TYR B 460 -42.13 32.27 25.95
CA TYR B 460 -43.41 31.53 25.90
C TYR B 460 -43.14 30.03 26.15
N ILE B 461 -42.15 29.47 25.47
CA ILE B 461 -41.85 28.02 25.60
C ILE B 461 -41.47 27.72 27.06
N TYR B 462 -40.70 28.61 27.70
CA TYR B 462 -40.23 28.33 29.08
C TYR B 462 -41.42 28.01 30.00
N LYS B 463 -42.44 28.87 30.04
CA LYS B 463 -43.57 28.65 30.98
C LYS B 463 -44.29 27.34 30.63
N MET B 464 -44.36 27.00 29.35
CA MET B 464 -45.12 25.80 28.90
C MET B 464 -44.90 24.61 29.85
N ILE B 465 -43.65 24.17 30.03
CA ILE B 465 -43.40 22.94 30.83
C ILE B 465 -43.21 23.27 32.32
N ALA B 466 -42.70 24.47 32.63
CA ALA B 466 -42.40 24.82 34.04
C ALA B 466 -43.51 24.31 34.98
N LYS B 467 -44.77 24.60 34.66
CA LYS B 467 -45.89 24.22 35.56
C LYS B 467 -45.90 22.69 35.70
N VAL B 468 -45.67 21.95 34.60
CA VAL B 468 -45.60 20.47 34.81
C VAL B 468 -44.51 20.16 35.83
N LEU B 469 -43.28 20.58 35.56
CA LEU B 469 -42.13 20.27 36.45
C LEU B 469 -42.49 20.57 37.91
N ARG B 470 -43.35 21.56 38.15
CA ARG B 470 -43.62 21.95 39.53
C ARG B 470 -44.86 21.29 40.11
N GLU B 471 -45.83 20.92 39.27
CA GLU B 471 -47.04 20.28 39.78
C GLU B 471 -46.86 18.78 40.01
N SER B 472 -45.74 18.21 39.57
CA SER B 472 -45.44 16.79 39.74
C SER B 472 -44.04 16.63 40.32
N SER B 473 -43.63 15.37 40.47
CA SER B 473 -42.31 15.03 40.99
C SER B 473 -41.53 14.34 39.87
N ILE B 474 -40.83 15.14 39.08
CA ILE B 474 -40.01 14.58 37.96
C ILE B 474 -38.53 14.81 38.30
N SER B 475 -37.71 13.77 38.15
CA SER B 475 -36.26 13.89 38.45
C SER B 475 -35.44 13.59 37.19
N TYR B 476 -36.11 13.22 36.10
CA TYR B 476 -35.40 12.87 34.88
C TYR B 476 -36.19 13.41 33.71
N ILE B 477 -35.51 14.03 32.75
CA ILE B 477 -36.16 14.59 31.57
C ILE B 477 -35.26 14.38 30.37
N LYS B 478 -35.88 14.06 29.22
CA LYS B 478 -35.12 13.74 27.98
C LYS B 478 -35.57 14.60 26.80
N TRP B 479 -34.64 15.27 26.13
CA TRP B 479 -34.95 16.12 24.96
C TRP B 479 -34.71 15.35 23.67
N ASP B 480 -35.67 15.32 22.74
CA ASP B 480 -35.45 14.67 21.42
C ASP B 480 -35.59 15.77 20.37
N MET B 481 -34.57 16.04 19.55
CA MET B 481 -34.71 16.96 18.39
C MET B 481 -34.65 16.05 17.14
N ASN B 482 -35.55 16.20 16.19
CA ASN B 482 -35.56 15.22 15.06
C ASN B 482 -35.67 15.86 13.68
N ARG B 483 -34.96 16.95 13.41
CA ARG B 483 -34.96 17.49 12.03
C ARG B 483 -33.82 18.49 11.86
N TYR B 484 -33.30 18.65 10.64
CA TYR B 484 -32.26 19.67 10.37
C TYR B 484 -32.99 20.96 9.99
N MET B 485 -32.27 22.07 9.84
CA MET B 485 -32.93 23.37 9.57
C MET B 485 -33.02 23.57 8.06
N THR B 486 -33.86 24.53 7.63
CA THR B 486 -34.10 24.79 6.19
C THR B 486 -34.70 26.19 6.07
N GLU B 487 -34.38 26.92 5.01
CA GLU B 487 -34.82 28.30 4.79
C GLU B 487 -34.52 29.15 6.02
N PRO B 488 -33.25 29.41 6.34
CA PRO B 488 -32.91 30.19 7.55
C PRO B 488 -33.15 31.68 7.40
N TYR B 489 -34.40 32.09 7.60
CA TYR B 489 -34.81 33.48 7.53
C TYR B 489 -35.66 33.80 8.75
N SER B 490 -35.47 35.00 9.30
CA SER B 490 -36.18 35.43 10.50
C SER B 490 -37.11 36.58 10.16
N ARG B 491 -38.41 36.40 10.46
CA ARG B 491 -39.39 37.43 10.14
C ARG B 491 -39.28 38.63 11.07
N GLY B 492 -38.87 38.41 12.31
CA GLY B 492 -38.74 39.49 13.26
C GLY B 492 -37.35 40.08 13.36
N ALA B 493 -36.80 40.52 12.23
CA ALA B 493 -35.47 41.11 12.21
C ALA B 493 -35.34 42.02 11.00
N ASP B 494 -34.33 42.89 11.05
CA ASP B 494 -34.05 43.81 9.96
C ASP B 494 -33.28 43.11 8.85
N ALA B 495 -33.20 43.77 7.70
CA ALA B 495 -32.50 43.23 6.55
C ALA B 495 -31.00 43.11 6.76
N SER B 496 -30.43 43.76 7.78
CA SER B 496 -29.00 43.68 8.02
C SER B 496 -28.60 42.54 8.94
N GLN B 497 -29.48 42.17 9.88
CA GLN B 497 -29.23 41.05 10.80
C GLN B 497 -29.79 39.74 10.29
N GLN B 498 -29.81 39.52 8.98
CA GLN B 498 -30.22 38.22 8.44
C GLN B 498 -29.08 37.22 8.42
N GLY B 499 -27.84 37.65 8.65
CA GLY B 499 -26.71 36.76 8.74
C GLY B 499 -26.42 36.23 10.12
N LYS B 500 -27.22 36.60 11.12
CA LYS B 500 -26.99 36.21 12.51
C LYS B 500 -27.92 35.10 12.98
N VAL B 501 -28.74 34.53 12.10
CA VAL B 501 -29.84 33.68 12.55
C VAL B 501 -29.31 32.36 13.11
N MET B 502 -28.37 31.73 12.40
CA MET B 502 -27.90 30.41 12.81
C MET B 502 -27.19 30.44 14.17
N HIS B 503 -26.37 31.46 14.41
CA HIS B 503 -25.67 31.55 15.70
C HIS B 503 -26.64 31.92 16.82
N LYS B 504 -27.58 32.82 16.55
CA LYS B 504 -28.52 33.22 17.58
C LYS B 504 -29.47 32.11 17.96
N TYR B 505 -29.80 31.21 17.04
CA TYR B 505 -30.60 30.04 17.39
C TYR B 505 -29.90 29.19 18.45
N ILE B 506 -28.61 28.92 18.24
CA ILE B 506 -27.83 28.13 19.20
C ILE B 506 -27.73 28.87 20.53
N LEU B 507 -27.53 30.19 20.47
CA LEU B 507 -27.44 30.96 21.71
C LEU B 507 -28.75 30.91 22.50
N GLY B 508 -29.89 30.97 21.79
CA GLY B 508 -31.17 30.85 22.47
C GLY B 508 -31.40 29.48 23.07
N VAL B 509 -30.94 28.43 22.38
CA VAL B 509 -31.01 27.08 22.95
C VAL B 509 -30.21 27.02 24.25
N TYR B 510 -29.00 27.61 24.24
CA TYR B 510 -28.20 27.64 25.46
C TYR B 510 -28.89 28.43 26.57
N ASP B 511 -29.55 29.52 26.22
CA ASP B 511 -30.27 30.30 27.22
C ASP B 511 -31.39 29.47 27.87
N LEU B 512 -32.14 28.74 27.06
CA LEU B 512 -33.19 27.88 27.61
C LEU B 512 -32.61 26.82 28.53
N TYR B 513 -31.52 26.18 28.10
CA TYR B 513 -30.86 25.19 28.94
C TYR B 513 -30.42 25.79 30.28
N THR B 514 -29.84 27.00 30.22
CA THR B 514 -29.36 27.66 31.43
C THR B 514 -30.52 27.92 32.39
N ARG B 515 -31.62 28.47 31.88
CA ARG B 515 -32.76 28.74 32.74
C ARG B 515 -33.29 27.45 33.39
N LEU B 516 -33.45 26.41 32.57
CA LEU B 516 -34.03 25.16 33.08
C LEU B 516 -33.16 24.52 34.15
N THR B 517 -31.84 24.47 33.91
CA THR B 517 -30.96 23.88 34.89
C THR B 517 -30.73 24.77 36.10
N THR B 518 -30.95 26.08 35.95
CA THR B 518 -30.84 26.99 37.12
C THR B 518 -31.97 26.67 38.10
N GLU B 519 -33.20 26.56 37.61
CA GLU B 519 -34.38 26.32 38.49
C GLU B 519 -34.41 24.84 38.90
N PHE B 520 -33.94 23.94 38.03
CA PHE B 520 -34.01 22.49 38.34
C PHE B 520 -32.59 21.90 38.37
N PRO B 521 -31.84 22.07 39.47
CA PRO B 521 -30.47 21.56 39.58
C PRO B 521 -30.43 20.14 40.16
N GLU B 522 -31.58 19.60 40.57
CA GLU B 522 -31.66 18.24 41.15
C GLU B 522 -32.20 17.27 40.10
N ILE B 523 -32.52 17.79 38.91
CA ILE B 523 -33.10 16.97 37.85
C ILE B 523 -31.99 16.62 36.87
N LEU B 524 -31.80 15.33 36.63
CA LEU B 524 -30.87 14.86 35.62
C LEU B 524 -31.47 15.04 34.23
N PHE B 525 -30.64 15.43 33.28
CA PHE B 525 -31.09 15.72 31.92
C PHE B 525 -30.43 14.78 30.93
N GLU B 526 -31.17 14.27 29.95
CA GLU B 526 -30.50 13.47 28.89
C GLU B 526 -30.72 14.20 27.57
N SER B 527 -29.72 14.19 26.69
CA SER B 527 -29.83 14.94 25.41
C SER B 527 -29.76 13.97 24.24
N CYS B 528 -30.66 14.10 23.28
CA CYS B 528 -30.62 13.26 22.07
C CYS B 528 -30.92 14.15 20.86
N ALA B 529 -30.43 13.78 19.69
CA ALA B 529 -30.76 14.52 18.45
C ALA B 529 -31.10 13.43 17.47
N SER B 530 -32.18 12.72 17.72
CA SER B 530 -32.58 11.53 16.92
C SER B 530 -31.49 10.48 17.01
N GLY B 531 -30.83 10.37 18.17
CA GLY B 531 -29.88 9.28 18.33
C GLY B 531 -28.46 9.65 17.99
N GLY B 532 -27.86 10.63 18.67
CA GLY B 532 -26.42 10.84 18.43
C GLY B 532 -26.02 12.19 17.86
N ALA B 533 -26.85 12.83 17.03
CA ALA B 533 -26.46 14.18 16.56
C ALA B 533 -26.36 15.10 17.78
N ARG B 534 -25.73 16.28 17.63
CA ARG B 534 -25.54 17.21 18.78
C ARG B 534 -24.79 16.47 19.89
N PHE B 535 -23.85 15.58 19.53
CA PHE B 535 -23.04 14.86 20.51
C PHE B 535 -21.69 15.56 20.52
N ASP B 536 -21.55 16.54 21.40
CA ASP B 536 -20.52 17.56 21.32
C ASP B 536 -20.07 17.93 22.72
N PRO B 537 -18.83 18.44 22.87
CA PRO B 537 -18.39 18.89 24.20
C PRO B 537 -19.22 20.02 24.78
N ALA B 538 -19.87 20.85 23.97
CA ALA B 538 -20.67 21.94 24.49
C ALA B 538 -21.93 21.46 25.20
N MET B 539 -22.50 20.34 24.76
CA MET B 539 -23.72 19.82 25.37
C MET B 539 -23.44 19.22 26.75
N LEU B 540 -22.24 18.65 26.94
CA LEU B 540 -21.92 18.04 28.22
C LEU B 540 -21.85 19.06 29.34
N TYR B 541 -21.73 20.34 29.00
CA TYR B 541 -21.75 21.40 30.00
C TYR B 541 -23.10 21.51 30.66
N PHE B 542 -24.17 21.12 29.96
CA PHE B 542 -25.53 21.27 30.43
C PHE B 542 -26.16 19.92 30.80
N ALA B 543 -26.08 18.95 29.90
CA ALA B 543 -26.63 17.62 30.12
C ALA B 543 -25.49 16.63 30.33
N PRO B 544 -25.39 15.98 31.51
CA PRO B 544 -24.25 15.10 31.77
C PRO B 544 -24.19 13.83 30.90
N GLN B 545 -25.33 13.29 30.46
CA GLN B 545 -25.36 12.00 29.71
C GLN B 545 -26.11 12.15 28.39
N THR B 546 -25.60 11.53 27.31
CA THR B 546 -26.24 11.62 25.98
C THR B 546 -26.66 10.22 25.51
N TRP B 547 -27.59 10.13 24.57
CA TRP B 547 -27.98 8.82 23.98
C TRP B 547 -27.04 8.62 22.78
N THR B 548 -26.20 7.59 22.81
CA THR B 548 -25.17 7.40 21.74
C THR B 548 -25.78 7.16 20.36
N SER B 549 -26.76 6.27 20.25
CA SER B 549 -27.36 5.96 18.92
C SER B 549 -28.72 5.27 19.07
N ASP B 550 -29.48 5.19 17.99
CA ASP B 550 -30.81 4.53 17.99
C ASP B 550 -30.64 3.08 17.54
N ASP B 551 -29.41 2.64 17.25
CA ASP B 551 -29.14 1.25 16.79
C ASP B 551 -29.60 0.26 17.87
N THR B 552 -28.91 0.19 19.00
CA THR B 552 -29.27 -0.74 20.11
C THR B 552 -28.94 -2.18 19.72
N ASP B 553 -28.49 -2.43 18.49
CA ASP B 553 -28.04 -3.78 18.11
C ASP B 553 -26.65 -4.01 18.71
N ALA B 554 -26.43 -5.16 19.34
CA ALA B 554 -25.14 -5.41 20.03
C ALA B 554 -23.95 -5.43 19.06
N SER B 555 -24.09 -5.97 17.86
CA SER B 555 -22.91 -6.13 16.97
C SER B 555 -22.43 -4.79 16.42
N GLU B 556 -23.31 -3.78 16.38
CA GLU B 556 -22.93 -2.49 15.77
C GLU B 556 -22.49 -1.52 16.86
N ARG B 557 -23.03 -1.65 18.07
CA ARG B 557 -22.64 -0.78 19.16
C ARG B 557 -21.15 -0.92 19.48
N THR B 558 -20.54 -2.06 19.19
CA THR B 558 -19.09 -2.17 19.36
C THR B 558 -18.34 -1.19 18.46
N LYS B 559 -18.64 -1.18 17.16
CA LYS B 559 -18.01 -0.25 16.24
C LYS B 559 -18.37 1.19 16.52
N ILE B 560 -19.58 1.46 17.00
CA ILE B 560 -19.96 2.83 17.34
C ILE B 560 -19.21 3.32 18.58
N GLN B 561 -19.13 2.49 19.62
CA GLN B 561 -18.50 2.94 20.87
C GLN B 561 -16.99 3.00 20.74
N TYR B 562 -16.39 2.11 19.94
CA TYR B 562 -14.96 2.17 19.70
C TYR B 562 -14.57 3.50 19.04
N GLY B 563 -15.36 3.92 18.05
CA GLY B 563 -15.12 5.21 17.42
C GLY B 563 -15.43 6.38 18.35
N THR B 564 -16.50 6.26 19.14
CA THR B 564 -16.87 7.35 20.03
C THR B 564 -15.82 7.59 21.12
N SER B 565 -15.26 6.53 21.71
CA SER B 565 -14.35 6.67 22.84
C SER B 565 -12.96 7.11 22.37
N TYR B 566 -12.94 8.23 21.65
CA TYR B 566 -11.70 8.89 21.25
C TYR B 566 -11.60 10.21 21.99
N VAL B 567 -12.74 10.85 22.20
CA VAL B 567 -12.79 12.16 22.83
C VAL B 567 -13.64 12.19 24.08
N TYR B 568 -14.64 11.32 24.18
CA TYR B 568 -15.68 11.48 25.20
C TYR B 568 -15.60 10.38 26.24
N PRO B 569 -15.92 10.67 27.50
CA PRO B 569 -15.81 9.66 28.55
C PRO B 569 -16.79 8.51 28.36
N VAL B 570 -16.56 7.44 29.12
CA VAL B 570 -17.44 6.28 29.10
C VAL B 570 -18.79 6.61 29.74
N VAL B 571 -18.78 7.37 30.84
CA VAL B 571 -20.01 7.67 31.57
C VAL B 571 -21.00 8.48 30.73
N SER B 572 -20.52 9.12 29.66
CA SER B 572 -21.41 9.93 28.82
C SER B 572 -22.27 9.05 27.91
N MET B 573 -21.74 7.92 27.45
CA MET B 573 -22.44 7.11 26.47
C MET B 573 -23.59 6.35 27.12
N GLY B 574 -24.78 6.44 26.52
CA GLY B 574 -25.94 5.73 27.02
C GLY B 574 -26.27 4.51 26.20
N SER B 575 -26.38 3.35 26.84
CA SER B 575 -26.61 2.08 26.15
C SER B 575 -27.70 1.30 26.86
N HIS B 576 -28.51 0.58 26.09
CA HIS B 576 -29.64 -0.18 26.63
C HIS B 576 -29.63 -1.59 26.06
N VAL B 577 -30.44 -2.45 26.69
CA VAL B 577 -30.62 -3.84 26.26
C VAL B 577 -32.04 -3.99 25.74
N SER B 578 -32.17 -4.45 24.49
CA SER B 578 -33.45 -4.53 23.81
C SER B 578 -33.81 -5.99 23.52
N ALA B 579 -34.94 -6.17 22.84
CA ALA B 579 -35.40 -7.50 22.47
C ALA B 579 -34.51 -8.08 21.39
N VAL B 580 -34.43 -9.42 21.37
CA VAL B 580 -33.45 -10.11 20.53
C VAL B 580 -33.67 -9.87 19.04
N PRO B 581 -34.90 -9.88 18.48
CA PRO B 581 -34.96 -9.58 17.04
C PRO B 581 -35.06 -8.07 16.81
N ASN B 582 -33.92 -7.40 16.90
CA ASN B 582 -33.89 -5.95 17.03
C ASN B 582 -34.55 -5.29 15.83
N HIS B 583 -35.21 -4.17 16.09
CA HIS B 583 -36.09 -3.52 15.13
C HIS B 583 -35.35 -2.83 14.00
N GLN B 584 -34.02 -2.72 14.08
CA GLN B 584 -33.24 -1.97 13.11
C GLN B 584 -32.49 -2.86 12.12
N MET B 585 -31.94 -3.99 12.58
CA MET B 585 -31.16 -4.86 11.72
C MET B 585 -31.75 -6.24 11.50
N HIS B 586 -32.73 -6.65 12.31
CA HIS B 586 -33.39 -7.95 12.20
C HIS B 586 -32.37 -9.08 12.35
N ARG B 587 -31.74 -9.13 13.53
CA ARG B 587 -30.65 -10.04 13.81
C ARG B 587 -30.82 -10.59 15.22
N MET B 588 -30.48 -11.88 15.39
CA MET B 588 -30.60 -12.54 16.68
C MET B 588 -29.23 -12.62 17.36
N THR B 589 -29.20 -12.28 18.65
CA THR B 589 -27.96 -12.14 19.40
C THR B 589 -28.18 -12.67 20.82
N PRO B 590 -27.22 -13.42 21.36
CA PRO B 590 -27.38 -13.91 22.74
C PRO B 590 -27.48 -12.77 23.73
N ILE B 591 -28.29 -12.99 24.78
CA ILE B 591 -28.56 -11.93 25.74
C ILE B 591 -27.30 -11.53 26.50
N GLU B 592 -26.40 -12.47 26.75
CA GLU B 592 -25.23 -12.15 27.56
C GLU B 592 -24.26 -11.27 26.77
N THR B 593 -24.22 -11.42 25.45
CA THR B 593 -23.43 -10.50 24.63
C THR B 593 -23.98 -9.08 24.70
N ARG B 594 -25.31 -8.96 24.67
CA ARG B 594 -25.93 -7.63 24.79
C ARG B 594 -25.61 -7.01 26.14
N ALA B 595 -25.67 -7.81 27.20
CA ALA B 595 -25.29 -7.31 28.53
C ALA B 595 -23.82 -6.90 28.56
N ASN B 596 -22.93 -7.71 27.96
CA ASN B 596 -21.51 -7.40 27.98
C ASN B 596 -21.20 -6.12 27.23
N VAL B 597 -21.90 -5.85 26.14
CA VAL B 597 -21.68 -4.60 25.42
C VAL B 597 -22.33 -3.42 26.13
N ALA B 598 -23.42 -3.64 26.87
CA ALA B 598 -24.10 -2.56 27.57
C ALA B 598 -23.47 -2.19 28.91
N TYR B 599 -22.45 -2.93 29.37
CA TYR B 599 -21.86 -2.63 30.67
C TYR B 599 -21.01 -1.37 30.62
N PHE B 600 -20.35 -1.11 29.50
CA PHE B 600 -19.45 0.03 29.38
C PHE B 600 -20.25 1.24 28.91
N GLY B 601 -20.87 1.91 29.87
CA GLY B 601 -21.75 3.04 29.63
C GLY B 601 -22.73 3.18 30.77
N THR B 602 -23.92 3.68 30.45
CA THR B 602 -25.02 3.79 31.41
C THR B 602 -25.98 2.64 31.14
N PHE B 603 -25.93 1.62 31.99
CA PHE B 603 -26.71 0.41 31.79
C PHE B 603 -28.21 0.70 31.85
N GLY B 604 -28.97 0.05 30.98
CA GLY B 604 -30.40 0.29 30.90
C GLY B 604 -31.12 -0.86 30.24
N TYR B 605 -32.44 -0.70 30.10
CA TYR B 605 -33.28 -1.76 29.56
C TYR B 605 -34.41 -1.14 28.75
N GLU B 606 -34.33 -1.22 27.42
CA GLU B 606 -35.47 -0.90 26.55
C GLU B 606 -36.19 -2.18 26.16
N LEU B 607 -36.85 -2.77 27.16
CA LEU B 607 -37.36 -4.13 27.04
C LEU B 607 -38.69 -4.22 27.78
N ASP B 608 -39.37 -5.35 27.60
CA ASP B 608 -40.57 -5.68 28.36
C ASP B 608 -40.32 -7.03 29.04
N LEU B 609 -40.44 -7.05 30.37
CA LEU B 609 -40.11 -8.24 31.14
C LEU B 609 -41.30 -9.15 31.38
N ASN B 610 -42.48 -8.81 30.87
CA ASN B 610 -43.62 -9.71 30.88
C ASN B 610 -43.66 -10.61 29.67
N LEU B 611 -42.78 -10.39 28.69
CA LEU B 611 -42.68 -11.23 27.52
C LEU B 611 -41.52 -12.23 27.59
N LEU B 612 -40.59 -12.04 28.52
CA LEU B 612 -39.43 -12.90 28.64
C LEU B 612 -39.82 -14.26 29.23
N SER B 613 -39.01 -15.26 28.94
CA SER B 613 -39.21 -16.60 29.45
C SER B 613 -38.75 -16.67 30.91
N GLU B 614 -39.03 -17.82 31.54
CA GLU B 614 -38.66 -17.99 32.95
C GLU B 614 -37.17 -18.26 33.12
N ALA B 615 -36.56 -18.98 32.18
CA ALA B 615 -35.12 -19.22 32.25
C ALA B 615 -34.30 -18.00 31.89
N GLU B 616 -34.92 -16.96 31.33
CA GLU B 616 -34.23 -15.74 30.96
C GLU B 616 -34.50 -14.58 31.90
N LEU B 617 -35.60 -14.60 32.64
CA LEU B 617 -35.83 -13.60 33.66
C LEU B 617 -34.85 -13.75 34.82
N GLU B 618 -34.46 -14.99 35.14
CA GLU B 618 -33.49 -15.20 36.20
C GLU B 618 -32.09 -14.75 35.78
N SER B 619 -31.83 -14.71 34.48
CA SER B 619 -30.54 -14.24 33.98
C SER B 619 -30.45 -12.72 33.92
N VAL B 620 -31.59 -12.02 34.02
CA VAL B 620 -31.56 -10.56 34.03
C VAL B 620 -31.23 -10.02 35.42
N LYS B 621 -31.71 -10.71 36.46
CA LYS B 621 -31.43 -10.27 37.82
C LYS B 621 -29.94 -10.37 38.16
N LYS B 622 -29.22 -11.27 37.49
CA LYS B 622 -27.80 -11.45 37.76
C LYS B 622 -26.94 -10.39 37.07
N GLN B 623 -27.48 -9.69 36.08
CA GLN B 623 -26.73 -8.62 35.43
C GLN B 623 -26.81 -7.33 36.24
N ILE B 624 -27.95 -7.07 36.86
CA ILE B 624 -28.11 -5.87 37.67
C ILE B 624 -27.18 -5.91 38.88
N ALA B 625 -26.99 -7.08 39.48
CA ALA B 625 -26.07 -7.19 40.60
C ALA B 625 -24.64 -6.87 40.18
N PHE B 626 -24.21 -7.42 39.04
CA PHE B 626 -22.88 -7.13 38.52
C PHE B 626 -22.70 -5.64 38.27
N MET B 627 -23.70 -5.01 37.65
CA MET B 627 -23.57 -3.59 37.34
C MET B 627 -23.54 -2.76 38.60
N LYS B 628 -24.40 -3.07 39.58
CA LYS B 628 -24.39 -2.35 40.85
C LYS B 628 -23.10 -2.58 41.63
N GLU B 629 -22.39 -3.67 41.36
CA GLU B 629 -21.13 -3.90 42.04
C GLU B 629 -19.93 -3.24 41.35
N TYR B 630 -19.97 -3.09 40.03
CA TYR B 630 -18.79 -2.62 39.30
C TYR B 630 -18.95 -1.25 38.67
N ARG B 631 -20.10 -0.59 38.80
CA ARG B 631 -20.30 0.67 38.12
C ARG B 631 -19.42 1.78 38.68
N GLU B 632 -19.05 1.72 39.96
CA GLU B 632 -18.16 2.73 40.51
C GLU B 632 -16.79 2.68 39.86
N LEU B 633 -16.26 1.47 39.65
CA LEU B 633 -15.00 1.34 38.94
C LEU B 633 -15.14 1.70 37.47
N ILE B 634 -16.24 1.33 36.83
CA ILE B 634 -16.39 1.59 35.40
C ILE B 634 -16.59 3.08 35.10
N GLN B 635 -17.32 3.81 35.94
CA GLN B 635 -17.79 5.15 35.59
C GLN B 635 -16.92 6.28 36.16
N VAL B 636 -16.77 6.34 37.47
CA VAL B 636 -16.23 7.56 38.08
C VAL B 636 -14.71 7.54 38.12
N ASP B 637 -14.06 6.41 38.37
CA ASP B 637 -12.60 6.36 38.44
C ASP B 637 -12.07 5.13 37.72
N GLY B 638 -11.30 5.36 36.67
CA GLY B 638 -10.74 4.26 35.91
C GLY B 638 -10.37 4.65 34.49
N ASP B 639 -9.22 4.17 34.01
CA ASP B 639 -8.76 4.48 32.68
C ASP B 639 -9.31 3.47 31.67
N PHE B 640 -9.40 3.90 30.42
CA PHE B 640 -9.98 3.11 29.34
C PHE B 640 -8.92 2.84 28.29
N TYR B 641 -8.64 1.55 28.04
CA TYR B 641 -7.65 1.14 27.06
C TYR B 641 -8.34 0.37 25.94
N ARG B 642 -8.00 0.69 24.70
CA ARG B 642 -8.50 -0.03 23.54
C ARG B 642 -7.42 -1.01 23.08
N LEU B 643 -7.78 -2.29 23.04
CA LEU B 643 -6.82 -3.36 22.79
C LEU B 643 -6.85 -3.89 21.37
N LEU B 644 -8.04 -4.14 20.81
CA LEU B 644 -8.14 -4.64 19.44
C LEU B 644 -9.18 -3.81 18.68
N SER B 645 -8.96 -3.68 17.37
CA SER B 645 -9.71 -2.75 16.55
C SER B 645 -10.70 -3.49 15.65
N PRO B 646 -11.98 -3.16 15.70
CA PRO B 646 -12.95 -3.78 14.79
C PRO B 646 -12.90 -3.23 13.36
N PHE B 647 -12.10 -2.21 13.11
CA PHE B 647 -11.91 -1.70 11.76
C PHE B 647 -10.74 -2.34 11.05
N GLU B 648 -10.06 -3.29 11.68
CA GLU B 648 -8.90 -3.95 11.10
C GLU B 648 -8.96 -5.47 11.10
N GLY B 649 -9.96 -6.06 11.73
CA GLY B 649 -10.02 -7.50 11.82
C GLY B 649 -11.39 -7.98 12.21
N ASN B 650 -11.43 -9.18 12.80
CA ASN B 650 -12.68 -9.85 13.13
C ASN B 650 -13.07 -9.74 14.60
N GLU B 651 -12.14 -9.38 15.47
CA GLU B 651 -12.40 -9.36 16.91
C GLU B 651 -12.19 -7.96 17.48
N THR B 652 -12.92 -7.69 18.56
CA THR B 652 -12.83 -6.43 19.30
C THR B 652 -12.43 -6.76 20.73
N ALA B 653 -11.70 -5.86 21.37
CA ALA B 653 -11.31 -6.10 22.75
C ALA B 653 -10.94 -4.79 23.41
N TRP B 654 -11.48 -4.56 24.62
CA TRP B 654 -11.04 -3.45 25.46
C TRP B 654 -11.07 -3.85 26.93
N MET B 655 -10.73 -2.88 27.79
CA MET B 655 -10.64 -3.12 29.22
C MET B 655 -10.67 -1.80 29.97
N VAL B 656 -10.94 -1.89 31.28
CA VAL B 656 -10.94 -0.76 32.19
C VAL B 656 -10.12 -1.14 33.42
N VAL B 657 -9.20 -0.25 33.81
CA VAL B 657 -8.28 -0.47 34.91
C VAL B 657 -8.49 0.63 35.95
N ALA B 658 -8.40 0.26 37.23
CA ALA B 658 -8.54 1.22 38.32
C ALA B 658 -7.40 2.23 38.32
N GLN B 659 -7.45 3.20 39.22
CA GLN B 659 -6.45 4.26 39.24
C GLN B 659 -5.18 3.89 39.99
N ASP B 660 -5.28 3.02 41.00
CA ASP B 660 -4.12 2.51 41.71
C ASP B 660 -3.69 1.13 41.22
N LYS B 661 -4.29 0.66 40.13
CA LYS B 661 -3.97 -0.64 39.53
C LYS B 661 -4.19 -1.78 40.52
N SER B 662 -5.43 -1.89 41.01
CA SER B 662 -5.80 -2.93 41.94
C SER B 662 -7.04 -3.71 41.52
N ARG B 663 -7.75 -3.29 40.48
CA ARG B 663 -8.91 -4.01 39.96
C ARG B 663 -8.99 -3.75 38.47
N ALA B 664 -9.55 -4.71 37.74
CA ALA B 664 -9.67 -4.51 36.30
C ALA B 664 -10.76 -5.39 35.72
N VAL B 665 -11.36 -4.92 34.63
CA VAL B 665 -12.36 -5.67 33.87
C VAL B 665 -11.94 -5.66 32.41
N ALA B 666 -12.05 -6.82 31.75
CA ALA B 666 -11.67 -6.93 30.34
C ALA B 666 -12.77 -7.62 29.55
N ALA B 667 -12.95 -7.19 28.30
CA ALA B 667 -14.01 -7.72 27.45
C ALA B 667 -13.48 -8.01 26.06
N PHE B 668 -13.89 -9.17 25.53
CA PHE B 668 -13.48 -9.69 24.24
C PHE B 668 -14.73 -10.05 23.44
N TYR B 669 -14.79 -9.61 22.18
CA TYR B 669 -15.95 -9.79 21.33
C TYR B 669 -15.54 -10.34 19.98
N GLN B 670 -16.43 -11.15 19.39
CA GLN B 670 -16.20 -11.81 18.12
C GLN B 670 -17.34 -11.46 17.16
N ARG B 671 -17.01 -11.41 15.87
CA ARG B 671 -18.01 -11.05 14.85
C ARG B 671 -18.53 -12.26 14.07
N MET B 672 -17.64 -13.10 13.56
CA MET B 672 -18.05 -14.27 12.80
C MET B 672 -17.33 -15.51 13.32
N ASN B 673 -18.03 -16.64 13.28
CA ASN B 673 -17.45 -17.90 13.72
C ASN B 673 -16.39 -18.38 12.74
N LYS B 674 -15.30 -18.91 13.26
CA LYS B 674 -14.21 -19.46 12.46
C LYS B 674 -14.10 -20.95 12.75
N VAL B 675 -13.99 -21.74 11.68
CA VAL B 675 -13.89 -23.20 11.79
C VAL B 675 -12.45 -23.61 11.55
N ASN B 676 -11.95 -24.52 12.39
CA ASN B 676 -10.60 -25.08 12.24
C ASN B 676 -9.54 -23.97 12.21
N ALA B 677 -9.66 -23.03 13.14
CA ALA B 677 -8.85 -21.83 13.14
C ALA B 677 -7.67 -21.98 14.09
N SER B 678 -6.92 -20.88 14.28
CA SER B 678 -5.67 -20.88 15.01
C SER B 678 -5.91 -20.59 16.49
N TRP B 679 -4.83 -20.32 17.23
CA TRP B 679 -4.91 -20.04 18.65
C TRP B 679 -5.08 -18.54 18.89
N ILE B 680 -5.50 -18.19 20.11
CA ILE B 680 -5.77 -16.81 20.49
C ILE B 680 -5.06 -16.51 21.81
N ARG B 681 -4.30 -15.42 21.84
CA ARG B 681 -3.61 -14.95 23.03
C ARG B 681 -4.05 -13.51 23.29
N PHE B 682 -4.86 -13.30 24.33
CA PHE B 682 -5.44 -12.01 24.64
C PHE B 682 -4.47 -11.22 25.52
N LYS B 683 -3.82 -10.22 24.94
CA LYS B 683 -2.78 -9.46 25.63
C LYS B 683 -3.37 -8.18 26.23
N LEU B 684 -3.11 -7.96 27.51
CA LEU B 684 -3.65 -6.83 28.24
C LEU B 684 -2.64 -5.69 28.32
N GLN B 685 -3.10 -4.54 28.82
CA GLN B 685 -2.29 -3.34 28.95
C GLN B 685 -2.72 -2.58 30.18
N GLY B 686 -1.83 -1.70 30.65
CA GLY B 686 -2.15 -0.80 31.73
C GLY B 686 -1.94 -1.34 33.13
N LEU B 687 -1.59 -2.61 33.28
CA LEU B 687 -1.28 -3.17 34.59
C LEU B 687 0.15 -2.81 34.97
N ASP B 688 0.63 -3.31 36.11
CA ASP B 688 2.00 -3.08 36.54
C ASP B 688 2.68 -4.41 36.81
N ALA B 689 3.88 -4.58 36.27
CA ALA B 689 4.65 -5.79 36.50
C ALA B 689 5.11 -5.85 37.95
N GLY B 690 5.17 -7.06 38.49
CA GLY B 690 5.56 -7.28 39.86
C GLY B 690 4.41 -7.43 40.84
N THR B 691 3.18 -7.25 40.38
CA THR B 691 1.99 -7.43 41.21
C THR B 691 1.29 -8.73 40.80
N LEU B 692 0.98 -9.57 41.79
CA LEU B 692 0.35 -10.85 41.53
C LEU B 692 -1.16 -10.68 41.46
N TYR B 693 -1.72 -10.93 40.28
CA TYR B 693 -3.15 -10.79 40.04
C TYR B 693 -3.83 -12.14 40.01
N GLU B 694 -5.13 -12.12 40.28
CA GLU B 694 -6.00 -13.28 40.19
C GLU B 694 -7.03 -13.02 39.11
N VAL B 695 -7.16 -13.94 38.16
CA VAL B 695 -8.01 -13.80 36.99
C VAL B 695 -9.17 -14.77 37.11
N SER B 696 -10.38 -14.28 36.87
CA SER B 696 -11.59 -15.09 37.01
C SER B 696 -12.51 -14.85 35.82
N CYS B 697 -13.21 -15.91 35.42
CA CYS B 697 -14.20 -15.89 34.36
C CYS B 697 -15.12 -17.09 34.51
N ASP B 698 -16.39 -16.90 34.13
CA ASP B 698 -17.39 -17.97 34.21
C ASP B 698 -17.79 -18.35 32.78
N MET B 699 -17.35 -19.53 32.35
CA MET B 699 -17.64 -20.01 31.00
C MET B 699 -18.82 -20.99 31.02
N ALA B 700 -19.97 -20.47 31.43
CA ALA B 700 -21.19 -21.27 31.51
C ALA B 700 -21.83 -21.41 30.12
N PRO B 701 -22.25 -22.60 29.75
CA PRO B 701 -22.88 -22.79 28.44
C PRO B 701 -24.24 -22.11 28.37
N SER B 702 -24.64 -21.75 27.15
CA SER B 702 -25.94 -21.14 26.92
C SER B 702 -27.01 -22.22 26.77
N ALA B 703 -28.23 -21.79 26.49
CA ALA B 703 -29.38 -22.69 26.37
C ALA B 703 -29.58 -23.19 24.95
N SER B 704 -28.63 -22.93 24.05
CA SER B 704 -28.76 -23.35 22.65
C SER B 704 -27.55 -24.19 22.25
N TYR B 705 -27.19 -25.16 23.08
CA TYR B 705 -26.00 -25.98 22.88
C TYR B 705 -26.41 -27.42 22.60
N ASP B 706 -25.91 -27.97 21.49
CA ASP B 706 -26.13 -29.37 21.15
C ASP B 706 -24.92 -30.16 21.65
N GLU B 707 -25.09 -30.85 22.77
CA GLU B 707 -23.99 -31.61 23.35
C GLU B 707 -23.71 -32.89 22.57
N SER B 708 -24.76 -33.62 22.16
CA SER B 708 -24.56 -34.88 21.45
C SER B 708 -23.87 -34.66 20.10
N LEU B 709 -24.15 -33.53 19.45
CA LEU B 709 -23.46 -33.20 18.22
C LEU B 709 -21.96 -33.08 18.44
N ALA B 710 -21.56 -32.45 19.55
CA ALA B 710 -20.15 -32.41 19.90
C ALA B 710 -19.62 -33.79 20.26
N LYS B 711 -20.45 -34.61 20.91
CA LYS B 711 -20.01 -35.96 21.29
C LYS B 711 -19.66 -36.79 20.06
N ILE B 712 -20.47 -36.72 19.01
CA ILE B 712 -20.25 -37.56 17.83
C ILE B 712 -19.16 -36.97 16.94
N TYR B 713 -18.57 -35.86 17.37
CA TYR B 713 -17.47 -35.25 16.64
C TYR B 713 -16.11 -35.45 17.32
N GLY B 714 -16.13 -35.95 18.56
CA GLY B 714 -14.88 -36.15 19.32
C GLY B 714 -14.38 -34.86 19.94
N ILE B 715 -15.01 -33.73 19.59
CA ILE B 715 -14.55 -32.41 20.08
C ILE B 715 -15.29 -32.03 21.37
N GLN B 716 -16.04 -32.97 21.95
CA GLN B 716 -16.75 -32.71 23.24
C GLN B 716 -15.73 -32.25 24.28
N VAL B 722 -15.22 -20.99 37.24
CA VAL B 722 -14.13 -21.38 38.13
C VAL B 722 -12.80 -21.38 37.40
N LYS B 723 -12.54 -20.31 36.65
CA LYS B 723 -11.30 -20.13 35.91
C LYS B 723 -10.24 -19.42 36.74
N THR B 724 -10.50 -19.16 38.02
CA THR B 724 -9.59 -18.40 38.87
C THR B 724 -8.18 -18.98 38.84
N TYR B 725 -7.22 -18.19 38.33
CA TYR B 725 -5.82 -18.58 38.37
C TYR B 725 -4.96 -17.34 38.53
N ARG B 726 -3.77 -17.53 39.08
CA ARG B 726 -2.91 -16.44 39.51
C ARG B 726 -1.75 -16.25 38.55
N ALA B 727 -1.41 -14.99 38.29
CA ALA B 727 -0.34 -14.66 37.36
C ALA B 727 0.31 -13.35 37.82
N TYR B 728 1.31 -12.90 37.06
CA TYR B 728 1.99 -11.66 37.32
C TYR B 728 1.60 -10.61 36.30
N GLY B 729 1.93 -9.36 36.60
CA GLY B 729 1.55 -8.27 35.71
C GLY B 729 2.22 -8.34 34.36
N ASP B 730 3.51 -8.69 34.33
CA ASP B 730 4.24 -8.74 33.07
C ASP B 730 3.87 -9.96 32.24
N GLU B 731 3.57 -11.08 32.89
CA GLU B 731 3.19 -12.29 32.16
C GLU B 731 1.82 -12.16 31.51
N LEU B 732 1.02 -11.16 31.89
CA LEU B 732 -0.29 -10.94 31.28
C LEU B 732 -0.26 -9.96 30.13
N MET B 733 0.68 -9.01 30.15
CA MET B 733 0.82 -8.07 29.04
C MET B 733 1.78 -8.56 27.97
N GLN B 734 2.77 -9.38 28.34
CA GLN B 734 3.75 -9.85 27.38
C GLN B 734 3.35 -11.20 26.79
N VAL B 735 2.92 -12.13 27.63
CA VAL B 735 2.21 -13.32 27.20
C VAL B 735 0.73 -13.06 27.44
N GLY B 736 -0.12 -13.56 26.55
CA GLY B 736 -1.54 -13.32 26.64
C GLY B 736 -2.25 -14.27 27.58
N ILE B 737 -3.56 -14.11 27.64
CA ILE B 737 -4.46 -15.10 28.22
C ILE B 737 -4.83 -16.06 27.11
N PRO B 738 -4.63 -17.37 27.27
CA PRO B 738 -5.05 -18.31 26.22
C PRO B 738 -6.57 -18.32 26.09
N ILE B 739 -7.06 -18.24 24.86
CA ILE B 739 -8.48 -18.31 24.57
C ILE B 739 -8.76 -19.64 23.88
N ASP B 740 -9.67 -20.41 24.45
CA ASP B 740 -10.06 -21.71 23.88
C ASP B 740 -11.27 -21.49 23.00
N ARG B 741 -11.13 -21.77 21.70
CA ARG B 741 -12.19 -21.50 20.75
C ARG B 741 -13.44 -22.34 20.99
N GLU B 742 -13.33 -23.44 21.74
CA GLU B 742 -14.50 -24.22 22.08
C GLU B 742 -15.37 -23.56 23.13
N ASP B 743 -14.81 -22.63 23.91
CA ASP B 743 -15.62 -21.83 24.82
C ASP B 743 -16.27 -20.64 24.11
N LEU B 744 -15.82 -20.30 22.91
CA LEU B 744 -16.52 -19.32 22.08
C LEU B 744 -17.59 -19.95 21.21
N ASN B 745 -17.66 -21.27 21.16
CA ASN B 745 -18.64 -21.98 20.35
C ASN B 745 -19.87 -22.40 21.17
N LYS B 746 -19.74 -22.49 22.48
CA LYS B 746 -20.86 -22.75 23.37
C LYS B 746 -21.43 -21.48 23.98
N LYS B 747 -20.94 -20.31 23.56
CA LYS B 747 -21.50 -19.03 23.94
C LYS B 747 -22.40 -18.45 22.86
N GLY B 748 -22.83 -19.27 21.91
CA GLY B 748 -23.62 -18.81 20.78
C GLY B 748 -22.90 -19.02 19.47
N GLY B 749 -21.60 -18.76 19.45
CA GLY B 749 -20.77 -19.05 18.30
C GLY B 749 -20.59 -17.90 17.33
N ASP B 750 -21.66 -17.18 17.02
CA ASP B 750 -21.58 -16.16 15.99
C ASP B 750 -21.27 -14.78 16.54
N PHE B 751 -21.97 -14.35 17.59
CA PHE B 751 -21.67 -13.09 18.23
C PHE B 751 -21.30 -13.32 19.69
N ALA B 752 -20.45 -14.31 19.93
CA ALA B 752 -20.04 -14.68 21.28
C ALA B 752 -19.09 -13.64 21.86
N SER B 753 -19.05 -13.60 23.20
CA SER B 753 -18.20 -12.66 23.90
C SER B 753 -17.78 -13.25 25.23
N LEU B 754 -16.68 -12.74 25.77
CA LEU B 754 -16.12 -13.18 27.03
C LEU B 754 -15.78 -11.98 27.91
N LEU B 755 -15.96 -12.15 29.21
CA LEU B 755 -15.69 -11.12 30.20
C LEU B 755 -14.79 -11.68 31.29
N TYR B 756 -13.71 -10.95 31.59
CA TYR B 756 -12.71 -11.37 32.56
C TYR B 756 -12.60 -10.34 33.67
N THR B 757 -12.37 -10.81 34.90
CA THR B 757 -12.21 -9.95 36.06
C THR B 757 -10.85 -10.20 36.70
N LEU B 758 -10.12 -9.13 36.99
CA LEU B 758 -8.79 -9.22 37.60
C LEU B 758 -8.78 -8.50 38.94
N LYS B 759 -8.27 -9.21 39.96
CA LYS B 759 -8.21 -8.67 41.31
C LYS B 759 -6.78 -8.77 41.84
N LYS B 760 -6.33 -7.70 42.50
CA LYS B 760 -4.93 -7.59 42.93
C LYS B 760 -4.55 -8.64 43.98
N VAL B 761 -5.52 -9.29 44.61
CA VAL B 761 -5.26 -10.24 45.69
C VAL B 761 -4.23 -11.30 45.34
N ALA C 2 1.52 -25.26 -35.27
CA ALA C 2 2.55 -25.27 -36.31
C ALA C 2 3.95 -25.30 -35.71
N VAL C 3 4.81 -26.16 -36.24
CA VAL C 3 6.20 -26.25 -35.81
C VAL C 3 7.08 -26.07 -37.04
N ILE C 4 8.04 -25.15 -36.96
CA ILE C 4 8.96 -24.86 -38.04
C ILE C 4 10.38 -24.89 -37.48
N PHE C 5 11.34 -25.28 -38.32
CA PHE C 5 12.70 -25.52 -37.85
C PHE C 5 13.67 -24.38 -38.17
N HIS C 6 13.69 -23.86 -39.39
CA HIS C 6 14.70 -22.87 -39.79
C HIS C 6 16.10 -23.44 -39.61
N GLU C 7 16.39 -24.45 -40.42
CA GLU C 7 17.63 -25.22 -40.28
C GLU C 7 18.87 -24.33 -40.30
N LYS C 8 18.87 -23.30 -41.15
CA LYS C 8 20.05 -22.46 -41.31
C LYS C 8 20.44 -21.74 -40.01
N THR C 9 19.50 -21.55 -39.10
CA THR C 9 19.76 -20.83 -37.86
C THR C 9 19.55 -21.69 -36.61
N LYS C 10 19.00 -22.89 -36.76
CA LYS C 10 18.80 -23.83 -35.66
C LYS C 10 17.84 -23.25 -34.60
N GLU C 11 16.61 -23.00 -35.03
CA GLU C 11 15.58 -22.45 -34.17
C GLU C 11 14.37 -23.36 -34.12
N PHE C 12 13.34 -22.92 -33.39
CA PHE C 12 12.10 -23.66 -33.23
C PHE C 12 11.02 -22.65 -32.89
N HIS C 13 10.01 -22.55 -33.75
CA HIS C 13 8.89 -21.64 -33.57
C HIS C 13 7.60 -22.45 -33.52
N ILE C 14 6.89 -22.36 -32.39
CA ILE C 14 5.62 -23.05 -32.21
C ILE C 14 4.55 -22.00 -32.01
N PHE C 15 3.53 -22.00 -32.88
CA PHE C 15 2.53 -20.95 -32.79
C PHE C 15 1.17 -21.47 -33.25
N ASN C 16 0.14 -20.74 -32.84
CA ASN C 16 -1.21 -20.87 -33.37
C ASN C 16 -1.77 -19.46 -33.48
N ARG C 17 -3.09 -19.34 -33.59
CA ARG C 17 -3.70 -18.01 -33.74
C ARG C 17 -3.55 -17.13 -32.50
N GLU C 18 -3.12 -17.68 -31.37
CA GLU C 18 -3.11 -16.90 -30.13
C GLU C 18 -1.75 -16.74 -29.48
N VAL C 19 -0.92 -17.79 -29.40
CA VAL C 19 0.31 -17.74 -28.64
C VAL C 19 1.48 -18.19 -29.50
N SER C 20 2.68 -17.81 -29.06
CA SER C 20 3.92 -18.18 -29.72
C SER C 20 4.99 -18.54 -28.70
N TYR C 21 5.83 -19.49 -29.09
CA TYR C 21 6.94 -20.01 -28.28
C TYR C 21 8.14 -20.15 -29.19
N LEU C 22 9.26 -19.52 -28.80
CA LEU C 22 10.48 -19.52 -29.60
C LEU C 22 11.62 -20.11 -28.79
N MET C 23 12.46 -20.91 -29.44
CA MET C 23 13.60 -21.50 -28.76
C MET C 23 14.67 -21.82 -29.79
N ARG C 24 15.88 -22.11 -29.31
CA ARG C 24 17.01 -22.33 -30.21
C ARG C 24 18.08 -23.13 -29.51
N ILE C 25 18.99 -23.69 -30.31
CA ILE C 25 20.09 -24.51 -29.83
C ILE C 25 21.35 -23.64 -29.78
N MET C 26 21.91 -23.49 -28.58
CA MET C 26 23.12 -22.69 -28.43
C MET C 26 24.34 -23.49 -28.90
N GLU C 27 25.53 -22.90 -28.71
CA GLU C 27 26.75 -23.46 -29.28
C GLU C 27 27.40 -24.51 -28.39
N ASN C 28 26.78 -24.88 -27.28
CA ASN C 28 27.22 -26.01 -26.48
C ASN C 28 26.17 -27.12 -26.44
N GLY C 29 25.25 -27.14 -27.40
CA GLY C 29 24.23 -28.17 -27.48
C GLY C 29 23.18 -28.13 -26.39
N GLN C 30 22.74 -26.94 -25.99
CA GLN C 30 21.68 -26.76 -25.01
C GLN C 30 20.51 -26.03 -25.67
N LEU C 31 19.37 -26.06 -25.00
CA LEU C 31 18.17 -25.37 -25.47
C LEU C 31 18.00 -24.06 -24.72
N GLU C 32 17.71 -23.00 -25.46
CA GLU C 32 17.57 -21.66 -24.92
C GLU C 32 16.21 -21.08 -25.28
N ASN C 33 15.57 -20.44 -24.30
CA ASN C 33 14.30 -19.76 -24.53
C ASN C 33 14.54 -18.33 -24.99
N LEU C 34 13.78 -17.90 -25.99
CA LEU C 34 13.90 -16.56 -26.56
C LEU C 34 12.66 -15.72 -26.36
N TYR C 35 11.47 -16.30 -26.50
CA TYR C 35 10.23 -15.55 -26.35
C TYR C 35 9.08 -16.52 -26.09
N TYR C 36 8.15 -16.09 -25.25
CA TYR C 36 6.93 -16.85 -24.99
C TYR C 36 5.83 -15.85 -24.69
N GLY C 37 4.78 -15.85 -25.51
CA GLY C 37 3.69 -14.93 -25.27
C GLY C 37 2.72 -14.80 -26.42
N LYS C 38 2.31 -13.58 -26.73
CA LYS C 38 1.35 -13.35 -27.79
C LYS C 38 1.98 -13.65 -29.16
N VAL C 39 1.12 -13.92 -30.14
CA VAL C 39 1.59 -14.40 -31.44
C VAL C 39 2.31 -13.29 -32.19
N ILE C 40 3.39 -13.66 -32.88
CA ILE C 40 4.14 -12.74 -33.72
C ILE C 40 4.43 -13.43 -35.05
N ARG C 41 4.58 -12.63 -36.11
CA ARG C 41 4.96 -13.17 -37.40
C ARG C 41 6.42 -13.61 -37.38
N ASP C 42 6.75 -14.53 -38.28
CA ASP C 42 8.04 -15.21 -38.26
C ASP C 42 8.91 -14.74 -39.42
N LYS C 43 10.15 -14.41 -39.11
CA LYS C 43 11.21 -14.17 -40.08
C LYS C 43 12.28 -15.25 -39.92
N GLU C 44 13.22 -15.27 -40.87
CA GLU C 44 14.21 -16.35 -40.89
C GLU C 44 15.19 -16.24 -39.73
N ASP C 45 15.53 -15.02 -39.32
CA ASP C 45 16.57 -14.80 -38.32
C ASP C 45 16.00 -14.10 -37.10
N PHE C 46 16.31 -14.64 -35.92
CA PHE C 46 15.95 -14.04 -34.64
C PHE C 46 17.14 -13.98 -33.68
N GLY C 47 18.35 -14.25 -34.17
CA GLY C 47 19.49 -14.48 -33.30
C GLY C 47 19.94 -13.28 -32.50
N TYR C 48 19.54 -12.07 -32.89
CA TYR C 48 19.94 -10.88 -32.14
C TYR C 48 19.25 -10.78 -30.78
N LEU C 49 18.26 -11.63 -30.51
CA LEU C 49 17.58 -11.59 -29.23
C LEU C 49 18.40 -12.19 -28.10
N HIS C 50 19.47 -12.92 -28.42
CA HIS C 50 20.36 -13.48 -27.41
C HIS C 50 21.54 -12.53 -27.24
N GLU C 51 21.62 -11.87 -26.09
CA GLU C 51 22.64 -10.89 -25.79
C GLU C 51 23.55 -11.41 -24.69
N GLU C 52 24.86 -11.25 -24.88
CA GLU C 52 25.85 -11.68 -23.91
C GLU C 52 26.88 -10.59 -23.70
N ALA C 53 27.33 -10.44 -22.47
CA ALA C 53 28.33 -9.43 -22.12
C ALA C 53 29.23 -9.97 -21.02
N MET C 54 30.43 -9.40 -20.94
CA MET C 54 31.41 -9.84 -19.95
C MET C 54 31.11 -9.23 -18.59
N ARG C 55 31.23 -10.05 -17.55
CA ARG C 55 31.01 -9.61 -16.18
C ARG C 55 32.09 -10.21 -15.30
N SER C 56 32.11 -9.78 -14.04
CA SER C 56 33.05 -10.30 -13.07
C SER C 56 32.48 -11.54 -12.38
N GLN C 57 33.38 -12.39 -11.89
CA GLN C 57 33.01 -13.62 -11.19
C GLN C 57 32.16 -14.54 -12.06
N MET C 58 32.40 -14.51 -13.37
CA MET C 58 31.61 -15.26 -14.34
C MET C 58 32.46 -16.33 -15.00
N SER C 59 32.01 -17.57 -14.95
CA SER C 59 32.72 -18.71 -15.52
C SER C 59 32.02 -19.18 -16.78
N VAL C 60 32.77 -19.30 -17.88
CA VAL C 60 32.23 -19.74 -19.14
C VAL C 60 32.43 -21.24 -19.26
N CYS C 61 31.60 -21.88 -20.10
CA CYS C 61 31.58 -23.32 -20.24
C CYS C 61 32.05 -23.79 -21.61
N ILE C 62 32.59 -22.90 -22.44
CA ILE C 62 33.05 -23.24 -23.78
C ILE C 62 34.52 -22.85 -23.86
N PRO C 63 35.26 -23.26 -24.92
CA PRO C 63 36.70 -22.90 -24.99
C PRO C 63 36.98 -21.42 -24.84
N GLU C 64 38.24 -21.09 -24.55
CA GLU C 64 38.67 -19.79 -24.05
C GLU C 64 38.19 -18.58 -24.86
N PRO C 65 38.32 -18.58 -26.20
CA PRO C 65 37.96 -17.35 -26.94
C PRO C 65 36.51 -16.93 -26.76
N GLY C 66 35.59 -17.87 -26.56
CA GLY C 66 34.18 -17.54 -26.48
C GLY C 66 33.75 -17.05 -25.10
N ILE C 67 32.53 -16.54 -25.06
CA ILE C 67 31.91 -16.02 -23.83
C ILE C 67 30.49 -16.56 -23.77
N LEU C 68 30.20 -17.42 -22.79
CA LEU C 68 28.85 -17.94 -22.62
C LEU C 68 28.71 -18.44 -21.18
N SER C 69 27.89 -17.76 -20.39
CA SER C 69 27.69 -18.09 -18.99
C SER C 69 26.25 -18.50 -18.75
N MET C 70 26.07 -19.61 -18.04
CA MET C 70 24.73 -20.13 -17.80
C MET C 70 23.98 -19.37 -16.72
N GLN C 71 24.65 -18.46 -16.00
CA GLN C 71 23.96 -17.65 -15.01
C GLN C 71 23.12 -16.56 -15.65
N TYR C 72 23.54 -16.04 -16.80
CA TYR C 72 22.90 -14.89 -17.43
C TYR C 72 22.21 -15.26 -18.74
N THR C 73 21.74 -16.50 -18.86
CA THR C 73 21.01 -16.95 -20.03
C THR C 73 19.72 -17.63 -19.60
N ARG C 74 18.72 -17.58 -20.46
CA ARG C 74 17.44 -18.25 -20.21
C ARG C 74 17.49 -19.63 -20.84
N GLN C 75 17.36 -20.67 -20.02
CA GLN C 75 17.51 -22.03 -20.48
C GLN C 75 16.35 -22.88 -19.97
N GLU C 76 16.05 -23.92 -20.74
CA GLU C 76 14.97 -24.84 -20.40
C GLU C 76 15.56 -26.08 -19.76
N TYR C 77 15.01 -26.46 -18.60
CA TYR C 77 15.38 -27.66 -17.89
C TYR C 77 16.86 -27.60 -17.50
N PRO C 78 17.24 -26.74 -16.53
CA PRO C 78 18.66 -26.52 -16.22
C PRO C 78 19.30 -27.64 -15.42
N VAL C 79 20.54 -27.42 -14.96
CA VAL C 79 21.26 -28.38 -14.14
C VAL C 79 22.33 -27.61 -13.36
N TYR C 80 22.79 -28.20 -12.26
CA TYR C 80 23.74 -27.55 -11.36
C TYR C 80 25.13 -28.14 -11.53
N GLY C 81 26.14 -27.30 -11.33
CA GLY C 81 27.52 -27.73 -11.30
C GLY C 81 28.36 -27.37 -12.50
N THR C 82 27.86 -26.56 -13.44
CA THR C 82 28.61 -26.22 -14.64
C THR C 82 28.75 -24.71 -14.83
N GLY C 83 28.29 -23.90 -13.89
CA GLY C 83 28.39 -22.45 -14.02
C GLY C 83 27.11 -21.73 -13.69
N ASP C 84 26.12 -22.47 -13.22
CA ASP C 84 24.83 -21.92 -12.83
C ASP C 84 24.65 -22.09 -11.33
N TYR C 85 24.24 -21.01 -10.65
CA TYR C 85 24.12 -21.00 -9.20
C TYR C 85 22.69 -20.72 -8.75
N ARG C 86 21.70 -21.11 -9.56
CA ARG C 86 20.32 -21.13 -9.13
C ARG C 86 19.90 -22.56 -8.81
N SER C 87 18.62 -22.73 -8.50
CA SER C 87 18.12 -24.06 -8.14
C SER C 87 18.00 -24.93 -9.40
N PRO C 88 18.54 -26.13 -9.39
CA PRO C 88 18.56 -26.96 -10.59
C PRO C 88 17.22 -27.64 -10.83
N ALA C 89 17.14 -28.37 -11.94
CA ALA C 89 15.96 -29.15 -12.29
C ALA C 89 16.28 -30.62 -12.52
N LEU C 90 17.50 -31.06 -12.26
CA LEU C 90 17.88 -32.45 -12.48
C LEU C 90 19.06 -32.78 -11.58
N THR C 91 19.01 -33.95 -10.96
CA THR C 91 20.11 -34.44 -10.13
C THR C 91 20.27 -35.93 -10.35
N VAL C 92 21.45 -36.33 -10.84
CA VAL C 92 21.75 -37.72 -11.13
C VAL C 92 22.98 -38.11 -10.33
N LEU C 93 22.89 -39.21 -9.60
CA LEU C 93 23.98 -39.75 -8.80
C LEU C 93 24.49 -41.03 -9.46
N GLN C 94 25.81 -41.14 -9.55
CA GLN C 94 26.47 -42.21 -10.28
C GLN C 94 27.31 -43.05 -9.34
N GLU C 95 28.00 -44.05 -9.91
CA GLU C 95 28.73 -45.01 -9.11
C GLU C 95 30.05 -44.45 -8.57
N ASN C 96 30.70 -43.55 -9.32
CA ASN C 96 31.91 -42.92 -8.81
C ASN C 96 31.63 -41.94 -7.67
N GLY C 97 30.37 -41.58 -7.45
CA GLY C 97 29.98 -40.69 -6.39
C GLY C 97 29.68 -39.27 -6.82
N SER C 98 29.97 -38.92 -8.06
CA SER C 98 29.79 -37.54 -8.52
C SER C 98 28.38 -37.31 -9.02
N ARG C 99 27.98 -36.04 -9.03
CA ARG C 99 26.71 -35.59 -9.57
C ARG C 99 27.00 -34.53 -10.62
N LEU C 100 27.28 -34.98 -11.84
CA LEU C 100 27.64 -34.08 -12.93
C LEU C 100 27.15 -34.69 -14.23
N VAL C 101 26.29 -33.98 -14.94
CA VAL C 101 25.70 -34.48 -16.18
C VAL C 101 25.71 -33.36 -17.22
N ASP C 102 25.80 -33.75 -18.49
CA ASP C 102 25.82 -32.80 -19.60
C ASP C 102 25.09 -33.44 -20.77
N PHE C 103 23.92 -32.90 -21.12
CA PHE C 103 23.07 -33.43 -22.17
C PHE C 103 23.16 -32.53 -23.40
N SER C 104 23.45 -33.12 -24.55
CA SER C 104 23.62 -32.39 -25.79
C SER C 104 22.61 -32.85 -26.82
N TYR C 105 22.20 -31.92 -27.69
CA TYR C 105 21.16 -32.18 -28.67
C TYR C 105 21.64 -33.20 -29.70
N VAL C 106 20.73 -34.09 -30.11
CA VAL C 106 21.04 -35.15 -31.07
C VAL C 106 20.12 -35.08 -32.28
N SER C 107 18.81 -35.08 -32.05
CA SER C 107 17.85 -35.09 -33.15
C SER C 107 16.49 -34.60 -32.65
N HIS C 108 15.55 -34.48 -33.59
CA HIS C 108 14.22 -33.99 -33.29
C HIS C 108 13.22 -34.62 -34.24
N GLU C 109 11.95 -34.59 -33.85
CA GLU C 109 10.87 -35.15 -34.65
C GLU C 109 9.61 -34.31 -34.47
N ILE C 110 8.86 -34.15 -35.56
CA ILE C 110 7.62 -33.36 -35.57
C ILE C 110 6.52 -34.23 -36.16
N TYR C 111 5.37 -34.28 -35.50
CA TYR C 111 4.24 -35.02 -36.06
C TYR C 111 2.93 -34.42 -35.57
N LYS C 112 1.82 -34.99 -36.06
CA LYS C 112 0.49 -34.49 -35.79
C LYS C 112 -0.26 -35.51 -34.94
N GLY C 113 -0.78 -35.06 -33.79
CA GLY C 113 -1.50 -35.89 -32.86
C GLY C 113 -0.92 -35.76 -31.48
N LYS C 114 -1.19 -36.77 -30.64
CA LYS C 114 -0.69 -36.78 -29.28
C LYS C 114 -0.53 -38.22 -28.83
N LYS C 115 0.53 -38.49 -28.08
CA LYS C 115 0.78 -39.82 -27.53
C LYS C 115 0.05 -39.95 -26.19
N GLY C 116 0.35 -41.02 -25.45
CA GLY C 116 -0.46 -41.35 -24.29
C GLY C 116 0.21 -41.34 -22.94
N ILE C 117 1.54 -41.41 -22.89
CA ILE C 117 2.33 -41.58 -21.66
C ILE C 117 1.62 -42.56 -20.73
N PRO C 118 1.61 -43.85 -21.08
CA PRO C 118 0.59 -44.79 -20.53
C PRO C 118 0.54 -44.84 -19.01
N PRO C 119 1.68 -44.84 -18.29
CA PRO C 119 1.58 -45.01 -16.83
C PRO C 119 0.83 -43.90 -16.11
N LEU C 120 0.66 -42.73 -16.71
CA LEU C 120 0.01 -41.61 -16.05
C LEU C 120 -1.10 -41.04 -16.91
N PRO C 121 -2.13 -40.45 -16.29
CA PRO C 121 -3.18 -39.79 -17.07
C PRO C 121 -2.68 -38.51 -17.73
N SER C 122 -3.31 -38.16 -18.84
CA SER C 122 -2.97 -36.93 -19.57
C SER C 122 -4.11 -36.60 -20.53
N THR C 123 -4.09 -35.37 -21.01
CA THR C 123 -5.07 -34.93 -22.00
C THR C 123 -4.87 -35.68 -23.31
N TYR C 124 -5.96 -35.91 -24.02
CA TYR C 124 -5.93 -36.59 -25.30
C TYR C 124 -6.45 -35.67 -26.39
N ALA C 125 -6.18 -36.04 -27.64
CA ALA C 125 -6.64 -35.28 -28.81
C ALA C 125 -7.50 -36.21 -29.65
N GLU C 126 -8.79 -35.88 -29.76
CA GLU C 126 -9.68 -36.66 -30.59
C GLU C 126 -9.28 -36.53 -32.05
N SER C 127 -9.22 -37.66 -32.75
CA SER C 127 -8.82 -37.70 -34.16
C SER C 127 -7.40 -37.14 -34.25
N GLU C 128 -7.17 -36.25 -35.21
CA GLU C 128 -5.85 -35.58 -35.38
C GLU C 128 -6.13 -34.25 -36.07
N ASP C 129 -5.10 -33.51 -36.50
CA ASP C 129 -5.37 -32.17 -37.08
C ASP C 129 -5.93 -31.26 -35.99
N GLU C 130 -5.98 -31.76 -34.74
CA GLU C 130 -6.48 -30.97 -33.59
C GLU C 130 -5.29 -30.55 -32.71
N ALA C 131 -4.11 -31.15 -32.91
CA ALA C 131 -2.93 -30.82 -32.08
C ALA C 131 -1.66 -31.05 -32.87
N GLU C 132 -0.50 -30.65 -32.31
CA GLU C 132 0.76 -30.96 -32.98
C GLU C 132 1.87 -31.12 -31.95
N THR C 133 2.76 -32.09 -32.21
CA THR C 133 3.73 -32.54 -31.23
C THR C 133 5.14 -32.44 -31.78
N LEU C 134 6.07 -32.04 -30.90
CA LEU C 134 7.50 -31.97 -31.19
C LEU C 134 8.25 -32.71 -30.09
N GLU C 135 9.22 -33.53 -30.50
CA GLU C 135 10.06 -34.29 -29.57
C GLU C 135 11.52 -33.98 -29.86
N VAL C 136 12.29 -33.67 -28.81
CA VAL C 136 13.71 -33.37 -28.92
C VAL C 136 14.48 -34.39 -28.09
N THR C 137 15.52 -34.97 -28.68
CA THR C 137 16.33 -35.99 -28.02
C THR C 137 17.71 -35.45 -27.68
N LEU C 138 18.13 -35.64 -26.44
CA LEU C 138 19.43 -35.21 -25.96
C LEU C 138 20.15 -36.42 -25.37
N HIS C 139 21.47 -36.44 -25.53
CA HIS C 139 22.27 -37.59 -25.12
C HIS C 139 23.49 -37.15 -24.34
N ASP C 140 23.88 -37.96 -23.35
CA ASP C 140 25.09 -37.77 -22.57
C ASP C 140 25.99 -38.97 -22.78
N GLN C 141 27.27 -38.72 -23.04
CA GLN C 141 28.19 -39.78 -23.44
C GLN C 141 28.88 -40.45 -22.25
N VAL C 142 29.02 -39.76 -21.13
CA VAL C 142 29.74 -40.34 -19.99
C VAL C 142 28.91 -41.46 -19.37
N THR C 143 27.59 -41.28 -19.26
CA THR C 143 26.72 -42.27 -18.66
C THR C 143 25.88 -43.04 -19.67
N ASP C 144 25.87 -42.61 -20.94
CA ASP C 144 25.06 -43.23 -21.99
C ASP C 144 23.58 -43.26 -21.62
N THR C 145 23.09 -42.16 -21.07
CA THR C 145 21.68 -41.99 -20.75
C THR C 145 21.11 -40.91 -21.65
N ASP C 146 19.87 -41.12 -22.13
CA ASP C 146 19.26 -40.16 -23.03
C ASP C 146 17.97 -39.61 -22.44
N LEU C 147 17.65 -38.38 -22.85
CA LEU C 147 16.51 -37.63 -22.37
C LEU C 147 15.67 -37.17 -23.56
N VAL C 148 14.35 -37.25 -23.43
CA VAL C 148 13.44 -36.82 -24.47
C VAL C 148 12.50 -35.77 -23.90
N LEU C 149 12.44 -34.61 -24.54
CA LEU C 149 11.55 -33.52 -24.15
C LEU C 149 10.43 -33.39 -25.17
N THR C 150 9.19 -33.33 -24.69
CA THR C 150 8.02 -33.32 -25.56
C THR C 150 7.21 -32.05 -25.32
N TYR C 151 6.95 -31.33 -26.43
CA TYR C 151 6.11 -30.13 -26.46
C TYR C 151 4.89 -30.41 -27.32
N THR C 152 3.71 -30.01 -26.85
CA THR C 152 2.49 -30.18 -27.62
C THR C 152 1.69 -28.88 -27.64
N ILE C 153 1.28 -28.48 -28.84
CA ILE C 153 0.48 -27.28 -29.06
C ILE C 153 -0.94 -27.68 -29.42
N TYR C 154 -1.92 -27.07 -28.75
CA TYR C 154 -3.33 -27.32 -29.05
C TYR C 154 -3.86 -26.21 -29.95
N GLU C 155 -4.31 -26.57 -31.14
CA GLU C 155 -4.99 -25.60 -31.99
C GLU C 155 -6.40 -25.34 -31.44
N ASP C 156 -6.91 -24.15 -31.74
CA ASP C 156 -8.19 -23.62 -31.27
C ASP C 156 -8.16 -23.23 -29.80
N TYR C 157 -7.06 -23.47 -29.09
CA TYR C 157 -6.89 -23.07 -27.70
C TYR C 157 -5.51 -22.46 -27.53
N PRO C 158 -5.33 -21.61 -26.51
CA PRO C 158 -3.97 -21.16 -26.15
C PRO C 158 -3.31 -22.09 -25.12
N VAL C 159 -3.18 -23.36 -25.47
CA VAL C 159 -2.76 -24.40 -24.53
C VAL C 159 -1.48 -25.05 -25.05
N ILE C 160 -0.47 -25.11 -24.18
CA ILE C 160 0.77 -25.82 -24.46
C ILE C 160 1.04 -26.80 -23.33
N THR C 161 1.39 -28.03 -23.68
CA THR C 161 1.69 -29.06 -22.68
C THR C 161 3.13 -29.53 -22.82
N ARG C 162 3.75 -29.80 -21.68
CA ARG C 162 5.17 -30.16 -21.62
C ARG C 162 5.36 -31.41 -20.77
N ASN C 163 6.28 -32.28 -21.21
CA ASN C 163 6.69 -33.42 -20.40
C ASN C 163 8.07 -33.89 -20.82
N ALA C 164 8.65 -34.79 -20.01
CA ALA C 164 10.01 -35.28 -20.21
C ALA C 164 10.08 -36.77 -19.91
N ARG C 165 11.13 -37.42 -20.41
CA ARG C 165 11.31 -38.85 -20.23
C ARG C 165 12.79 -39.20 -20.22
N PHE C 166 13.18 -40.16 -19.37
CA PHE C 166 14.56 -40.59 -19.24
C PHE C 166 14.68 -42.06 -19.62
N GLU C 167 15.73 -42.40 -20.37
CA GLU C 167 16.02 -43.78 -20.75
C GLU C 167 17.50 -44.08 -20.51
N GLN C 168 17.77 -45.25 -19.94
CA GLN C 168 19.13 -45.67 -19.63
C GLN C 168 19.60 -46.72 -20.63
N LYS C 169 20.76 -46.49 -21.23
CA LYS C 169 21.27 -47.37 -22.28
C LYS C 169 22.62 -48.01 -21.96
N GLY C 170 23.21 -47.72 -20.80
CA GLY C 170 24.51 -48.27 -20.45
C GLY C 170 24.40 -49.50 -19.57
N GLU C 171 25.57 -50.06 -19.27
CA GLU C 171 25.66 -51.23 -18.41
C GLU C 171 25.70 -50.90 -16.93
N GLN C 172 25.74 -49.61 -16.58
CA GLN C 172 25.77 -49.19 -15.20
C GLN C 172 24.36 -48.82 -14.73
N LYS C 173 24.27 -48.30 -13.51
CA LYS C 173 23.01 -47.87 -12.94
C LYS C 173 23.15 -46.42 -12.48
N ILE C 174 22.04 -45.68 -12.55
CA ILE C 174 22.02 -44.28 -12.14
C ILE C 174 20.90 -44.10 -11.13
N VAL C 175 20.99 -43.02 -10.36
CA VAL C 175 19.98 -42.70 -9.36
C VAL C 175 19.48 -41.28 -9.61
N LEU C 176 18.22 -41.14 -9.98
CA LEU C 176 17.60 -39.82 -10.08
C LEU C 176 17.13 -39.39 -8.70
N GLU C 177 17.57 -38.22 -8.26
CA GLU C 177 17.18 -37.69 -6.97
C GLU C 177 16.30 -36.45 -7.07
N ARG C 178 16.19 -35.84 -8.25
CA ARG C 178 15.26 -34.76 -8.48
C ARG C 178 14.92 -34.75 -9.96
N ALA C 179 13.64 -34.56 -10.28
CA ALA C 179 13.19 -34.58 -11.67
C ALA C 179 11.96 -33.70 -11.80
N MET C 180 12.07 -32.64 -12.59
CA MET C 180 10.98 -31.71 -12.83
C MET C 180 10.42 -31.90 -14.22
N SER C 181 9.18 -31.42 -14.41
CA SER C 181 8.51 -31.57 -15.69
C SER C 181 8.74 -30.38 -16.62
N ALA C 182 8.73 -29.16 -16.07
CA ALA C 182 8.87 -27.97 -16.90
C ALA C 182 9.66 -26.91 -16.14
N SER C 183 10.19 -25.95 -16.90
CA SER C 183 10.94 -24.83 -16.34
C SER C 183 10.87 -23.67 -17.31
N VAL C 184 10.35 -22.53 -16.86
CA VAL C 184 10.11 -21.37 -17.73
C VAL C 184 10.80 -20.15 -17.13
N GLU C 185 11.36 -19.30 -17.98
CA GLU C 185 12.11 -18.13 -17.52
C GLU C 185 11.59 -16.85 -18.17
N PHE C 186 11.61 -15.77 -17.38
CA PHE C 186 11.20 -14.45 -17.81
C PHE C 186 12.31 -13.45 -17.49
N LEU C 187 12.35 -12.39 -18.30
CA LEU C 187 13.42 -11.39 -18.26
C LEU C 187 13.23 -10.30 -17.22
N ASP C 188 12.10 -10.26 -16.52
CA ASP C 188 11.86 -9.25 -15.50
C ASP C 188 11.15 -9.89 -14.31
N MET C 189 10.83 -9.06 -13.31
CA MET C 189 10.24 -9.56 -12.07
C MET C 189 9.10 -8.67 -11.59
N ASP C 190 8.44 -7.94 -12.49
CA ASP C 190 7.30 -7.11 -12.13
C ASP C 190 6.01 -7.93 -12.27
N TYR C 191 5.86 -8.87 -11.34
CA TYR C 191 4.78 -9.84 -11.40
C TYR C 191 4.17 -10.03 -10.01
N GLU C 192 3.10 -10.81 -9.97
CA GLU C 192 2.42 -11.21 -8.75
C GLU C 192 2.07 -12.68 -8.85
N LEU C 193 2.25 -13.39 -7.74
CA LEU C 193 1.98 -14.82 -7.66
C LEU C 193 0.64 -15.05 -7.01
N VAL C 194 -0.19 -15.87 -7.64
CA VAL C 194 -1.54 -16.19 -7.14
C VAL C 194 -1.58 -17.66 -6.74
N GLN C 195 -2.16 -17.93 -5.57
CA GLN C 195 -2.24 -19.31 -5.11
C GLN C 195 -3.56 -19.54 -4.37
N LEU C 196 -3.92 -20.82 -4.25
CA LEU C 196 -5.13 -21.25 -3.56
C LEU C 196 -4.71 -22.04 -2.33
N SER C 197 -4.96 -21.49 -1.14
CA SER C 197 -4.52 -22.09 0.11
C SER C 197 -5.66 -22.12 1.11
N GLY C 198 -5.67 -23.17 1.94
CA GLY C 198 -6.71 -23.30 2.95
C GLY C 198 -6.47 -24.38 3.97
N ALA C 199 -7.52 -25.08 4.37
CA ALA C 199 -7.49 -26.16 5.36
C ALA C 199 -8.80 -26.93 5.27
N TRP C 200 -9.03 -27.81 6.23
CA TRP C 200 -10.28 -28.56 6.27
C TRP C 200 -11.45 -27.61 6.53
N SER C 201 -12.53 -27.78 5.78
CA SER C 201 -13.74 -26.96 5.79
C SER C 201 -13.51 -25.54 5.29
N ARG C 202 -12.29 -25.20 4.86
CA ARG C 202 -12.03 -23.92 4.20
C ARG C 202 -10.90 -24.17 3.21
N GLU C 203 -11.26 -24.50 1.97
CA GLU C 203 -10.28 -24.89 0.97
C GLU C 203 -10.21 -23.84 -0.13
N ARG C 204 -9.00 -23.65 -0.65
CA ARG C 204 -8.76 -22.86 -1.86
C ARG C 204 -9.25 -21.42 -1.71
N TYR C 205 -8.63 -20.71 -0.76
CA TYR C 205 -8.77 -19.27 -0.67
C TYR C 205 -7.69 -18.62 -1.52
N VAL C 206 -8.09 -17.58 -2.26
CA VAL C 206 -7.21 -16.93 -3.23
C VAL C 206 -6.29 -15.94 -2.52
N LYS C 207 -4.99 -16.07 -2.76
CA LYS C 207 -3.99 -15.25 -2.09
C LYS C 207 -2.98 -14.74 -3.10
N ASN C 208 -2.64 -13.45 -2.99
CA ASN C 208 -1.71 -12.77 -3.87
C ASN C 208 -0.44 -12.42 -3.12
N ARG C 209 0.70 -12.58 -3.79
CA ARG C 209 1.99 -12.20 -3.24
C ARG C 209 2.78 -11.42 -4.27
N LYS C 210 3.67 -10.56 -3.81
CA LYS C 210 4.56 -9.78 -4.67
C LYS C 210 5.91 -10.47 -4.76
N LEU C 211 6.49 -10.45 -5.95
CA LEU C 211 7.75 -11.12 -6.19
C LEU C 211 8.92 -10.32 -5.64
N GLU C 212 9.78 -10.99 -4.87
CA GLU C 212 11.00 -10.39 -4.33
C GLU C 212 12.15 -11.36 -4.53
N MET C 213 13.36 -10.82 -4.52
CA MET C 213 14.56 -11.64 -4.77
C MET C 213 14.64 -12.79 -3.78
N GLY C 214 14.91 -13.99 -4.29
CA GLY C 214 14.93 -15.19 -3.48
C GLY C 214 14.01 -16.26 -4.05
N ILE C 215 13.34 -16.98 -3.15
CA ILE C 215 12.52 -18.13 -3.52
C ILE C 215 11.14 -17.99 -2.90
N GLN C 216 10.10 -18.17 -3.70
CA GLN C 216 8.72 -18.28 -3.22
C GLN C 216 8.16 -19.61 -3.71
N SER C 217 7.72 -20.46 -2.80
CA SER C 217 7.34 -21.81 -3.22
C SER C 217 6.15 -22.31 -2.41
N VAL C 218 5.46 -23.29 -3.00
CA VAL C 218 4.42 -24.06 -2.32
C VAL C 218 4.67 -25.54 -2.60
N HIS C 219 4.60 -26.36 -1.56
CA HIS C 219 4.86 -27.79 -1.67
C HIS C 219 3.75 -28.59 -1.01
N SER C 220 3.92 -29.91 -1.00
CA SER C 220 2.99 -30.82 -0.36
C SER C 220 3.74 -32.09 0.02
N LEU C 221 3.53 -32.56 1.24
CA LEU C 221 4.23 -33.73 1.76
C LEU C 221 3.27 -34.70 2.44
N ASN C 222 2.01 -34.71 2.00
CA ASN C 222 1.00 -35.52 2.67
C ASN C 222 1.05 -36.99 2.29
N GLY C 223 1.74 -37.34 1.20
CA GLY C 223 1.92 -38.73 0.85
C GLY C 223 0.81 -39.33 0.02
N THR C 224 -0.39 -39.42 0.60
CA THR C 224 -1.51 -40.06 -0.08
C THR C 224 -2.30 -39.12 -0.99
N CYS C 225 -2.08 -37.81 -0.89
CA CYS C 225 -2.85 -36.85 -1.67
C CYS C 225 -2.11 -35.54 -1.72
N GLY C 226 -2.63 -34.62 -2.53
CA GLY C 226 -2.09 -33.27 -2.56
C GLY C 226 -2.43 -32.45 -1.34
N GLY C 227 -3.50 -32.82 -0.63
CA GLY C 227 -3.87 -32.16 0.59
C GLY C 227 -4.76 -30.94 0.36
N ALA C 228 -5.35 -30.47 1.45
CA ALA C 228 -6.16 -29.27 1.44
C ALA C 228 -5.36 -28.00 1.70
N GLU C 229 -4.08 -28.14 2.07
CA GLU C 229 -3.28 -26.97 2.41
C GLU C 229 -2.94 -26.15 1.17
N HIS C 230 -2.48 -26.81 0.11
CA HIS C 230 -2.09 -26.14 -1.11
C HIS C 230 -2.55 -26.96 -2.31
N ASN C 231 -2.76 -26.29 -3.43
CA ASN C 231 -3.26 -26.92 -4.64
C ASN C 231 -2.25 -26.79 -5.77
N PRO C 232 -2.08 -27.82 -6.60
CA PRO C 232 -1.12 -27.73 -7.71
C PRO C 232 -1.57 -26.81 -8.83
N PHE C 233 -1.48 -25.49 -8.59
CA PHE C 233 -1.80 -24.50 -9.60
C PHE C 233 -1.09 -23.21 -9.25
N ILE C 234 -0.46 -22.58 -10.24
CA ILE C 234 0.32 -21.36 -10.03
C ILE C 234 0.06 -20.39 -11.16
N ALA C 235 -0.23 -19.13 -10.83
CA ALA C 235 -0.48 -18.11 -11.83
C ALA C 235 0.37 -16.88 -11.56
N LEU C 236 0.90 -16.30 -12.63
CA LEU C 236 1.65 -15.05 -12.60
C LEU C 236 0.86 -13.98 -13.33
N LYS C 237 0.58 -12.87 -12.65
CA LYS C 237 -0.20 -11.80 -13.26
C LYS C 237 0.48 -10.46 -13.04
N ARG C 238 0.21 -9.52 -13.94
CA ARG C 238 0.67 -8.15 -13.75
C ARG C 238 -0.08 -7.51 -12.58
N PRO C 239 0.54 -6.53 -11.91
CA PRO C 239 -0.11 -5.93 -10.73
C PRO C 239 -1.40 -5.20 -11.02
N GLN C 240 -1.64 -4.82 -12.28
CA GLN C 240 -2.84 -4.09 -12.66
C GLN C 240 -3.83 -4.95 -13.44
N THR C 241 -3.88 -6.24 -13.15
CA THR C 241 -4.75 -7.17 -13.87
C THR C 241 -5.96 -7.52 -13.02
N THR C 242 -7.15 -7.35 -13.59
CA THR C 242 -8.42 -7.65 -12.96
C THR C 242 -9.15 -8.72 -13.76
N GLU C 243 -10.41 -8.97 -13.40
CA GLU C 243 -11.16 -10.07 -14.01
C GLU C 243 -11.37 -9.91 -15.51
N ASN C 244 -11.30 -8.69 -16.04
CA ASN C 244 -11.64 -8.47 -17.44
C ASN C 244 -10.61 -7.65 -18.20
N GLN C 245 -9.44 -7.40 -17.64
CA GLN C 245 -8.35 -6.77 -18.38
C GLN C 245 -7.03 -7.13 -17.73
N GLY C 246 -5.98 -7.17 -18.53
CA GLY C 246 -4.65 -7.50 -18.07
C GLY C 246 -4.13 -8.76 -18.72
N GLU C 247 -2.94 -9.17 -18.29
CA GLU C 247 -2.21 -10.28 -18.87
C GLU C 247 -1.80 -11.26 -17.77
N VAL C 248 -1.94 -12.56 -18.04
CA VAL C 248 -1.71 -13.56 -16.99
C VAL C 248 -1.26 -14.87 -17.63
N TYR C 249 -0.32 -15.54 -16.96
CA TYR C 249 0.15 -16.87 -17.29
C TYR C 249 -0.31 -17.85 -16.21
N GLY C 250 -0.79 -19.00 -16.62
CA GLY C 250 -1.23 -20.04 -15.69
C GLY C 250 -0.54 -21.37 -15.97
N PHE C 251 -0.18 -22.07 -14.89
CA PHE C 251 0.50 -23.36 -14.94
C PHE C 251 -0.23 -24.33 -14.02
N SER C 252 -0.54 -25.52 -14.54
CA SER C 252 -1.16 -26.56 -13.74
C SER C 252 -0.46 -27.90 -14.00
N LEU C 253 -0.44 -28.74 -12.98
CA LEU C 253 0.26 -30.02 -13.00
C LEU C 253 -0.75 -31.15 -12.89
N VAL C 254 -0.65 -32.14 -13.77
CA VAL C 254 -1.60 -33.26 -13.78
C VAL C 254 -0.99 -34.37 -12.93
N TYR C 255 -1.23 -34.32 -11.62
CA TYR C 255 -0.63 -35.27 -10.68
C TYR C 255 -1.29 -35.12 -9.32
N SER C 256 -1.48 -36.25 -8.64
CA SER C 256 -2.20 -36.30 -7.36
C SER C 256 -1.30 -36.75 -6.21
N GLY C 257 -0.02 -36.42 -6.25
CA GLY C 257 0.88 -36.79 -5.17
C GLY C 257 1.67 -35.60 -4.65
N ASN C 258 2.79 -35.87 -4.00
CA ASN C 258 3.65 -34.80 -3.51
C ASN C 258 4.17 -33.97 -4.68
N PHE C 259 4.09 -32.65 -4.54
CA PHE C 259 4.48 -31.74 -5.61
C PHE C 259 5.24 -30.56 -5.04
N LEU C 260 5.95 -29.87 -5.93
CA LEU C 260 6.65 -28.64 -5.60
C LEU C 260 6.47 -27.65 -6.74
N ALA C 261 6.09 -26.41 -6.40
CA ALA C 261 5.98 -25.32 -7.34
C ALA C 261 6.79 -24.14 -6.81
N GLN C 262 7.78 -23.71 -7.58
CA GLN C 262 8.80 -22.78 -7.11
C GLN C 262 8.97 -21.64 -8.10
N ALA C 263 9.12 -20.42 -7.56
CA ALA C 263 9.45 -19.23 -8.34
C ALA C 263 10.69 -18.60 -7.73
N GLU C 264 11.77 -18.56 -8.50
CA GLU C 264 13.06 -18.06 -8.03
C GLU C 264 13.41 -16.79 -8.80
N VAL C 265 13.67 -15.72 -8.08
CA VAL C 265 14.05 -14.44 -8.66
C VAL C 265 15.48 -14.13 -8.26
N SER C 266 16.33 -13.86 -9.25
CA SER C 266 17.73 -13.57 -9.01
C SER C 266 17.92 -12.07 -8.85
N THR C 267 19.18 -11.66 -8.66
CA THR C 267 19.50 -10.26 -8.43
C THR C 267 19.56 -9.46 -9.73
N PHE C 268 19.59 -10.12 -10.88
CA PHE C 268 19.59 -9.46 -12.17
C PHE C 268 18.20 -9.37 -12.78
N ASP C 269 17.16 -9.57 -11.96
CA ASP C 269 15.76 -9.46 -12.39
C ASP C 269 15.40 -10.52 -13.43
N MET C 270 15.69 -11.78 -13.10
CA MET C 270 15.36 -12.92 -13.95
C MET C 270 14.52 -13.89 -13.14
N THR C 271 13.35 -14.24 -13.65
CA THR C 271 12.41 -15.08 -12.92
C THR C 271 12.37 -16.48 -13.52
N ARG C 272 12.38 -17.50 -12.67
CA ARG C 272 12.32 -18.87 -13.13
C ARG C 272 11.24 -19.62 -12.36
N VAL C 273 10.35 -20.30 -13.09
CA VAL C 273 9.23 -21.03 -12.53
C VAL C 273 9.40 -22.51 -12.85
N MET C 274 9.26 -23.35 -11.82
CA MET C 274 9.38 -24.80 -11.96
C MET C 274 8.25 -25.50 -11.22
N LEU C 275 7.73 -26.57 -11.82
CA LEU C 275 6.75 -27.43 -11.17
C LEU C 275 7.14 -28.89 -11.37
N GLY C 276 6.86 -29.70 -10.37
CA GLY C 276 7.12 -31.12 -10.52
C GLY C 276 6.88 -31.90 -9.24
N ILE C 277 7.46 -33.10 -9.18
CA ILE C 277 7.36 -33.96 -8.01
C ILE C 277 8.28 -33.47 -6.91
N ASN C 278 7.85 -33.62 -5.66
CA ASN C 278 8.67 -33.23 -4.52
C ASN C 278 9.87 -34.17 -4.39
N PRO C 279 11.09 -33.64 -4.34
CA PRO C 279 12.26 -34.52 -4.23
C PRO C 279 12.62 -34.87 -2.79
N GLU C 280 11.69 -34.68 -1.86
CA GLU C 280 12.02 -34.79 -0.44
C GLU C 280 12.47 -36.21 -0.08
N ASP C 281 11.67 -37.21 -0.44
CA ASP C 281 11.97 -38.61 -0.15
C ASP C 281 11.93 -39.43 -1.42
N PHE C 282 12.47 -38.89 -2.51
CA PHE C 282 12.38 -39.49 -3.83
C PHE C 282 13.77 -39.88 -4.30
N SER C 283 13.93 -41.13 -4.72
CA SER C 283 15.19 -41.61 -5.27
C SER C 283 14.88 -42.81 -6.15
N TRP C 284 15.00 -42.65 -7.46
CA TRP C 284 14.62 -43.68 -8.41
C TRP C 284 15.86 -44.26 -9.08
N GLU C 285 16.01 -45.59 -9.04
CA GLU C 285 17.16 -46.27 -9.61
C GLU C 285 16.83 -46.77 -11.00
N LEU C 286 17.78 -46.58 -11.92
CA LEU C 286 17.61 -46.98 -13.31
C LEU C 286 18.76 -47.87 -13.75
N ASN C 287 18.43 -49.01 -14.34
CA ASN C 287 19.35 -49.96 -14.91
C ASN C 287 19.17 -50.00 -16.43
N GLN C 288 19.88 -50.93 -17.08
CA GLN C 288 19.80 -51.05 -18.52
C GLN C 288 18.38 -51.39 -18.97
N GLY C 289 17.92 -50.69 -20.00
CA GLY C 289 16.59 -50.92 -20.54
C GLY C 289 15.45 -50.54 -19.61
N GLU C 290 15.62 -49.46 -18.85
CA GLU C 290 14.57 -48.94 -17.96
C GLU C 290 14.32 -47.48 -18.27
N SER C 291 13.09 -47.04 -18.04
CA SER C 291 12.66 -45.70 -18.39
C SER C 291 11.89 -45.07 -17.24
N PHE C 292 11.95 -43.75 -17.17
CA PHE C 292 11.18 -42.98 -16.18
C PHE C 292 10.42 -41.87 -16.88
N GLN C 293 9.17 -41.68 -16.47
CA GLN C 293 8.26 -40.73 -17.08
C GLN C 293 7.69 -39.80 -16.00
N THR C 294 7.74 -38.50 -16.26
CA THR C 294 7.26 -37.47 -15.34
C THR C 294 5.84 -37.06 -15.68
N PRO C 295 5.10 -36.49 -14.72
CA PRO C 295 3.77 -35.95 -15.02
C PRO C 295 3.79 -34.83 -16.05
N GLU C 296 2.62 -34.38 -16.46
CA GLU C 296 2.47 -33.39 -17.52
C GLU C 296 2.14 -32.02 -16.94
N VAL C 297 2.64 -30.97 -17.61
CA VAL C 297 2.36 -29.59 -17.22
C VAL C 297 1.58 -28.93 -18.34
N VAL C 298 0.43 -28.34 -17.98
CA VAL C 298 -0.43 -27.63 -18.91
C VAL C 298 -0.31 -26.14 -18.61
N MET C 299 0.03 -25.35 -19.61
CA MET C 299 0.24 -23.92 -19.41
C MET C 299 -0.51 -23.11 -20.45
N VAL C 300 -1.07 -21.99 -19.98
CA VAL C 300 -2.02 -21.17 -20.72
C VAL C 300 -1.65 -19.70 -20.55
N TYR C 301 -1.83 -18.92 -21.61
CA TYR C 301 -1.56 -17.48 -21.62
C TYR C 301 -2.82 -16.73 -22.01
N SER C 302 -3.14 -15.66 -21.29
CA SER C 302 -4.26 -14.81 -21.70
C SER C 302 -3.88 -13.36 -21.55
N ASP C 303 -4.45 -12.53 -22.42
CA ASP C 303 -4.19 -11.09 -22.45
C ASP C 303 -5.46 -10.28 -22.24
N ARG C 304 -6.52 -10.88 -21.68
CA ARG C 304 -7.77 -10.18 -21.46
C ARG C 304 -8.39 -10.51 -20.11
N GLY C 305 -7.56 -10.77 -19.09
CA GLY C 305 -8.04 -10.96 -17.75
C GLY C 305 -8.15 -12.42 -17.36
N LEU C 306 -8.50 -12.64 -16.09
CA LEU C 306 -8.51 -13.98 -15.52
C LEU C 306 -9.68 -14.81 -16.04
N ASN C 307 -10.77 -14.17 -16.45
CA ASN C 307 -11.94 -14.90 -16.92
C ASN C 307 -11.62 -15.73 -18.15
N LYS C 308 -10.86 -15.16 -19.09
CA LYS C 308 -10.50 -15.88 -20.30
C LYS C 308 -9.65 -17.11 -19.99
N MET C 309 -8.71 -16.98 -19.06
CA MET C 309 -7.88 -18.11 -18.66
C MET C 309 -8.71 -19.21 -18.00
N SER C 310 -9.60 -18.83 -17.09
CA SER C 310 -10.44 -19.81 -16.43
C SER C 310 -11.35 -20.51 -17.43
N GLN C 311 -11.84 -19.77 -18.43
CA GLN C 311 -12.70 -20.38 -19.44
C GLN C 311 -11.92 -21.36 -20.31
N ALA C 312 -10.66 -21.04 -20.63
CA ALA C 312 -9.84 -21.99 -21.37
C ALA C 312 -9.65 -23.29 -20.60
N TYR C 313 -9.34 -23.18 -19.30
CA TYR C 313 -9.29 -24.39 -18.46
C TYR C 313 -10.61 -25.15 -18.46
N HIS C 314 -11.73 -24.45 -18.29
CA HIS C 314 -13.02 -25.15 -18.22
C HIS C 314 -13.28 -25.93 -19.50
N ARG C 315 -13.11 -25.28 -20.65
CA ARG C 315 -13.40 -25.94 -21.92
C ARG C 315 -12.46 -27.11 -22.16
N LEU C 316 -11.16 -26.92 -21.90
CA LEU C 316 -10.21 -28.01 -22.14
C LEU C 316 -10.49 -29.20 -21.24
N TYR C 317 -10.68 -28.97 -19.93
CA TYR C 317 -10.88 -30.09 -19.03
C TYR C 317 -12.24 -30.75 -19.21
N ARG C 318 -13.21 -30.05 -19.81
CA ARG C 318 -14.48 -30.72 -20.07
C ARG C 318 -14.45 -31.53 -21.36
N THR C 319 -13.78 -31.03 -22.40
CA THR C 319 -13.85 -31.69 -23.70
C THR C 319 -12.70 -32.66 -23.98
N ARG C 320 -11.59 -32.57 -23.25
CA ARG C 320 -10.41 -33.36 -23.58
C ARG C 320 -9.82 -34.13 -22.40
N LEU C 321 -10.46 -34.12 -21.25
CA LEU C 321 -9.96 -34.88 -20.12
C LEU C 321 -10.97 -35.85 -19.55
N MET C 322 -12.24 -35.46 -19.48
CA MET C 322 -13.28 -36.38 -19.04
C MET C 322 -13.54 -37.43 -20.11
N ARG C 323 -14.08 -38.57 -19.68
CA ARG C 323 -14.38 -39.65 -20.61
C ARG C 323 -15.59 -39.29 -21.48
N VAL C 324 -15.65 -39.93 -22.65
CA VAL C 324 -16.69 -39.63 -23.62
C VAL C 324 -18.07 -40.04 -23.13
N THR C 325 -18.15 -40.98 -22.20
CA THR C 325 -19.46 -41.46 -21.74
C THR C 325 -20.23 -40.36 -21.02
N TRP C 326 -19.54 -39.61 -20.16
CA TRP C 326 -20.16 -38.53 -19.38
C TRP C 326 -19.72 -37.16 -19.86
N ARG C 327 -19.28 -37.04 -21.11
CA ARG C 327 -18.77 -35.78 -21.63
C ARG C 327 -19.88 -34.80 -21.96
N ASP C 328 -21.05 -35.28 -22.38
CA ASP C 328 -22.12 -34.43 -22.87
C ASP C 328 -23.45 -34.80 -22.22
N LYS C 329 -23.42 -35.17 -20.95
CA LYS C 329 -24.61 -35.56 -20.21
C LYS C 329 -24.81 -34.64 -19.01
N ALA C 330 -26.02 -34.70 -18.45
CA ALA C 330 -26.40 -33.92 -17.28
C ALA C 330 -26.48 -34.83 -16.06
N ARG C 331 -25.90 -34.39 -14.96
CA ARG C 331 -25.81 -35.21 -13.76
C ARG C 331 -27.18 -35.36 -13.10
N PRO C 332 -27.43 -36.50 -12.46
CA PRO C 332 -28.73 -36.72 -11.80
C PRO C 332 -28.82 -36.02 -10.45
N ILE C 333 -30.05 -35.94 -9.94
CA ILE C 333 -30.34 -35.35 -8.65
C ILE C 333 -30.48 -36.46 -7.63
N LEU C 334 -29.73 -36.37 -6.54
CA LEU C 334 -29.60 -37.48 -5.61
C LEU C 334 -29.89 -37.03 -4.18
N LEU C 335 -30.23 -38.00 -3.34
CA LEU C 335 -30.46 -37.79 -1.92
C LEU C 335 -29.48 -38.64 -1.13
N ASN C 336 -28.82 -38.02 -0.15
CA ASN C 336 -27.86 -38.68 0.72
C ASN C 336 -28.42 -38.74 2.13
N ASN C 337 -27.73 -39.55 2.89
CA ASN C 337 -28.25 -39.78 4.23
C ASN C 337 -27.19 -39.62 5.31
N TRP C 338 -26.04 -39.00 5.01
CA TRP C 338 -25.00 -38.90 6.03
C TRP C 338 -25.45 -38.01 7.18
N GLU C 339 -25.89 -36.79 6.87
CA GLU C 339 -26.25 -35.84 7.91
C GLU C 339 -27.64 -36.07 8.47
N ALA C 340 -28.45 -36.87 7.77
CA ALA C 340 -29.81 -37.20 8.27
C ALA C 340 -29.68 -38.18 9.45
N THR C 341 -28.83 -39.20 9.30
CA THR C 341 -28.62 -40.20 10.39
C THR C 341 -27.13 -40.57 10.46
N TYR C 342 -26.57 -40.64 11.67
CA TYR C 342 -25.17 -41.03 11.82
C TYR C 342 -25.12 -42.42 12.42
N PHE C 343 -24.73 -43.41 11.62
CA PHE C 343 -24.47 -44.77 12.09
C PHE C 343 -25.69 -45.46 12.67
N ASP C 344 -26.85 -44.79 12.63
CA ASP C 344 -28.06 -45.29 13.28
C ASP C 344 -29.17 -45.39 12.25
N PHE C 345 -29.26 -46.53 11.56
CA PHE C 345 -30.35 -46.77 10.63
C PHE C 345 -30.54 -48.26 10.44
N ASN C 346 -31.74 -48.63 9.99
CA ASN C 346 -32.10 -50.01 9.72
C ASN C 346 -32.47 -50.16 8.25
N GLU C 347 -33.00 -51.33 7.87
CA GLU C 347 -33.59 -51.50 6.55
C GLU C 347 -34.89 -50.74 6.41
N GLU C 348 -35.52 -50.35 7.52
CA GLU C 348 -36.86 -49.78 7.54
C GLU C 348 -36.84 -48.26 7.48
N LYS C 349 -35.98 -47.61 8.27
CA LYS C 349 -35.86 -46.16 8.19
C LYS C 349 -35.35 -45.72 6.82
N ILE C 350 -34.54 -46.55 6.17
CA ILE C 350 -34.05 -46.23 4.84
C ILE C 350 -35.17 -46.20 3.81
N LEU C 351 -36.17 -47.08 3.95
CA LEU C 351 -37.29 -47.08 3.01
C LEU C 351 -38.20 -45.88 3.19
N LYS C 352 -38.44 -45.45 4.43
CA LYS C 352 -39.31 -44.30 4.66
C LYS C 352 -38.66 -43.00 4.18
N ILE C 353 -37.35 -42.84 4.40
CA ILE C 353 -36.66 -41.63 3.95
C ILE C 353 -36.55 -41.57 2.43
N ALA C 354 -36.67 -42.71 1.74
CA ALA C 354 -36.64 -42.76 0.29
C ALA C 354 -38.01 -42.74 -0.36
N GLU C 355 -39.03 -43.25 0.34
CA GLU C 355 -40.39 -43.20 -0.19
C GLU C 355 -40.88 -41.76 -0.31
N LYS C 356 -40.60 -40.93 0.70
CA LYS C 356 -41.03 -39.53 0.66
C LYS C 356 -40.30 -38.77 -0.43
N ALA C 357 -39.00 -39.04 -0.61
CA ALA C 357 -38.23 -38.36 -1.66
C ALA C 357 -38.37 -39.05 -3.00
N LYS C 358 -39.62 -39.30 -3.40
CA LYS C 358 -39.92 -39.83 -4.72
C LYS C 358 -41.01 -39.00 -5.36
N GLU C 359 -41.92 -38.47 -4.54
CA GLU C 359 -42.91 -37.53 -5.02
C GLU C 359 -42.31 -36.15 -5.27
N ALA C 360 -41.19 -35.83 -4.62
CA ALA C 360 -40.53 -34.55 -4.85
C ALA C 360 -39.93 -34.49 -6.24
N GLY C 361 -39.24 -35.54 -6.67
CA GLY C 361 -38.61 -35.55 -7.97
C GLY C 361 -37.18 -36.05 -7.94
N VAL C 362 -36.75 -36.60 -6.80
CA VAL C 362 -35.41 -37.16 -6.70
C VAL C 362 -35.33 -38.42 -7.55
N GLU C 363 -34.15 -38.66 -8.15
CA GLU C 363 -33.98 -39.78 -9.06
C GLU C 363 -32.81 -40.69 -8.67
N LEU C 364 -32.22 -40.51 -7.50
CA LEU C 364 -31.12 -41.36 -7.08
C LEU C 364 -31.00 -41.33 -5.57
N PHE C 365 -30.66 -42.47 -4.97
CA PHE C 365 -30.52 -42.60 -3.54
C PHE C 365 -29.18 -43.24 -3.21
N VAL C 366 -28.49 -42.70 -2.21
CA VAL C 366 -27.14 -43.11 -1.85
C VAL C 366 -27.13 -43.55 -0.39
N LEU C 367 -26.46 -44.68 -0.12
CA LEU C 367 -26.32 -45.22 1.23
C LEU C 367 -24.87 -45.06 1.69
N ASP C 368 -24.69 -44.55 2.90
CA ASP C 368 -23.39 -44.16 3.41
C ASP C 368 -22.80 -45.20 4.35
N ASP C 369 -21.69 -44.82 4.99
CA ASP C 369 -20.94 -45.70 5.88
C ASP C 369 -21.82 -46.27 7.00
N GLY C 370 -21.68 -47.58 7.22
CA GLY C 370 -22.39 -48.25 8.29
C GLY C 370 -23.02 -49.56 7.89
N TRP C 371 -23.04 -49.87 6.58
CA TRP C 371 -23.76 -51.04 6.11
C TRP C 371 -22.91 -52.31 6.12
N PHE C 372 -21.62 -52.21 6.40
CA PHE C 372 -20.70 -53.33 6.25
C PHE C 372 -20.03 -53.67 7.57
N GLY C 373 -19.77 -54.95 7.78
CA GLY C 373 -19.08 -55.44 8.96
C GLY C 373 -19.80 -55.05 10.23
N ALA C 374 -19.01 -54.91 11.31
CA ALA C 374 -19.52 -54.45 12.59
C ALA C 374 -19.26 -52.94 12.75
N ARG C 375 -19.80 -52.16 11.82
CA ARG C 375 -19.57 -50.73 11.77
C ARG C 375 -20.66 -49.98 12.55
N ASN C 376 -20.75 -50.29 13.84
CA ASN C 376 -21.68 -49.60 14.72
C ASN C 376 -21.12 -48.32 15.29
N ASP C 377 -19.82 -48.09 15.16
CA ASP C 377 -19.18 -46.85 15.60
C ASP C 377 -18.00 -46.58 14.68
N ASP C 378 -17.10 -45.70 15.11
CA ASP C 378 -15.97 -45.29 14.30
C ASP C 378 -14.70 -46.08 14.62
N TYR C 379 -14.80 -47.12 15.46
CA TYR C 379 -13.63 -47.82 15.97
C TYR C 379 -13.30 -49.10 15.23
N ARG C 380 -14.25 -49.70 14.52
CA ARG C 380 -14.05 -51.04 14.00
C ARG C 380 -14.89 -51.25 12.74
N GLY C 381 -14.56 -52.32 12.02
CA GLY C 381 -15.36 -52.79 10.89
C GLY C 381 -14.80 -52.44 9.53
N LEU C 382 -13.78 -51.61 9.44
CA LEU C 382 -13.26 -51.19 8.14
C LEU C 382 -12.24 -52.21 7.64
N GLY C 383 -12.43 -52.67 6.41
CA GLY C 383 -11.52 -53.63 5.82
C GLY C 383 -12.20 -54.84 5.20
N ASP C 384 -13.27 -55.32 5.82
CA ASP C 384 -14.06 -56.41 5.29
C ASP C 384 -15.34 -55.84 4.68
N TRP C 385 -15.72 -56.36 3.51
CA TRP C 385 -16.70 -55.66 2.68
C TRP C 385 -17.91 -56.53 2.37
N TYR C 386 -18.49 -57.14 3.40
CA TYR C 386 -19.72 -57.90 3.30
C TYR C 386 -20.86 -57.13 3.98
N VAL C 387 -22.07 -57.65 3.83
CA VAL C 387 -23.27 -56.97 4.29
C VAL C 387 -23.54 -57.36 5.74
N ASN C 388 -23.74 -56.36 6.59
CA ASN C 388 -24.10 -56.59 7.99
C ASN C 388 -25.52 -57.12 8.04
N LEU C 389 -25.65 -58.45 8.23
CA LEU C 389 -26.96 -59.08 8.14
C LEU C 389 -27.88 -58.64 9.27
N GLU C 390 -27.32 -58.21 10.40
CA GLU C 390 -28.15 -57.72 11.50
C GLU C 390 -28.91 -56.47 11.08
N LYS C 391 -28.22 -55.52 10.45
CA LYS C 391 -28.88 -54.29 10.02
C LYS C 391 -29.75 -54.51 8.80
N LEU C 392 -29.29 -55.31 7.85
CA LEU C 392 -29.98 -55.55 6.59
C LEU C 392 -30.15 -57.05 6.37
N PRO C 393 -31.12 -57.67 7.03
CA PRO C 393 -31.40 -59.10 6.74
C PRO C 393 -31.76 -59.35 5.28
N ASP C 394 -32.32 -58.36 4.58
CA ASP C 394 -32.58 -58.52 3.16
C ASP C 394 -31.29 -58.45 2.34
N GLY C 395 -30.33 -57.66 2.79
CA GLY C 395 -29.06 -57.52 2.08
C GLY C 395 -29.05 -56.39 1.08
N ILE C 396 -27.86 -56.17 0.53
CA ILE C 396 -27.67 -55.11 -0.46
C ILE C 396 -28.50 -55.40 -1.71
N ALA C 397 -28.53 -56.66 -2.14
CA ALA C 397 -29.31 -57.03 -3.31
C ALA C 397 -30.79 -56.73 -3.10
N GLY C 398 -31.35 -57.19 -1.98
CA GLY C 398 -32.76 -56.95 -1.72
C GLY C 398 -33.09 -55.48 -1.58
N LEU C 399 -32.22 -54.73 -0.89
CA LEU C 399 -32.46 -53.29 -0.76
C LEU C 399 -32.44 -52.61 -2.12
N SER C 400 -31.49 -52.99 -2.99
CA SER C 400 -31.43 -52.39 -4.32
C SER C 400 -32.67 -52.72 -5.12
N ARG C 401 -33.16 -53.96 -5.05
CA ARG C 401 -34.37 -54.32 -5.79
C ARG C 401 -35.57 -53.55 -5.29
N LYS C 402 -35.70 -53.40 -3.97
CA LYS C 402 -36.84 -52.64 -3.43
C LYS C 402 -36.77 -51.18 -3.85
N VAL C 403 -35.58 -50.58 -3.80
CA VAL C 403 -35.43 -49.18 -4.21
C VAL C 403 -35.76 -49.02 -5.69
N GLU C 404 -35.28 -49.94 -6.53
CA GLU C 404 -35.61 -49.88 -7.94
C GLU C 404 -37.10 -50.03 -8.18
N ALA C 405 -37.76 -50.88 -7.39
CA ALA C 405 -39.22 -51.00 -7.48
C ALA C 405 -39.90 -49.69 -7.15
N LEU C 406 -39.40 -48.98 -6.13
CA LEU C 406 -39.96 -47.68 -5.79
C LEU C 406 -39.74 -46.62 -6.86
N GLY C 407 -38.88 -46.88 -7.85
CA GLY C 407 -38.66 -45.97 -8.94
C GLY C 407 -37.38 -45.17 -8.90
N LEU C 408 -36.48 -45.47 -7.98
CA LEU C 408 -35.22 -44.74 -7.84
C LEU C 408 -34.06 -45.62 -8.30
N LYS C 409 -32.85 -45.09 -8.16
CA LYS C 409 -31.61 -45.83 -8.38
C LYS C 409 -30.90 -46.01 -7.06
N PHE C 410 -29.75 -46.67 -7.10
CA PHE C 410 -29.04 -47.05 -5.88
C PHE C 410 -27.56 -46.69 -5.97
N GLY C 411 -26.97 -46.38 -4.82
CA GLY C 411 -25.55 -46.09 -4.73
C GLY C 411 -25.02 -46.54 -3.39
N LEU C 412 -23.71 -46.72 -3.33
CA LEU C 412 -23.03 -47.21 -2.14
C LEU C 412 -21.80 -46.37 -1.84
N TRP C 413 -21.23 -46.60 -0.66
CA TRP C 413 -20.08 -45.88 -0.15
C TRP C 413 -18.97 -46.87 0.16
N VAL C 414 -17.76 -46.58 -0.32
CA VAL C 414 -16.61 -47.45 -0.08
C VAL C 414 -15.39 -46.61 0.28
N GLU C 415 -14.45 -47.24 0.99
CA GLU C 415 -13.14 -46.67 1.30
C GLU C 415 -12.13 -47.80 1.12
N LEU C 416 -11.63 -47.97 -0.10
CA LEU C 416 -10.81 -49.14 -0.45
C LEU C 416 -9.32 -48.88 -0.27
N GLU C 417 -8.92 -48.30 0.86
CA GLU C 417 -7.51 -48.09 1.13
C GLU C 417 -7.10 -48.32 2.57
N MET C 418 -8.04 -48.42 3.51
CA MET C 418 -7.70 -48.38 4.92
C MET C 418 -8.38 -49.53 5.67
N VAL C 419 -7.83 -49.84 6.84
CA VAL C 419 -8.23 -51.01 7.61
C VAL C 419 -8.21 -50.63 9.08
N ASN C 420 -8.88 -51.45 9.90
CA ASN C 420 -8.88 -51.31 11.34
C ASN C 420 -8.22 -52.53 11.97
N LYS C 421 -7.70 -52.34 13.18
CA LYS C 421 -7.11 -53.46 13.91
C LYS C 421 -8.16 -54.50 14.28
N ASP C 422 -9.41 -54.08 14.43
CA ASP C 422 -10.49 -54.98 14.85
C ASP C 422 -11.12 -55.72 13.68
N SER C 423 -10.69 -55.48 12.45
CA SER C 423 -11.26 -56.15 11.30
C SER C 423 -10.61 -57.53 11.10
N ASP C 424 -11.24 -58.32 10.22
CA ASP C 424 -10.71 -59.65 9.93
C ASP C 424 -9.41 -59.58 9.12
N LEU C 425 -9.23 -58.53 8.34
CA LEU C 425 -8.05 -58.42 7.50
C LEU C 425 -6.77 -58.32 8.33
N TYR C 426 -6.81 -57.59 9.44
CA TYR C 426 -5.62 -57.48 10.29
C TYR C 426 -5.37 -58.75 11.08
N ARG C 427 -6.43 -59.38 11.59
CA ARG C 427 -6.24 -60.63 12.34
C ARG C 427 -5.72 -61.74 11.45
N ALA C 428 -6.15 -61.78 10.19
CA ALA C 428 -5.66 -62.81 9.28
C ALA C 428 -4.17 -62.68 9.04
N HIS C 429 -3.72 -61.50 8.64
CA HIS C 429 -2.31 -61.23 8.37
C HIS C 429 -1.99 -59.74 8.49
N PRO C 430 -1.15 -59.36 9.44
CA PRO C 430 -0.83 -57.94 9.65
C PRO C 430 0.38 -57.42 8.89
N ASP C 431 0.92 -58.18 7.93
CA ASP C 431 2.12 -57.77 7.23
C ASP C 431 1.84 -56.86 6.05
N TRP C 432 0.59 -56.54 5.76
CA TRP C 432 0.24 -55.73 4.61
C TRP C 432 0.16 -54.23 4.93
N LEU C 433 0.34 -53.85 6.19
CA LEU C 433 0.35 -52.44 6.53
C LEU C 433 1.64 -51.78 6.05
N ILE C 434 1.56 -50.47 5.82
CA ILE C 434 2.69 -49.69 5.34
C ILE C 434 3.38 -49.07 6.56
N GLY C 435 4.53 -49.62 6.92
CA GLY C 435 5.24 -49.15 8.10
C GLY C 435 6.59 -49.82 8.19
N ALA C 436 7.37 -49.38 9.18
CA ALA C 436 8.73 -49.84 9.37
C ALA C 436 8.82 -50.74 10.61
N PRO C 437 9.78 -51.66 10.64
CA PRO C 437 9.94 -52.50 11.83
C PRO C 437 10.55 -51.74 12.99
N ASP C 438 10.12 -52.11 14.19
CA ASP C 438 10.61 -51.51 15.44
C ASP C 438 10.31 -50.02 15.51
N ARG C 439 9.20 -49.59 14.91
CA ARG C 439 8.76 -48.21 14.98
C ARG C 439 7.30 -48.16 15.41
N PHE C 440 6.95 -47.10 16.13
CA PHE C 440 5.57 -46.93 16.56
C PHE C 440 4.68 -46.55 15.38
N GLU C 441 3.48 -47.11 15.34
CA GLU C 441 2.54 -46.90 14.25
C GLU C 441 1.55 -45.81 14.64
N SER C 442 1.58 -44.69 13.93
CA SER C 442 0.65 -43.60 14.17
C SER C 442 -0.72 -43.94 13.60
N HIS C 443 -1.83 -43.39 14.18
CA HIS C 443 -3.21 -43.63 13.80
C HIS C 443 -3.95 -42.30 13.73
N ALA C 444 -4.73 -42.11 12.66
CA ALA C 444 -5.37 -40.83 12.39
C ALA C 444 -6.80 -40.77 12.95
N ARG C 445 -7.65 -41.69 12.47
CA ARG C 445 -9.05 -41.77 12.97
C ARG C 445 -9.34 -43.23 13.33
N HIS C 446 -8.43 -43.87 14.07
CA HIS C 446 -8.59 -45.30 14.46
C HIS C 446 -8.38 -46.19 13.23
N GLN C 447 -7.66 -45.70 12.22
CA GLN C 447 -7.47 -46.49 10.97
C GLN C 447 -6.01 -46.37 10.48
N HIS C 448 -5.58 -47.28 9.62
CA HIS C 448 -4.19 -47.25 9.08
C HIS C 448 -4.23 -47.44 7.55
N VAL C 449 -3.10 -47.20 6.87
CA VAL C 449 -3.09 -47.29 5.37
C VAL C 449 -2.54 -48.65 4.94
N LEU C 450 -2.93 -49.11 3.74
CA LEU C 450 -2.40 -50.39 3.20
C LEU C 450 -1.34 -50.08 2.14
N ASP C 451 -0.45 -51.03 1.85
CA ASP C 451 0.65 -50.79 0.87
C ASP C 451 0.15 -51.02 -0.56
N PHE C 452 -0.64 -50.09 -1.11
CA PHE C 452 -1.09 -50.21 -2.52
C PHE C 452 0.10 -50.56 -3.41
N SER C 453 1.30 -50.10 -3.03
CA SER C 453 2.53 -50.45 -3.80
C SER C 453 2.52 -51.95 -4.12
N ARG C 454 2.24 -52.79 -3.13
CA ARG C 454 2.18 -54.26 -3.35
C ARG C 454 0.91 -54.60 -4.14
N LYS C 455 1.06 -55.38 -5.21
CA LYS C 455 -0.11 -55.71 -6.07
C LYS C 455 -0.89 -56.88 -5.47
N GLU C 456 -0.19 -57.83 -4.83
CA GLU C 456 -0.89 -58.95 -4.14
C GLU C 456 -2.03 -58.33 -3.31
N VAL C 457 -1.80 -57.13 -2.78
CA VAL C 457 -2.83 -56.43 -2.00
C VAL C 457 -3.90 -55.86 -2.92
N VAL C 458 -3.49 -55.29 -4.06
CA VAL C 458 -4.45 -54.76 -5.02
C VAL C 458 -5.31 -55.88 -5.59
N ASP C 459 -4.71 -57.05 -5.82
CA ASP C 459 -5.47 -58.19 -6.32
C ASP C 459 -6.50 -58.65 -5.29
N TYR C 460 -6.12 -58.69 -4.02
CA TYR C 460 -7.07 -59.10 -2.98
C TYR C 460 -8.18 -58.06 -2.80
N ILE C 461 -7.86 -56.78 -2.93
CA ILE C 461 -8.88 -55.73 -2.79
C ILE C 461 -9.82 -55.72 -3.98
N TYR C 462 -9.33 -56.02 -5.19
CA TYR C 462 -10.18 -56.00 -6.36
C TYR C 462 -11.30 -57.04 -6.24
N LYS C 463 -10.96 -58.24 -5.78
CA LYS C 463 -11.99 -59.19 -5.43
C LYS C 463 -12.66 -58.78 -4.11
N MET C 464 -13.79 -59.41 -3.82
CA MET C 464 -14.61 -59.10 -2.63
C MET C 464 -15.33 -57.77 -2.83
N ILE C 465 -14.99 -57.05 -3.90
CA ILE C 465 -15.65 -55.80 -4.25
C ILE C 465 -16.39 -55.91 -5.58
N ALA C 466 -15.76 -56.51 -6.59
CA ALA C 466 -16.47 -56.79 -7.83
C ALA C 466 -17.62 -57.76 -7.59
N LYS C 467 -17.51 -58.60 -6.56
CA LYS C 467 -18.59 -59.52 -6.22
C LYS C 467 -19.85 -58.75 -5.84
N VAL C 468 -19.71 -57.71 -5.01
CA VAL C 468 -20.85 -56.89 -4.61
C VAL C 468 -21.43 -56.15 -5.81
N LEU C 469 -20.56 -55.62 -6.67
CA LEU C 469 -21.03 -54.88 -7.84
C LEU C 469 -21.64 -55.80 -8.89
N ARG C 470 -21.40 -57.12 -8.80
CA ARG C 470 -21.97 -58.06 -9.75
C ARG C 470 -23.26 -58.69 -9.25
N GLU C 471 -23.38 -58.94 -7.94
CA GLU C 471 -24.60 -59.55 -7.41
C GLU C 471 -25.79 -58.59 -7.52
N SER C 472 -25.57 -57.31 -7.27
CA SER C 472 -26.65 -56.33 -7.18
C SER C 472 -26.63 -55.40 -8.39
N SER C 473 -27.57 -54.46 -8.40
CA SER C 473 -27.72 -53.48 -9.48
C SER C 473 -27.39 -52.10 -8.91
N ILE C 474 -26.12 -51.75 -8.93
CA ILE C 474 -25.66 -50.46 -8.44
C ILE C 474 -25.45 -49.53 -9.62
N SER C 475 -25.53 -48.22 -9.37
CA SER C 475 -25.37 -47.23 -10.47
C SER C 475 -24.52 -46.05 -9.98
N TYR C 476 -24.11 -46.06 -8.71
CA TYR C 476 -23.34 -44.92 -8.15
C TYR C 476 -22.43 -45.40 -7.02
N ILE C 477 -21.13 -45.06 -7.08
CA ILE C 477 -20.21 -45.44 -6.02
C ILE C 477 -19.50 -44.18 -5.54
N LYS C 478 -19.34 -44.04 -4.22
CA LYS C 478 -18.62 -42.89 -3.60
C LYS C 478 -17.37 -43.41 -2.89
N TRP C 479 -16.18 -42.94 -3.31
CA TRP C 479 -14.90 -43.41 -2.73
C TRP C 479 -14.35 -42.36 -1.78
N ASP C 480 -14.19 -42.69 -0.49
CA ASP C 480 -13.74 -41.72 0.54
C ASP C 480 -12.36 -42.12 1.08
N MET C 481 -11.47 -41.16 1.30
CA MET C 481 -10.15 -41.47 1.91
C MET C 481 -9.94 -40.55 3.12
N ASN C 482 -9.76 -41.11 4.31
CA ASN C 482 -9.64 -40.27 5.54
C ASN C 482 -8.37 -40.63 6.30
N ARG C 483 -7.24 -40.80 5.61
CA ARG C 483 -5.94 -41.06 6.29
C ARG C 483 -4.78 -40.73 5.34
N TYR C 484 -3.80 -39.98 5.82
CA TYR C 484 -2.61 -39.64 4.99
C TYR C 484 -1.54 -40.72 5.17
N MET C 485 -0.46 -40.64 4.39
CA MET C 485 0.63 -41.65 4.47
C MET C 485 1.69 -41.19 5.46
N THR C 486 2.17 -42.08 6.32
CA THR C 486 3.25 -41.74 7.29
C THR C 486 4.26 -42.89 7.31
N GLU C 487 5.40 -42.71 7.98
CA GLU C 487 6.43 -43.75 7.98
C GLU C 487 6.39 -44.60 6.72
N PRO C 488 6.74 -44.03 5.56
CA PRO C 488 6.63 -44.79 4.31
C PRO C 488 7.70 -45.86 4.13
N TYR C 489 7.47 -47.04 4.70
CA TYR C 489 8.34 -48.18 4.51
C TYR C 489 7.52 -49.36 4.00
N SER C 490 8.15 -50.17 3.13
CA SER C 490 7.49 -51.31 2.51
C SER C 490 8.24 -52.58 2.88
N ARG C 491 7.53 -53.52 3.53
CA ARG C 491 8.17 -54.76 3.94
C ARG C 491 8.51 -55.65 2.76
N GLY C 492 7.75 -55.55 1.67
CA GLY C 492 8.03 -56.34 0.49
C GLY C 492 8.92 -55.63 -0.52
N ALA C 493 10.16 -55.36 -0.12
CA ALA C 493 11.10 -54.66 -1.00
C ALA C 493 12.52 -54.96 -0.53
N ASP C 494 13.48 -54.26 -1.12
CA ASP C 494 14.90 -54.44 -0.89
C ASP C 494 15.42 -53.24 -0.11
N ALA C 495 16.72 -53.27 0.22
CA ALA C 495 17.36 -52.10 0.81
C ALA C 495 17.30 -50.92 -0.13
N SER C 496 17.58 -51.14 -1.40
CA SER C 496 17.28 -50.15 -2.43
C SER C 496 15.79 -50.19 -2.76
N GLN C 497 15.36 -49.25 -3.58
CA GLN C 497 13.98 -49.09 -4.03
C GLN C 497 13.05 -48.75 -2.87
N GLN C 498 13.57 -48.37 -1.71
CA GLN C 498 12.75 -47.88 -0.61
C GLN C 498 12.38 -46.42 -0.77
N GLY C 499 12.94 -45.73 -1.77
CA GLY C 499 12.60 -44.35 -2.05
C GLY C 499 11.59 -44.23 -3.16
N LYS C 500 10.90 -45.33 -3.47
CA LYS C 500 9.92 -45.35 -4.55
C LYS C 500 8.52 -45.70 -4.04
N VAL C 501 8.29 -45.61 -2.73
CA VAL C 501 7.05 -46.13 -2.16
C VAL C 501 5.87 -45.22 -2.49
N MET C 502 6.05 -43.90 -2.40
CA MET C 502 4.92 -42.99 -2.59
C MET C 502 4.47 -42.93 -4.05
N HIS C 503 5.42 -42.83 -4.98
CA HIS C 503 5.08 -42.83 -6.39
C HIS C 503 4.41 -44.15 -6.78
N LYS C 504 4.94 -45.26 -6.27
CA LYS C 504 4.33 -46.57 -6.55
C LYS C 504 2.93 -46.67 -5.94
N TYR C 505 2.70 -46.07 -4.78
CA TYR C 505 1.37 -46.08 -4.19
C TYR C 505 0.37 -45.33 -5.08
N ILE C 506 0.77 -44.17 -5.57
CA ILE C 506 -0.10 -43.41 -6.47
C ILE C 506 -0.37 -44.19 -7.75
N LEU C 507 0.68 -44.83 -8.30
CA LEU C 507 0.49 -45.64 -9.49
C LEU C 507 -0.45 -46.81 -9.24
N GLY C 508 -0.36 -47.42 -8.06
CA GLY C 508 -1.24 -48.53 -7.73
C GLY C 508 -2.69 -48.12 -7.61
N VAL C 509 -2.95 -46.97 -6.99
CA VAL C 509 -4.33 -46.51 -6.90
C VAL C 509 -4.86 -46.16 -8.29
N TYR C 510 -4.00 -45.61 -9.16
CA TYR C 510 -4.41 -45.39 -10.54
C TYR C 510 -4.77 -46.69 -11.23
N ASP C 511 -3.99 -47.74 -11.00
CA ASP C 511 -4.28 -49.05 -11.59
C ASP C 511 -5.60 -49.61 -11.10
N LEU C 512 -5.89 -49.46 -9.81
CA LEU C 512 -7.16 -49.96 -9.29
C LEU C 512 -8.34 -49.21 -9.89
N TYR C 513 -8.23 -47.87 -10.01
CA TYR C 513 -9.27 -47.11 -10.71
C TYR C 513 -9.43 -47.60 -12.14
N THR C 514 -8.33 -47.85 -12.84
CA THR C 514 -8.42 -48.29 -14.23
C THR C 514 -9.17 -49.62 -14.33
N ARG C 515 -8.84 -50.57 -13.46
CA ARG C 515 -9.54 -51.86 -13.46
C ARG C 515 -11.03 -51.67 -13.22
N LEU C 516 -11.38 -50.95 -12.13
CA LEU C 516 -12.77 -50.82 -11.76
C LEU C 516 -13.58 -50.11 -12.83
N THR C 517 -13.02 -49.06 -13.43
CA THR C 517 -13.73 -48.34 -14.49
C THR C 517 -13.86 -49.20 -15.75
N THR C 518 -12.80 -49.91 -16.13
CA THR C 518 -12.84 -50.69 -17.35
C THR C 518 -13.84 -51.83 -17.27
N GLU C 519 -13.95 -52.48 -16.11
CA GLU C 519 -14.80 -53.66 -16.04
C GLU C 519 -16.26 -53.31 -15.71
N PHE C 520 -16.54 -52.09 -15.26
CA PHE C 520 -17.90 -51.61 -15.04
C PHE C 520 -18.05 -50.25 -15.71
N PRO C 521 -18.26 -50.21 -17.02
CA PRO C 521 -18.27 -48.95 -17.77
C PRO C 521 -19.57 -48.15 -17.67
N GLU C 522 -20.49 -48.51 -16.77
CA GLU C 522 -21.78 -47.83 -16.69
C GLU C 522 -22.06 -47.24 -15.30
N ILE C 523 -21.05 -47.17 -14.44
CA ILE C 523 -21.22 -46.70 -13.06
C ILE C 523 -20.52 -45.35 -12.92
N LEU C 524 -21.20 -44.39 -12.30
CA LEU C 524 -20.65 -43.07 -12.05
C LEU C 524 -19.92 -43.07 -10.71
N PHE C 525 -18.77 -42.52 -10.71
CA PHE C 525 -17.91 -42.55 -9.53
C PHE C 525 -17.80 -41.16 -8.91
N GLU C 526 -17.80 -41.11 -7.59
CA GLU C 526 -17.69 -39.88 -6.81
C GLU C 526 -16.41 -39.99 -5.98
N SER C 527 -15.48 -39.06 -6.19
CA SER C 527 -14.23 -39.06 -5.45
C SER C 527 -14.30 -38.01 -4.35
N CYS C 528 -14.03 -38.44 -3.12
CA CYS C 528 -14.19 -37.59 -1.93
C CYS C 528 -13.07 -37.94 -0.94
N ALA C 529 -11.97 -37.19 -1.01
CA ALA C 529 -10.83 -37.42 -0.11
C ALA C 529 -11.01 -36.57 1.15
N SER C 530 -11.98 -36.98 1.96
CA SER C 530 -12.37 -36.27 3.18
C SER C 530 -12.98 -34.91 2.90
N GLY C 531 -13.48 -34.70 1.69
CA GLY C 531 -14.10 -33.45 1.36
C GLY C 531 -13.19 -32.43 0.73
N GLY C 532 -12.55 -32.79 -0.39
CA GLY C 532 -11.72 -31.82 -1.13
C GLY C 532 -10.27 -31.79 -0.65
N ALA C 533 -9.58 -32.92 -0.69
CA ALA C 533 -8.14 -32.95 -0.33
C ALA C 533 -7.32 -33.49 -1.52
N ARG C 534 -7.99 -34.04 -2.53
CA ARG C 534 -7.27 -34.62 -3.70
C ARG C 534 -7.89 -34.10 -5.00
N PHE C 535 -8.67 -33.02 -4.94
CA PHE C 535 -9.33 -32.47 -6.15
C PHE C 535 -8.27 -32.05 -7.16
N ASP C 536 -8.27 -32.68 -8.34
CA ASP C 536 -7.29 -32.33 -9.40
C ASP C 536 -7.71 -32.96 -10.74
N PRO C 537 -7.18 -32.49 -11.89
CA PRO C 537 -7.50 -33.09 -13.18
C PRO C 537 -7.23 -34.61 -13.19
N ALA C 538 -6.13 -35.03 -12.55
CA ALA C 538 -5.80 -36.47 -12.48
C ALA C 538 -7.03 -37.26 -12.03
N MET C 539 -7.60 -36.91 -10.88
CA MET C 539 -8.80 -37.57 -10.39
C MET C 539 -9.97 -37.37 -11.35
N LEU C 540 -9.99 -36.26 -12.07
CA LEU C 540 -11.03 -36.04 -13.08
C LEU C 540 -10.89 -36.98 -14.26
N TYR C 541 -9.70 -37.53 -14.48
CA TYR C 541 -9.52 -38.49 -15.57
C TYR C 541 -10.29 -39.79 -15.33
N PHE C 542 -10.59 -40.12 -14.08
CA PHE C 542 -11.30 -41.35 -13.73
C PHE C 542 -12.69 -41.10 -13.17
N ALA C 543 -12.83 -40.15 -12.25
CA ALA C 543 -14.12 -39.82 -11.64
C ALA C 543 -14.59 -38.47 -12.16
N PRO C 544 -15.70 -38.41 -12.90
CA PRO C 544 -16.09 -37.14 -13.54
C PRO C 544 -16.41 -36.02 -12.57
N GLN C 545 -16.75 -36.31 -11.32
CA GLN C 545 -17.14 -35.26 -10.38
C GLN C 545 -16.54 -35.55 -9.01
N THR C 546 -16.33 -34.45 -8.23
CA THR C 546 -15.66 -34.51 -6.94
C THR C 546 -16.49 -33.79 -5.89
N TRP C 547 -16.43 -34.29 -4.66
CA TRP C 547 -17.08 -33.65 -3.52
C TRP C 547 -16.21 -32.46 -3.08
N THR C 548 -16.75 -31.24 -3.22
CA THR C 548 -15.94 -30.05 -3.10
C THR C 548 -15.47 -29.81 -1.67
N SER C 549 -16.38 -29.90 -0.71
CA SER C 549 -16.04 -29.59 0.67
C SER C 549 -17.06 -30.23 1.60
N ASP C 550 -16.73 -30.23 2.89
CA ASP C 550 -17.57 -30.84 3.91
C ASP C 550 -18.23 -29.80 4.80
N ASP C 551 -18.36 -28.57 4.32
CA ASP C 551 -18.88 -27.49 5.20
C ASP C 551 -20.38 -27.28 4.98
N THR C 552 -20.84 -27.36 3.73
CA THR C 552 -22.29 -27.24 3.43
C THR C 552 -22.87 -26.00 4.13
N ASP C 553 -22.21 -24.85 4.06
CA ASP C 553 -22.87 -23.65 4.64
C ASP C 553 -23.47 -22.85 3.48
N ALA C 554 -24.62 -22.19 3.67
CA ALA C 554 -25.13 -21.31 2.60
C ALA C 554 -23.97 -20.38 2.24
N SER C 555 -23.38 -19.75 3.26
CA SER C 555 -22.15 -18.95 3.04
C SER C 555 -20.96 -19.89 3.17
N GLU C 556 -19.74 -19.38 3.32
CA GLU C 556 -18.55 -20.26 3.34
C GLU C 556 -18.38 -20.91 1.98
N ARG C 557 -19.44 -21.52 1.42
CA ARG C 557 -19.39 -22.20 0.11
C ARG C 557 -19.44 -21.16 -1.01
N THR C 558 -19.70 -19.89 -0.69
CA THR C 558 -19.64 -18.82 -1.71
C THR C 558 -18.20 -18.34 -1.82
N LYS C 559 -17.33 -18.78 -0.92
CA LYS C 559 -15.89 -18.38 -0.95
C LYS C 559 -15.04 -19.59 -1.29
N ILE C 560 -15.59 -20.79 -1.16
CA ILE C 560 -14.86 -22.02 -1.55
C ILE C 560 -15.17 -22.27 -3.03
N GLN C 561 -16.34 -21.87 -3.52
CA GLN C 561 -16.56 -22.07 -4.94
C GLN C 561 -16.00 -20.94 -5.77
N TYR C 562 -15.97 -19.71 -5.23
CA TYR C 562 -15.31 -18.62 -5.95
C TYR C 562 -13.84 -18.94 -6.21
N GLY C 563 -13.13 -19.40 -5.18
CA GLY C 563 -11.74 -19.76 -5.35
C GLY C 563 -11.55 -21.00 -6.21
N THR C 564 -12.46 -21.97 -6.08
CA THR C 564 -12.33 -23.21 -6.85
C THR C 564 -12.54 -22.97 -8.33
N SER C 565 -13.43 -22.06 -8.70
CA SER C 565 -13.79 -21.86 -10.11
C SER C 565 -12.64 -21.33 -10.95
N TYR C 566 -11.48 -21.07 -10.35
CA TYR C 566 -10.36 -20.52 -11.11
C TYR C 566 -9.86 -21.49 -12.18
N VAL C 567 -9.85 -22.78 -11.87
CA VAL C 567 -9.29 -23.77 -12.79
C VAL C 567 -10.21 -24.95 -13.05
N TYR C 568 -11.21 -25.24 -12.20
CA TYR C 568 -12.01 -26.44 -12.41
C TYR C 568 -13.44 -26.09 -12.82
N PRO C 569 -14.01 -26.85 -13.76
CA PRO C 569 -15.34 -26.51 -14.27
C PRO C 569 -16.44 -26.71 -13.23
N VAL C 570 -17.58 -26.07 -13.50
CA VAL C 570 -18.70 -26.07 -12.55
C VAL C 570 -19.29 -27.46 -12.40
N VAL C 571 -19.32 -28.24 -13.48
CA VAL C 571 -19.94 -29.56 -13.43
C VAL C 571 -19.20 -30.50 -12.48
N SER C 572 -17.92 -30.22 -12.20
CA SER C 572 -17.17 -31.07 -11.27
C SER C 572 -17.65 -30.88 -9.84
N MET C 573 -17.84 -29.64 -9.43
CA MET C 573 -18.14 -29.34 -8.02
C MET C 573 -19.50 -29.89 -7.63
N GLY C 574 -19.56 -30.57 -6.48
CA GLY C 574 -20.84 -31.09 -5.97
C GLY C 574 -21.48 -30.10 -5.00
N SER C 575 -22.81 -30.08 -4.92
CA SER C 575 -23.50 -29.07 -4.07
C SER C 575 -24.84 -29.63 -3.57
N HIS C 576 -24.98 -29.82 -2.25
CA HIS C 576 -26.24 -30.38 -1.68
C HIS C 576 -26.88 -29.39 -0.72
N VAL C 577 -28.13 -29.64 -0.32
CA VAL C 577 -28.82 -28.76 0.67
C VAL C 577 -28.82 -29.47 2.03
N SER C 578 -28.57 -28.74 3.12
CA SER C 578 -28.46 -29.38 4.43
C SER C 578 -29.53 -28.83 5.38
N ALA C 579 -29.46 -29.29 6.63
CA ALA C 579 -30.41 -28.89 7.66
C ALA C 579 -30.20 -27.43 8.06
N VAL C 580 -31.27 -26.81 8.54
CA VAL C 580 -31.30 -25.36 8.77
C VAL C 580 -30.31 -24.98 9.86
N PRO C 581 -30.30 -25.62 11.05
CA PRO C 581 -29.21 -25.36 12.00
C PRO C 581 -27.99 -26.18 11.64
N ASN C 582 -26.93 -25.51 11.17
CA ASN C 582 -25.79 -26.20 10.60
C ASN C 582 -25.06 -27.02 11.66
N HIS C 583 -24.38 -28.07 11.19
CA HIS C 583 -23.60 -28.94 12.06
C HIS C 583 -22.16 -28.49 12.21
N GLN C 584 -21.68 -27.61 11.34
CA GLN C 584 -20.30 -27.14 11.36
C GLN C 584 -20.13 -25.75 11.95
N MET C 585 -20.96 -24.79 11.56
CA MET C 585 -20.91 -23.46 12.13
C MET C 585 -22.10 -23.10 13.01
N HIS C 586 -23.18 -23.88 12.97
CA HIS C 586 -24.34 -23.72 13.84
C HIS C 586 -25.09 -22.41 13.60
N ARG C 587 -24.99 -21.85 12.40
CA ARG C 587 -25.73 -20.64 12.06
C ARG C 587 -27.02 -20.99 11.31
N MET C 588 -27.89 -20.00 11.19
CA MET C 588 -29.19 -20.18 10.56
C MET C 588 -29.27 -19.32 9.30
N THR C 589 -29.61 -19.95 8.17
CA THR C 589 -29.68 -19.29 6.89
C THR C 589 -31.03 -19.55 6.24
N PRO C 590 -31.51 -18.64 5.38
CA PRO C 590 -32.74 -18.92 4.63
C PRO C 590 -32.53 -20.02 3.61
N ILE C 591 -33.62 -20.76 3.34
CA ILE C 591 -33.56 -21.87 2.40
C ILE C 591 -33.30 -21.39 0.97
N GLU C 592 -33.83 -20.21 0.62
CA GLU C 592 -33.65 -19.71 -0.74
C GLU C 592 -32.18 -19.48 -1.05
N THR C 593 -31.43 -18.95 -0.09
CA THR C 593 -29.99 -18.76 -0.30
C THR C 593 -29.29 -20.09 -0.47
N ARG C 594 -29.66 -21.10 0.32
CA ARG C 594 -29.04 -22.41 0.19
C ARG C 594 -29.28 -22.98 -1.21
N ALA C 595 -30.51 -22.89 -1.70
CA ALA C 595 -30.81 -23.37 -3.05
C ALA C 595 -30.05 -22.57 -4.10
N ASN C 596 -30.01 -21.24 -3.97
CA ASN C 596 -29.36 -20.42 -4.98
C ASN C 596 -27.85 -20.60 -5.00
N VAL C 597 -27.26 -21.05 -3.89
CA VAL C 597 -25.84 -21.38 -3.93
C VAL C 597 -25.63 -22.78 -4.50
N ALA C 598 -26.53 -23.72 -4.17
CA ALA C 598 -26.37 -25.09 -4.63
C ALA C 598 -26.64 -25.28 -6.12
N TYR C 599 -27.19 -24.28 -6.82
CA TYR C 599 -27.53 -24.45 -8.23
C TYR C 599 -26.27 -24.57 -9.09
N PHE C 600 -25.24 -23.77 -8.80
CA PHE C 600 -24.08 -23.68 -9.67
C PHE C 600 -23.07 -24.79 -9.35
N GLY C 601 -23.53 -26.02 -9.59
CA GLY C 601 -22.74 -27.21 -9.35
C GLY C 601 -23.52 -28.44 -9.75
N THR C 602 -23.52 -29.47 -8.91
CA THR C 602 -24.39 -30.63 -9.08
C THR C 602 -25.42 -30.60 -7.95
N PHE C 603 -26.66 -30.31 -8.30
CA PHE C 603 -27.71 -30.16 -7.30
C PHE C 603 -27.96 -31.48 -6.56
N GLY C 604 -28.22 -31.37 -5.26
CA GLY C 604 -28.47 -32.55 -4.45
C GLY C 604 -29.09 -32.15 -3.12
N TYR C 605 -29.41 -33.17 -2.32
CA TYR C 605 -30.06 -32.97 -1.03
C TYR C 605 -29.45 -33.89 0.01
N GLU C 606 -29.32 -33.37 1.23
CA GLU C 606 -28.83 -34.15 2.36
C GLU C 606 -29.77 -34.00 3.56
N LEU C 607 -31.02 -33.66 3.29
CA LEU C 607 -32.03 -33.40 4.32
C LEU C 607 -32.75 -34.69 4.71
N ASP C 608 -33.80 -34.53 5.49
CA ASP C 608 -34.79 -35.56 5.76
C ASP C 608 -36.13 -34.95 5.37
N LEU C 609 -36.63 -35.32 4.19
CA LEU C 609 -37.71 -34.56 3.57
C LEU C 609 -39.02 -34.66 4.33
N ASN C 610 -39.17 -35.62 5.24
CA ASN C 610 -40.40 -35.79 5.99
C ASN C 610 -40.39 -35.07 7.33
N LEU C 611 -39.33 -34.31 7.63
CA LEU C 611 -39.30 -33.45 8.81
C LEU C 611 -39.47 -31.98 8.46
N LEU C 612 -39.67 -31.65 7.18
CA LEU C 612 -39.92 -30.29 6.78
C LEU C 612 -41.41 -29.99 6.78
N SER C 613 -41.74 -28.70 6.75
CA SER C 613 -43.16 -28.27 6.79
C SER C 613 -43.75 -28.28 5.38
N GLU C 614 -45.07 -28.13 5.27
CA GLU C 614 -45.74 -28.11 3.94
C GLU C 614 -45.32 -26.83 3.20
N ALA C 615 -45.02 -25.76 3.93
CA ALA C 615 -44.56 -24.50 3.29
C ALA C 615 -43.15 -24.71 2.74
N GLU C 616 -42.53 -25.84 3.05
CA GLU C 616 -41.17 -26.14 2.64
C GLU C 616 -41.15 -27.20 1.55
N LEU C 617 -42.08 -28.16 1.60
CA LEU C 617 -42.20 -29.15 0.54
C LEU C 617 -42.66 -28.55 -0.77
N GLU C 618 -43.30 -27.39 -0.77
CA GLU C 618 -43.56 -26.71 -2.04
C GLU C 618 -42.31 -26.02 -2.59
N SER C 619 -41.53 -25.41 -1.70
CA SER C 619 -40.29 -24.77 -2.13
C SER C 619 -39.31 -25.79 -2.71
N VAL C 620 -39.23 -26.98 -2.10
CA VAL C 620 -38.32 -28.00 -2.61
C VAL C 620 -38.76 -28.45 -4.01
N LYS C 621 -40.07 -28.56 -4.23
CA LYS C 621 -40.55 -28.95 -5.55
C LYS C 621 -40.22 -27.89 -6.60
N LYS C 622 -40.42 -26.62 -6.25
CA LYS C 622 -40.08 -25.55 -7.18
C LYS C 622 -38.59 -25.53 -7.47
N GLN C 623 -37.75 -25.77 -6.44
CA GLN C 623 -36.31 -25.83 -6.65
C GLN C 623 -35.94 -26.94 -7.61
N ILE C 624 -36.53 -28.12 -7.44
CA ILE C 624 -36.23 -29.25 -8.32
C ILE C 624 -36.65 -28.93 -9.75
N ALA C 625 -37.82 -28.33 -9.93
CA ALA C 625 -38.27 -27.97 -11.28
C ALA C 625 -37.30 -26.98 -11.93
N PHE C 626 -36.88 -25.95 -11.18
CA PHE C 626 -35.95 -24.97 -11.73
C PHE C 626 -34.64 -25.63 -12.13
N MET C 627 -34.10 -26.50 -11.27
CA MET C 627 -32.81 -27.10 -11.57
C MET C 627 -32.90 -28.03 -12.77
N LYS C 628 -33.95 -28.84 -12.86
CA LYS C 628 -34.01 -29.73 -14.01
C LYS C 628 -34.47 -29.03 -15.27
N GLU C 629 -34.89 -27.76 -15.17
CA GLU C 629 -35.10 -26.97 -16.37
C GLU C 629 -33.80 -26.30 -16.84
N TYR C 630 -32.95 -25.84 -15.92
CA TYR C 630 -31.79 -25.04 -16.29
C TYR C 630 -30.45 -25.78 -16.19
N ARG C 631 -30.44 -27.06 -15.86
CA ARG C 631 -29.18 -27.75 -15.67
C ARG C 631 -28.42 -27.94 -16.99
N GLU C 632 -29.12 -28.06 -18.11
CA GLU C 632 -28.43 -28.19 -19.39
C GLU C 632 -27.62 -26.95 -19.71
N LEU C 633 -28.18 -25.76 -19.47
CA LEU C 633 -27.43 -24.53 -19.67
C LEU C 633 -26.33 -24.38 -18.63
N ILE C 634 -26.60 -24.72 -17.38
CA ILE C 634 -25.62 -24.48 -16.33
C ILE C 634 -24.40 -25.39 -16.48
N GLN C 635 -24.63 -26.67 -16.82
CA GLN C 635 -23.57 -27.68 -16.74
C GLN C 635 -22.89 -27.95 -18.07
N VAL C 636 -23.66 -28.27 -19.11
CA VAL C 636 -23.07 -28.79 -20.34
C VAL C 636 -22.51 -27.66 -21.20
N ASP C 637 -23.38 -26.73 -21.61
CA ASP C 637 -23.00 -25.66 -22.52
C ASP C 637 -23.17 -24.31 -21.82
N GLY C 638 -22.07 -23.65 -21.49
CA GLY C 638 -22.14 -22.36 -20.83
C GLY C 638 -20.82 -21.87 -20.28
N ASP C 639 -20.61 -20.56 -20.29
CA ASP C 639 -19.38 -19.93 -19.84
C ASP C 639 -19.59 -19.26 -18.49
N PHE C 640 -18.62 -19.41 -17.60
CA PHE C 640 -18.70 -18.93 -16.24
C PHE C 640 -17.95 -17.60 -16.11
N TYR C 641 -18.65 -16.56 -15.68
CA TYR C 641 -18.06 -15.23 -15.47
C TYR C 641 -18.13 -14.89 -13.99
N ARG C 642 -17.02 -14.43 -13.44
CA ARG C 642 -16.97 -13.94 -12.06
C ARG C 642 -17.09 -12.42 -12.07
N LEU C 643 -18.06 -11.90 -11.33
CA LEU C 643 -18.41 -10.49 -11.38
C LEU C 643 -17.93 -9.71 -10.17
N LEU C 644 -18.28 -10.14 -8.96
CA LEU C 644 -17.87 -9.46 -7.74
C LEU C 644 -17.34 -10.50 -6.76
N SER C 645 -16.16 -10.22 -6.19
CA SER C 645 -15.26 -10.98 -5.32
C SER C 645 -15.64 -10.83 -3.86
N PRO C 646 -15.74 -11.93 -3.12
CA PRO C 646 -15.92 -11.86 -1.67
C PRO C 646 -14.63 -11.67 -0.89
N PHE C 647 -13.48 -11.86 -1.53
CA PHE C 647 -12.20 -11.67 -0.86
C PHE C 647 -11.81 -10.21 -0.73
N GLU C 648 -12.41 -9.33 -1.54
CA GLU C 648 -12.22 -7.88 -1.44
C GLU C 648 -13.60 -7.22 -1.49
N GLY C 649 -14.25 -7.13 -0.34
CA GLY C 649 -15.57 -6.54 -0.27
C GLY C 649 -16.53 -7.40 0.50
N ASN C 650 -17.83 -7.09 0.38
CA ASN C 650 -18.89 -7.71 1.15
C ASN C 650 -19.85 -8.53 0.31
N GLU C 651 -19.87 -8.36 -1.01
CA GLU C 651 -20.83 -9.02 -1.87
C GLU C 651 -20.13 -10.01 -2.79
N THR C 652 -20.90 -11.00 -3.25
CA THR C 652 -20.42 -11.97 -4.23
C THR C 652 -21.38 -12.01 -5.40
N ALA C 653 -20.86 -12.17 -6.61
CA ALA C 653 -21.73 -12.20 -7.77
C ALA C 653 -21.05 -12.91 -8.93
N TRP C 654 -21.75 -13.87 -9.52
CA TRP C 654 -21.38 -14.50 -10.78
C TRP C 654 -22.61 -14.73 -11.65
N MET C 655 -22.36 -15.23 -12.87
CA MET C 655 -23.40 -15.50 -13.85
C MET C 655 -22.88 -16.50 -14.86
N VAL C 656 -23.81 -17.15 -15.57
CA VAL C 656 -23.45 -18.08 -16.64
C VAL C 656 -24.28 -17.74 -17.88
N VAL C 657 -23.61 -17.80 -19.04
CA VAL C 657 -24.15 -17.37 -20.32
C VAL C 657 -24.09 -18.53 -21.31
N ALA C 658 -25.10 -18.64 -22.17
CA ALA C 658 -25.07 -19.63 -23.23
C ALA C 658 -23.99 -19.29 -24.25
N GLN C 659 -23.65 -20.28 -25.06
CA GLN C 659 -22.53 -20.13 -26.00
C GLN C 659 -22.87 -19.25 -27.19
N ASP C 660 -24.16 -19.00 -27.47
CA ASP C 660 -24.56 -18.12 -28.56
C ASP C 660 -25.20 -16.83 -28.06
N LYS C 661 -24.98 -16.48 -26.79
CA LYS C 661 -25.46 -15.24 -26.20
C LYS C 661 -26.97 -15.12 -26.25
N SER C 662 -27.68 -16.24 -26.11
CA SER C 662 -29.14 -16.25 -26.24
C SER C 662 -29.88 -16.48 -24.93
N ARG C 663 -29.17 -16.75 -23.83
CA ARG C 663 -29.81 -17.05 -22.57
C ARG C 663 -28.75 -17.03 -21.48
N ALA C 664 -29.14 -16.58 -20.29
CA ALA C 664 -28.18 -16.43 -19.20
C ALA C 664 -28.92 -16.36 -17.87
N VAL C 665 -28.19 -16.68 -16.81
CA VAL C 665 -28.71 -16.57 -15.45
C VAL C 665 -27.63 -16.03 -14.53
N ALA C 666 -28.00 -15.08 -13.67
CA ALA C 666 -27.07 -14.37 -12.80
C ALA C 666 -27.53 -14.44 -11.36
N ALA C 667 -26.57 -14.38 -10.43
CA ALA C 667 -26.89 -14.46 -9.01
C ALA C 667 -26.14 -13.37 -8.24
N PHE C 668 -26.70 -13.00 -7.09
CA PHE C 668 -26.14 -11.95 -6.24
C PHE C 668 -26.30 -12.35 -4.79
N TYR C 669 -25.20 -12.39 -4.03
CA TYR C 669 -25.19 -12.82 -2.64
C TYR C 669 -24.63 -11.73 -1.74
N GLN C 670 -25.25 -11.56 -0.57
CA GLN C 670 -24.84 -10.58 0.42
C GLN C 670 -24.56 -11.28 1.74
N ARG C 671 -23.53 -10.82 2.47
CA ARG C 671 -23.11 -11.45 3.72
C ARG C 671 -23.68 -10.75 4.95
N MET C 672 -23.43 -9.46 5.09
CA MET C 672 -23.91 -8.69 6.23
C MET C 672 -24.99 -7.71 5.78
N ASN C 673 -25.87 -7.38 6.72
CA ASN C 673 -26.96 -6.45 6.48
C ASN C 673 -26.52 -5.03 6.80
N LYS C 674 -26.77 -4.10 5.88
CA LYS C 674 -26.42 -2.71 6.04
C LYS C 674 -27.68 -1.88 6.22
N VAL C 675 -27.63 -0.90 7.10
CA VAL C 675 -28.75 -0.01 7.37
C VAL C 675 -28.35 1.40 6.96
N ASN C 676 -29.22 2.07 6.20
CA ASN C 676 -28.99 3.41 5.69
C ASN C 676 -27.70 3.45 4.85
N ALA C 677 -27.71 2.69 3.76
CA ALA C 677 -26.56 2.54 2.89
C ALA C 677 -26.86 3.16 1.52
N SER C 678 -25.93 2.96 0.58
CA SER C 678 -25.96 3.62 -0.71
C SER C 678 -26.83 2.85 -1.70
N TRP C 679 -26.99 3.42 -2.89
CA TRP C 679 -27.60 2.72 -4.02
C TRP C 679 -26.62 1.72 -4.61
N ILE C 680 -27.15 0.59 -5.07
CA ILE C 680 -26.32 -0.49 -5.61
C ILE C 680 -26.79 -0.87 -7.01
N ARG C 681 -25.84 -0.95 -7.93
CA ARG C 681 -26.04 -1.34 -9.31
C ARG C 681 -25.28 -2.63 -9.60
N PHE C 682 -25.86 -3.48 -10.44
CA PHE C 682 -25.33 -4.81 -10.72
C PHE C 682 -25.00 -4.88 -12.20
N LYS C 683 -23.70 -4.78 -12.52
CA LYS C 683 -23.26 -4.77 -13.91
C LYS C 683 -22.88 -6.18 -14.36
N LEU C 684 -23.48 -6.62 -15.46
CA LEU C 684 -23.13 -7.89 -16.07
C LEU C 684 -21.93 -7.72 -17.00
N GLN C 685 -21.35 -8.84 -17.41
CA GLN C 685 -20.12 -8.76 -18.19
C GLN C 685 -20.15 -9.51 -19.50
N GLY C 686 -20.77 -10.69 -19.56
CA GLY C 686 -20.79 -11.41 -20.81
C GLY C 686 -22.15 -11.43 -21.48
N LEU C 687 -22.31 -10.63 -22.52
CA LEU C 687 -23.56 -10.55 -23.27
C LEU C 687 -23.24 -10.11 -24.69
N ASP C 688 -24.28 -9.76 -25.45
CA ASP C 688 -24.12 -9.32 -26.83
C ASP C 688 -24.76 -7.94 -26.97
N ALA C 689 -23.95 -6.93 -27.28
CA ALA C 689 -24.47 -5.59 -27.49
C ALA C 689 -25.29 -5.55 -28.77
N GLY C 690 -26.47 -4.94 -28.70
CA GLY C 690 -27.39 -4.90 -29.81
C GLY C 690 -28.54 -5.88 -29.71
N THR C 691 -28.51 -6.77 -28.72
CA THR C 691 -29.60 -7.72 -28.47
C THR C 691 -30.56 -7.12 -27.46
N LEU C 692 -31.78 -7.65 -27.41
CA LEU C 692 -32.87 -7.06 -26.65
C LEU C 692 -33.43 -8.04 -25.62
N TYR C 693 -32.54 -8.60 -24.80
CA TYR C 693 -32.96 -9.50 -23.74
C TYR C 693 -34.06 -8.89 -22.88
N GLU C 694 -34.88 -9.75 -22.30
CA GLU C 694 -35.79 -9.37 -21.22
C GLU C 694 -35.31 -10.02 -19.94
N VAL C 695 -35.35 -9.24 -18.86
CA VAL C 695 -34.82 -9.64 -17.56
C VAL C 695 -35.99 -9.92 -16.64
N SER C 696 -35.94 -11.06 -15.96
CA SER C 696 -37.01 -11.51 -15.07
C SER C 696 -36.43 -11.94 -13.74
N CYS C 697 -37.15 -11.64 -12.67
CA CYS C 697 -36.75 -12.02 -11.32
C CYS C 697 -37.98 -12.40 -10.50
N ASP C 698 -37.74 -13.11 -9.41
CA ASP C 698 -38.78 -13.53 -8.48
C ASP C 698 -38.50 -12.90 -7.12
N MET C 699 -39.51 -12.25 -6.54
CA MET C 699 -39.37 -11.55 -5.27
C MET C 699 -40.56 -11.89 -4.39
N ALA C 700 -40.43 -12.98 -3.63
CA ALA C 700 -41.44 -13.38 -2.66
C ALA C 700 -40.87 -13.30 -1.26
N PRO C 701 -41.53 -12.58 -0.35
CA PRO C 701 -40.98 -12.38 1.00
C PRO C 701 -40.83 -13.70 1.76
N SER C 702 -39.79 -13.77 2.58
CA SER C 702 -39.59 -14.93 3.43
C SER C 702 -40.58 -14.94 4.58
N ALA C 703 -40.74 -16.11 5.18
CA ALA C 703 -41.72 -16.28 6.27
C ALA C 703 -41.29 -15.60 7.56
N SER C 704 -40.01 -15.28 7.71
CA SER C 704 -39.53 -14.60 8.91
C SER C 704 -39.72 -13.09 8.86
N TYR C 705 -40.01 -12.54 7.68
CA TYR C 705 -40.19 -11.10 7.54
C TYR C 705 -41.45 -10.65 8.29
N ASP C 706 -41.32 -9.59 9.08
CA ASP C 706 -42.42 -9.05 9.86
C ASP C 706 -42.86 -7.71 9.27
N GLU C 707 -44.15 -7.60 8.99
CA GLU C 707 -44.69 -6.43 8.30
C GLU C 707 -45.26 -5.37 9.22
N SER C 708 -45.87 -5.76 10.34
CA SER C 708 -46.44 -4.77 11.25
C SER C 708 -45.36 -3.86 11.84
N LEU C 709 -44.12 -4.35 11.92
CA LEU C 709 -43.02 -3.50 12.37
C LEU C 709 -42.57 -2.55 11.27
N ALA C 710 -42.73 -2.94 10.01
CA ALA C 710 -42.25 -2.11 8.90
C ALA C 710 -43.13 -0.88 8.72
N LYS C 711 -44.45 -1.04 8.87
CA LYS C 711 -45.35 0.11 8.72
C LYS C 711 -45.15 1.14 9.82
N ILE C 712 -44.48 0.76 10.90
CA ILE C 712 -44.18 1.72 12.01
C ILE C 712 -43.04 2.64 11.56
N TYR C 713 -42.02 2.09 10.90
CA TYR C 713 -40.84 2.90 10.51
C TYR C 713 -41.11 3.68 9.22
N GLY C 714 -42.32 3.57 8.66
CA GLY C 714 -42.67 4.40 7.49
C GLY C 714 -42.03 3.95 6.18
N ILE C 715 -41.40 2.79 6.14
CA ILE C 715 -40.84 2.28 4.89
C ILE C 715 -41.94 1.95 3.90
N VAL C 722 -43.23 -11.51 -9.26
CA VAL C 722 -42.32 -11.61 -10.40
C VAL C 722 -42.20 -10.26 -11.11
N LYS C 723 -40.97 -9.87 -11.42
CA LYS C 723 -40.73 -8.65 -12.17
C LYS C 723 -40.21 -9.00 -13.56
N THR C 724 -40.28 -8.03 -14.48
CA THR C 724 -39.84 -8.24 -15.86
C THR C 724 -39.68 -6.90 -16.59
N TYR C 725 -38.56 -6.72 -17.28
CA TYR C 725 -38.42 -5.53 -18.11
C TYR C 725 -37.41 -5.78 -19.22
N ARG C 726 -37.51 -4.98 -20.28
CA ARG C 726 -36.71 -5.18 -21.49
C ARG C 726 -35.59 -4.15 -21.56
N ALA C 727 -34.43 -4.61 -22.02
CA ALA C 727 -33.25 -3.75 -22.08
C ALA C 727 -32.29 -4.30 -23.13
N TYR C 728 -31.33 -3.48 -23.51
CA TYR C 728 -30.29 -3.88 -24.44
C TYR C 728 -29.07 -4.42 -23.70
N GLY C 729 -28.19 -5.08 -24.44
CA GLY C 729 -27.00 -5.65 -23.83
C GLY C 729 -26.05 -4.61 -23.30
N ASP C 730 -25.82 -3.54 -24.07
CA ASP C 730 -24.90 -2.49 -23.62
C ASP C 730 -25.47 -1.76 -22.41
N GLU C 731 -26.78 -1.53 -22.39
CA GLU C 731 -27.36 -0.89 -21.21
C GLU C 731 -27.16 -1.75 -19.96
N LEU C 732 -27.21 -3.07 -20.10
CA LEU C 732 -26.94 -3.96 -18.99
C LEU C 732 -25.46 -4.08 -18.65
N MET C 733 -24.57 -3.75 -19.59
CA MET C 733 -23.14 -3.92 -19.33
C MET C 733 -22.47 -2.63 -18.83
N GLN C 734 -22.87 -1.46 -19.31
CA GLN C 734 -22.31 -0.23 -18.75
C GLN C 734 -23.11 0.32 -17.57
N VAL C 735 -24.44 0.18 -17.56
CA VAL C 735 -25.23 0.78 -16.49
C VAL C 735 -25.45 -0.22 -15.36
N GLY C 736 -26.17 -1.30 -15.64
CA GLY C 736 -26.44 -2.32 -14.66
C GLY C 736 -27.89 -2.33 -14.22
N ILE C 737 -28.21 -3.32 -13.40
CA ILE C 737 -29.53 -3.48 -12.81
C ILE C 737 -29.57 -2.78 -11.46
N PRO C 738 -30.50 -1.86 -11.21
CA PRO C 738 -30.56 -1.19 -9.91
C PRO C 738 -31.26 -2.07 -8.88
N ILE C 739 -30.51 -2.48 -7.86
CA ILE C 739 -31.05 -3.33 -6.81
C ILE C 739 -31.52 -2.45 -5.66
N ASP C 740 -32.76 -2.67 -5.22
CA ASP C 740 -33.32 -1.93 -4.09
C ASP C 740 -32.91 -2.62 -2.80
N ARG C 741 -32.35 -1.84 -1.87
CA ARG C 741 -31.85 -2.44 -0.63
C ARG C 741 -32.96 -2.87 0.31
N GLU C 742 -34.22 -2.54 0.02
CA GLU C 742 -35.34 -3.13 0.72
C GLU C 742 -35.84 -4.42 0.06
N ASP C 743 -35.40 -4.69 -1.17
CA ASP C 743 -35.78 -5.94 -1.84
C ASP C 743 -35.14 -7.14 -1.15
N LEU C 744 -33.85 -7.05 -0.85
CA LEU C 744 -33.15 -8.12 -0.16
C LEU C 744 -33.24 -8.01 1.35
N ASN C 745 -34.05 -7.07 1.85
CA ASN C 745 -34.48 -7.10 3.24
C ASN C 745 -35.70 -7.97 3.45
N LYS C 746 -36.44 -8.29 2.38
CA LYS C 746 -37.52 -9.26 2.43
C LYS C 746 -37.06 -10.68 2.19
N LYS C 747 -35.81 -10.88 1.79
CA LYS C 747 -35.26 -12.20 1.53
C LYS C 747 -34.68 -12.86 2.77
N GLY C 748 -34.67 -12.17 3.91
CA GLY C 748 -34.11 -12.72 5.12
C GLY C 748 -33.26 -11.73 5.87
N GLY C 749 -32.63 -10.81 5.14
CA GLY C 749 -31.84 -9.75 5.74
C GLY C 749 -30.36 -10.05 5.87
N ASP C 750 -30.00 -11.05 6.67
CA ASP C 750 -28.59 -11.26 6.99
C ASP C 750 -27.84 -11.89 5.81
N PHE C 751 -28.21 -13.12 5.45
CA PHE C 751 -27.63 -13.80 4.30
C PHE C 751 -28.71 -13.88 3.23
N ALA C 752 -28.68 -12.95 2.28
CA ALA C 752 -29.70 -12.85 1.26
C ALA C 752 -29.09 -13.06 -0.13
N SER C 753 -29.94 -13.47 -1.06
CA SER C 753 -29.53 -13.80 -2.41
C SER C 753 -30.64 -13.47 -3.39
N LEU C 754 -30.24 -13.17 -4.63
CA LEU C 754 -31.18 -12.89 -5.72
C LEU C 754 -30.73 -13.61 -6.97
N LEU C 755 -31.72 -14.07 -7.74
CA LEU C 755 -31.51 -14.68 -9.05
C LEU C 755 -32.18 -13.86 -10.14
N TYR C 756 -31.53 -13.78 -11.30
CA TYR C 756 -32.09 -13.12 -12.47
C TYR C 756 -31.94 -14.03 -13.67
N THR C 757 -32.97 -14.07 -14.51
CA THR C 757 -32.95 -14.86 -15.74
C THR C 757 -33.16 -13.93 -16.92
N LEU C 758 -32.34 -14.10 -17.97
CA LEU C 758 -32.40 -13.24 -19.14
C LEU C 758 -32.79 -14.06 -20.36
N LYS C 759 -33.57 -13.46 -21.26
CA LYS C 759 -34.06 -14.16 -22.43
C LYS C 759 -33.85 -13.31 -23.67
N LYS C 760 -33.76 -13.98 -24.81
CA LYS C 760 -33.36 -13.30 -26.06
C LYS C 760 -34.43 -12.34 -26.55
N VAL C 761 -35.70 -12.72 -26.48
CA VAL C 761 -36.78 -11.96 -27.11
C VAL C 761 -36.88 -10.52 -26.62
N ALA D 2 -25.97 14.49 -31.77
CA ALA D 2 -27.42 14.62 -31.82
C ALA D 2 -28.02 14.75 -30.42
N VAL D 3 -29.13 15.47 -30.33
CA VAL D 3 -29.87 15.65 -29.09
C VAL D 3 -31.34 15.37 -29.35
N ILE D 4 -31.98 14.64 -28.42
CA ILE D 4 -33.37 14.21 -28.56
C ILE D 4 -34.12 14.61 -27.30
N PHE D 5 -35.43 14.85 -27.45
CA PHE D 5 -36.22 15.40 -26.36
C PHE D 5 -37.09 14.39 -25.63
N HIS D 6 -37.75 13.47 -26.33
CA HIS D 6 -38.61 12.47 -25.68
C HIS D 6 -39.70 13.15 -24.84
N GLU D 7 -40.63 13.78 -25.56
CA GLU D 7 -41.65 14.62 -24.93
C GLU D 7 -42.45 13.86 -23.86
N LYS D 8 -42.60 12.55 -24.01
CA LYS D 8 -43.44 11.80 -23.08
C LYS D 8 -42.87 11.81 -21.67
N THR D 9 -41.56 11.64 -21.52
CA THR D 9 -40.93 11.54 -20.21
C THR D 9 -40.09 12.76 -19.84
N LYS D 10 -40.01 13.76 -20.71
CA LYS D 10 -39.27 15.00 -20.45
C LYS D 10 -37.80 14.70 -20.13
N GLU D 11 -37.11 14.18 -21.13
CA GLU D 11 -35.71 13.79 -21.00
C GLU D 11 -34.85 14.53 -22.02
N PHE D 12 -33.55 14.28 -21.95
CA PHE D 12 -32.58 14.85 -22.89
C PHE D 12 -31.45 13.85 -23.03
N HIS D 13 -31.19 13.43 -24.28
CA HIS D 13 -30.14 12.45 -24.57
C HIS D 13 -29.18 13.08 -25.57
N ILE D 14 -27.97 13.39 -25.13
CA ILE D 14 -26.93 13.99 -25.96
C ILE D 14 -25.88 12.91 -26.19
N PHE D 15 -25.65 12.56 -27.45
CA PHE D 15 -24.75 11.46 -27.73
C PHE D 15 -24.07 11.66 -29.07
N ASN D 16 -22.94 10.96 -29.23
CA ASN D 16 -22.26 10.81 -30.50
C ASN D 16 -21.77 9.36 -30.56
N ARG D 17 -20.84 9.08 -31.47
CA ARG D 17 -20.39 7.69 -31.62
C ARG D 17 -19.53 7.20 -30.46
N GLU D 18 -19.24 8.01 -29.45
CA GLU D 18 -18.34 7.57 -28.39
C GLU D 18 -18.88 7.77 -26.98
N VAL D 19 -19.70 8.80 -26.74
CA VAL D 19 -20.15 9.13 -25.39
C VAL D 19 -21.65 9.41 -25.38
N SER D 20 -22.23 9.28 -24.18
CA SER D 20 -23.64 9.57 -23.96
C SER D 20 -23.81 10.33 -22.64
N TYR D 21 -24.81 11.21 -22.64
CA TYR D 21 -25.16 12.06 -21.51
C TYR D 21 -26.67 12.14 -21.44
N LEU D 22 -27.26 11.74 -20.31
CA LEU D 22 -28.71 11.74 -20.11
C LEU D 22 -29.08 12.68 -18.98
N MET D 23 -30.19 13.40 -19.16
CA MET D 23 -30.78 14.15 -18.05
C MET D 23 -32.30 14.12 -18.18
N ARG D 24 -32.98 14.52 -17.11
CA ARG D 24 -34.43 14.60 -17.12
C ARG D 24 -34.88 15.75 -16.22
N ILE D 25 -36.16 16.08 -16.31
CA ILE D 25 -36.77 17.12 -15.50
C ILE D 25 -37.57 16.47 -14.38
N MET D 26 -37.21 16.77 -13.14
CA MET D 26 -37.88 16.16 -11.99
C MET D 26 -39.17 16.91 -11.69
N GLU D 27 -39.76 16.59 -10.52
CA GLU D 27 -41.11 17.01 -10.18
C GLU D 27 -41.19 18.43 -9.62
N ASN D 28 -40.05 19.12 -9.50
CA ASN D 28 -40.05 20.51 -9.05
C ASN D 28 -39.39 21.43 -10.08
N GLY D 29 -39.36 21.03 -11.34
CA GLY D 29 -38.75 21.83 -12.38
C GLY D 29 -37.24 21.95 -12.27
N GLN D 30 -36.57 20.89 -11.86
CA GLN D 30 -35.12 20.86 -11.74
C GLN D 30 -34.53 19.92 -12.78
N LEU D 31 -33.22 20.01 -12.97
CA LEU D 31 -32.51 19.11 -13.86
C LEU D 31 -31.73 18.08 -13.04
N GLU D 32 -31.79 16.83 -13.47
CA GLU D 32 -31.13 15.72 -12.79
C GLU D 32 -30.32 14.94 -13.81
N ASN D 33 -29.13 14.49 -13.39
CA ASN D 33 -28.28 13.65 -14.22
C ASN D 33 -28.62 12.19 -14.01
N LEU D 34 -28.71 11.45 -15.11
CA LEU D 34 -29.04 10.02 -15.07
C LEU D 34 -27.88 9.12 -15.47
N TYR D 35 -27.10 9.50 -16.47
CA TYR D 35 -25.98 8.70 -16.92
C TYR D 35 -25.02 9.58 -17.71
N TYR D 36 -23.72 9.35 -17.51
CA TYR D 36 -22.69 10.02 -18.30
C TYR D 36 -21.55 9.02 -18.51
N GLY D 37 -21.25 8.72 -19.76
CA GLY D 37 -20.15 7.79 -19.98
C GLY D 37 -20.16 7.25 -21.39
N LYS D 38 -19.83 5.97 -21.50
CA LYS D 38 -19.77 5.32 -22.81
C LYS D 38 -21.15 5.26 -23.45
N VAL D 39 -21.17 5.29 -24.78
CA VAL D 39 -22.42 5.44 -25.52
C VAL D 39 -23.32 4.22 -25.32
N ILE D 40 -24.63 4.45 -25.35
CA ILE D 40 -25.63 3.40 -25.28
C ILE D 40 -26.70 3.68 -26.33
N ARG D 41 -27.49 2.65 -26.64
CA ARG D 41 -28.62 2.85 -27.53
C ARG D 41 -29.76 3.53 -26.78
N ASP D 42 -30.64 4.16 -27.54
CA ASP D 42 -31.72 4.94 -26.96
C ASP D 42 -33.05 4.22 -27.08
N LYS D 43 -33.92 4.45 -26.09
CA LYS D 43 -35.29 3.95 -26.12
C LYS D 43 -36.19 5.05 -25.55
N GLU D 44 -37.50 4.75 -25.51
CA GLU D 44 -38.46 5.78 -25.15
C GLU D 44 -38.37 6.18 -23.68
N ASP D 45 -38.19 5.21 -22.79
CA ASP D 45 -38.25 5.43 -21.35
C ASP D 45 -36.94 5.02 -20.69
N PHE D 46 -36.35 5.93 -19.93
CA PHE D 46 -35.20 5.65 -19.07
C PHE D 46 -35.49 5.99 -17.62
N GLY D 47 -36.76 6.06 -17.24
CA GLY D 47 -37.15 6.64 -15.96
C GLY D 47 -36.83 5.79 -14.75
N TYR D 48 -36.69 4.47 -14.93
CA TYR D 48 -36.43 3.61 -13.78
C TYR D 48 -35.04 3.81 -13.18
N LEU D 49 -34.16 4.55 -13.86
CA LEU D 49 -32.83 4.80 -13.31
C LEU D 49 -32.88 5.72 -12.09
N HIS D 50 -33.89 6.58 -12.01
CA HIS D 50 -34.05 7.47 -10.87
C HIS D 50 -34.85 6.75 -9.79
N GLU D 51 -34.18 6.41 -8.70
CA GLU D 51 -34.80 5.68 -7.59
C GLU D 51 -34.71 6.50 -6.32
N GLU D 52 -35.81 6.50 -5.56
CA GLU D 52 -35.91 7.28 -4.32
C GLU D 52 -36.54 6.41 -3.24
N ALA D 53 -36.12 6.65 -2.00
CA ALA D 53 -36.57 5.86 -0.87
C ALA D 53 -36.86 6.80 0.30
N MET D 54 -37.29 6.22 1.42
CA MET D 54 -37.61 6.96 2.62
C MET D 54 -36.52 6.73 3.65
N ARG D 55 -35.88 7.81 4.09
CA ARG D 55 -34.81 7.76 5.08
C ARG D 55 -35.22 8.59 6.30
N SER D 56 -34.27 8.78 7.21
CA SER D 56 -34.49 9.58 8.41
C SER D 56 -33.69 10.87 8.32
N GLN D 57 -34.20 11.90 9.00
CA GLN D 57 -33.64 13.26 8.93
C GLN D 57 -33.58 13.76 7.49
N MET D 58 -34.61 13.42 6.71
CA MET D 58 -34.68 13.78 5.30
C MET D 58 -35.71 14.88 5.10
N SER D 59 -35.32 15.94 4.40
CA SER D 59 -36.20 17.08 4.13
C SER D 59 -36.71 16.99 2.69
N VAL D 60 -38.02 17.03 2.53
CA VAL D 60 -38.65 16.92 1.22
C VAL D 60 -39.08 18.29 0.75
N CYS D 61 -39.02 18.51 -0.56
CA CYS D 61 -39.29 19.81 -1.15
C CYS D 61 -40.52 19.83 -2.04
N ILE D 62 -41.35 18.80 -2.00
CA ILE D 62 -42.57 18.74 -2.78
C ILE D 62 -43.75 18.69 -1.81
N PRO D 63 -45.01 18.87 -2.27
CA PRO D 63 -46.16 18.78 -1.36
C PRO D 63 -46.21 17.49 -0.56
N GLU D 64 -47.07 17.48 0.46
CA GLU D 64 -47.00 16.46 1.52
C GLU D 64 -47.09 15.02 1.03
N PRO D 65 -48.05 14.63 0.19
CA PRO D 65 -48.19 13.19 -0.12
C PRO D 65 -47.00 12.58 -0.84
N GLY D 66 -46.14 13.39 -1.46
CA GLY D 66 -45.02 12.87 -2.22
C GLY D 66 -43.75 12.74 -1.39
N ILE D 67 -42.71 12.23 -2.04
CA ILE D 67 -41.40 12.05 -1.42
C ILE D 67 -40.32 12.36 -2.44
N LEU D 68 -39.46 13.33 -2.11
CA LEU D 68 -38.31 13.70 -2.96
C LEU D 68 -37.36 14.59 -2.18
N SER D 69 -36.08 14.24 -2.13
CA SER D 69 -35.09 15.01 -1.41
C SER D 69 -33.93 15.38 -2.33
N MET D 70 -33.41 16.60 -2.16
CA MET D 70 -32.25 17.04 -2.90
C MET D 70 -30.94 16.53 -2.30
N GLN D 71 -30.98 15.97 -1.10
CA GLN D 71 -29.77 15.45 -0.48
C GLN D 71 -29.31 14.15 -1.14
N TYR D 72 -30.24 13.36 -1.67
CA TYR D 72 -29.94 12.06 -2.24
C TYR D 72 -30.24 12.04 -3.73
N THR D 73 -30.01 13.15 -4.42
CA THR D 73 -30.30 13.28 -5.84
C THR D 73 -29.08 13.81 -6.57
N ARG D 74 -28.81 13.26 -7.76
CA ARG D 74 -27.70 13.71 -8.59
C ARG D 74 -28.17 14.90 -9.44
N GLN D 75 -28.26 16.05 -8.80
CA GLN D 75 -28.75 17.25 -9.45
C GLN D 75 -27.63 17.98 -10.17
N GLU D 76 -27.99 18.70 -11.21
CA GLU D 76 -27.06 19.56 -11.94
C GLU D 76 -27.21 20.99 -11.45
N TYR D 77 -26.09 21.64 -11.17
CA TYR D 77 -26.02 23.04 -10.79
C TYR D 77 -26.83 23.26 -9.52
N PRO D 78 -26.36 22.78 -8.37
CA PRO D 78 -27.16 22.78 -7.15
C PRO D 78 -27.17 24.14 -6.45
N VAL D 79 -27.88 24.20 -5.33
CA VAL D 79 -27.99 25.41 -4.54
C VAL D 79 -28.28 25.00 -3.10
N TYR D 80 -27.89 25.85 -2.16
CA TYR D 80 -28.02 25.56 -0.73
C TYR D 80 -29.17 26.34 -0.12
N GLY D 81 -30.02 25.66 0.63
CA GLY D 81 -31.12 26.32 1.34
C GLY D 81 -32.48 25.69 1.13
N THR D 82 -32.53 24.53 0.47
CA THR D 82 -33.79 23.85 0.19
C THR D 82 -33.81 22.41 0.66
N GLY D 83 -32.74 21.93 1.29
CA GLY D 83 -32.71 20.56 1.75
C GLY D 83 -31.42 19.84 1.42
N ASP D 84 -30.52 20.51 0.70
CA ASP D 84 -29.22 19.96 0.38
C ASP D 84 -28.19 20.53 1.34
N TYR D 85 -27.44 19.65 2.00
CA TYR D 85 -26.44 20.04 2.98
C TYR D 85 -25.02 19.74 2.50
N ARG D 86 -24.79 19.87 1.20
CA ARG D 86 -23.47 19.83 0.60
C ARG D 86 -23.09 21.22 0.10
N SER D 87 -21.86 21.36 -0.36
CA SER D 87 -21.37 22.67 -0.81
C SER D 87 -22.13 23.12 -2.05
N PRO D 88 -22.68 24.33 -2.07
CA PRO D 88 -23.48 24.78 -3.20
C PRO D 88 -22.59 25.25 -4.35
N ALA D 89 -23.24 25.65 -5.44
CA ALA D 89 -22.57 26.21 -6.60
C ALA D 89 -23.09 27.60 -6.96
N LEU D 90 -23.99 28.17 -6.16
CA LEU D 90 -24.57 29.47 -6.48
C LEU D 90 -25.05 30.12 -5.20
N THR D 91 -24.74 31.41 -5.06
CA THR D 91 -25.25 32.22 -3.95
C THR D 91 -25.62 33.60 -4.48
N VAL D 92 -26.86 34.01 -4.21
CA VAL D 92 -27.38 35.30 -4.64
C VAL D 92 -27.91 36.01 -3.41
N LEU D 93 -27.46 37.25 -3.21
CA LEU D 93 -27.93 38.10 -2.12
C LEU D 93 -28.91 39.12 -2.67
N GLN D 94 -30.02 39.30 -1.98
CA GLN D 94 -31.14 40.11 -2.42
C GLN D 94 -31.34 41.30 -1.48
N GLU D 95 -32.31 42.15 -1.83
CA GLU D 95 -32.53 43.39 -1.09
C GLU D 95 -33.19 43.16 0.26
N ASN D 96 -34.06 42.14 0.37
CA ASN D 96 -34.68 41.85 1.66
C ASN D 96 -33.71 41.20 2.64
N GLY D 97 -32.52 40.80 2.19
CA GLY D 97 -31.50 40.25 3.05
C GLY D 97 -31.33 38.75 2.97
N SER D 98 -32.30 38.04 2.39
CA SER D 98 -32.20 36.59 2.32
C SER D 98 -31.19 36.18 1.24
N ARG D 99 -30.80 34.91 1.30
CA ARG D 99 -29.87 34.33 0.33
C ARG D 99 -30.47 33.09 -0.32
N LEU D 100 -31.79 33.05 -0.46
CA LEU D 100 -32.49 31.91 -1.02
C LEU D 100 -32.90 32.20 -2.46
N VAL D 101 -33.11 31.14 -3.23
CA VAL D 101 -33.41 31.28 -4.65
C VAL D 101 -33.96 29.95 -5.15
N ASP D 102 -34.81 30.00 -6.16
CA ASP D 102 -35.42 28.80 -6.73
C ASP D 102 -35.66 29.02 -8.22
N PHE D 103 -34.97 28.25 -9.06
CA PHE D 103 -35.08 28.34 -10.50
C PHE D 103 -35.87 27.14 -11.03
N SER D 104 -36.77 27.37 -11.98
CA SER D 104 -37.59 26.32 -12.55
C SER D 104 -37.53 26.39 -14.07
N TYR D 105 -37.73 25.23 -14.70
CA TYR D 105 -37.61 25.11 -16.14
C TYR D 105 -38.71 25.87 -16.86
N VAL D 106 -38.36 26.48 -18.00
CA VAL D 106 -39.33 27.21 -18.81
C VAL D 106 -39.34 26.71 -20.25
N SER D 107 -38.19 26.71 -20.92
CA SER D 107 -38.14 26.33 -22.33
C SER D 107 -36.72 25.88 -22.69
N HIS D 108 -36.59 25.39 -23.92
CA HIS D 108 -35.33 24.86 -24.42
C HIS D 108 -35.26 25.07 -25.92
N GLU D 109 -34.03 25.02 -26.45
CA GLU D 109 -33.80 25.29 -27.86
C GLU D 109 -32.62 24.46 -28.35
N ILE D 110 -32.74 23.93 -29.56
CA ILE D 110 -31.76 23.04 -30.16
C ILE D 110 -31.32 23.64 -31.49
N TYR D 111 -30.01 23.70 -31.72
CA TYR D 111 -29.54 24.17 -33.03
C TYR D 111 -28.16 23.60 -33.32
N LYS D 112 -27.66 23.90 -34.51
CA LYS D 112 -26.41 23.37 -35.04
C LYS D 112 -25.37 24.48 -35.13
N GLY D 113 -24.20 24.23 -34.56
CA GLY D 113 -23.14 25.21 -34.57
C GLY D 113 -22.70 25.61 -33.18
N LYS D 114 -22.03 26.76 -33.06
CA LYS D 114 -21.53 27.22 -31.78
C LYS D 114 -21.59 28.73 -31.73
N LYS D 115 -21.65 29.27 -30.51
CA LYS D 115 -21.74 30.70 -30.28
C LYS D 115 -20.36 31.24 -29.90
N GLY D 116 -20.33 32.51 -29.48
CA GLY D 116 -19.06 33.19 -29.28
C GLY D 116 -18.70 33.59 -27.88
N ILE D 117 -19.67 33.72 -26.99
CA ILE D 117 -19.53 34.25 -25.62
C ILE D 117 -18.57 35.45 -25.65
N PRO D 118 -19.04 36.60 -26.13
CA PRO D 118 -18.13 37.65 -26.64
C PRO D 118 -16.97 37.98 -25.71
N PRO D 119 -17.21 38.37 -24.45
CA PRO D 119 -16.10 38.91 -23.66
C PRO D 119 -14.99 37.91 -23.36
N LEU D 120 -15.24 36.61 -23.50
CA LEU D 120 -14.31 35.57 -23.10
C LEU D 120 -13.92 34.70 -24.30
N PRO D 121 -12.75 34.06 -24.24
CA PRO D 121 -12.34 33.16 -25.32
C PRO D 121 -12.87 31.75 -25.13
N SER D 122 -13.07 31.07 -26.26
CA SER D 122 -13.57 29.70 -26.26
C SER D 122 -13.27 29.06 -27.62
N THR D 123 -13.52 27.76 -27.69
CA THR D 123 -13.36 27.02 -28.93
C THR D 123 -14.43 27.43 -29.94
N TYR D 124 -14.19 27.10 -31.20
CA TYR D 124 -15.10 27.46 -32.28
C TYR D 124 -15.33 26.24 -33.18
N ALA D 125 -16.11 26.45 -34.23
CA ALA D 125 -16.41 25.41 -35.22
C ALA D 125 -16.39 26.04 -36.60
N GLU D 126 -15.65 25.43 -37.52
CA GLU D 126 -15.56 25.98 -38.88
C GLU D 126 -16.81 25.69 -39.69
N SER D 127 -17.42 24.52 -39.51
CA SER D 127 -18.59 24.11 -40.25
C SER D 127 -19.79 24.01 -39.31
N GLU D 128 -20.96 24.37 -39.80
CA GLU D 128 -22.18 24.32 -39.02
C GLU D 128 -22.73 22.91 -38.85
N ASP D 129 -21.97 21.88 -39.21
CA ASP D 129 -22.41 20.49 -39.10
C ASP D 129 -21.39 19.61 -38.42
N GLU D 130 -20.58 20.18 -37.52
CA GLU D 130 -19.64 19.39 -36.73
C GLU D 130 -19.82 19.59 -35.23
N ALA D 131 -20.82 20.36 -34.81
CA ALA D 131 -21.13 20.52 -33.39
C ALA D 131 -22.64 20.69 -33.25
N GLU D 132 -23.15 20.33 -32.07
CA GLU D 132 -24.59 20.39 -31.81
C GLU D 132 -24.82 21.04 -30.46
N THR D 133 -25.71 22.04 -30.40
CA THR D 133 -25.86 22.88 -29.23
C THR D 133 -27.29 22.83 -28.69
N LEU D 134 -27.39 22.79 -27.35
CA LEU D 134 -28.65 22.78 -26.63
C LEU D 134 -28.62 23.87 -25.56
N GLU D 135 -29.69 24.65 -25.48
CA GLU D 135 -29.82 25.73 -24.49
C GLU D 135 -31.09 25.52 -23.69
N VAL D 136 -30.99 25.61 -22.37
CA VAL D 136 -32.13 25.45 -21.46
C VAL D 136 -32.28 26.72 -20.64
N THR D 137 -33.50 27.26 -20.62
CA THR D 137 -33.79 28.52 -19.93
C THR D 137 -34.60 28.23 -18.67
N LEU D 138 -34.18 28.82 -17.55
CA LEU D 138 -34.86 28.68 -16.27
C LEU D 138 -35.12 30.06 -15.70
N HIS D 139 -36.20 30.19 -14.93
CA HIS D 139 -36.67 31.48 -14.45
C HIS D 139 -36.95 31.43 -12.96
N ASP D 140 -36.70 32.55 -12.28
CA ASP D 140 -37.05 32.71 -10.88
C ASP D 140 -38.14 33.77 -10.78
N GLN D 141 -39.28 33.40 -10.19
CA GLN D 141 -40.43 34.28 -10.18
C GLN D 141 -40.28 35.43 -9.18
N VAL D 142 -39.56 35.21 -8.08
CA VAL D 142 -39.52 36.22 -7.01
C VAL D 142 -38.63 37.39 -7.42
N THR D 143 -37.38 37.12 -7.76
CA THR D 143 -36.44 38.17 -8.15
C THR D 143 -36.51 38.51 -9.63
N ASP D 144 -37.26 37.74 -10.42
CA ASP D 144 -37.44 37.99 -11.85
C ASP D 144 -36.10 37.98 -12.58
N THR D 145 -35.29 36.96 -12.30
CA THR D 145 -34.01 36.76 -12.97
C THR D 145 -34.02 35.41 -13.66
N ASP D 146 -33.30 35.31 -14.77
CA ASP D 146 -33.29 34.09 -15.55
C ASP D 146 -31.87 33.58 -15.75
N LEU D 147 -31.77 32.26 -15.88
CA LEU D 147 -30.52 31.55 -16.05
C LEU D 147 -30.59 30.73 -17.34
N VAL D 148 -29.47 30.61 -18.03
CA VAL D 148 -29.38 29.83 -19.25
C VAL D 148 -28.21 28.87 -19.13
N LEU D 149 -28.48 27.58 -19.30
CA LEU D 149 -27.45 26.54 -19.31
C LEU D 149 -27.24 26.05 -20.73
N THR D 150 -25.98 26.01 -21.17
CA THR D 150 -25.65 25.68 -22.55
C THR D 150 -24.71 24.49 -22.58
N TYR D 151 -25.11 23.47 -23.36
CA TYR D 151 -24.34 22.26 -23.62
C TYR D 151 -23.99 22.19 -25.10
N THR D 152 -22.77 21.78 -25.41
CA THR D 152 -22.34 21.59 -26.78
C THR D 152 -21.61 20.28 -26.92
N ILE D 153 -21.99 19.47 -27.91
CA ILE D 153 -21.38 18.18 -28.19
C ILE D 153 -20.62 18.28 -29.51
N TYR D 154 -19.37 17.80 -29.51
CA TYR D 154 -18.59 17.72 -30.73
C TYR D 154 -18.75 16.34 -31.38
N GLU D 155 -18.92 16.34 -32.70
CA GLU D 155 -18.83 15.12 -33.49
C GLU D 155 -17.40 14.92 -33.94
N ASP D 156 -17.01 13.64 -34.08
CA ASP D 156 -15.68 13.14 -34.40
C ASP D 156 -14.72 13.24 -33.21
N TYR D 157 -15.11 13.87 -32.11
CA TYR D 157 -14.36 13.84 -30.86
C TYR D 157 -15.31 13.53 -29.71
N PRO D 158 -14.82 12.94 -28.63
CA PRO D 158 -15.64 12.78 -27.42
C PRO D 158 -15.51 13.96 -26.47
N VAL D 159 -16.01 15.12 -26.91
CA VAL D 159 -15.84 16.38 -26.18
C VAL D 159 -17.20 17.00 -25.91
N ILE D 160 -17.44 17.36 -24.64
CA ILE D 160 -18.64 18.10 -24.25
C ILE D 160 -18.19 19.39 -23.57
N THR D 161 -18.75 20.51 -24.00
CA THR D 161 -18.46 21.81 -23.40
C THR D 161 -19.71 22.36 -22.72
N ARG D 162 -19.52 22.95 -21.54
CA ARG D 162 -20.62 23.46 -20.74
C ARG D 162 -20.34 24.89 -20.30
N ASN D 163 -21.42 25.69 -20.24
CA ASN D 163 -21.32 27.02 -19.62
C ASN D 163 -22.70 27.49 -19.19
N ALA D 164 -22.71 28.62 -18.47
CA ALA D 164 -23.93 29.18 -17.89
C ALA D 164 -23.92 30.70 -18.04
N ARG D 165 -25.12 31.29 -17.99
CA ARG D 165 -25.28 32.73 -18.12
C ARG D 165 -26.45 33.21 -17.27
N PHE D 166 -26.29 34.40 -16.67
CA PHE D 166 -27.32 35.01 -15.83
C PHE D 166 -27.79 36.32 -16.43
N GLU D 167 -29.10 36.56 -16.42
CA GLU D 167 -29.67 37.82 -16.85
C GLU D 167 -30.69 38.31 -15.82
N GLN D 168 -30.76 39.62 -15.69
CA GLN D 168 -31.68 40.29 -14.77
C GLN D 168 -32.69 41.11 -15.56
N LYS D 169 -33.96 41.02 -15.16
CA LYS D 169 -35.04 41.71 -15.86
C LYS D 169 -35.96 42.50 -14.95
N GLY D 170 -35.87 42.35 -13.64
CA GLY D 170 -36.74 43.04 -12.71
C GLY D 170 -36.21 44.41 -12.32
N GLU D 171 -36.88 45.00 -11.34
CA GLU D 171 -36.53 46.33 -10.86
C GLU D 171 -35.61 46.31 -9.64
N GLN D 172 -35.18 45.13 -9.21
CA GLN D 172 -34.30 45.03 -8.05
C GLN D 172 -32.85 45.01 -8.49
N LYS D 173 -31.94 44.82 -7.55
CA LYS D 173 -30.54 44.55 -7.82
C LYS D 173 -30.15 43.29 -7.07
N ILE D 174 -29.32 42.46 -7.67
CA ILE D 174 -28.91 41.20 -7.04
C ILE D 174 -27.39 41.15 -6.99
N VAL D 175 -26.86 40.48 -5.96
CA VAL D 175 -25.43 40.37 -5.77
C VAL D 175 -25.03 38.90 -5.87
N LEU D 176 -24.26 38.56 -6.90
CA LEU D 176 -23.73 37.22 -7.05
C LEU D 176 -22.48 37.07 -6.20
N GLU D 177 -22.48 36.07 -5.33
CA GLU D 177 -21.35 35.80 -4.45
C GLU D 177 -20.56 34.56 -4.86
N ARG D 178 -21.10 33.73 -5.75
CA ARG D 178 -20.44 32.53 -6.23
C ARG D 178 -21.20 32.05 -7.46
N ALA D 179 -20.45 31.64 -8.50
CA ALA D 179 -21.07 31.17 -9.73
C ALA D 179 -20.11 30.18 -10.39
N MET D 180 -20.37 28.89 -10.20
CA MET D 180 -19.56 27.86 -10.83
C MET D 180 -20.01 27.66 -12.27
N SER D 181 -19.12 27.07 -13.07
CA SER D 181 -19.39 26.84 -14.48
C SER D 181 -19.98 25.48 -14.76
N ALA D 182 -19.70 24.48 -13.92
CA ALA D 182 -20.16 23.12 -14.17
C ALA D 182 -20.25 22.38 -12.84
N SER D 183 -20.97 21.27 -12.88
CA SER D 183 -21.12 20.41 -11.70
C SER D 183 -21.55 19.03 -12.16
N VAL D 184 -20.72 18.02 -11.91
CA VAL D 184 -20.97 16.66 -12.38
C VAL D 184 -20.96 15.72 -11.18
N GLU D 185 -21.95 14.82 -11.13
CA GLU D 185 -22.14 13.94 -9.99
C GLU D 185 -22.13 12.48 -10.40
N PHE D 186 -21.48 11.66 -9.58
CA PHE D 186 -21.36 10.22 -9.78
C PHE D 186 -21.91 9.48 -8.56
N LEU D 187 -22.28 8.22 -8.78
CA LEU D 187 -22.95 7.40 -7.78
C LEU D 187 -21.99 6.55 -6.95
N ASP D 188 -20.68 6.66 -7.15
CA ASP D 188 -19.73 5.86 -6.39
C ASP D 188 -18.46 6.67 -6.13
N MET D 189 -17.68 6.21 -5.15
CA MET D 189 -16.47 6.90 -4.71
C MET D 189 -15.21 6.10 -4.98
N ASP D 190 -15.28 5.08 -5.84
CA ASP D 190 -14.12 4.25 -6.15
C ASP D 190 -13.34 4.87 -7.32
N TYR D 191 -12.63 5.96 -6.99
CA TYR D 191 -11.90 6.73 -7.98
C TYR D 191 -10.57 7.18 -7.39
N GLU D 192 -9.80 7.88 -8.22
CA GLU D 192 -8.57 8.53 -7.81
C GLU D 192 -8.45 9.85 -8.56
N LEU D 193 -7.97 10.87 -7.85
CA LEU D 193 -7.86 12.23 -8.38
C LEU D 193 -6.44 12.46 -8.87
N VAL D 194 -6.32 12.99 -10.08
CA VAL D 194 -5.04 13.29 -10.70
C VAL D 194 -4.95 14.79 -10.91
N GLN D 195 -3.86 15.39 -10.41
CA GLN D 195 -3.65 16.83 -10.48
C GLN D 195 -2.19 17.11 -10.80
N LEU D 196 -1.90 18.38 -11.14
CA LEU D 196 -0.56 18.84 -11.41
C LEU D 196 -0.19 19.93 -10.41
N SER D 197 0.92 19.74 -9.70
CA SER D 197 1.37 20.70 -8.68
C SER D 197 2.86 20.95 -8.82
N GLY D 198 3.27 22.18 -8.51
CA GLY D 198 4.69 22.53 -8.58
C GLY D 198 5.03 23.88 -7.98
N ALA D 199 6.09 24.50 -8.47
CA ALA D 199 6.53 25.82 -8.02
C ALA D 199 7.45 26.40 -9.09
N TRP D 200 8.14 27.49 -8.76
CA TRP D 200 9.08 28.07 -9.71
C TRP D 200 10.23 27.10 -9.97
N SER D 201 10.61 26.98 -11.25
CA SER D 201 11.66 26.10 -11.76
C SER D 201 11.30 24.62 -11.67
N ARG D 202 10.13 24.28 -11.13
CA ARG D 202 9.66 22.88 -11.12
C ARG D 202 8.14 22.93 -11.18
N GLU D 203 7.60 22.87 -12.40
CA GLU D 203 6.19 23.07 -12.62
C GLU D 203 5.52 21.79 -13.12
N ARG D 204 4.27 21.61 -12.71
CA ARG D 204 3.39 20.56 -13.23
C ARG D 204 3.99 19.16 -13.01
N TYR D 205 4.13 18.81 -11.74
CA TYR D 205 4.42 17.45 -11.35
C TYR D 205 3.12 16.70 -11.11
N VAL D 206 3.06 15.46 -11.59
CA VAL D 206 1.83 14.68 -11.56
C VAL D 206 1.65 14.07 -10.19
N LYS D 207 0.46 14.23 -9.60
CA LYS D 207 0.17 13.70 -8.28
C LYS D 207 -1.19 13.01 -8.28
N ASN D 208 -1.24 11.89 -7.56
CA ASN D 208 -2.44 11.05 -7.43
C ASN D 208 -2.87 11.02 -5.97
N ARG D 209 -4.16 11.24 -5.74
CA ARG D 209 -4.77 11.07 -4.42
C ARG D 209 -5.93 10.10 -4.54
N LYS D 210 -6.33 9.54 -3.40
CA LYS D 210 -7.45 8.62 -3.34
C LYS D 210 -8.60 9.29 -2.62
N LEU D 211 -9.80 9.18 -3.18
CA LEU D 211 -10.96 9.87 -2.62
C LEU D 211 -11.33 9.32 -1.25
N GLU D 212 -11.86 10.21 -0.41
CA GLU D 212 -12.29 9.88 0.94
C GLU D 212 -13.38 10.86 1.34
N MET D 213 -14.26 10.43 2.25
CA MET D 213 -15.39 11.25 2.67
C MET D 213 -14.93 12.62 3.14
N GLY D 214 -15.56 13.67 2.62
CA GLY D 214 -15.14 15.03 2.88
C GLY D 214 -14.92 15.79 1.58
N ILE D 215 -13.92 16.68 1.59
CA ILE D 215 -13.64 17.57 0.46
C ILE D 215 -12.17 17.49 0.11
N GLN D 216 -11.87 17.36 -1.18
CA GLN D 216 -10.52 17.50 -1.71
C GLN D 216 -10.56 18.51 -2.84
N SER D 217 -9.66 19.49 -2.82
CA SER D 217 -9.77 20.59 -3.76
C SER D 217 -8.41 21.22 -4.02
N VAL D 218 -8.35 22.00 -5.10
CA VAL D 218 -7.23 22.87 -5.42
C VAL D 218 -7.80 24.22 -5.84
N HIS D 219 -6.98 25.25 -5.75
CA HIS D 219 -7.45 26.61 -6.02
C HIS D 219 -6.28 27.50 -6.41
N SER D 220 -6.58 28.77 -6.64
CA SER D 220 -5.60 29.80 -6.92
C SER D 220 -6.09 31.10 -6.30
N LEU D 221 -5.15 31.89 -5.77
CA LEU D 221 -5.47 33.17 -5.16
C LEU D 221 -4.50 34.26 -5.58
N ASN D 222 -3.77 34.06 -6.68
CA ASN D 222 -2.72 34.97 -7.08
C ASN D 222 -3.23 36.23 -7.76
N GLY D 223 -4.46 36.21 -8.27
CA GLY D 223 -5.08 37.41 -8.81
C GLY D 223 -4.71 37.72 -10.25
N THR D 224 -3.43 37.97 -10.51
CA THR D 224 -2.99 38.42 -11.82
C THR D 224 -2.75 37.29 -12.81
N CYS D 225 -2.75 36.04 -12.36
CA CYS D 225 -2.50 34.90 -13.24
C CYS D 225 -3.04 33.64 -12.57
N GLY D 226 -2.96 32.52 -13.30
CA GLY D 226 -3.38 31.26 -12.74
C GLY D 226 -2.50 30.76 -11.62
N GLY D 227 -1.20 31.00 -11.73
CA GLY D 227 -0.26 30.62 -10.70
C GLY D 227 0.61 29.44 -11.13
N ALA D 228 1.74 29.30 -10.45
CA ALA D 228 2.65 28.20 -10.68
C ALA D 228 2.45 27.04 -9.72
N GLU D 229 1.55 27.18 -8.73
CA GLU D 229 1.33 26.10 -7.77
C GLU D 229 0.47 25.00 -8.37
N HIS D 230 -0.75 25.34 -8.78
CA HIS D 230 -1.69 24.37 -9.34
C HIS D 230 -2.20 24.86 -10.69
N ASN D 231 -2.53 23.91 -11.55
CA ASN D 231 -3.03 24.16 -12.90
C ASN D 231 -4.52 23.85 -12.98
N PRO D 232 -5.29 24.60 -13.77
CA PRO D 232 -6.73 24.32 -13.89
C PRO D 232 -7.02 23.07 -14.72
N PHE D 233 -6.78 21.90 -14.14
CA PHE D 233 -7.03 20.64 -14.83
C PHE D 233 -7.19 19.55 -13.77
N ILE D 234 -8.18 18.69 -13.95
CA ILE D 234 -8.49 17.64 -12.99
C ILE D 234 -8.81 16.36 -13.73
N ALA D 235 -8.38 15.22 -13.20
CA ALA D 235 -8.77 13.95 -13.79
C ALA D 235 -9.25 12.99 -12.73
N LEU D 236 -10.22 12.15 -13.10
CA LEU D 236 -10.72 11.08 -12.26
C LEU D 236 -10.49 9.75 -12.97
N LYS D 237 -9.73 8.86 -12.35
CA LYS D 237 -9.42 7.59 -12.98
C LYS D 237 -9.62 6.45 -11.99
N ARG D 238 -9.83 5.25 -12.54
CA ARG D 238 -9.96 4.07 -11.70
C ARG D 238 -8.58 3.63 -11.19
N PRO D 239 -8.53 2.96 -10.04
CA PRO D 239 -7.22 2.61 -9.45
C PRO D 239 -6.39 1.65 -10.28
N GLN D 240 -6.88 1.22 -11.43
CA GLN D 240 -6.15 0.31 -12.32
C GLN D 240 -6.12 0.84 -13.74
N THR D 241 -5.97 2.15 -13.90
CA THR D 241 -5.88 2.78 -15.21
C THR D 241 -4.42 3.04 -15.54
N THR D 242 -3.94 2.43 -16.61
CA THR D 242 -2.57 2.55 -17.07
C THR D 242 -2.55 3.58 -18.21
N GLU D 243 -1.38 3.80 -18.81
CA GLU D 243 -1.28 4.66 -19.98
C GLU D 243 -1.95 4.07 -21.20
N ASN D 244 -2.36 2.79 -21.16
CA ASN D 244 -2.99 2.18 -22.31
C ASN D 244 -4.17 1.28 -21.96
N GLN D 245 -4.71 1.34 -20.76
CA GLN D 245 -5.90 0.56 -20.41
C GLN D 245 -6.61 1.23 -19.25
N GLY D 246 -7.94 1.11 -19.24
CA GLY D 246 -8.77 1.68 -18.20
C GLY D 246 -9.56 2.89 -18.71
N GLU D 247 -10.47 3.35 -17.86
CA GLU D 247 -11.34 4.47 -18.17
C GLU D 247 -11.01 5.67 -17.28
N VAL D 248 -11.18 6.86 -17.84
CA VAL D 248 -10.77 8.10 -17.16
C VAL D 248 -11.60 9.26 -17.68
N TYR D 249 -11.93 10.18 -16.76
CA TYR D 249 -12.61 11.44 -17.06
C TYR D 249 -11.64 12.60 -16.87
N GLY D 250 -11.74 13.60 -17.73
CA GLY D 250 -10.89 14.78 -17.60
C GLY D 250 -11.69 16.05 -17.75
N PHE D 251 -11.39 17.02 -16.87
CA PHE D 251 -12.06 18.32 -16.84
C PHE D 251 -11.01 19.42 -16.95
N SER D 252 -11.25 20.40 -17.83
CA SER D 252 -10.39 21.57 -17.92
C SER D 252 -11.24 22.82 -18.04
N LEU D 253 -10.69 23.94 -17.56
CA LEU D 253 -11.37 25.22 -17.50
C LEU D 253 -10.65 26.21 -18.40
N VAL D 254 -11.40 26.87 -19.30
CA VAL D 254 -10.80 27.83 -20.23
C VAL D 254 -10.80 29.19 -19.54
N TYR D 255 -9.77 29.44 -18.74
CA TYR D 255 -9.67 30.73 -18.01
C TYR D 255 -8.20 30.99 -17.64
N SER D 256 -7.86 32.24 -17.31
CA SER D 256 -6.44 32.60 -17.00
C SER D 256 -6.37 33.48 -15.75
N GLY D 257 -7.24 33.23 -14.76
CA GLY D 257 -7.21 34.01 -13.51
C GLY D 257 -7.31 33.10 -12.29
N ASN D 258 -8.11 33.49 -11.29
CA ASN D 258 -8.29 32.63 -10.08
C ASN D 258 -9.30 31.52 -10.41
N PHE D 259 -9.18 30.37 -9.74
CA PHE D 259 -10.04 29.23 -10.04
C PHE D 259 -10.19 28.36 -8.80
N LEU D 260 -11.22 27.54 -8.82
CA LEU D 260 -11.46 26.55 -7.78
C LEU D 260 -11.90 25.25 -8.44
N ALA D 261 -11.26 24.14 -8.06
CA ALA D 261 -11.64 22.81 -8.50
C ALA D 261 -11.84 21.94 -7.26
N GLN D 262 -13.07 21.51 -7.03
CA GLN D 262 -13.46 20.85 -5.80
C GLN D 262 -14.10 19.51 -6.09
N ALA D 263 -13.91 18.55 -5.18
CA ALA D 263 -14.53 17.23 -5.28
C ALA D 263 -14.93 16.81 -3.88
N GLU D 264 -16.23 16.66 -3.64
CA GLU D 264 -16.75 16.28 -2.34
C GLU D 264 -17.40 14.91 -2.40
N VAL D 265 -17.12 14.08 -1.39
CA VAL D 265 -17.64 12.73 -1.28
C VAL D 265 -18.46 12.65 -0.01
N SER D 266 -19.68 12.15 -0.14
CA SER D 266 -20.63 12.05 0.96
C SER D 266 -20.48 10.72 1.70
N THR D 267 -21.24 10.59 2.79
CA THR D 267 -21.25 9.36 3.56
C THR D 267 -22.10 8.27 2.94
N PHE D 268 -22.82 8.58 1.85
CA PHE D 268 -23.59 7.59 1.11
C PHE D 268 -22.95 7.26 -0.24
N ASP D 269 -21.66 7.53 -0.39
CA ASP D 269 -20.87 7.14 -1.56
C ASP D 269 -21.38 7.79 -2.84
N MET D 270 -21.43 9.11 -2.83
CA MET D 270 -21.71 9.90 -4.04
C MET D 270 -20.64 10.97 -4.17
N THR D 271 -20.17 11.19 -5.40
CA THR D 271 -19.09 12.12 -5.66
C THR D 271 -19.62 13.31 -6.46
N ARG D 272 -19.21 14.52 -6.08
CA ARG D 272 -19.58 15.71 -6.83
C ARG D 272 -18.33 16.52 -7.16
N VAL D 273 -18.20 16.90 -8.43
CA VAL D 273 -17.04 17.62 -8.95
C VAL D 273 -17.51 18.96 -9.50
N MET D 274 -16.85 20.04 -9.08
CA MET D 274 -17.17 21.38 -9.52
C MET D 274 -15.91 22.13 -9.90
N LEU D 275 -15.99 22.95 -10.96
CA LEU D 275 -14.91 23.82 -11.40
C LEU D 275 -15.47 25.20 -11.69
N GLY D 276 -14.71 26.23 -11.35
CA GLY D 276 -15.17 27.57 -11.66
C GLY D 276 -14.26 28.66 -11.12
N ILE D 277 -14.82 29.86 -11.06
CA ILE D 277 -14.12 31.03 -10.53
C ILE D 277 -14.10 30.95 -9.01
N ASN D 278 -12.98 31.38 -8.41
CA ASN D 278 -12.87 31.39 -6.96
C ASN D 278 -13.83 32.40 -6.36
N PRO D 279 -14.64 32.03 -5.38
CA PRO D 279 -15.56 32.99 -4.75
C PRO D 279 -14.92 33.79 -3.63
N GLU D 280 -13.58 33.81 -3.58
CA GLU D 280 -12.88 34.37 -2.43
C GLU D 280 -13.14 35.87 -2.29
N ASP D 281 -12.92 36.63 -3.35
CA ASP D 281 -13.15 38.07 -3.34
C ASP D 281 -14.01 38.47 -4.52
N PHE D 282 -15.08 37.71 -4.74
CA PHE D 282 -15.97 37.88 -5.88
C PHE D 282 -17.33 38.35 -5.38
N SER D 283 -17.81 39.46 -5.95
CA SER D 283 -19.13 39.98 -5.60
C SER D 283 -19.59 40.86 -6.76
N TRP D 284 -20.48 40.33 -7.60
CA TRP D 284 -20.88 41.01 -8.83
C TRP D 284 -22.31 41.52 -8.70
N GLU D 285 -22.52 42.81 -8.87
CA GLU D 285 -23.83 43.42 -8.72
C GLU D 285 -24.51 43.56 -10.08
N LEU D 286 -25.76 43.12 -10.17
CA LEU D 286 -26.53 43.18 -11.41
C LEU D 286 -27.78 44.01 -11.18
N ASN D 287 -28.04 44.93 -12.10
CA ASN D 287 -29.24 45.75 -12.18
C ASN D 287 -30.06 45.32 -13.39
N GLN D 288 -31.13 46.07 -13.66
CA GLN D 288 -32.00 45.75 -14.78
C GLN D 288 -31.24 45.82 -16.10
N GLY D 289 -31.47 44.82 -16.95
CA GLY D 289 -30.82 44.76 -18.25
C GLY D 289 -29.32 44.54 -18.21
N GLU D 290 -28.83 43.75 -17.26
CA GLU D 290 -27.41 43.42 -17.16
C GLU D 290 -27.25 41.92 -17.07
N SER D 291 -26.12 41.43 -17.55
CA SER D 291 -25.89 39.99 -17.66
C SER D 291 -24.50 39.65 -17.16
N PHE D 292 -24.33 38.38 -16.79
CA PHE D 292 -23.04 37.84 -16.38
C PHE D 292 -22.81 36.51 -17.06
N GLN D 293 -21.57 36.28 -17.48
CA GLN D 293 -21.18 35.10 -18.26
C GLN D 293 -20.01 34.41 -17.58
N THR D 294 -20.11 33.10 -17.40
CA THR D 294 -19.09 32.31 -16.73
C THR D 294 -18.14 31.67 -17.73
N PRO D 295 -16.93 31.30 -17.31
CA PRO D 295 -16.00 30.63 -18.23
C PRO D 295 -16.50 29.26 -18.65
N GLU D 296 -15.88 28.74 -19.69
CA GLU D 296 -16.29 27.49 -20.32
C GLU D 296 -15.53 26.30 -19.73
N VAL D 297 -16.21 25.16 -19.63
CA VAL D 297 -15.59 23.93 -19.15
C VAL D 297 -15.61 22.90 -20.27
N VAL D 298 -14.45 22.32 -20.56
CA VAL D 298 -14.29 21.29 -21.58
C VAL D 298 -14.03 19.96 -20.88
N MET D 299 -14.87 18.97 -21.15
CA MET D 299 -14.75 17.69 -20.47
C MET D 299 -14.76 16.53 -21.47
N VAL D 300 -13.91 15.54 -21.18
CA VAL D 300 -13.56 14.44 -22.07
C VAL D 300 -13.62 13.13 -21.30
N TYR D 301 -14.07 12.07 -21.97
CA TYR D 301 -14.13 10.72 -21.41
C TYR D 301 -13.36 9.77 -22.31
N SER D 302 -12.64 8.82 -21.72
CA SER D 302 -11.99 7.79 -22.51
C SER D 302 -12.00 6.47 -21.75
N ASP D 303 -11.85 5.38 -22.50
CA ASP D 303 -11.86 4.03 -21.96
C ASP D 303 -10.68 3.21 -22.47
N ARG D 304 -9.60 3.88 -22.88
CA ARG D 304 -8.41 3.21 -23.36
C ARG D 304 -7.15 3.86 -22.80
N GLY D 305 -7.19 4.23 -21.52
CA GLY D 305 -6.02 4.82 -20.88
C GLY D 305 -5.91 6.31 -21.08
N LEU D 306 -4.84 6.86 -20.50
CA LEU D 306 -4.62 8.31 -20.49
C LEU D 306 -4.15 8.84 -21.84
N ASN D 307 -3.53 7.99 -22.66
CA ASN D 307 -3.01 8.45 -23.95
C ASN D 307 -4.14 8.89 -24.87
N LYS D 308 -5.25 8.17 -24.87
CA LYS D 308 -6.38 8.54 -25.72
C LYS D 308 -6.97 9.89 -25.31
N MET D 309 -7.13 10.12 -24.01
CA MET D 309 -7.66 11.39 -23.52
C MET D 309 -6.72 12.55 -23.86
N SER D 310 -5.42 12.34 -23.64
CA SER D 310 -4.46 13.38 -23.95
C SER D 310 -4.42 13.68 -25.44
N GLN D 311 -4.56 12.66 -26.28
CA GLN D 311 -4.56 12.90 -27.72
C GLN D 311 -5.82 13.64 -28.16
N ALA D 312 -6.96 13.36 -27.52
CA ALA D 312 -8.16 14.15 -27.79
C ALA D 312 -7.93 15.63 -27.47
N TYR D 313 -7.38 15.91 -26.28
CA TYR D 313 -6.98 17.27 -25.94
C TYR D 313 -6.04 17.90 -26.97
N HIS D 314 -4.98 17.17 -27.36
CA HIS D 314 -4.02 17.75 -28.29
C HIS D 314 -4.69 18.13 -29.61
N ARG D 315 -5.47 17.22 -30.17
CA ARG D 315 -6.12 17.49 -31.46
C ARG D 315 -7.09 18.65 -31.34
N LEU D 316 -7.92 18.66 -30.29
CA LEU D 316 -8.91 19.73 -30.16
C LEU D 316 -8.24 21.09 -29.98
N TYR D 317 -7.24 21.17 -29.10
CA TYR D 317 -6.61 22.46 -28.83
C TYR D 317 -5.78 22.94 -30.00
N ARG D 318 -5.22 22.04 -30.80
CA ARG D 318 -4.47 22.49 -31.97
C ARG D 318 -5.41 22.94 -33.09
N THR D 319 -6.52 22.24 -33.30
CA THR D 319 -7.32 22.49 -34.50
C THR D 319 -8.44 23.50 -34.28
N ARG D 320 -9.05 23.55 -33.09
CA ARG D 320 -10.23 24.36 -32.88
C ARG D 320 -10.08 25.38 -31.76
N LEU D 321 -8.86 25.72 -31.38
CA LEU D 321 -8.65 26.79 -30.41
C LEU D 321 -7.69 27.86 -30.91
N MET D 322 -6.64 27.46 -31.64
CA MET D 322 -5.71 28.42 -32.20
C MET D 322 -6.33 29.12 -33.41
N ARG D 323 -5.64 30.14 -33.90
CA ARG D 323 -6.12 30.90 -35.04
C ARG D 323 -5.62 30.28 -36.35
N VAL D 324 -6.36 30.56 -37.43
CA VAL D 324 -6.07 29.97 -38.73
C VAL D 324 -4.68 30.35 -39.23
N THR D 325 -4.14 31.48 -38.76
CA THR D 325 -2.85 31.95 -39.26
C THR D 325 -1.73 30.98 -38.93
N TRP D 326 -1.72 30.44 -37.71
CA TRP D 326 -0.64 29.59 -37.24
C TRP D 326 -1.11 28.16 -36.96
N ARG D 327 -2.23 27.74 -37.56
CA ARG D 327 -2.78 26.43 -37.25
C ARG D 327 -2.00 25.30 -37.92
N ASP D 328 -1.53 25.51 -39.15
CA ASP D 328 -0.94 24.45 -39.96
C ASP D 328 0.45 24.86 -40.44
N LYS D 329 1.28 25.34 -39.53
CA LYS D 329 2.63 25.75 -39.87
C LYS D 329 3.59 25.35 -38.75
N ALA D 330 4.88 25.34 -39.08
CA ALA D 330 5.94 24.95 -38.16
C ALA D 330 6.70 26.19 -37.69
N ARG D 331 7.05 26.21 -36.41
CA ARG D 331 7.67 27.37 -35.80
C ARG D 331 9.11 27.52 -36.27
N PRO D 332 9.64 28.74 -36.27
CA PRO D 332 11.02 28.96 -36.69
C PRO D 332 12.02 28.59 -35.61
N ILE D 333 13.29 28.58 -36.00
CA ILE D 333 14.40 28.29 -35.11
C ILE D 333 15.11 29.61 -34.81
N LEU D 334 15.24 29.94 -33.53
CA LEU D 334 15.64 31.27 -33.10
C LEU D 334 16.78 31.20 -32.09
N LEU D 335 17.44 32.34 -31.90
CA LEU D 335 18.52 32.52 -30.94
C LEU D 335 18.18 33.65 -30.00
N ASN D 336 18.34 33.41 -28.70
CA ASN D 336 18.09 34.41 -27.67
C ASN D 336 19.40 34.83 -27.03
N ASN D 337 19.50 36.11 -26.68
CA ASN D 337 20.70 36.66 -26.07
C ASN D 337 20.56 36.86 -24.56
N TRP D 338 19.54 36.27 -23.95
CA TRP D 338 19.50 36.10 -22.51
C TRP D 338 20.41 34.95 -22.12
N GLU D 339 20.69 34.82 -20.83
CA GLU D 339 21.63 33.86 -20.26
C GLU D 339 23.04 34.07 -20.79
N ALA D 340 23.33 35.20 -21.43
CA ALA D 340 24.66 35.57 -21.87
C ALA D 340 24.66 37.07 -22.07
N THR D 341 25.47 37.79 -21.29
CA THR D 341 25.44 39.25 -21.25
C THR D 341 24.05 39.73 -20.87
N TYR D 342 23.64 39.47 -19.63
CA TYR D 342 22.25 39.73 -19.21
C TYR D 342 21.84 41.17 -19.50
N PHE D 343 22.47 42.13 -18.83
CA PHE D 343 22.19 43.54 -19.06
C PHE D 343 23.34 44.28 -19.74
N ASP D 344 24.56 43.76 -19.64
CA ASP D 344 25.74 44.45 -20.14
C ASP D 344 26.00 44.05 -21.59
N PHE D 345 25.42 44.83 -22.50
CA PHE D 345 25.61 44.64 -23.94
C PHE D 345 25.48 45.97 -24.65
N ASN D 346 26.02 46.03 -25.87
CA ASN D 346 25.86 47.18 -26.75
C ASN D 346 25.68 46.67 -28.18
N GLU D 347 25.63 47.61 -29.13
CA GLU D 347 25.37 47.26 -30.52
C GLU D 347 26.48 46.39 -31.10
N GLU D 348 27.73 46.66 -30.72
CA GLU D 348 28.85 45.91 -31.28
C GLU D 348 28.80 44.43 -30.94
N LYS D 349 28.41 44.09 -29.72
CA LYS D 349 28.28 42.69 -29.31
C LYS D 349 27.04 42.01 -29.88
N ILE D 350 25.95 42.77 -30.07
CA ILE D 350 24.72 42.18 -30.61
C ILE D 350 24.95 41.68 -32.03
N LEU D 351 25.64 42.48 -32.85
CA LEU D 351 25.87 42.08 -34.23
C LEU D 351 26.76 40.85 -34.32
N LYS D 352 27.82 40.79 -33.52
CA LYS D 352 28.74 39.66 -33.57
C LYS D 352 28.06 38.39 -33.06
N ILE D 353 27.20 38.50 -32.06
CA ILE D 353 26.45 37.35 -31.56
C ILE D 353 25.51 36.78 -32.61
N ALA D 354 24.84 37.63 -33.38
CA ALA D 354 23.90 37.21 -34.41
C ALA D 354 24.57 36.87 -35.73
N GLU D 355 25.70 37.49 -36.05
CA GLU D 355 26.42 37.18 -37.29
C GLU D 355 26.92 35.73 -37.27
N LYS D 356 27.41 35.27 -36.12
CA LYS D 356 27.85 33.88 -36.02
C LYS D 356 26.70 32.92 -36.21
N ALA D 357 25.53 33.23 -35.63
CA ALA D 357 24.38 32.35 -35.77
C ALA D 357 23.66 32.61 -37.09
N LYS D 358 24.41 32.60 -38.19
CA LYS D 358 23.84 32.72 -39.53
C LYS D 358 24.42 31.61 -40.40
N GLU D 359 25.67 31.23 -40.14
CA GLU D 359 26.25 30.09 -40.82
C GLU D 359 25.76 28.77 -40.25
N ALA D 360 25.32 28.77 -38.99
CA ALA D 360 24.75 27.56 -38.41
C ALA D 360 23.39 27.24 -39.02
N GLY D 361 22.52 28.24 -39.13
CA GLY D 361 21.22 28.04 -39.74
C GLY D 361 20.07 28.71 -39.01
N VAL D 362 20.38 29.46 -37.94
CA VAL D 362 19.34 30.20 -37.22
C VAL D 362 18.73 31.24 -38.15
N GLU D 363 17.42 31.48 -38.00
CA GLU D 363 16.69 32.37 -38.89
C GLU D 363 15.89 33.44 -38.15
N LEU D 364 16.23 33.74 -36.90
CA LEU D 364 15.51 34.74 -36.13
C LEU D 364 16.33 35.11 -34.91
N PHE D 365 16.43 36.41 -34.63
CA PHE D 365 17.18 36.92 -33.49
C PHE D 365 16.27 37.77 -32.61
N VAL D 366 16.46 37.66 -31.30
CA VAL D 366 15.62 38.34 -30.31
C VAL D 366 16.51 39.03 -29.29
N LEU D 367 15.99 40.25 -28.90
CA LEU D 367 16.70 41.00 -27.82
C LEU D 367 15.90 40.80 -26.53
N ASP D 368 16.44 40.08 -25.56
CA ASP D 368 15.65 39.74 -24.33
C ASP D 368 15.37 40.97 -23.45
N ASP D 369 16.29 41.92 -23.32
CA ASP D 369 16.02 43.05 -22.38
C ASP D 369 17.13 44.09 -22.45
N GLY D 370 16.87 45.32 -21.98
CA GLY D 370 17.90 46.38 -21.95
C GLY D 370 17.92 47.18 -23.24
N TRP D 371 16.79 47.72 -23.67
CA TRP D 371 16.75 48.44 -24.97
C TRP D 371 15.84 49.66 -24.82
N PHE D 372 15.42 49.99 -23.60
CA PHE D 372 14.46 51.09 -23.37
C PHE D 372 14.86 51.88 -22.13
N GLY D 373 14.46 53.15 -22.06
CA GLY D 373 14.72 53.98 -20.86
C GLY D 373 16.12 53.84 -20.31
N ALA D 374 16.25 53.54 -19.02
CA ALA D 374 17.57 53.33 -18.39
C ALA D 374 17.60 51.97 -17.67
N ARG D 375 17.25 50.89 -18.36
CA ARG D 375 17.16 49.56 -17.70
C ARG D 375 18.54 48.88 -17.68
N ASN D 376 19.58 49.58 -17.23
CA ASN D 376 20.92 48.96 -17.08
C ASN D 376 20.90 47.99 -15.90
N ASP D 377 20.07 48.26 -14.89
CA ASP D 377 19.92 47.36 -13.72
C ASP D 377 18.47 46.88 -13.65
N ASP D 378 18.08 46.22 -12.56
CA ASP D 378 16.70 45.71 -12.38
C ASP D 378 15.90 46.64 -11.46
N TYR D 379 16.24 47.93 -11.39
CA TYR D 379 15.52 48.80 -10.43
C TYR D 379 14.79 49.96 -11.14
N ARG D 380 14.83 50.05 -12.47
CA ARG D 380 14.21 51.22 -13.13
C ARG D 380 14.10 51.03 -14.64
N GLY D 381 13.39 51.94 -15.33
CA GLY D 381 13.28 51.89 -16.81
C GLY D 381 12.06 51.14 -17.29
N LEU D 382 11.37 50.42 -16.40
CA LEU D 382 10.22 49.57 -16.84
C LEU D 382 9.10 50.40 -17.48
N GLY D 383 8.50 51.34 -16.74
CA GLY D 383 7.35 52.04 -17.28
C GLY D 383 7.60 52.64 -18.65
N ASP D 384 8.84 53.07 -18.90
CA ASP D 384 9.17 53.78 -20.13
C ASP D 384 9.34 52.80 -21.28
N TRP D 385 8.91 53.22 -22.48
CA TRP D 385 8.99 52.37 -23.67
C TRP D 385 9.54 53.17 -24.85
N TYR D 386 10.62 53.89 -24.62
CA TYR D 386 11.40 54.52 -25.67
C TYR D 386 12.81 53.95 -25.66
N VAL D 387 13.44 53.92 -26.85
CA VAL D 387 14.74 53.26 -26.97
C VAL D 387 15.82 54.11 -26.28
N ASN D 388 16.89 53.42 -25.89
CA ASN D 388 18.05 54.06 -25.25
C ASN D 388 19.05 54.43 -26.34
N LEU D 389 19.10 55.73 -26.68
CA LEU D 389 20.05 56.17 -27.69
C LEU D 389 21.50 56.01 -27.24
N GLU D 390 21.75 55.91 -25.94
CA GLU D 390 23.10 55.67 -25.46
C GLU D 390 23.53 54.24 -25.74
N LYS D 391 22.69 53.26 -25.39
CA LYS D 391 23.07 51.86 -25.53
C LYS D 391 22.97 51.40 -26.97
N LEU D 392 21.94 51.85 -27.69
CA LEU D 392 21.77 51.55 -29.12
C LEU D 392 21.78 52.88 -29.86
N PRO D 393 22.93 53.32 -30.36
CA PRO D 393 23.00 54.64 -31.00
C PRO D 393 22.13 54.78 -32.24
N ASP D 394 21.76 53.68 -32.89
CA ASP D 394 20.95 53.75 -34.09
C ASP D 394 19.46 53.54 -33.84
N GLY D 395 19.09 52.98 -32.69
CA GLY D 395 17.70 52.74 -32.37
C GLY D 395 17.21 51.38 -32.83
N ILE D 396 15.97 51.08 -32.42
CA ILE D 396 15.39 49.77 -32.74
C ILE D 396 15.21 49.61 -34.24
N ALA D 397 14.76 50.65 -34.93
CA ALA D 397 14.57 50.57 -36.37
C ALA D 397 15.88 50.31 -37.09
N GLY D 398 16.94 51.04 -36.71
CA GLY D 398 18.22 50.85 -37.36
C GLY D 398 18.82 49.49 -37.08
N LEU D 399 18.70 49.01 -35.84
CA LEU D 399 19.19 47.67 -35.51
C LEU D 399 18.43 46.60 -36.29
N SER D 400 17.11 46.75 -36.40
CA SER D 400 16.32 45.79 -37.17
C SER D 400 16.72 45.81 -38.64
N ARG D 401 16.95 47.00 -39.19
CA ARG D 401 17.39 47.08 -40.59
C ARG D 401 18.74 46.40 -40.79
N LYS D 402 19.67 46.61 -39.85
CA LYS D 402 20.97 45.95 -39.95
C LYS D 402 20.83 44.43 -39.88
N VAL D 403 20.00 43.93 -38.96
CA VAL D 403 19.81 42.49 -38.82
C VAL D 403 19.20 41.91 -40.11
N GLU D 404 18.19 42.58 -40.66
CA GLU D 404 17.62 42.13 -41.92
C GLU D 404 18.63 42.20 -43.06
N ALA D 405 19.59 43.13 -42.99
CA ALA D 405 20.67 43.15 -43.96
C ALA D 405 21.56 41.92 -43.82
N LEU D 406 21.82 41.48 -42.58
CA LEU D 406 22.53 40.23 -42.39
C LEU D 406 21.77 39.05 -42.99
N GLY D 407 20.45 39.04 -42.83
CA GLY D 407 19.64 38.00 -43.44
C GLY D 407 18.78 37.22 -42.46
N LEU D 408 18.45 37.85 -41.33
CA LEU D 408 17.65 37.22 -40.29
C LEU D 408 16.36 38.02 -40.10
N LYS D 409 15.59 37.63 -39.08
CA LYS D 409 14.41 38.36 -38.64
C LYS D 409 14.66 38.93 -37.25
N PHE D 410 13.76 39.79 -36.80
CA PHE D 410 13.97 40.56 -35.59
C PHE D 410 12.83 40.33 -34.60
N GLY D 411 13.18 40.37 -33.31
CA GLY D 411 12.19 40.22 -32.26
C GLY D 411 12.52 41.13 -31.09
N LEU D 412 11.54 41.31 -30.22
CA LEU D 412 11.66 42.20 -29.07
C LEU D 412 11.06 41.56 -27.83
N TRP D 413 11.41 42.12 -26.68
CA TRP D 413 10.90 41.70 -25.39
C TRP D 413 10.19 42.88 -24.75
N VAL D 414 8.97 42.65 -24.25
CA VAL D 414 8.13 43.71 -23.70
C VAL D 414 7.38 43.17 -22.49
N GLU D 415 7.13 44.05 -21.52
CA GLU D 415 6.31 43.76 -20.34
C GLU D 415 5.33 44.92 -20.15
N LEU D 416 4.15 44.81 -20.76
CA LEU D 416 3.18 45.90 -20.76
C LEU D 416 2.20 45.80 -19.60
N GLU D 417 2.71 45.63 -18.38
CA GLU D 417 1.79 45.56 -17.24
C GLU D 417 2.28 46.25 -15.98
N MET D 418 3.54 46.66 -15.90
CA MET D 418 4.14 47.03 -14.62
C MET D 418 4.98 48.28 -14.77
N VAL D 419 5.27 48.92 -13.65
CA VAL D 419 5.96 50.20 -13.60
C VAL D 419 6.92 50.21 -12.42
N ASN D 420 8.00 50.97 -12.56
CA ASN D 420 8.93 51.24 -11.47
C ASN D 420 8.67 52.62 -10.88
N LYS D 421 9.11 52.80 -9.63
CA LYS D 421 9.02 54.10 -9.00
C LYS D 421 10.01 55.11 -9.59
N ASP D 422 10.99 54.63 -10.35
CA ASP D 422 12.03 55.48 -10.91
C ASP D 422 11.75 55.83 -12.37
N SER D 423 10.53 55.60 -12.85
CA SER D 423 10.19 55.85 -14.24
C SER D 423 9.48 57.19 -14.40
N ASP D 424 9.33 57.61 -15.65
CA ASP D 424 8.62 58.84 -15.95
C ASP D 424 7.14 58.72 -15.68
N LEU D 425 6.56 57.54 -15.95
CA LEU D 425 5.12 57.36 -15.80
C LEU D 425 4.67 57.57 -14.36
N TYR D 426 5.44 57.04 -13.40
CA TYR D 426 5.08 57.20 -12.00
C TYR D 426 5.24 58.65 -11.55
N ARG D 427 6.33 59.30 -11.96
CA ARG D 427 6.56 60.68 -11.54
C ARG D 427 5.51 61.63 -12.12
N ALA D 428 5.08 61.39 -13.36
CA ALA D 428 4.06 62.25 -13.96
C ALA D 428 2.75 62.17 -13.18
N HIS D 429 2.29 60.97 -12.90
CA HIS D 429 1.04 60.74 -12.19
C HIS D 429 1.04 59.39 -11.48
N PRO D 430 1.03 59.38 -10.15
CA PRO D 430 1.19 58.13 -9.39
C PRO D 430 -0.11 57.46 -8.95
N ASP D 431 -1.27 57.93 -9.41
CA ASP D 431 -2.55 57.38 -8.97
C ASP D 431 -3.09 56.30 -9.89
N TRP D 432 -2.33 55.89 -10.91
CA TRP D 432 -2.76 54.84 -11.82
C TRP D 432 -2.34 53.45 -11.35
N LEU D 433 -2.03 53.29 -10.06
CA LEU D 433 -1.58 52.02 -9.53
C LEU D 433 -2.74 51.28 -8.88
N ILE D 434 -2.50 50.02 -8.53
CA ILE D 434 -3.45 49.21 -7.77
C ILE D 434 -3.02 49.24 -6.31
N GLY D 435 -3.92 49.68 -5.44
CA GLY D 435 -3.63 49.77 -4.03
C GLY D 435 -4.65 50.62 -3.33
N ALA D 436 -4.73 50.42 -2.01
CA ALA D 436 -5.70 51.14 -1.20
C ALA D 436 -5.01 52.26 -0.43
N PRO D 437 -5.72 53.36 -0.16
CA PRO D 437 -5.11 54.44 0.63
C PRO D 437 -4.90 54.02 2.08
N ASP D 438 -3.91 54.65 2.71
CA ASP D 438 -3.50 54.42 4.08
C ASP D 438 -2.91 53.03 4.30
N ARG D 439 -2.67 52.27 3.25
CA ARG D 439 -2.11 50.93 3.34
C ARG D 439 -0.75 50.89 2.66
N PHE D 440 0.16 50.11 3.24
CA PHE D 440 1.53 50.01 2.71
C PHE D 440 1.53 49.35 1.34
N GLU D 441 2.45 49.77 0.47
CA GLU D 441 2.55 49.20 -0.90
C GLU D 441 3.63 48.10 -0.93
N SER D 442 3.24 46.85 -1.15
CA SER D 442 4.19 45.72 -1.17
C SER D 442 4.95 45.69 -2.49
N HIS D 443 6.24 45.34 -2.46
CA HIS D 443 7.07 45.26 -3.69
C HIS D 443 7.58 43.83 -3.85
N ALA D 444 7.75 43.36 -5.08
CA ALA D 444 8.30 42.00 -5.29
C ALA D 444 9.64 42.10 -6.02
N ARG D 445 9.73 42.77 -7.16
CA ARG D 445 11.09 42.89 -7.78
C ARG D 445 11.38 44.35 -8.06
N HIS D 446 11.04 45.22 -7.12
CA HIS D 446 11.22 46.67 -7.33
C HIS D 446 10.11 47.14 -8.26
N GLN D 447 9.11 46.29 -8.49
CA GLN D 447 8.04 46.61 -9.47
C GLN D 447 6.70 46.74 -8.77
N HIS D 448 5.79 47.49 -9.39
CA HIS D 448 4.40 47.61 -8.88
C HIS D 448 3.47 47.29 -10.04
N VAL D 449 2.28 46.74 -9.77
CA VAL D 449 1.32 46.38 -10.84
C VAL D 449 0.60 47.64 -11.31
N LEU D 450 0.08 47.62 -12.54
CA LEU D 450 -0.58 48.78 -13.13
C LEU D 450 -2.05 48.44 -13.37
N ASP D 451 -2.92 49.42 -13.15
CA ASP D 451 -4.36 49.19 -13.10
C ASP D 451 -4.92 49.05 -14.52
N PHE D 452 -5.32 47.83 -14.88
CA PHE D 452 -5.95 47.58 -16.18
C PHE D 452 -7.47 47.43 -16.10
N SER D 453 -8.06 47.65 -14.93
CA SER D 453 -9.52 47.66 -14.86
C SER D 453 -10.13 48.96 -15.36
N ARG D 454 -9.30 49.94 -15.70
CA ARG D 454 -9.74 51.22 -16.26
C ARG D 454 -9.26 51.34 -17.69
N LYS D 455 -10.14 51.85 -18.57
CA LYS D 455 -9.84 51.84 -20.00
C LYS D 455 -8.74 52.83 -20.37
N GLU D 456 -8.65 53.95 -19.66
CA GLU D 456 -7.70 54.99 -20.04
C GLU D 456 -6.25 54.51 -19.96
N VAL D 457 -5.93 53.72 -18.94
CA VAL D 457 -4.58 53.18 -18.80
C VAL D 457 -4.24 52.29 -20.00
N VAL D 458 -5.18 51.43 -20.40
CA VAL D 458 -4.96 50.54 -21.53
C VAL D 458 -4.79 51.34 -22.81
N ASP D 459 -5.61 52.39 -22.98
CA ASP D 459 -5.49 53.24 -24.16
C ASP D 459 -4.12 53.90 -24.23
N TYR D 460 -3.66 54.44 -23.10
CA TYR D 460 -2.36 55.10 -23.06
C TYR D 460 -1.24 54.10 -23.38
N ILE D 461 -1.29 52.91 -22.78
CA ILE D 461 -0.26 51.92 -23.01
C ILE D 461 -0.24 51.48 -24.47
N TYR D 462 -1.41 51.25 -25.06
CA TYR D 462 -1.47 50.82 -26.45
C TYR D 462 -0.95 51.90 -27.39
N LYS D 463 -1.33 53.15 -27.15
CA LYS D 463 -0.84 54.24 -27.99
C LYS D 463 0.67 54.40 -27.86
N MET D 464 1.21 54.20 -26.66
CA MET D 464 2.65 54.27 -26.46
C MET D 464 3.37 53.14 -27.19
N ILE D 465 2.82 51.92 -27.14
CA ILE D 465 3.54 50.77 -27.66
C ILE D 465 3.42 50.64 -29.18
N ALA D 466 2.33 51.14 -29.77
CA ALA D 466 2.14 50.94 -31.20
C ALA D 466 3.18 51.68 -32.05
N LYS D 467 3.80 52.72 -31.50
CA LYS D 467 4.74 53.54 -32.29
C LYS D 467 5.96 52.74 -32.71
N VAL D 468 6.58 52.02 -31.77
CA VAL D 468 7.77 51.23 -32.09
C VAL D 468 7.43 50.14 -33.09
N LEU D 469 6.28 49.48 -32.90
CA LEU D 469 5.90 48.41 -33.82
C LEU D 469 5.64 48.95 -35.22
N ARG D 470 5.00 50.11 -35.34
CA ARG D 470 4.77 50.69 -36.66
C ARG D 470 6.09 51.09 -37.33
N GLU D 471 7.00 51.68 -36.57
CA GLU D 471 8.24 52.16 -37.18
C GLU D 471 9.17 51.00 -37.56
N SER D 472 9.34 50.04 -36.66
CA SER D 472 10.35 49.00 -36.85
C SER D 472 9.79 47.83 -37.66
N SER D 473 10.71 47.00 -38.15
CA SER D 473 10.35 45.79 -38.88
C SER D 473 10.33 44.59 -37.95
N ILE D 474 9.51 44.69 -36.91
CA ILE D 474 9.40 43.63 -35.92
C ILE D 474 8.67 42.44 -36.51
N SER D 475 9.07 41.24 -36.08
CA SER D 475 8.39 40.02 -36.51
C SER D 475 8.15 39.05 -35.36
N TYR D 476 8.40 39.46 -34.11
CA TYR D 476 8.29 38.56 -32.97
C TYR D 476 8.30 39.37 -31.67
N ILE D 477 7.34 39.06 -30.84
CA ILE D 477 7.23 39.81 -29.59
C ILE D 477 7.09 38.81 -28.45
N LYS D 478 7.86 39.02 -27.37
CA LYS D 478 7.80 38.15 -26.16
C LYS D 478 7.29 38.98 -25.00
N TRP D 479 6.22 38.56 -24.34
CA TRP D 479 5.56 39.38 -23.28
C TRP D 479 5.72 38.73 -21.91
N ASP D 480 6.70 39.13 -21.11
CA ASP D 480 6.98 38.51 -19.79
C ASP D 480 6.19 39.27 -18.73
N MET D 481 5.41 38.58 -17.89
CA MET D 481 4.76 39.24 -16.73
C MET D 481 5.44 38.61 -15.52
N ASN D 482 6.41 39.27 -14.90
CA ASN D 482 7.20 38.60 -13.83
C ASN D 482 6.68 38.98 -12.45
N ARG D 483 5.36 39.08 -12.29
CA ARG D 483 4.90 39.58 -10.96
C ARG D 483 3.40 39.31 -10.79
N TYR D 484 2.99 38.97 -9.56
CA TYR D 484 1.55 38.70 -9.28
C TYR D 484 0.86 39.99 -8.82
N MET D 485 -0.35 39.88 -8.27
CA MET D 485 -1.09 41.07 -7.78
C MET D 485 -1.50 40.86 -6.32
N THR D 486 -1.64 41.96 -5.57
CA THR D 486 -2.06 41.88 -4.15
C THR D 486 -2.67 43.22 -3.75
N GLU D 487 -3.47 43.26 -2.68
CA GLU D 487 -4.15 44.52 -2.27
C GLU D 487 -4.83 45.13 -3.49
N PRO D 488 -5.75 44.41 -4.18
CA PRO D 488 -6.36 44.91 -5.43
C PRO D 488 -7.51 45.89 -5.18
N TYR D 489 -7.21 47.19 -5.05
CA TYR D 489 -8.27 48.21 -4.88
C TYR D 489 -8.28 49.13 -6.12
N SER D 490 -9.44 49.71 -6.44
CA SER D 490 -9.52 50.60 -7.59
C SER D 490 -9.95 51.98 -7.12
N ARG D 491 -9.17 53.00 -7.48
CA ARG D 491 -9.54 54.38 -7.15
C ARG D 491 -10.64 54.90 -8.06
N GLY D 492 -10.72 54.39 -9.29
CA GLY D 492 -11.75 54.79 -10.22
C GLY D 492 -12.98 53.90 -10.16
N ALA D 493 -13.52 53.70 -8.97
CA ALA D 493 -14.68 52.83 -8.80
C ALA D 493 -15.41 53.23 -7.53
N ASP D 494 -16.64 52.76 -7.41
CA ASP D 494 -17.47 53.03 -6.25
C ASP D 494 -17.35 51.89 -5.23
N ALA D 495 -17.92 52.11 -4.04
CA ALA D 495 -17.86 51.11 -2.99
C ALA D 495 -18.53 49.81 -3.41
N SER D 496 -19.58 49.90 -4.22
CA SER D 496 -20.25 48.71 -4.72
C SER D 496 -19.46 48.01 -5.82
N GLN D 497 -18.57 48.72 -6.50
CA GLN D 497 -17.83 48.18 -7.63
C GLN D 497 -16.49 47.58 -7.23
N GLN D 498 -16.17 47.53 -5.94
CA GLN D 498 -14.85 47.09 -5.50
C GLN D 498 -14.69 45.58 -5.44
N GLY D 499 -15.76 44.82 -5.65
CA GLY D 499 -15.67 43.38 -5.67
C GLY D 499 -15.60 42.82 -7.07
N LYS D 500 -15.22 43.67 -8.04
CA LYS D 500 -15.18 43.28 -9.44
C LYS D 500 -13.83 43.59 -10.08
N VAL D 501 -12.78 43.71 -9.28
CA VAL D 501 -11.54 44.30 -9.79
C VAL D 501 -10.65 43.28 -10.47
N MET D 502 -10.55 42.05 -9.94
CA MET D 502 -9.67 41.06 -10.53
C MET D 502 -10.19 40.56 -11.87
N HIS D 503 -11.50 40.28 -11.95
CA HIS D 503 -12.08 39.84 -13.20
C HIS D 503 -11.97 40.92 -14.26
N LYS D 504 -12.19 42.19 -13.88
CA LYS D 504 -12.04 43.28 -14.83
C LYS D 504 -10.59 43.46 -15.26
N TYR D 505 -9.64 43.19 -14.37
CA TYR D 505 -8.22 43.24 -14.76
C TYR D 505 -7.93 42.18 -15.83
N ILE D 506 -8.42 40.96 -15.61
CA ILE D 506 -8.19 39.90 -16.60
C ILE D 506 -8.85 40.25 -17.93
N LEU D 507 -10.06 40.80 -17.88
CA LEU D 507 -10.74 41.20 -19.11
C LEU D 507 -10.00 42.33 -19.82
N GLY D 508 -9.40 43.25 -19.07
CA GLY D 508 -8.61 44.30 -19.69
C GLY D 508 -7.36 43.77 -20.39
N VAL D 509 -6.71 42.78 -19.75
CA VAL D 509 -5.51 42.15 -20.38
C VAL D 509 -5.93 41.53 -21.71
N TYR D 510 -7.02 40.76 -21.71
CA TYR D 510 -7.54 40.16 -22.96
C TYR D 510 -7.78 41.26 -24.00
N ASP D 511 -8.50 42.31 -23.59
CA ASP D 511 -8.81 43.43 -24.50
C ASP D 511 -7.51 43.90 -25.18
N LEU D 512 -6.47 44.16 -24.38
CA LEU D 512 -5.21 44.60 -24.95
C LEU D 512 -4.64 43.58 -25.93
N TYR D 513 -4.71 42.30 -25.58
CA TYR D 513 -4.29 41.26 -26.53
C TYR D 513 -5.11 41.31 -27.81
N THR D 514 -6.43 41.48 -27.70
CA THR D 514 -7.26 41.52 -28.90
C THR D 514 -6.87 42.69 -29.79
N ARG D 515 -6.67 43.86 -29.21
CA ARG D 515 -6.28 45.03 -30.00
C ARG D 515 -4.96 44.79 -30.72
N LEU D 516 -3.93 44.35 -29.98
CA LEU D 516 -2.62 44.17 -30.59
C LEU D 516 -2.65 43.09 -31.67
N THR D 517 -3.34 41.97 -31.41
CA THR D 517 -3.38 40.88 -32.36
C THR D 517 -4.14 41.27 -33.62
N THR D 518 -5.24 42.02 -33.48
CA THR D 518 -6.01 42.43 -34.65
C THR D 518 -5.25 43.43 -35.50
N GLU D 519 -4.62 44.44 -34.88
CA GLU D 519 -3.97 45.47 -35.68
C GLU D 519 -2.79 44.92 -36.47
N PHE D 520 -1.98 44.07 -35.85
CA PHE D 520 -0.79 43.51 -36.50
C PHE D 520 -0.95 42.00 -36.62
N PRO D 521 -1.39 41.49 -37.78
CA PRO D 521 -1.70 40.06 -37.90
C PRO D 521 -0.54 39.17 -38.33
N GLU D 522 0.59 39.74 -38.76
CA GLU D 522 1.71 38.95 -39.25
C GLU D 522 2.81 38.79 -38.22
N ILE D 523 2.56 39.16 -36.97
CA ILE D 523 3.56 39.11 -35.90
C ILE D 523 3.24 37.93 -35.00
N LEU D 524 4.25 37.09 -34.74
CA LEU D 524 4.08 35.97 -33.82
C LEU D 524 4.27 36.45 -32.39
N PHE D 525 3.42 35.97 -31.49
CA PHE D 525 3.44 36.38 -30.10
C PHE D 525 3.90 35.23 -29.21
N GLU D 526 4.51 35.59 -28.07
CA GLU D 526 5.04 34.55 -27.15
C GLU D 526 4.63 34.89 -25.71
N SER D 527 3.92 33.98 -25.04
CA SER D 527 3.50 34.21 -23.63
C SER D 527 4.58 33.71 -22.67
N CYS D 528 4.97 34.52 -21.68
CA CYS D 528 5.98 34.09 -20.71
C CYS D 528 5.69 34.83 -19.41
N ALA D 529 5.02 34.16 -18.48
CA ALA D 529 4.71 34.75 -17.19
C ALA D 529 5.70 34.24 -16.14
N SER D 530 6.96 34.58 -16.36
CA SER D 530 8.05 34.22 -15.45
C SER D 530 8.28 32.72 -15.40
N GLY D 531 8.13 32.04 -16.54
CA GLY D 531 8.39 30.62 -16.60
C GLY D 531 7.18 29.73 -16.39
N GLY D 532 6.12 29.95 -17.17
CA GLY D 532 4.99 29.05 -17.13
C GLY D 532 4.02 29.28 -16.00
N ALA D 533 4.00 30.37 -15.36
CA ALA D 533 2.95 30.61 -14.37
C ALA D 533 1.62 30.95 -15.02
N ARG D 534 1.59 31.22 -16.33
CA ARG D 534 0.36 31.46 -17.09
C ARG D 534 0.43 30.54 -18.30
N PHE D 535 -0.06 29.31 -18.13
CA PHE D 535 0.03 28.25 -19.13
C PHE D 535 -1.35 27.69 -19.40
N ASP D 536 -2.31 28.56 -19.65
CA ASP D 536 -3.73 28.26 -19.67
C ASP D 536 -4.28 28.19 -21.10
N PRO D 537 -5.40 27.49 -21.31
CA PRO D 537 -5.95 27.39 -22.67
C PRO D 537 -6.34 28.73 -23.27
N ALA D 538 -6.80 29.69 -22.48
CA ALA D 538 -7.13 31.00 -23.02
C ALA D 538 -5.88 31.71 -23.54
N MET D 539 -4.79 31.64 -22.77
CA MET D 539 -3.53 32.19 -23.24
C MET D 539 -3.14 31.59 -24.58
N LEU D 540 -3.33 30.28 -24.72
CA LEU D 540 -3.06 29.59 -25.98
C LEU D 540 -3.99 30.08 -27.09
N TYR D 541 -5.23 30.46 -26.73
CA TYR D 541 -6.12 31.09 -27.69
C TYR D 541 -5.56 32.42 -28.17
N PHE D 542 -4.82 33.12 -27.30
CA PHE D 542 -4.27 34.43 -27.66
C PHE D 542 -2.82 34.38 -28.11
N ALA D 543 -2.00 33.49 -27.56
CA ALA D 543 -0.61 33.35 -27.95
C ALA D 543 -0.33 31.92 -28.37
N PRO D 544 0.14 31.67 -29.59
CA PRO D 544 0.27 30.28 -30.06
C PRO D 544 1.22 29.42 -29.24
N GLN D 545 2.27 29.99 -28.65
CA GLN D 545 3.24 29.21 -27.90
C GLN D 545 3.59 29.92 -26.60
N THR D 546 4.07 29.14 -25.64
CA THR D 546 4.38 29.62 -24.30
C THR D 546 5.74 29.10 -23.88
N TRP D 547 6.48 29.87 -23.06
CA TRP D 547 7.77 29.40 -22.48
C TRP D 547 7.47 28.44 -21.32
N THR D 548 7.80 27.16 -21.46
CA THR D 548 7.41 26.13 -20.48
C THR D 548 8.07 26.32 -19.12
N SER D 549 9.30 26.82 -19.08
CA SER D 549 9.94 27.09 -17.78
C SER D 549 11.29 27.76 -17.97
N ASP D 550 11.88 28.22 -16.88
CA ASP D 550 13.20 28.83 -16.85
C ASP D 550 14.30 27.86 -16.43
N ASP D 551 13.97 26.57 -16.43
CA ASP D 551 14.93 25.53 -15.99
C ASP D 551 15.40 24.81 -17.24
N THR D 552 16.35 25.40 -17.96
CA THR D 552 16.84 24.83 -19.23
C THR D 552 17.65 23.54 -19.00
N ASP D 553 17.77 23.04 -17.77
CA ASP D 553 18.48 21.75 -17.54
C ASP D 553 17.72 20.61 -18.22
N ALA D 554 18.43 19.67 -18.84
CA ALA D 554 17.80 18.57 -19.59
C ALA D 554 17.35 17.41 -18.69
N SER D 555 17.72 17.41 -17.41
CA SER D 555 17.22 16.37 -16.49
C SER D 555 15.87 16.77 -15.92
N GLU D 556 15.69 18.07 -15.66
CA GLU D 556 14.44 18.58 -15.07
C GLU D 556 13.42 18.85 -16.17
N ARG D 557 13.88 19.00 -17.42
CA ARG D 557 12.96 19.31 -18.55
C ARG D 557 12.34 18.03 -19.08
N THR D 558 12.78 16.86 -18.63
CA THR D 558 12.16 15.58 -19.04
C THR D 558 11.09 15.32 -18.01
N LYS D 559 11.29 15.86 -16.82
CA LYS D 559 10.35 15.75 -15.73
C LYS D 559 9.19 16.72 -15.90
N ILE D 560 9.50 17.96 -16.32
CA ILE D 560 8.46 18.98 -16.48
C ILE D 560 7.58 18.67 -17.69
N GLN D 561 8.20 18.29 -18.82
CA GLN D 561 7.46 18.09 -20.05
C GLN D 561 6.58 16.84 -20.00
N TYR D 562 7.01 15.81 -19.28
CA TYR D 562 6.17 14.63 -19.13
C TYR D 562 4.83 14.98 -18.48
N GLY D 563 4.88 15.81 -17.43
CA GLY D 563 3.65 16.22 -16.77
C GLY D 563 2.90 17.30 -17.50
N THR D 564 3.59 18.13 -18.27
CA THR D 564 2.90 19.16 -19.05
C THR D 564 2.12 18.55 -20.20
N SER D 565 2.67 17.52 -20.85
CA SER D 565 2.03 16.93 -22.03
C SER D 565 0.75 16.18 -21.73
N TYR D 566 0.24 16.22 -20.50
CA TYR D 566 -1.05 15.58 -20.22
C TYR D 566 -2.19 16.26 -20.96
N VAL D 567 -2.14 17.59 -21.10
CA VAL D 567 -3.25 18.33 -21.69
C VAL D 567 -2.81 19.30 -22.79
N TYR D 568 -1.55 19.73 -22.85
CA TYR D 568 -1.24 20.76 -23.84
C TYR D 568 -0.42 20.21 -24.99
N PRO D 569 -0.67 20.67 -26.22
CA PRO D 569 0.03 20.11 -27.38
C PRO D 569 1.53 20.38 -27.33
N VAL D 570 2.27 19.54 -28.07
CA VAL D 570 3.72 19.61 -28.06
C VAL D 570 4.21 20.91 -28.69
N VAL D 571 3.51 21.39 -29.73
CA VAL D 571 3.95 22.60 -30.43
C VAL D 571 3.86 23.84 -29.54
N SER D 572 3.09 23.77 -28.45
CA SER D 572 2.97 24.91 -27.55
C SER D 572 4.21 25.08 -26.67
N MET D 573 4.84 23.99 -26.29
CA MET D 573 5.99 24.04 -25.40
C MET D 573 7.19 24.67 -26.07
N GLY D 574 7.88 25.55 -25.34
CA GLY D 574 9.12 26.14 -25.81
C GLY D 574 10.31 25.53 -25.09
N SER D 575 11.40 25.33 -25.83
CA SER D 575 12.59 24.71 -25.28
C SER D 575 13.82 25.19 -26.03
N HIS D 576 14.91 25.39 -25.29
CA HIS D 576 16.17 25.88 -25.82
C HIS D 576 17.32 24.99 -25.36
N VAL D 577 18.51 25.28 -25.86
CA VAL D 577 19.74 24.60 -25.45
C VAL D 577 20.62 25.64 -24.77
N SER D 578 21.00 25.38 -23.53
CA SER D 578 21.71 26.34 -22.71
C SER D 578 23.14 25.86 -22.42
N ALA D 579 23.94 26.79 -21.88
CA ALA D 579 25.33 26.49 -21.59
C ALA D 579 25.44 25.41 -20.52
N VAL D 580 26.49 24.60 -20.61
CA VAL D 580 26.58 23.38 -19.81
C VAL D 580 26.89 23.65 -18.34
N PRO D 581 27.66 24.69 -17.95
CA PRO D 581 27.71 24.99 -16.51
C PRO D 581 26.42 25.68 -16.08
N ASN D 582 25.38 24.88 -15.85
CA ASN D 582 24.02 25.41 -15.55
C ASN D 582 24.09 26.59 -14.57
N HIS D 583 23.20 27.59 -14.78
CA HIS D 583 23.13 28.75 -13.86
C HIS D 583 22.11 28.44 -12.76
N GLN D 584 21.11 27.62 -13.06
CA GLN D 584 20.03 27.35 -12.06
C GLN D 584 20.28 26.07 -11.27
N MET D 585 21.07 25.13 -11.80
CA MET D 585 21.30 23.83 -11.12
C MET D 585 22.79 23.60 -10.92
N HIS D 586 23.64 24.21 -11.76
CA HIS D 586 25.07 23.93 -11.64
C HIS D 586 25.37 22.46 -11.89
N ARG D 587 24.80 21.92 -12.96
CA ARG D 587 24.95 20.53 -13.34
C ARG D 587 25.53 20.43 -14.74
N MET D 588 26.31 19.38 -14.99
CA MET D 588 27.06 19.21 -16.22
C MET D 588 26.44 18.05 -17.01
N THR D 589 26.09 18.30 -18.27
CA THR D 589 25.41 17.33 -19.10
C THR D 589 26.01 17.30 -20.50
N PRO D 590 25.89 16.19 -21.22
CA PRO D 590 26.35 16.15 -22.61
C PRO D 590 25.45 16.98 -23.52
N ILE D 591 26.04 17.41 -24.63
CA ILE D 591 25.31 18.26 -25.58
C ILE D 591 24.22 17.48 -26.29
N GLU D 592 24.48 16.20 -26.60
CA GLU D 592 23.50 15.39 -27.32
C GLU D 592 22.23 15.20 -26.51
N THR D 593 22.37 15.03 -25.20
CA THR D 593 21.19 14.93 -24.34
C THR D 593 20.37 16.21 -24.40
N ARG D 594 21.03 17.36 -24.35
CA ARG D 594 20.32 18.63 -24.42
C ARG D 594 19.55 18.77 -25.71
N ALA D 595 20.19 18.45 -26.84
CA ALA D 595 19.50 18.53 -28.13
C ALA D 595 18.35 17.54 -28.20
N ASN D 596 18.55 16.32 -27.71
CA ASN D 596 17.51 15.30 -27.77
C ASN D 596 16.28 15.72 -26.97
N VAL D 597 16.49 16.31 -25.79
CA VAL D 597 15.35 16.78 -25.01
C VAL D 597 14.69 17.98 -25.67
N ALA D 598 15.49 18.86 -26.29
CA ALA D 598 14.94 20.06 -26.89
C ALA D 598 14.25 19.82 -28.23
N TYR D 599 14.42 18.64 -28.84
CA TYR D 599 13.78 18.38 -30.13
C TYR D 599 12.26 18.40 -30.02
N PHE D 600 11.71 17.82 -28.95
CA PHE D 600 10.26 17.67 -28.79
C PHE D 600 9.67 18.99 -28.29
N GLY D 601 9.47 19.90 -29.23
CA GLY D 601 8.93 21.22 -28.92
C GLY D 601 9.32 22.20 -30.01
N THR D 602 9.44 23.46 -29.61
CA THR D 602 9.96 24.51 -30.49
C THR D 602 11.45 24.65 -30.24
N PHE D 603 12.26 24.21 -31.19
CA PHE D 603 13.71 24.21 -31.03
C PHE D 603 14.24 25.64 -30.97
N GLY D 604 15.32 25.82 -30.22
CA GLY D 604 15.91 27.13 -30.06
C GLY D 604 17.28 27.05 -29.45
N TYR D 605 17.91 28.21 -29.32
CA TYR D 605 19.26 28.31 -28.78
C TYR D 605 19.38 29.56 -27.93
N GLU D 606 20.00 29.42 -26.75
CA GLU D 606 20.31 30.53 -25.87
C GLU D 606 21.80 30.52 -25.53
N LEU D 607 22.61 30.34 -26.55
CA LEU D 607 24.05 30.22 -26.42
C LEU D 607 24.76 31.41 -27.06
N ASP D 608 26.06 31.49 -26.81
CA ASP D 608 26.97 32.29 -27.61
C ASP D 608 27.73 31.32 -28.50
N LEU D 609 27.40 31.33 -29.80
CA LEU D 609 27.88 30.27 -30.68
C LEU D 609 29.36 30.37 -30.98
N ASN D 610 29.96 31.55 -30.86
CA ASN D 610 31.38 31.72 -31.16
C ASN D 610 32.27 31.38 -29.97
N LEU D 611 31.70 31.17 -28.79
CA LEU D 611 32.45 30.72 -27.62
C LEU D 611 32.51 29.21 -27.50
N LEU D 612 32.33 28.48 -28.60
CA LEU D 612 32.27 27.04 -28.60
C LEU D 612 33.50 26.43 -29.27
N SER D 613 33.82 25.20 -28.88
CA SER D 613 34.89 24.46 -29.53
C SER D 613 34.53 24.17 -30.98
N GLU D 614 35.55 23.96 -31.81
CA GLU D 614 35.32 23.86 -33.25
C GLU D 614 34.55 22.60 -33.64
N ALA D 615 34.53 21.58 -32.80
CA ALA D 615 33.75 20.37 -33.08
C ALA D 615 32.28 20.54 -32.72
N GLU D 616 32.00 21.27 -31.63
CA GLU D 616 30.62 21.52 -31.25
C GLU D 616 29.89 22.38 -32.26
N LEU D 617 30.60 23.12 -33.12
CA LEU D 617 29.93 23.83 -34.20
C LEU D 617 29.43 22.87 -35.28
N GLU D 618 30.23 21.86 -35.62
CA GLU D 618 29.72 20.82 -36.52
C GLU D 618 28.55 20.08 -35.88
N SER D 619 28.66 19.81 -34.57
CA SER D 619 27.57 19.15 -33.87
C SER D 619 26.28 19.97 -33.92
N VAL D 620 26.38 21.29 -33.69
CA VAL D 620 25.18 22.13 -33.69
C VAL D 620 24.61 22.26 -35.09
N LYS D 621 25.48 22.28 -36.12
CA LYS D 621 24.98 22.30 -37.49
C LYS D 621 24.18 21.02 -37.80
N LYS D 622 24.70 19.87 -37.38
CA LYS D 622 23.98 18.62 -37.59
C LYS D 622 22.65 18.61 -36.83
N GLN D 623 22.65 19.13 -35.61
CA GLN D 623 21.41 19.21 -34.83
C GLN D 623 20.37 20.06 -35.55
N ILE D 624 20.79 21.23 -36.06
CA ILE D 624 19.86 22.10 -36.76
C ILE D 624 19.31 21.42 -38.01
N ALA D 625 20.16 20.73 -38.75
CA ALA D 625 19.70 20.03 -39.95
C ALA D 625 18.65 18.98 -39.60
N PHE D 626 18.91 18.17 -38.58
CA PHE D 626 17.95 17.14 -38.19
C PHE D 626 16.63 17.75 -37.75
N MET D 627 16.68 18.81 -36.94
CA MET D 627 15.44 19.40 -36.44
C MET D 627 14.63 20.02 -37.57
N LYS D 628 15.27 20.73 -38.50
CA LYS D 628 14.50 21.31 -39.59
C LYS D 628 14.20 20.31 -40.69
N GLU D 629 14.67 19.06 -40.54
CA GLU D 629 14.15 17.99 -41.38
C GLU D 629 12.90 17.35 -40.79
N TYR D 630 12.86 17.16 -39.47
CA TYR D 630 11.76 16.42 -38.85
C TYR D 630 10.71 17.28 -38.15
N ARG D 631 10.83 18.61 -38.23
CA ARG D 631 9.89 19.46 -37.50
C ARG D 631 8.46 19.32 -37.99
N GLU D 632 8.26 19.03 -39.27
CA GLU D 632 6.89 18.84 -39.77
C GLU D 632 6.22 17.67 -39.10
N LEU D 633 6.91 16.54 -39.02
CA LEU D 633 6.35 15.36 -38.34
C LEU D 633 6.17 15.61 -36.84
N ILE D 634 7.14 16.29 -36.22
CA ILE D 634 7.06 16.44 -34.77
C ILE D 634 5.94 17.41 -34.37
N GLN D 635 5.77 18.50 -35.11
CA GLN D 635 4.93 19.60 -34.63
C GLN D 635 3.48 19.50 -35.10
N VAL D 636 3.26 19.47 -36.41
CA VAL D 636 1.91 19.64 -36.95
C VAL D 636 1.18 18.33 -37.25
N ASP D 637 1.91 17.23 -37.49
CA ASP D 637 1.32 15.97 -37.93
C ASP D 637 1.88 14.83 -37.08
N GLY D 638 1.21 14.51 -35.97
CA GLY D 638 1.66 13.41 -35.16
C GLY D 638 0.92 13.24 -33.85
N ASP D 639 1.00 12.05 -33.28
CA ASP D 639 0.39 11.73 -31.99
C ASP D 639 1.48 11.46 -30.98
N PHE D 640 1.24 11.89 -29.73
CA PHE D 640 2.24 11.79 -28.67
C PHE D 640 1.89 10.61 -27.77
N TYR D 641 2.83 9.69 -27.61
CA TYR D 641 2.68 8.54 -26.74
C TYR D 641 3.68 8.61 -25.61
N ARG D 642 3.24 8.32 -24.39
CA ARG D 642 4.10 8.24 -23.23
C ARG D 642 4.33 6.78 -22.88
N LEU D 643 5.60 6.38 -22.79
CA LEU D 643 5.97 4.97 -22.64
C LEU D 643 6.48 4.62 -21.26
N LEU D 644 7.34 5.46 -20.66
CA LEU D 644 7.89 5.20 -19.33
C LEU D 644 7.80 6.47 -18.49
N SER D 645 7.50 6.30 -17.20
CA SER D 645 7.21 7.43 -16.33
C SER D 645 8.44 7.80 -15.51
N PRO D 646 8.91 9.06 -15.58
CA PRO D 646 10.01 9.47 -14.70
C PRO D 646 9.60 9.66 -13.25
N PHE D 647 8.30 9.58 -12.94
CA PHE D 647 7.83 9.69 -11.56
C PHE D 647 7.81 8.36 -10.84
N GLU D 648 8.03 7.24 -11.56
CA GLU D 648 8.12 5.91 -10.97
C GLU D 648 9.25 5.15 -11.69
N GLY D 649 10.46 5.27 -11.16
CA GLY D 649 11.59 4.58 -11.75
C GLY D 649 12.80 5.45 -12.01
N ASN D 650 13.53 5.13 -13.08
CA ASN D 650 14.79 5.80 -13.37
C ASN D 650 14.86 6.27 -14.82
N GLU D 651 14.14 5.60 -15.71
CA GLU D 651 14.20 5.89 -17.13
C GLU D 651 12.94 6.60 -17.60
N THR D 652 13.07 7.28 -18.73
CA THR D 652 11.98 8.01 -19.34
C THR D 652 11.99 7.69 -20.83
N ALA D 653 10.82 7.72 -21.46
CA ALA D 653 10.77 7.45 -22.89
C ALA D 653 9.50 8.01 -23.48
N TRP D 654 9.57 8.35 -24.77
CA TRP D 654 8.35 8.68 -25.51
C TRP D 654 8.63 8.53 -27.00
N MET D 655 7.59 8.75 -27.80
CA MET D 655 7.73 8.68 -29.25
C MET D 655 6.58 9.42 -29.89
N VAL D 656 6.79 9.85 -31.13
CA VAL D 656 5.75 10.47 -31.93
C VAL D 656 5.63 9.72 -33.26
N VAL D 657 4.40 9.50 -33.69
CA VAL D 657 4.07 8.65 -34.83
C VAL D 657 3.26 9.48 -35.83
N ALA D 658 3.60 9.34 -37.11
CA ALA D 658 2.83 10.00 -38.15
C ALA D 658 1.42 9.44 -38.19
N GLN D 659 0.49 10.23 -38.74
CA GLN D 659 -0.91 9.84 -38.75
C GLN D 659 -1.18 8.65 -39.66
N ASP D 660 -0.30 8.36 -40.61
CA ASP D 660 -0.42 7.22 -41.49
C ASP D 660 0.35 5.99 -41.00
N LYS D 661 0.97 6.07 -39.82
CA LYS D 661 1.83 5.01 -39.30
C LYS D 661 2.93 4.65 -40.30
N SER D 662 3.51 5.66 -40.93
CA SER D 662 4.60 5.46 -41.86
C SER D 662 5.94 5.98 -41.36
N ARG D 663 5.95 6.89 -40.39
CA ARG D 663 7.17 7.43 -39.82
C ARG D 663 6.98 7.56 -38.32
N ALA D 664 8.09 7.49 -37.59
CA ALA D 664 8.04 7.65 -36.14
C ALA D 664 9.44 7.94 -35.63
N VAL D 665 9.49 8.69 -34.53
CA VAL D 665 10.76 8.94 -33.85
C VAL D 665 10.57 8.73 -32.35
N ALA D 666 11.50 8.01 -31.73
CA ALA D 666 11.40 7.61 -30.34
C ALA D 666 12.64 8.04 -29.58
N ALA D 667 12.46 8.36 -28.29
CA ALA D 667 13.54 8.85 -27.46
C ALA D 667 13.54 8.15 -26.11
N PHE D 668 14.73 7.80 -25.64
CA PHE D 668 14.97 7.10 -24.38
C PHE D 668 15.98 7.89 -23.56
N TYR D 669 15.67 8.11 -22.28
CA TYR D 669 16.52 8.90 -21.39
C TYR D 669 16.75 8.15 -20.09
N GLN D 670 17.94 8.35 -19.52
CA GLN D 670 18.37 7.69 -18.29
C GLN D 670 18.90 8.74 -17.32
N ARG D 671 18.66 8.50 -16.02
CA ARG D 671 18.98 9.49 -14.99
C ARG D 671 20.30 9.19 -14.28
N MET D 672 20.45 8.00 -13.71
CA MET D 672 21.62 7.64 -12.94
C MET D 672 22.28 6.41 -13.54
N ASN D 673 23.60 6.42 -13.62
CA ASN D 673 24.34 5.27 -14.13
C ASN D 673 24.26 4.10 -13.17
N LYS D 674 24.10 2.91 -13.71
CA LYS D 674 24.04 1.68 -12.94
C LYS D 674 25.15 0.74 -13.40
N VAL D 675 25.68 -0.05 -12.47
CA VAL D 675 26.80 -0.94 -12.74
C VAL D 675 26.32 -2.37 -12.54
N ASN D 676 26.69 -3.25 -13.48
CA ASN D 676 26.37 -4.68 -13.38
C ASN D 676 24.87 -4.89 -13.24
N ALA D 677 24.10 -4.24 -14.10
CA ALA D 677 22.65 -4.23 -14.01
C ALA D 677 22.05 -5.23 -14.99
N SER D 678 20.72 -5.19 -15.11
CA SER D 678 19.97 -6.18 -15.89
C SER D 678 19.98 -5.83 -17.37
N TRP D 679 19.23 -6.61 -18.14
CA TRP D 679 18.95 -6.32 -19.54
C TRP D 679 17.72 -5.43 -19.64
N ILE D 680 17.62 -4.69 -20.74
CA ILE D 680 16.51 -3.77 -20.94
C ILE D 680 15.97 -3.89 -22.36
N ARG D 681 14.65 -3.99 -22.48
CA ARG D 681 13.93 -4.03 -23.75
C ARG D 681 13.00 -2.84 -23.82
N PHE D 682 12.99 -2.16 -24.96
CA PHE D 682 12.25 -0.92 -25.17
C PHE D 682 11.03 -1.22 -26.03
N LYS D 683 9.84 -1.04 -25.48
CA LYS D 683 8.59 -1.40 -26.15
C LYS D 683 7.87 -0.16 -26.65
N LEU D 684 7.48 -0.18 -27.92
CA LEU D 684 6.72 0.91 -28.54
C LEU D 684 5.22 0.60 -28.48
N GLN D 685 4.41 1.62 -28.71
CA GLN D 685 2.96 1.45 -28.60
C GLN D 685 2.20 1.75 -29.88
N GLY D 686 2.43 2.90 -30.50
CA GLY D 686 1.59 3.27 -31.63
C GLY D 686 2.16 2.92 -32.99
N LEU D 687 1.74 1.79 -33.55
CA LEU D 687 2.26 1.35 -34.85
C LEU D 687 1.22 0.45 -35.51
N ASP D 688 1.46 0.15 -36.78
CA ASP D 688 0.59 -0.72 -37.57
C ASP D 688 1.21 -2.11 -37.62
N ALA D 689 0.63 -3.06 -36.90
CA ALA D 689 1.07 -4.44 -37.00
C ALA D 689 0.83 -4.96 -38.41
N GLY D 690 1.77 -5.78 -38.90
CA GLY D 690 1.74 -6.21 -40.28
C GLY D 690 2.46 -5.30 -41.24
N THR D 691 3.35 -4.45 -40.75
CA THR D 691 4.14 -3.54 -41.55
C THR D 691 5.62 -3.83 -41.28
N LEU D 692 6.49 -3.37 -42.17
CA LEU D 692 7.88 -3.81 -42.18
C LEU D 692 8.83 -2.63 -42.01
N TYR D 693 8.61 -1.84 -40.96
CA TYR D 693 9.50 -0.73 -40.63
C TYR D 693 10.95 -1.18 -40.56
N GLU D 694 11.84 -0.31 -41.02
CA GLU D 694 13.27 -0.42 -40.74
C GLU D 694 13.62 0.60 -39.66
N VAL D 695 14.40 0.15 -38.67
CA VAL D 695 14.77 0.94 -37.51
C VAL D 695 16.22 1.34 -37.67
N SER D 696 16.50 2.62 -37.43
CA SER D 696 17.83 3.19 -37.53
C SER D 696 18.13 4.02 -36.28
N CYS D 697 19.41 4.14 -35.96
CA CYS D 697 19.85 4.83 -34.75
C CYS D 697 21.28 5.30 -34.94
N ASP D 698 21.74 6.10 -33.98
CA ASP D 698 23.11 6.60 -33.94
C ASP D 698 23.73 6.26 -32.60
N MET D 699 24.94 5.71 -32.62
CA MET D 699 25.63 5.31 -31.37
C MET D 699 27.13 5.58 -31.52
N ALA D 700 27.53 6.85 -31.63
CA ALA D 700 28.94 7.24 -31.83
C ALA D 700 29.69 7.29 -30.50
N PRO D 701 30.86 6.65 -30.35
CA PRO D 701 31.65 6.79 -29.15
C PRO D 701 32.18 8.21 -29.30
N SER D 702 31.30 9.20 -29.15
CA SER D 702 31.71 10.59 -29.43
C SER D 702 31.34 11.49 -28.26
N ALA D 703 31.13 10.90 -27.09
CA ALA D 703 30.91 11.75 -25.91
C ALA D 703 32.22 12.49 -25.63
N SER D 704 33.32 12.01 -26.22
CA SER D 704 34.66 12.62 -25.97
C SER D 704 34.97 12.46 -24.48
N TYR D 705 34.13 11.68 -23.79
CA TYR D 705 34.32 11.42 -22.35
C TYR D 705 34.49 9.91 -22.19
N ASP D 706 34.06 9.13 -23.19
CA ASP D 706 34.31 7.70 -23.14
C ASP D 706 35.79 7.43 -23.32
N GLU D 707 36.44 6.94 -22.27
CA GLU D 707 37.86 6.63 -22.29
C GLU D 707 38.05 5.19 -22.73
N SER D 708 38.69 5.00 -23.88
CA SER D 708 38.87 3.68 -24.45
C SER D 708 40.06 2.93 -23.88
N LEU D 709 40.84 3.55 -23.02
CA LEU D 709 41.99 2.88 -22.41
C LEU D 709 41.61 2.16 -21.12
N ALA D 710 40.74 2.76 -20.32
CA ALA D 710 40.33 2.13 -19.07
C ALA D 710 39.46 0.90 -19.32
N LYS D 711 38.71 0.89 -20.42
CA LYS D 711 37.83 -0.25 -20.70
C LYS D 711 38.60 -1.49 -21.11
N ILE D 712 39.82 -1.34 -21.62
CA ILE D 712 40.64 -2.54 -21.93
C ILE D 712 40.80 -3.33 -20.62
N TYR D 713 41.29 -2.71 -19.56
CA TYR D 713 41.28 -3.42 -18.25
C TYR D 713 39.82 -3.76 -18.00
N VAL D 722 26.44 2.86 -38.80
CA VAL D 722 25.19 3.12 -38.11
C VAL D 722 24.33 1.87 -38.07
N LYS D 723 23.67 1.63 -36.94
CA LYS D 723 22.82 0.46 -36.81
C LYS D 723 21.57 0.61 -37.67
N THR D 724 21.07 -0.52 -38.16
CA THR D 724 19.87 -0.57 -38.99
C THR D 724 19.36 -1.99 -39.10
N TYR D 725 18.08 -2.21 -38.77
CA TYR D 725 17.53 -3.55 -38.95
C TYR D 725 16.02 -3.47 -39.14
N ARG D 726 15.46 -4.49 -39.81
CA ARG D 726 14.06 -4.51 -40.17
C ARG D 726 13.28 -5.41 -39.22
N ALA D 727 12.04 -5.01 -38.93
CA ALA D 727 11.19 -5.75 -38.01
C ALA D 727 9.74 -5.41 -38.31
N TYR D 728 8.84 -6.28 -37.85
CA TYR D 728 7.42 -6.04 -37.96
C TYR D 728 6.91 -5.25 -36.76
N GLY D 729 5.72 -4.67 -36.89
CA GLY D 729 5.19 -3.83 -35.84
C GLY D 729 4.91 -4.60 -34.55
N ASP D 730 4.38 -5.82 -34.68
CA ASP D 730 4.04 -6.58 -33.48
C ASP D 730 5.28 -7.02 -32.72
N GLU D 731 6.39 -7.29 -33.42
CA GLU D 731 7.62 -7.58 -32.70
C GLU D 731 8.12 -6.36 -31.94
N LEU D 732 8.04 -5.19 -32.56
CA LEU D 732 8.44 -3.96 -31.87
C LEU D 732 7.49 -3.60 -30.73
N MET D 733 6.26 -4.11 -30.73
CA MET D 733 5.33 -3.76 -29.67
C MET D 733 5.31 -4.77 -28.53
N GLN D 734 5.47 -6.08 -28.82
CA GLN D 734 5.45 -7.10 -27.79
C GLN D 734 6.84 -7.55 -27.33
N VAL D 735 7.81 -7.60 -28.22
CA VAL D 735 9.15 -8.06 -27.85
C VAL D 735 9.98 -6.88 -27.36
N GLY D 736 10.21 -5.91 -28.23
CA GLY D 736 10.94 -4.72 -27.90
C GLY D 736 12.32 -4.68 -28.54
N ILE D 737 12.93 -3.51 -28.45
CA ILE D 737 14.29 -3.26 -28.95
C ILE D 737 15.27 -3.51 -27.81
N PRO D 738 16.27 -4.38 -27.99
CA PRO D 738 17.26 -4.58 -26.93
C PRO D 738 18.17 -3.37 -26.81
N ILE D 739 18.41 -2.93 -25.56
CA ILE D 739 19.29 -1.80 -25.30
C ILE D 739 20.50 -2.31 -24.52
N ASP D 740 21.69 -2.04 -25.04
CA ASP D 740 22.93 -2.44 -24.38
C ASP D 740 23.34 -1.37 -23.39
N ARG D 741 23.53 -1.76 -22.12
CA ARG D 741 23.88 -0.79 -21.09
C ARG D 741 25.31 -0.29 -21.24
N GLU D 742 26.16 -1.01 -21.96
CA GLU D 742 27.50 -0.54 -22.25
C GLU D 742 27.56 0.30 -23.52
N ASP D 743 26.42 0.59 -24.13
CA ASP D 743 26.35 1.48 -25.29
C ASP D 743 25.81 2.85 -24.95
N LEU D 744 24.95 2.95 -23.94
CA LEU D 744 24.60 4.26 -23.39
C LEU D 744 25.63 4.72 -22.36
N ASN D 745 26.65 3.92 -22.11
CA ASN D 745 27.82 4.34 -21.35
C ASN D 745 28.84 5.08 -22.21
N LYS D 746 28.71 5.00 -23.54
CA LYS D 746 29.50 5.80 -24.46
C LYS D 746 28.94 7.19 -24.65
N LYS D 747 27.70 7.45 -24.23
CA LYS D 747 27.06 8.74 -24.37
C LYS D 747 27.25 9.63 -23.15
N GLY D 748 28.02 9.19 -22.16
CA GLY D 748 28.24 9.98 -20.97
C GLY D 748 28.04 9.18 -19.70
N GLY D 749 27.07 8.27 -19.73
CA GLY D 749 26.83 7.40 -18.59
C GLY D 749 25.77 7.90 -17.64
N ASP D 750 25.91 9.13 -17.15
CA ASP D 750 25.00 9.62 -16.11
C ASP D 750 23.68 10.09 -16.70
N PHE D 751 23.72 11.10 -17.55
CA PHE D 751 22.53 11.61 -18.24
C PHE D 751 22.73 11.35 -19.73
N ALA D 752 22.38 10.15 -20.17
CA ALA D 752 22.59 9.73 -21.55
C ALA D 752 21.26 9.43 -22.22
N SER D 753 21.20 9.67 -23.52
CA SER D 753 19.96 9.57 -24.28
C SER D 753 20.21 8.81 -25.58
N LEU D 754 19.13 8.24 -26.11
CA LEU D 754 19.15 7.57 -27.40
C LEU D 754 17.94 7.97 -28.21
N LEU D 755 18.14 8.16 -29.51
CA LEU D 755 17.10 8.50 -30.46
C LEU D 755 17.01 7.43 -31.53
N TYR D 756 15.80 6.96 -31.81
CA TYR D 756 15.54 5.96 -32.83
C TYR D 756 14.58 6.51 -33.87
N THR D 757 14.81 6.13 -35.13
CA THR D 757 13.98 6.56 -36.25
C THR D 757 13.43 5.32 -36.96
N LEU D 758 12.13 5.31 -37.23
CA LEU D 758 11.48 4.21 -37.91
C LEU D 758 10.96 4.67 -39.26
N LYS D 759 11.10 3.81 -40.28
CA LYS D 759 10.63 4.17 -41.61
C LYS D 759 9.89 2.99 -42.22
N LYS D 760 8.76 3.27 -42.89
CA LYS D 760 7.84 2.22 -43.31
C LYS D 760 8.41 1.34 -44.41
N VAL D 761 9.38 1.82 -45.18
CA VAL D 761 9.88 1.09 -46.34
C VAL D 761 10.37 -0.31 -46.00
N1 VQX E . 40.49 -7.50 -8.44
C4 VQX E . 41.25 -8.63 -6.43
C5 VQX E . 41.59 -8.26 -7.86
C6 VQX E . 42.93 -7.52 -7.99
C7 VQX E . 44.09 -8.48 -8.18
C8 VQX E . 39.84 -7.85 -9.55
C10 VQX E . 38.14 -7.20 -11.27
C13 VQX E . 39.46 -4.61 -12.27
C1 VQX E . 43.17 -6.54 -6.84
O1 VQX E . 43.95 -9.23 -9.38
C2 VQX E . 41.89 -6.19 -6.12
O2 VQX E . 44.10 -7.09 -5.90
C3 VQX E . 41.30 -7.45 -5.47
O3 VQX E . 42.15 -5.21 -5.12
O4 VQX E . 39.98 -7.16 -5.00
O5 VQX E . 40.12 -8.85 -10.20
C9 VQX E . 38.70 -6.94 -9.92
C11 VQX E . 39.16 -7.12 -12.39
C12 VQX E . 40.12 -5.97 -12.27
H4 VQX E . 40.33 -8.98 -6.41
H6 VQX E . 41.68 -9.11 -8.37
H7 VQX E . 42.88 -6.98 -8.82
H8 VQX E . 44.13 -9.11 -7.43
H9 VQX E . 44.93 -7.99 -8.20
H17 VQX E . 37.42 -6.56 -11.46
H18 VQX E . 37.74 -8.10 -11.28
H24 VQX E . 38.63 -4.66 -12.77
H25 VQX E . 40.06 -3.97 -12.73
H1 VQX E . 43.56 -5.70 -7.21
H10 VQX E . 44.60 -9.76 -9.47
H2 VQX E . 41.25 -5.83 -6.76
H11 VQX E . 44.86 -7.11 -6.25
H3 VQX E . 41.87 -7.68 -4.69
H12 VQX E . 42.48 -4.53 -5.49
H13 VQX E . 39.50 -6.95 -5.66
H15 VQX E . 39.02 -6.01 -9.89
H16 VQX E . 37.99 -7.03 -9.26
H20 VQX E . 39.68 -7.95 -12.41
H19 VQX E . 38.68 -7.04 -13.25
H21 VQX E . 40.64 -6.06 -11.44
H22 VQX E . 40.76 -6.00 -13.01
N1 VQX F . -37.28 8.68 17.53
C4 VQX F . -36.47 10.30 19.19
C5 VQX F . -37.69 9.62 18.56
C6 VQX F . -38.60 8.94 19.60
C7 VQX F . -39.68 9.87 20.11
C8 VQX F . -36.69 9.03 16.39
C10 VQX F . -35.95 8.38 14.09
C13 VQX F . -37.81 6.66 11.16
C1 VQX F . -37.78 8.28 20.70
O1 VQX F . -40.60 10.22 19.08
C2 VQX F . -36.34 8.04 20.27
O2 VQX F . -37.80 9.09 21.88
C3 VQX F . -35.63 9.36 20.04
O3 VQX F . -35.64 7.30 21.28
O4 VQX F . -34.38 9.13 19.39
O5 VQX F . -36.27 10.16 16.17
C9 VQX F . -36.60 7.94 15.36
C11 VQX F . -36.18 7.43 12.93
C12 VQX F . -37.62 7.36 12.48
H4 VQX F . -35.90 10.67 18.47
H6 VQX F . -38.22 10.34 18.12
H7 VQX F . -39.05 8.21 19.11
H8 VQX F . -39.27 10.69 20.46
H9 VQX F . -40.16 9.44 20.84
H17 VQX F . -34.98 8.48 14.24
H18 VQX F . -36.31 9.26 13.85
H24 VQX F . -37.27 7.12 10.48
H25 VQX F . -37.46 5.75 11.23
H1 VQX F . -38.19 7.40 20.93
H10 VQX F . -40.20 10.67 18.47
H2 VQX F . -36.34 7.51 19.44
H11 VQX F . -38.57 9.07 22.21
H3 VQX F . -35.46 9.78 20.92
H12 VQX F . -34.84 7.21 21.03
H13 VQX F . -34.51 8.75 18.65
H15 VQX F . -37.49 7.61 15.17
H16 VQX F . -36.08 7.20 15.73
H20 VQX F . -35.62 7.70 12.19
H19 VQX F . -35.90 6.53 13.21
H21 VQX F . -38.15 6.89 13.16
H22 VQX F . -37.96 8.27 12.40
N1 VQX G . -15.68 -37.83 6.02
C4 VQX G . -15.88 -38.70 3.77
C5 VQX G . -16.02 -39.03 5.26
C6 VQX G . -17.40 -39.58 5.64
C7 VQX G . -17.41 -41.10 5.70
C8 VQX G . -15.60 -37.81 7.35
C10 VQX G . -16.38 -36.04 8.93
C13 VQX G . -17.73 -35.12 11.51
C1 VQX G . -18.52 -39.02 4.77
O1 VQX G . -16.79 -41.56 6.89
C2 VQX G . -18.14 -37.66 4.22
O2 VQX G . -18.81 -39.90 3.69
C3 VQX G . -16.98 -37.80 3.23
O3 VQX G . -19.25 -37.05 3.58
O4 VQX G . -16.42 -36.51 2.97
O5 VQX G . -15.74 -38.82 8.03
C9 VQX G . -15.33 -36.46 7.95
C11 VQX G . -16.30 -36.77 10.26
C12 VQX G . -17.49 -36.56 11.16
H4 VQX G . -15.02 -38.23 3.64
H6 VQX G . -15.34 -39.72 5.47
H7 VQX G . -17.58 -39.26 6.56
H8 VQX G . -16.94 -41.46 4.93
H9 VQX G . -18.33 -41.42 5.68
H17 VQX G . -17.27 -36.21 8.53
H18 VQX G . -16.29 -35.08 9.10
H24 VQX G . -18.57 -34.82 11.11
H25 VQX G . -17.84 -35.06 12.50
H1 VQX G . -19.34 -38.91 5.33
H10 VQX G . -17.19 -41.23 7.57
H2 VQX G . -17.85 -37.08 4.97
H11 VQX G . -19.19 -40.59 3.99
H3 VQX G . -17.33 -38.18 2.39
H12 VQX G . -19.01 -36.30 3.27
H13 VQX G . -17.01 -36.02 2.61
H15 VQX G . -15.29 -35.79 7.23
H16 VQX G . -14.47 -36.48 8.40
H20 VQX G . -16.21 -37.73 10.08
H19 VQX G . -15.50 -36.48 10.73
H21 VQX G . -18.29 -36.91 10.70
H22 VQX G . -17.36 -37.07 11.98
N1 VQX H . 12.11 35.97 -15.77
C4 VQX H . 10.99 36.23 -17.92
C5 VQX H . 11.79 36.92 -16.83
C6 VQX H . 13.05 37.64 -17.32
C7 VQX H . 12.86 39.14 -17.40
C8 VQX H . 12.67 36.32 -14.61
C10 VQX H . 14.01 35.72 -12.60
C13 VQX H . 15.75 33.99 -9.57
C1 VQX H . 13.59 37.04 -18.63
O1 VQX H . 14.09 39.80 -17.67
C2 VQX H . 13.31 35.57 -18.72
O2 VQX H . 13.00 37.70 -19.76
C3 VQX H . 11.81 35.29 -18.81
O3 VQX H . 13.94 35.02 -19.86
O4 VQX H . 11.54 33.94 -18.43
O5 VQX H . 12.56 37.45 -14.16
C9 VQX H . 13.41 35.24 -13.88
C11 VQX H . 14.61 34.61 -11.75
C12 VQX H . 15.13 35.08 -10.42
H4 VQX H . 10.28 35.69 -17.49
H6 VQX H . 11.20 37.61 -16.43
H7 VQX H . 13.74 37.47 -16.64
H8 VQX H . 12.49 39.46 -16.55
H9 VQX H . 12.21 39.35 -18.10
H17 VQX H . 13.32 36.17 -12.07
H18 VQX H . 14.71 36.37 -12.80
H24 VQX H . 15.04 33.35 -9.34
H25 VQX H . 16.42 33.52 -10.10
H1 VQX H . 14.57 37.18 -18.67
H10 VQX H . 14.65 39.59 -17.07
H2 VQX H . 13.66 35.12 -17.91
H11 VQX H . 13.34 37.35 -20.46
H3 VQX H . 11.53 35.42 -19.75
H12 VQX H . 14.76 35.18 -19.82
H13 VQX H . 11.79 33.82 -17.64
H15 VQX H . 14.12 34.89 -14.45
H16 VQX H . 12.79 34.50 -13.69
H20 VQX H . 13.92 33.93 -11.59
H19 VQX H . 15.34 34.19 -12.25
H21 VQX H . 15.81 35.78 -10.57
H22 VQX H . 14.40 35.49 -9.91
#